data_9EUK
#
_entry.id   9EUK
#
loop_
_entity.id
_entity.type
_entity.pdbx_description
1 polymer 'Baseplate wedge subunit'
2 polymer 'Baseplate component'
3 polymer TmpF
4 polymer 'DUF4815 domain-containing protein'
#
loop_
_entity_poly.entity_id
_entity_poly.type
_entity_poly.pdbx_seq_one_letter_code
_entity_poly.pdbx_strand_id
1 'polypeptide(L)'
;MRFKKHVVQHEETMQAIAQRYYGDVSYWIDLVEHNNLKYPYLVETDEEKMKDPERLASTGDTLIIPIESDLTDVSAKEIN
SRDKDVLVELALGRDLNITADEKYFNEHGTSDNILAFSTNGNGDLDTVKGIDNMKQQLQARLLTPRGSLMLHPNYGSDLH
NLFGLNIPEQATLIEMEVLRTLTSDNRVKSANLIDWKIQGNVYSGQFSVEIKSVEESINFVLGQDEEGIFALFE
;
A
2 'polypeptide(L)'
;MKTRKLTNILSKLIDKTMAGTSKITDFTPGSASRSLLEAVSLEIEQFYILTKENIDWGIQEGIIEAFDFQKRQSKRAYGD
VTIQFYQPLDMRMYIPAGTTFTSTRQEYPQQFETLVDYYAEPDSTEIVVEVYCKETGVAGNVPEGTINTIASGSSLIRSV
NNEYSFNTGTKEESQEDFKRRFHSFVESRGRATNKSVRYGALQIPDVEGVYVYEETGHITVFAHDRNGNLSDTLKEDIID
ALQDYRPSGIMLDVTGVEKEEVNVSATVTISNKSRIGDTLQKHIESVIRSYLNNLKTSDDLIITDLIQAIMNIDDVLIYD
VSFDNLDENIIVPPQGIIRAGEIKVELK
;
B,C
3 'polypeptide(L)'
;MANFLKNLHPLLRRDRNKKDNQDPNFALIDALNEEMNQVEKDAIESKLQSSLKTSTSEYLDKFGDWFGVYRKTDEKDDVY
RARIIKYLLLKRGTNNAIIDAIKDYLGRDDIDVSVYEPFTNIFYTNKSHLNGEDHLMGYYYRFAVINVSIGDYFPVEIID
VINEFKPAGVTLYVTYDGASTIRGGAIIKWDDGLPKIETYQEFDRFTGYDDTFYGHINMNQSKDTDNSSSDIFKTNHSLI
NSLDVLTGSSSVGRQYINYGYVTSYVYNPGMTSSVNQISASTEGRGQEVPTDYYMYTSTKNNNTVELSMQTTSGVSYLYN
NFNFRDYMSKYRPQVDLQSDEARRIVSDYIKELSIDYYLSAVIPPDESIEIKLQVYDFSINRWLTVSINNLSFYEKNIGS
NIGYIKDYLNSELNMFTRLEINAGKRDSVDIKVNYLDLMFYYYERGIYTIKPYKALIENYLDISRETYVEAFKIASLSNG
DIITKTGFQPIGYLKLVGNYENTIPSTINIVAKDTDNNPIESNELDVYNTVENRNLLQSYKGVNTIAREITSTKEFTVSG
WAKEIYSTNYLSKVLKPGKVYTLSFDMEITGNDPTLKSYSDNHGIYLYSNTKGIVVNGVKSMERTIGNKVSVTQTFTAPT
ITDHRLLIYTGRYTSDGKASTPPVFFNTVKITELKLTEGSSKLEYSPAPEDKPNVIEKGIKFNNILTNIQTLSINSDTIL
KNVTLYYSYYGDSWVELKTLGNISTGETTETNNLIDLYGLQTVDYSNINPMSKVSLRSIWNVKLGELNNQEGSLSNMPND
YFNAVWQDIDKLSDIELGSMRMVKDTEGGVFDGATGEIIKATLFNVGAYTDLDMLAYTLTNYTEPLTLGSSRLISELKEE
LLTSESFNVDNRIKVIDSIYEELPNTSIIKNGFVEREVTGSKYLDYGLYEPIEDGTRYKLIVEGEFKDNIEFISLYNSNP
NFNETFIYPSEIINGVAEKEFIAKPSTEDKPRLNTDVRIYIRPYDSTISKVRRVELRKV
;
D
4 'polypeptide(L)'
;MAINFKGSPYLDRFDPSKDRTKVLFNPDRPLQQAELNEMQSIDQYYLKNLGDAIFKDGDKQSGLGFTLSEDNVLTVNPGY
VYINGKIRYYDNDDSVKITGVGKETIGIKLTERIVTPDEDASLLDQTSGVPSYFSKGADRLEEKMSLTVNDPTSATIYTF
MDGDLYIQSTNAEMDKINKVLAERTYDESGSYKVNGFELFSEGNAEDDDHVSVVVDAGKAYVKGFKVDKPVSTRISVPKS
YDLGTAENESTIFNKSNNSISLANSPVKEIRRVTGQVLIEKERVTRGAQGDGQDFLSNNTAFEIVKVWTETSPGVTTKEY
KQGEDFRLTDGQTIDWSPQGQEPSGGTSYYVSYKYNKRMEAGKDYEVTTQGEGLSKKWYINFTPSNGAKPIDQTVVLVDY
TYYLARKDSVFINKYGDIAILPGEPNIMRLVTPPLNTDPENLQLGTVTVLPDSDEAVCISFAITRLSMEDLQKVKTRVDN
LEYNQAVNALDDGAMEGQNPLTLRSVFSEGFISLDKADITHPDFGIVFSFEDAEATLAYTEAVNQPKIIPGDTTAHIWGR
LISAPFTEERTIYQGQASETLNVNPYNIPNKQGVLKLTPSEDNWIDTENVTITEQKTKKVTMKRFWRHNESYYGETEHYL
YSNLQLDAGQKWKGETYAYDREHGRTGTLLESGGQRTLEEMIEFIRIRDVSFEVKGLNPNDNNLYLLFDGVRCAITPATG
YRKGSEDGTIMTDAKGTAKGKFTIPAGIRCGNREVTLKNANSTSATTYTAQGRKKTAQDIIIRTRVTVNLVDPLAQSFQY
DENRTISSLGLYFASKGDKQSNVVIQIRGMGDQGYPNKTIYAETVMNADDIKVSNNASAETRVYFDDPMMAEGGKEYAIV
IITENSDYTMWVGTRTKPKIDKPNEVISGNPYLQGVLFSSSNASTWTPHQNSDLKFGIYTSKFNETATIEFEPIKDVSAD
RIVLMSTYLTPERTGCTWEMKLILDDMASSTTFDQLKWEPIGNYQDLDVLGLARQVKLRATFESNRYISPLMSSSDLTFT
TFLTELTGSYVGRAIDMTEAPYNTVRFSYEAFLPKGTKVVPKYSADDGKTWKTFTKSPTTTRANNEFTRYVIDEKVKSSG
TNTKLQVRLDLSTENSFLRPRVRRLMVTTRDE
;
E,F,G
#
# COMPACT_ATOMS: atom_id res chain seq x y z
N MET A 1 -45.10 77.74 -100.16
CA MET A 1 -45.22 79.22 -100.18
C MET A 1 -44.87 79.75 -101.56
N ARG A 2 -45.35 80.95 -101.87
CA ARG A 2 -45.02 81.58 -103.15
C ARG A 2 -45.26 83.08 -103.01
N PHE A 3 -44.40 83.88 -103.65
CA PHE A 3 -44.51 85.33 -103.60
C PHE A 3 -44.31 85.89 -104.98
N LYS A 4 -44.88 87.07 -105.21
CA LYS A 4 -44.69 87.80 -106.45
C LYS A 4 -43.27 88.37 -106.51
N LYS A 5 -42.71 88.41 -107.71
CA LYS A 5 -41.41 89.05 -107.95
C LYS A 5 -41.57 90.05 -109.08
N HIS A 6 -41.10 91.27 -108.84
CA HIS A 6 -41.29 92.40 -109.73
C HIS A 6 -39.94 92.85 -110.25
N VAL A 7 -39.85 93.06 -111.57
CA VAL A 7 -38.65 93.59 -112.19
C VAL A 7 -38.80 95.11 -112.22
N VAL A 8 -37.73 95.81 -111.89
CA VAL A 8 -37.77 97.27 -111.87
C VAL A 8 -37.88 97.78 -113.31
N GLN A 9 -38.84 98.67 -113.55
CA GLN A 9 -39.07 99.21 -114.88
C GLN A 9 -38.35 100.55 -114.99
N HIS A 10 -38.33 101.11 -116.19
CA HIS A 10 -37.62 102.35 -116.44
C HIS A 10 -38.30 103.51 -115.71
N GLU A 11 -37.53 104.21 -114.86
CA GLU A 11 -38.04 105.38 -114.13
C GLU A 11 -39.28 105.03 -113.30
N GLU A 12 -39.30 103.84 -112.71
CA GLU A 12 -40.40 103.46 -111.82
C GLU A 12 -40.12 104.00 -110.42
N THR A 13 -41.15 103.94 -109.57
CA THR A 13 -41.02 104.38 -108.18
C THR A 13 -41.66 103.36 -107.25
N MET A 14 -41.24 103.39 -105.99
CA MET A 14 -41.77 102.43 -105.03
C MET A 14 -43.23 102.71 -104.74
N GLN A 15 -43.65 103.98 -104.76
CA GLN A 15 -45.06 104.30 -104.57
C GLN A 15 -45.90 103.69 -105.68
N ALA A 16 -45.43 103.80 -106.93
CA ALA A 16 -46.19 103.24 -108.04
C ALA A 16 -46.33 101.73 -107.92
N ILE A 17 -45.26 101.06 -107.49
CA ILE A 17 -45.34 99.61 -107.29
C ILE A 17 -46.33 99.27 -106.19
N ALA A 18 -46.28 100.01 -105.09
CA ALA A 18 -47.18 99.74 -103.98
C ALA A 18 -48.64 99.95 -104.38
N GLN A 19 -48.90 100.99 -105.16
CA GLN A 19 -50.25 101.21 -105.68
C GLN A 19 -50.65 100.09 -106.62
N ARG A 20 -49.72 99.64 -107.46
CA ARG A 20 -50.03 98.60 -108.44
C ARG A 20 -50.40 97.30 -107.78
N TYR A 21 -49.66 96.90 -106.74
CA TYR A 21 -49.85 95.58 -106.13
C TYR A 21 -50.77 95.64 -104.92
N TYR A 22 -50.36 96.36 -103.87
CA TYR A 22 -51.16 96.43 -102.64
C TYR A 22 -52.43 97.25 -102.79
N GLY A 23 -52.56 98.02 -103.88
CA GLY A 23 -53.68 98.92 -104.04
C GLY A 23 -53.61 100.20 -103.26
N ASP A 24 -52.46 100.52 -102.67
CA ASP A 24 -52.28 101.73 -101.87
C ASP A 24 -50.79 102.03 -101.79
N VAL A 25 -50.43 103.30 -101.88
CA VAL A 25 -49.02 103.68 -101.85
C VAL A 25 -48.41 103.51 -100.47
N SER A 26 -49.23 103.35 -99.43
CA SER A 26 -48.73 103.40 -98.06
C SER A 26 -47.72 102.29 -97.79
N TYR A 27 -47.81 101.18 -98.51
CA TYR A 27 -46.95 100.03 -98.30
C TYR A 27 -45.56 100.19 -98.90
N TRP A 28 -45.20 101.38 -99.42
CA TRP A 28 -43.86 101.49 -100.01
C TRP A 28 -42.78 101.39 -98.95
N ILE A 29 -43.05 101.87 -97.73
CA ILE A 29 -42.07 101.74 -96.66
C ILE A 29 -41.91 100.28 -96.26
N ASP A 30 -43.01 99.52 -96.28
CA ASP A 30 -42.91 98.10 -95.99
C ASP A 30 -42.10 97.38 -97.06
N LEU A 31 -42.30 97.77 -98.32
CA LEU A 31 -41.53 97.20 -99.42
C LEU A 31 -40.05 97.52 -99.27
N VAL A 32 -39.73 98.74 -98.84
CA VAL A 32 -38.34 99.10 -98.58
C VAL A 32 -37.77 98.23 -97.47
N GLU A 33 -38.50 98.10 -96.36
CA GLU A 33 -37.99 97.35 -95.21
C GLU A 33 -37.74 95.89 -95.57
N HIS A 34 -38.68 95.28 -96.30
CA HIS A 34 -38.56 93.87 -96.64
C HIS A 34 -37.39 93.63 -97.59
N ASN A 35 -37.19 94.53 -98.56
CA ASN A 35 -36.09 94.37 -99.52
C ASN A 35 -34.77 94.94 -99.02
N ASN A 36 -34.77 95.70 -97.92
CA ASN A 36 -33.55 96.25 -97.34
C ASN A 36 -32.85 97.19 -98.34
N LEU A 37 -33.54 98.29 -98.67
CA LEU A 37 -33.06 99.25 -99.65
C LEU A 37 -32.60 100.54 -98.99
N LYS A 38 -31.56 101.15 -99.57
CA LYS A 38 -31.16 102.48 -99.13
C LYS A 38 -31.93 103.54 -99.92
N TYR A 39 -31.79 104.80 -99.49
CA TYR A 39 -32.70 105.88 -99.90
C TYR A 39 -32.86 106.03 -101.40
N PRO A 40 -31.80 106.08 -102.22
CA PRO A 40 -32.02 106.01 -103.67
C PRO A 40 -32.40 104.59 -104.09
N TYR A 41 -33.69 104.26 -103.94
CA TYR A 41 -34.12 102.88 -104.02
C TYR A 41 -33.92 102.31 -105.42
N LEU A 42 -34.30 103.08 -106.44
CA LEU A 42 -34.24 102.66 -107.84
C LEU A 42 -33.32 103.61 -108.61
N VAL A 43 -32.06 103.23 -108.75
CA VAL A 43 -31.08 104.11 -109.39
C VAL A 43 -31.27 104.11 -110.91
N GLU A 44 -30.70 105.11 -111.56
CA GLU A 44 -30.89 105.23 -113.00
C GLU A 44 -30.21 104.09 -113.75
N THR A 45 -29.02 103.68 -113.32
CA THR A 45 -28.24 102.71 -114.09
C THR A 45 -27.30 102.00 -113.13
N ASP A 46 -26.50 101.09 -113.68
CA ASP A 46 -25.65 100.26 -112.82
C ASP A 46 -24.44 101.01 -112.27
N GLU A 47 -24.06 102.14 -112.88
CA GLU A 47 -22.93 102.89 -112.36
C GLU A 47 -23.20 103.37 -110.95
N GLU A 48 -24.43 103.86 -110.71
CA GLU A 48 -24.80 104.24 -109.34
C GLU A 48 -24.90 103.02 -108.44
N LYS A 49 -25.36 101.89 -108.96
CA LYS A 49 -25.45 100.68 -108.15
C LYS A 49 -24.08 100.20 -107.71
N MET A 50 -23.03 100.48 -108.49
CA MET A 50 -21.68 100.09 -108.11
C MET A 50 -21.26 100.71 -106.78
N LYS A 51 -21.79 101.88 -106.45
CA LYS A 51 -21.43 102.53 -105.19
C LYS A 51 -21.83 101.69 -104.00
N ASP A 52 -22.98 101.00 -104.07
CA ASP A 52 -23.51 100.21 -102.96
C ASP A 52 -24.37 99.10 -103.54
N PRO A 53 -23.75 98.01 -104.05
CA PRO A 53 -24.55 96.94 -104.66
C PRO A 53 -25.50 96.25 -103.69
N GLU A 54 -25.15 96.17 -102.40
CA GLU A 54 -26.01 95.44 -101.48
C GLU A 54 -27.33 96.18 -101.28
N ARG A 55 -27.27 97.48 -100.98
CA ARG A 55 -28.41 98.22 -100.48
C ARG A 55 -29.18 98.97 -101.56
N LEU A 56 -28.77 98.88 -102.82
CA LEU A 56 -29.40 99.61 -103.92
C LEU A 56 -29.74 98.65 -105.04
N ALA A 57 -30.79 99.01 -105.78
CA ALA A 57 -31.25 98.25 -106.93
C ALA A 57 -31.40 99.17 -108.14
N SER A 58 -30.95 98.69 -109.29
CA SER A 58 -30.98 99.43 -110.54
C SER A 58 -32.07 98.87 -111.45
N THR A 59 -32.21 99.51 -112.62
CA THR A 59 -33.18 99.04 -113.60
C THR A 59 -32.83 97.61 -114.03
N GLY A 60 -33.85 96.77 -114.14
CA GLY A 60 -33.66 95.38 -114.51
C GLY A 60 -33.46 94.43 -113.35
N ASP A 61 -33.24 94.95 -112.15
CA ASP A 61 -33.16 94.11 -110.96
C ASP A 61 -34.56 93.63 -110.56
N THR A 62 -34.58 92.56 -109.78
CA THR A 62 -35.81 91.92 -109.33
C THR A 62 -36.07 92.22 -107.87
N LEU A 63 -37.26 92.75 -107.57
CA LEU A 63 -37.70 92.96 -106.21
C LEU A 63 -38.70 91.88 -105.81
N ILE A 64 -38.76 91.62 -104.51
CA ILE A 64 -39.69 90.65 -103.94
C ILE A 64 -40.79 91.42 -103.23
N ILE A 65 -42.04 91.05 -103.52
CA ILE A 65 -43.22 91.64 -102.91
C ILE A 65 -43.85 90.56 -102.04
N PRO A 66 -43.81 90.64 -100.69
CA PRO A 66 -44.32 89.50 -99.91
C PRO A 66 -45.83 89.58 -99.81
N ILE A 67 -46.50 89.19 -100.89
CA ILE A 67 -47.93 88.96 -100.91
C ILE A 67 -48.11 87.49 -101.25
N GLU A 68 -48.91 86.80 -100.46
CA GLU A 68 -49.12 85.36 -100.67
C GLU A 68 -49.89 85.16 -101.96
N SER A 69 -49.18 84.77 -103.01
CA SER A 69 -49.78 84.52 -104.32
C SER A 69 -50.13 83.05 -104.46
N ASP A 70 -51.16 82.78 -105.26
CA ASP A 70 -51.60 81.41 -105.52
C ASP A 70 -51.99 81.27 -106.98
N LEU A 71 -51.50 80.21 -107.63
CA LEU A 71 -51.71 80.05 -109.06
C LEU A 71 -53.18 79.87 -109.40
N THR A 72 -53.94 79.20 -108.54
CA THR A 72 -55.39 79.20 -108.71
C THR A 72 -55.97 80.59 -108.43
N ASP A 73 -57.22 80.79 -108.86
CA ASP A 73 -57.86 82.11 -108.81
C ASP A 73 -57.12 83.12 -109.68
N VAL A 74 -56.50 82.64 -110.74
CA VAL A 74 -55.82 83.48 -111.73
C VAL A 74 -56.69 83.48 -112.97
N SER A 75 -56.84 84.66 -113.58
CA SER A 75 -57.64 84.78 -114.79
C SER A 75 -56.99 84.02 -115.95
N ALA A 76 -57.78 83.16 -116.60
CA ALA A 76 -57.23 82.37 -117.68
C ALA A 76 -56.92 83.22 -118.91
N LYS A 77 -57.44 84.45 -118.96
CA LYS A 77 -57.16 85.32 -120.10
C LYS A 77 -55.69 85.74 -120.13
N GLU A 78 -55.04 85.80 -118.96
CA GLU A 78 -53.63 86.18 -118.91
C GLU A 78 -52.72 85.05 -119.36
N ILE A 79 -53.17 83.81 -119.26
CA ILE A 79 -52.31 82.65 -119.53
C ILE A 79 -52.02 82.60 -121.02
N ASN A 80 -50.74 82.36 -121.35
CA ASN A 80 -50.34 82.25 -122.74
C ASN A 80 -50.90 80.98 -123.38
N SER A 81 -51.03 81.00 -124.72
CA SER A 81 -51.63 79.88 -125.43
C SER A 81 -50.77 78.63 -125.31
N ARG A 82 -49.44 78.81 -125.31
CA ARG A 82 -48.54 77.68 -125.10
C ARG A 82 -48.69 77.14 -123.68
N ASP A 83 -48.85 78.04 -122.71
CA ASP A 83 -49.08 77.63 -121.33
C ASP A 83 -50.39 76.86 -121.20
N LYS A 84 -51.43 77.31 -121.89
CA LYS A 84 -52.70 76.59 -121.88
C LYS A 84 -52.55 75.21 -122.47
N ASP A 85 -51.79 75.10 -123.58
CA ASP A 85 -51.55 73.81 -124.20
C ASP A 85 -50.82 72.86 -123.26
N VAL A 86 -49.78 73.37 -122.58
CA VAL A 86 -49.05 72.53 -121.64
C VAL A 86 -49.96 72.11 -120.48
N LEU A 87 -50.81 73.03 -120.01
CA LEU A 87 -51.69 72.73 -118.88
C LEU A 87 -52.69 71.64 -119.25
N VAL A 88 -53.31 71.74 -120.42
CA VAL A 88 -54.25 70.70 -120.84
C VAL A 88 -53.51 69.39 -121.09
N GLU A 89 -52.28 69.46 -121.61
CA GLU A 89 -51.47 68.26 -121.78
C GLU A 89 -51.23 67.56 -120.45
N LEU A 90 -50.92 68.33 -119.41
CA LEU A 90 -50.73 67.76 -118.08
C LEU A 90 -52.04 67.19 -117.56
N ALA A 91 -53.16 67.89 -117.80
CA ALA A 91 -54.45 67.46 -117.29
C ALA A 91 -54.90 66.14 -117.90
N LEU A 92 -54.67 65.97 -119.21
CA LEU A 92 -55.06 64.74 -119.89
C LEU A 92 -54.04 63.62 -119.74
N GLY A 93 -52.85 63.94 -119.26
CA GLY A 93 -51.83 62.98 -118.89
C GLY A 93 -51.03 62.47 -120.07
N ARG A 94 -49.87 61.92 -119.75
CA ARG A 94 -48.93 61.33 -120.70
C ARG A 94 -48.76 59.86 -120.42
N ASP A 95 -48.88 59.03 -121.47
CA ASP A 95 -48.83 57.59 -121.35
C ASP A 95 -48.06 57.01 -122.53
N LEU A 96 -47.47 55.84 -122.30
CA LEU A 96 -46.71 55.14 -123.33
C LEU A 96 -47.63 54.74 -124.48
N ASN A 97 -47.17 54.95 -125.71
CA ASN A 97 -48.02 54.66 -126.85
C ASN A 97 -48.10 53.15 -127.05
N ILE A 98 -49.33 52.63 -127.05
CA ILE A 98 -49.61 51.24 -127.38
C ILE A 98 -50.50 51.09 -128.60
N THR A 99 -51.30 52.09 -128.94
CA THR A 99 -52.23 52.03 -130.05
C THR A 99 -51.57 52.35 -131.40
N ALA A 100 -50.24 52.28 -131.49
CA ALA A 100 -49.59 52.32 -132.77
C ALA A 100 -50.03 51.15 -133.62
N ASP A 101 -49.86 51.29 -134.94
CA ASP A 101 -50.38 50.32 -135.90
C ASP A 101 -51.89 50.17 -135.74
N GLU A 102 -52.59 51.25 -136.12
CA GLU A 102 -54.04 51.28 -135.98
C GLU A 102 -54.70 50.21 -136.83
N LYS A 103 -54.16 49.98 -138.03
CA LYS A 103 -54.75 49.03 -138.96
C LYS A 103 -54.80 47.62 -138.39
N TYR A 104 -53.72 47.20 -137.72
CA TYR A 104 -53.64 45.83 -137.25
C TYR A 104 -54.72 45.52 -136.21
N PHE A 105 -54.78 46.31 -135.13
CA PHE A 105 -55.79 45.99 -134.11
C PHE A 105 -57.18 46.50 -134.48
N ASN A 106 -57.32 47.30 -135.54
CA ASN A 106 -58.66 47.54 -136.09
C ASN A 106 -59.15 46.34 -136.91
N GLU A 107 -58.23 45.58 -137.51
CA GLU A 107 -58.63 44.36 -138.21
C GLU A 107 -58.99 43.22 -137.26
N HIS A 108 -58.48 43.25 -136.03
CA HIS A 108 -58.64 42.17 -135.04
C HIS A 108 -59.03 42.76 -133.69
N GLY A 109 -60.11 43.55 -133.67
CA GLY A 109 -60.44 44.31 -132.48
C GLY A 109 -60.81 43.46 -131.28
N THR A 110 -61.51 42.34 -131.52
CA THR A 110 -62.01 41.54 -130.40
C THR A 110 -60.98 40.59 -129.82
N SER A 111 -59.88 40.34 -130.52
CA SER A 111 -58.90 39.33 -130.13
C SER A 111 -57.86 39.92 -129.18
N ASP A 112 -57.07 39.05 -128.57
CA ASP A 112 -55.96 39.49 -127.72
C ASP A 112 -54.68 39.58 -128.55
N ASN A 113 -53.63 40.03 -127.90
CA ASN A 113 -52.29 40.20 -128.49
C ASN A 113 -52.34 41.14 -129.71
N ILE A 114 -53.08 42.23 -129.58
CA ILE A 114 -53.43 43.07 -130.73
C ILE A 114 -52.56 44.32 -130.78
N LEU A 115 -52.16 44.84 -129.62
CA LEU A 115 -51.40 46.08 -129.53
C LEU A 115 -50.07 45.82 -128.84
N ALA A 116 -49.15 46.76 -129.00
CA ALA A 116 -47.80 46.58 -128.45
C ALA A 116 -47.15 47.95 -128.33
N PHE A 117 -46.10 48.00 -127.50
CA PHE A 117 -45.35 49.23 -127.33
C PHE A 117 -44.62 49.59 -128.61
N SER A 118 -44.14 50.84 -128.69
CA SER A 118 -43.41 51.27 -129.88
C SER A 118 -42.40 52.32 -129.46
N THR A 119 -41.44 52.58 -130.35
CA THR A 119 -40.36 53.53 -130.10
C THR A 119 -40.65 54.85 -130.80
N ASN A 120 -40.10 55.95 -130.25
CA ASN A 120 -40.38 57.26 -130.80
C ASN A 120 -39.47 57.62 -131.97
N GLY A 121 -38.53 56.76 -132.33
CA GLY A 121 -37.55 57.03 -133.35
C GLY A 121 -36.27 57.66 -132.84
N ASN A 122 -36.22 58.07 -131.57
CA ASN A 122 -35.04 58.67 -130.96
C ASN A 122 -34.40 57.74 -129.94
N GLY A 123 -34.76 56.46 -129.96
CA GLY A 123 -34.20 55.49 -129.05
C GLY A 123 -34.97 55.31 -127.76
N ASP A 124 -36.03 56.09 -127.53
CA ASP A 124 -36.79 56.08 -126.29
C ASP A 124 -38.20 55.57 -126.56
N LEU A 125 -38.89 55.17 -125.48
CA LEU A 125 -40.22 54.62 -125.62
C LEU A 125 -41.18 55.67 -126.17
N ASP A 126 -42.09 55.24 -127.04
CA ASP A 126 -43.02 56.20 -127.61
C ASP A 126 -44.06 56.63 -126.57
N THR A 127 -44.50 57.88 -126.70
CA THR A 127 -45.46 58.49 -125.80
C THR A 127 -46.57 59.18 -126.60
N VAL A 128 -47.78 59.15 -126.04
CA VAL A 128 -48.95 59.86 -126.55
C VAL A 128 -49.43 60.79 -125.45
N LYS A 129 -49.76 62.02 -125.84
CA LYS A 129 -50.09 63.10 -124.92
C LYS A 129 -51.31 63.86 -125.40
N GLY A 130 -52.11 64.32 -124.44
CA GLY A 130 -53.26 65.14 -124.77
C GLY A 130 -54.31 64.36 -125.52
N ILE A 131 -54.66 64.86 -126.70
CA ILE A 131 -55.72 64.24 -127.48
C ILE A 131 -55.31 62.82 -127.88
N ASP A 132 -54.03 62.63 -128.19
CA ASP A 132 -53.55 61.29 -128.51
C ASP A 132 -53.69 60.36 -127.31
N ASN A 133 -53.39 60.86 -126.11
CA ASN A 133 -53.54 60.05 -124.91
C ASN A 133 -55.00 59.67 -124.70
N MET A 134 -55.91 60.63 -124.86
CA MET A 134 -57.34 60.34 -124.74
C MET A 134 -57.79 59.33 -125.77
N LYS A 135 -57.35 59.48 -127.02
CA LYS A 135 -57.65 58.51 -128.06
C LYS A 135 -57.20 57.12 -127.64
N GLN A 136 -55.96 57.00 -127.16
CA GLN A 136 -55.42 55.70 -126.76
C GLN A 136 -56.24 55.11 -125.62
N GLN A 137 -56.57 55.91 -124.60
CA GLN A 137 -57.30 55.38 -123.47
C GLN A 137 -58.69 54.91 -123.88
N LEU A 138 -59.38 55.71 -124.69
CA LEU A 138 -60.73 55.35 -125.11
C LEU A 138 -60.73 54.11 -126.00
N GLN A 139 -59.77 54.02 -126.92
CA GLN A 139 -59.66 52.82 -127.74
C GLN A 139 -59.38 51.59 -126.87
N ALA A 140 -58.48 51.72 -125.89
CA ALA A 140 -58.16 50.58 -125.04
C ALA A 140 -59.36 50.18 -124.19
N ARG A 141 -60.12 51.15 -123.69
CA ARG A 141 -61.29 50.77 -122.90
C ARG A 141 -62.34 50.09 -123.79
N LEU A 142 -62.60 50.64 -124.98
CA LEU A 142 -63.59 50.02 -125.86
C LEU A 142 -63.18 48.63 -126.30
N LEU A 143 -61.89 48.42 -126.59
CA LEU A 143 -61.43 47.12 -127.05
C LEU A 143 -61.34 46.11 -125.91
N THR A 144 -61.12 46.56 -124.69
CA THR A 144 -60.93 45.64 -123.58
C THR A 144 -62.26 45.01 -123.19
N PRO A 145 -62.36 43.68 -123.07
CA PRO A 145 -63.57 43.09 -122.50
C PRO A 145 -63.69 43.39 -121.02
N ARG A 146 -64.93 43.58 -120.57
CA ARG A 146 -65.16 43.94 -119.19
C ARG A 146 -64.92 42.73 -118.30
N GLY A 147 -64.15 42.94 -117.22
CA GLY A 147 -63.84 41.89 -116.27
C GLY A 147 -62.61 41.08 -116.59
N SER A 148 -62.02 41.26 -117.78
CA SER A 148 -60.83 40.52 -118.14
C SER A 148 -59.56 41.13 -117.55
N LEU A 149 -59.56 42.43 -117.33
CA LEU A 149 -58.39 43.10 -116.76
C LEU A 149 -58.29 42.76 -115.27
N MET A 150 -57.10 42.34 -114.86
CA MET A 150 -56.88 42.03 -113.46
C MET A 150 -56.93 43.31 -112.62
N LEU A 151 -57.43 43.18 -111.41
CA LEU A 151 -57.53 44.25 -110.42
C LEU A 151 -58.50 45.35 -110.82
N HIS A 152 -59.31 45.14 -111.86
CA HIS A 152 -60.25 46.15 -112.34
C HIS A 152 -61.43 45.43 -112.98
N PRO A 153 -62.41 44.99 -112.18
CA PRO A 153 -63.51 44.21 -112.77
C PRO A 153 -64.38 45.01 -113.71
N ASN A 154 -64.54 46.31 -113.48
CA ASN A 154 -65.46 47.11 -114.27
C ASN A 154 -64.85 47.67 -115.54
N TYR A 155 -63.53 47.77 -115.62
CA TYR A 155 -62.88 48.36 -116.79
C TYR A 155 -63.06 47.44 -118.01
N GLY A 156 -63.53 48.02 -119.12
CA GLY A 156 -63.71 47.32 -120.37
C GLY A 156 -65.07 47.57 -120.96
N SER A 157 -65.51 46.65 -121.81
CA SER A 157 -66.76 46.78 -122.52
C SER A 157 -67.32 45.40 -122.82
N ASP A 158 -68.62 45.36 -123.11
CA ASP A 158 -69.32 44.11 -123.40
C ASP A 158 -69.56 43.90 -124.89
N LEU A 159 -68.82 44.62 -125.75
CA LEU A 159 -69.10 44.55 -127.17
C LEU A 159 -68.76 43.19 -127.76
N HIS A 160 -67.89 42.42 -127.10
CA HIS A 160 -67.56 41.09 -127.60
C HIS A 160 -68.77 40.16 -127.61
N ASN A 161 -69.76 40.40 -126.72
CA ASN A 161 -70.98 39.60 -126.66
C ASN A 161 -72.11 40.20 -127.48
N LEU A 162 -71.99 41.43 -127.99
CA LEU A 162 -73.05 42.09 -128.74
C LEU A 162 -72.89 41.88 -130.24
N PHE A 163 -72.39 40.70 -130.65
CA PHE A 163 -72.40 40.29 -132.05
C PHE A 163 -73.66 39.47 -132.34
N GLY A 164 -74.80 40.13 -132.16
CA GLY A 164 -76.11 39.52 -132.27
C GLY A 164 -76.71 39.69 -133.64
N LEU A 165 -78.04 39.66 -133.69
CA LEU A 165 -78.76 39.79 -134.96
C LEU A 165 -78.67 41.22 -135.48
N ASN A 166 -79.04 41.38 -136.76
CA ASN A 166 -78.98 42.67 -137.44
C ASN A 166 -80.38 43.29 -137.40
N ILE A 167 -80.73 43.79 -136.21
CA ILE A 167 -82.02 44.46 -136.00
C ILE A 167 -81.79 45.70 -135.15
N PRO A 168 -82.76 46.64 -135.15
CA PRO A 168 -82.61 47.85 -134.32
C PRO A 168 -82.44 47.59 -132.83
N GLU A 169 -82.95 46.47 -132.31
CA GLU A 169 -82.76 46.17 -130.89
C GLU A 169 -81.28 45.98 -130.55
N GLN A 170 -80.57 45.17 -131.34
CA GLN A 170 -79.15 45.00 -131.08
C GLN A 170 -78.39 46.28 -131.32
N ALA A 171 -78.85 47.11 -132.26
CA ALA A 171 -78.19 48.39 -132.50
C ALA A 171 -78.33 49.29 -131.27
N THR A 172 -79.52 49.31 -130.67
CA THR A 172 -79.72 50.07 -129.44
C THR A 172 -78.88 49.50 -128.31
N LEU A 173 -78.77 48.17 -128.22
CA LEU A 173 -77.92 47.58 -127.18
C LEU A 173 -76.48 48.02 -127.35
N ILE A 174 -75.98 47.98 -128.58
CA ILE A 174 -74.61 48.42 -128.85
C ILE A 174 -74.44 49.88 -128.44
N GLU A 175 -75.38 50.74 -128.86
CA GLU A 175 -75.29 52.16 -128.55
C GLU A 175 -75.27 52.40 -127.04
N MET A 176 -76.13 51.70 -126.30
CA MET A 176 -76.18 51.86 -124.86
C MET A 176 -74.88 51.39 -124.21
N GLU A 177 -74.34 50.27 -124.67
CA GLU A 177 -73.08 49.76 -124.12
C GLU A 177 -71.94 50.73 -124.39
N VAL A 178 -71.87 51.28 -125.61
CA VAL A 178 -70.82 52.22 -125.94
C VAL A 178 -70.95 53.48 -125.08
N LEU A 179 -72.18 53.96 -124.90
CA LEU A 179 -72.37 55.15 -124.08
C LEU A 179 -71.97 54.88 -122.64
N ARG A 180 -72.30 53.69 -122.11
CA ARG A 180 -71.83 53.32 -120.78
C ARG A 180 -70.32 53.31 -120.71
N THR A 181 -69.67 52.71 -121.72
CA THR A 181 -68.20 52.64 -121.69
C THR A 181 -67.59 54.03 -121.71
N LEU A 182 -68.11 54.92 -122.56
CA LEU A 182 -67.53 56.25 -122.67
C LEU A 182 -67.78 57.04 -121.39
N THR A 183 -68.97 56.91 -120.82
CA THR A 183 -69.29 57.60 -119.59
C THR A 183 -68.47 57.07 -118.42
N SER A 184 -67.98 55.83 -118.50
CA SER A 184 -67.17 55.30 -117.42
C SER A 184 -65.92 56.14 -117.19
N ASP A 185 -65.36 56.72 -118.26
CA ASP A 185 -64.20 57.59 -118.14
C ASP A 185 -64.59 58.88 -117.42
N ASN A 186 -63.79 59.25 -116.42
CA ASN A 186 -64.08 60.45 -115.65
C ASN A 186 -63.84 61.72 -116.47
N ARG A 187 -62.91 61.68 -117.42
CA ARG A 187 -62.61 62.87 -118.21
C ARG A 187 -63.70 63.16 -119.22
N VAL A 188 -64.40 62.14 -119.70
CA VAL A 188 -65.44 62.33 -120.70
C VAL A 188 -66.62 63.00 -119.99
N LYS A 189 -66.91 64.24 -120.38
CA LYS A 189 -68.05 64.95 -119.81
C LYS A 189 -69.38 64.32 -120.24
N SER A 190 -69.51 63.98 -121.51
CA SER A 190 -70.74 63.34 -122.00
C SER A 190 -70.46 62.74 -123.37
N ALA A 191 -71.30 61.77 -123.74
CA ALA A 191 -71.25 61.20 -125.08
C ALA A 191 -72.69 60.99 -125.54
N ASN A 192 -72.89 61.01 -126.85
CA ASN A 192 -74.22 60.85 -127.42
C ASN A 192 -74.12 60.29 -128.83
N LEU A 193 -75.24 59.71 -129.28
CA LEU A 193 -75.30 59.16 -130.63
C LEU A 193 -75.40 60.26 -131.66
N ILE A 194 -74.71 60.06 -132.78
CA ILE A 194 -74.81 60.91 -133.96
C ILE A 194 -75.66 60.23 -135.04
N ASP A 195 -75.20 59.09 -135.55
CA ASP A 195 -75.89 58.38 -136.61
C ASP A 195 -75.44 56.93 -136.63
N TRP A 196 -76.31 56.04 -137.10
CA TRP A 196 -76.01 54.62 -137.20
C TRP A 196 -76.77 54.04 -138.38
N LYS A 197 -76.27 52.91 -138.89
CA LYS A 197 -76.96 52.23 -139.96
C LYS A 197 -76.58 50.76 -139.91
N ILE A 198 -77.37 49.95 -140.62
CA ILE A 198 -77.14 48.52 -140.76
C ILE A 198 -77.04 48.24 -142.25
N GLN A 199 -76.04 47.45 -142.64
CA GLN A 199 -75.82 47.02 -144.01
C GLN A 199 -75.79 45.50 -144.10
N GLY A 200 -76.72 44.86 -143.41
CA GLY A 200 -76.76 43.41 -143.33
C GLY A 200 -75.83 42.85 -142.26
N ASN A 201 -74.70 42.30 -142.69
CA ASN A 201 -73.76 41.73 -141.74
C ASN A 201 -72.99 42.80 -140.98
N VAL A 202 -72.81 43.98 -141.57
CA VAL A 202 -71.97 45.01 -141.01
C VAL A 202 -72.86 46.04 -140.30
N TYR A 203 -72.52 46.35 -139.06
CA TYR A 203 -73.05 47.49 -138.32
C TYR A 203 -72.04 48.62 -138.29
N SER A 204 -72.52 49.84 -138.47
CA SER A 204 -71.69 51.04 -138.48
C SER A 204 -72.32 52.10 -137.59
N GLY A 205 -71.48 52.83 -136.86
CA GLY A 205 -71.94 53.92 -136.03
C GLY A 205 -70.81 54.87 -135.73
N GLN A 206 -71.17 56.07 -135.29
CA GLN A 206 -70.20 57.08 -134.90
C GLN A 206 -70.74 57.87 -133.72
N PHE A 207 -69.83 58.42 -132.91
CA PHE A 207 -70.21 59.06 -131.65
C PHE A 207 -69.45 60.36 -131.52
N SER A 208 -70.00 61.26 -130.71
CA SER A 208 -69.40 62.54 -130.38
C SER A 208 -69.01 62.51 -128.90
N VAL A 209 -67.76 62.86 -128.62
CA VAL A 209 -67.20 62.84 -127.26
C VAL A 209 -66.72 64.24 -126.94
N GLU A 210 -67.20 64.80 -125.82
CA GLU A 210 -66.86 66.14 -125.38
C GLU A 210 -65.98 66.02 -124.13
N ILE A 211 -64.68 66.25 -124.29
CA ILE A 211 -63.75 66.18 -123.16
C ILE A 211 -63.91 67.44 -122.33
N LYS A 212 -63.38 67.42 -121.11
CA LYS A 212 -63.45 68.57 -120.22
C LYS A 212 -62.79 69.78 -120.88
N SER A 213 -63.43 70.94 -120.73
CA SER A 213 -62.99 72.14 -121.43
C SER A 213 -61.61 72.59 -120.93
N VAL A 214 -61.05 73.55 -121.65
CA VAL A 214 -59.73 74.08 -121.32
C VAL A 214 -59.78 74.76 -119.95
N GLU A 215 -60.88 75.45 -119.65
CA GLU A 215 -61.01 76.15 -118.37
C GLU A 215 -60.96 75.17 -117.21
N GLU A 216 -61.71 74.08 -117.32
CA GLU A 216 -61.75 73.10 -116.23
C GLU A 216 -60.40 72.44 -116.03
N SER A 217 -59.75 72.04 -117.12
CA SER A 217 -58.42 71.44 -117.00
C SER A 217 -57.41 72.43 -116.39
N ILE A 218 -57.47 73.70 -116.80
CA ILE A 218 -56.56 74.69 -116.25
C ILE A 218 -56.79 74.83 -114.75
N ASN A 219 -58.06 74.93 -114.35
CA ASN A 219 -58.37 75.05 -112.92
C ASN A 219 -57.89 73.84 -112.15
N PHE A 220 -58.06 72.64 -112.70
CA PHE A 220 -57.65 71.42 -112.02
C PHE A 220 -56.13 71.39 -111.82
N VAL A 221 -55.37 71.68 -112.87
CA VAL A 221 -53.91 71.62 -112.78
C VAL A 221 -53.39 72.70 -111.82
N LEU A 222 -53.91 73.93 -111.95
CA LEU A 222 -53.45 74.99 -111.08
C LEU A 222 -53.82 74.75 -109.63
N GLY A 223 -54.95 74.08 -109.38
CA GLY A 223 -55.26 73.66 -108.03
C GLY A 223 -54.37 72.54 -107.55
N GLN A 224 -53.90 71.69 -108.47
CA GLN A 224 -52.93 70.65 -108.11
C GLN A 224 -51.61 71.24 -107.66
N ASP A 225 -51.32 72.49 -108.04
CA ASP A 225 -50.07 73.11 -107.60
C ASP A 225 -49.92 73.11 -106.08
N GLU A 226 -51.03 73.20 -105.33
CA GLU A 226 -50.94 73.19 -103.86
C GLU A 226 -50.31 71.89 -103.35
N GLU A 227 -50.60 70.76 -104.02
CA GLU A 227 -50.11 69.46 -103.58
C GLU A 227 -48.77 69.10 -104.23
N GLY A 228 -48.57 69.51 -105.47
CA GLY A 228 -47.38 69.20 -106.22
C GLY A 228 -47.30 67.82 -106.82
N ILE A 229 -48.39 67.05 -106.79
CA ILE A 229 -48.36 65.72 -107.41
C ILE A 229 -48.23 65.83 -108.92
N PHE A 230 -49.08 66.65 -109.55
CA PHE A 230 -49.12 66.79 -111.01
C PHE A 230 -49.19 65.43 -111.70
N ALA A 231 -50.09 64.59 -111.22
CA ALA A 231 -50.26 63.24 -111.76
C ALA A 231 -51.71 62.81 -111.61
N LEU A 232 -52.10 61.83 -112.43
CA LEU A 232 -53.47 61.36 -112.51
C LEU A 232 -53.59 59.97 -111.91
N PHE A 233 -54.50 59.81 -110.96
CA PHE A 233 -54.81 58.54 -110.31
C PHE A 233 -56.31 58.24 -110.38
N GLU A 234 -56.96 58.65 -111.47
CA GLU A 234 -58.40 58.45 -111.64
C GLU A 234 -58.76 56.98 -111.83
N MET B 1 -31.25 33.30 -101.15
CA MET B 1 -30.96 34.73 -101.43
C MET B 1 -29.47 34.94 -101.64
N LYS B 2 -29.11 35.50 -102.79
CA LYS B 2 -27.71 35.72 -103.15
C LYS B 2 -27.25 37.14 -102.86
N THR B 3 -28.12 38.00 -102.32
CA THR B 3 -27.75 39.38 -101.97
C THR B 3 -27.30 40.16 -103.21
N ARG B 4 -28.20 40.23 -104.19
CA ARG B 4 -27.93 41.07 -105.35
C ARG B 4 -28.03 42.54 -104.94
N LYS B 5 -27.55 43.42 -105.82
CA LYS B 5 -27.64 44.85 -105.60
C LYS B 5 -28.26 45.51 -106.83
N LEU B 6 -28.68 46.76 -106.63
CA LEU B 6 -29.52 47.46 -107.58
C LEU B 6 -28.82 47.65 -108.93
N THR B 7 -27.54 48.03 -108.89
CA THR B 7 -26.82 48.37 -110.12
C THR B 7 -26.71 47.17 -111.04
N ASN B 8 -26.39 46.00 -110.49
CA ASN B 8 -26.25 44.81 -111.33
C ASN B 8 -27.59 44.42 -111.95
N ILE B 9 -28.67 44.51 -111.18
CA ILE B 9 -29.98 44.14 -111.72
C ILE B 9 -30.37 45.07 -112.86
N LEU B 10 -30.17 46.37 -112.65
CA LEU B 10 -30.48 47.35 -113.68
C LEU B 10 -29.62 47.15 -114.92
N SER B 11 -28.33 46.84 -114.72
CA SER B 11 -27.45 46.60 -115.86
C SER B 11 -27.87 45.36 -116.63
N LYS B 12 -28.26 44.30 -115.93
CA LYS B 12 -28.72 43.08 -116.59
C LYS B 12 -30.00 43.36 -117.39
N LEU B 13 -30.95 44.09 -116.79
CA LEU B 13 -32.18 44.41 -117.50
C LEU B 13 -31.89 45.24 -118.75
N ILE B 14 -31.04 46.25 -118.63
CA ILE B 14 -30.73 47.10 -119.77
C ILE B 14 -30.01 46.29 -120.84
N ASP B 15 -29.08 45.43 -120.44
CA ASP B 15 -28.33 44.63 -121.41
C ASP B 15 -29.26 43.71 -122.18
N LYS B 16 -30.20 43.06 -121.49
CA LYS B 16 -31.12 42.18 -122.20
C LYS B 16 -32.06 42.98 -123.10
N THR B 17 -32.47 44.18 -122.65
CA THR B 17 -33.31 45.01 -123.49
C THR B 17 -32.57 45.43 -124.76
N MET B 18 -31.30 45.81 -124.63
CA MET B 18 -30.52 46.14 -125.81
C MET B 18 -30.34 44.94 -126.73
N ALA B 19 -30.13 43.76 -126.14
CA ALA B 19 -29.92 42.57 -126.94
C ALA B 19 -31.18 42.21 -127.73
N GLY B 20 -32.35 42.41 -127.12
CA GLY B 20 -33.60 42.02 -127.74
C GLY B 20 -34.06 42.94 -128.86
N THR B 21 -33.52 44.14 -128.94
CA THR B 21 -33.89 45.08 -129.99
C THR B 21 -32.80 46.13 -130.13
N SER B 22 -32.51 46.53 -131.36
CA SER B 22 -31.56 47.62 -131.59
C SER B 22 -32.24 48.98 -131.62
N LYS B 23 -33.57 49.03 -131.59
CA LYS B 23 -34.26 50.31 -131.67
C LYS B 23 -34.12 51.12 -130.39
N ILE B 24 -34.25 50.45 -129.24
CA ILE B 24 -34.13 51.09 -127.93
C ILE B 24 -32.65 51.26 -127.66
N THR B 25 -32.17 52.50 -127.62
CA THR B 25 -30.77 52.78 -127.33
C THR B 25 -30.61 53.98 -126.42
N ASP B 26 -31.71 54.53 -125.88
CA ASP B 26 -31.68 55.73 -125.04
C ASP B 26 -32.08 55.31 -123.63
N PHE B 27 -31.07 55.08 -122.79
CA PHE B 27 -31.22 54.78 -121.37
C PHE B 27 -30.47 55.82 -120.56
N THR B 28 -30.67 57.09 -120.89
CA THR B 28 -30.10 58.17 -120.11
C THR B 28 -30.97 58.48 -118.90
N PRO B 29 -30.46 59.24 -117.93
CA PRO B 29 -31.33 59.66 -116.82
C PRO B 29 -32.47 60.53 -117.29
N GLY B 30 -33.65 60.28 -116.72
CA GLY B 30 -34.87 60.95 -117.11
C GLY B 30 -35.66 60.26 -118.19
N SER B 31 -35.16 59.16 -118.75
CA SER B 31 -35.89 58.42 -119.76
C SER B 31 -36.93 57.51 -119.10
N ALA B 32 -37.97 57.21 -119.87
CA ALA B 32 -39.07 56.40 -119.33
C ALA B 32 -38.62 54.98 -119.04
N SER B 33 -37.89 54.37 -119.98
CA SER B 33 -37.47 52.99 -119.83
C SER B 33 -36.53 52.82 -118.66
N ARG B 34 -35.58 53.75 -118.50
CA ARG B 34 -34.65 53.66 -117.40
C ARG B 34 -35.37 53.81 -116.06
N SER B 35 -36.34 54.72 -115.99
CA SER B 35 -37.09 54.91 -114.75
C SER B 35 -37.89 53.66 -114.39
N LEU B 36 -38.56 53.07 -115.37
CA LEU B 36 -39.33 51.86 -115.13
C LEU B 36 -38.45 50.72 -114.64
N LEU B 37 -37.34 50.47 -115.34
CA LEU B 37 -36.46 49.39 -114.94
C LEU B 37 -35.79 49.67 -113.60
N GLU B 38 -35.49 50.94 -113.32
CA GLU B 38 -34.95 51.30 -112.02
C GLU B 38 -35.94 50.97 -110.91
N ALA B 39 -37.21 51.34 -111.11
CA ALA B 39 -38.23 51.04 -110.12
C ALA B 39 -38.39 49.54 -109.90
N VAL B 40 -38.41 48.77 -110.99
CA VAL B 40 -38.56 47.31 -110.86
C VAL B 40 -37.39 46.72 -110.08
N SER B 41 -36.17 47.11 -110.47
CA SER B 41 -34.95 46.60 -109.85
C SER B 41 -34.87 47.01 -108.38
N LEU B 42 -35.32 48.22 -108.05
CA LEU B 42 -35.35 48.65 -106.67
C LEU B 42 -36.34 47.83 -105.85
N GLU B 43 -37.51 47.52 -106.42
CA GLU B 43 -38.45 46.67 -105.71
C GLU B 43 -37.88 45.27 -105.49
N ILE B 44 -37.16 44.75 -106.49
CA ILE B 44 -36.53 43.44 -106.34
C ILE B 44 -35.48 43.50 -105.24
N GLU B 45 -34.71 44.59 -105.19
CA GLU B 45 -33.68 44.74 -104.17
C GLU B 45 -34.29 44.77 -102.78
N GLN B 46 -35.40 45.49 -102.63
CA GLN B 46 -36.08 45.55 -101.35
C GLN B 46 -36.66 44.18 -100.97
N PHE B 47 -37.19 43.46 -101.96
CA PHE B 47 -37.66 42.11 -101.71
C PHE B 47 -36.53 41.21 -101.20
N TYR B 48 -35.37 41.27 -101.85
CA TYR B 48 -34.25 40.44 -101.43
C TYR B 48 -33.79 40.78 -100.02
N ILE B 49 -33.70 42.08 -99.71
CA ILE B 49 -33.29 42.51 -98.39
C ILE B 49 -34.27 41.98 -97.34
N LEU B 50 -35.56 42.25 -97.54
CA LEU B 50 -36.56 41.82 -96.57
C LEU B 50 -36.63 40.30 -96.47
N THR B 51 -36.35 39.58 -97.55
CA THR B 51 -36.29 38.13 -97.47
C THR B 51 -35.15 37.67 -96.57
N LYS B 52 -33.96 38.27 -96.75
CA LYS B 52 -32.83 37.94 -95.90
C LYS B 52 -33.15 38.21 -94.42
N GLU B 53 -33.73 39.38 -94.14
CA GLU B 53 -34.09 39.72 -92.77
C GLU B 53 -35.10 38.73 -92.21
N ASN B 54 -36.09 38.35 -93.03
CA ASN B 54 -37.12 37.43 -92.57
C ASN B 54 -36.55 36.04 -92.32
N ILE B 55 -35.58 35.62 -93.13
CA ILE B 55 -34.94 34.33 -92.90
C ILE B 55 -34.18 34.35 -91.58
N ASP B 56 -33.45 35.43 -91.32
CA ASP B 56 -32.73 35.54 -90.05
C ASP B 56 -33.71 35.44 -88.87
N TRP B 57 -34.81 36.20 -88.96
CA TRP B 57 -35.84 36.16 -87.94
C TRP B 57 -36.41 34.76 -87.77
N GLY B 58 -36.62 34.06 -88.90
CA GLY B 58 -37.20 32.73 -88.83
C GLY B 58 -36.26 31.70 -88.27
N ILE B 59 -34.95 31.90 -88.45
CA ILE B 59 -33.99 31.00 -87.80
C ILE B 59 -34.11 31.15 -86.30
N GLN B 60 -34.15 32.39 -85.81
CA GLN B 60 -34.32 32.58 -84.37
C GLN B 60 -35.62 31.96 -83.89
N GLU B 61 -36.70 32.14 -84.65
CA GLU B 61 -37.99 31.58 -84.25
C GLU B 61 -37.95 30.06 -84.23
N GLY B 62 -37.28 29.44 -85.21
CA GLY B 62 -37.19 28.00 -85.22
C GLY B 62 -36.38 27.45 -84.06
N ILE B 63 -35.31 28.18 -83.70
CA ILE B 63 -34.53 27.79 -82.52
C ILE B 63 -35.42 27.84 -81.28
N ILE B 64 -36.22 28.90 -81.15
CA ILE B 64 -37.09 29.03 -79.99
C ILE B 64 -38.11 27.90 -79.97
N GLU B 65 -38.71 27.61 -81.12
CA GLU B 65 -39.85 26.69 -81.19
C GLU B 65 -39.40 25.25 -81.01
N ALA B 66 -38.24 24.88 -81.55
CA ALA B 66 -37.84 23.47 -81.56
C ALA B 66 -37.60 22.95 -80.15
N PHE B 67 -36.88 23.71 -79.34
CA PHE B 67 -36.55 23.31 -77.98
C PHE B 67 -37.53 23.82 -76.94
N ASP B 68 -38.56 24.59 -77.34
CA ASP B 68 -39.49 25.21 -76.40
C ASP B 68 -38.74 26.08 -75.39
N PHE B 69 -37.69 26.76 -75.85
CA PHE B 69 -36.84 27.58 -74.99
C PHE B 69 -37.45 28.98 -74.96
N GLN B 70 -38.52 29.12 -74.19
CA GLN B 70 -39.25 30.37 -74.15
C GLN B 70 -38.41 31.47 -73.51
N LYS B 71 -38.52 32.68 -74.06
CA LYS B 71 -37.83 33.82 -73.49
C LYS B 71 -38.46 34.22 -72.16
N ARG B 72 -37.61 34.51 -71.18
CA ARG B 72 -38.10 34.91 -69.86
C ARG B 72 -38.63 36.33 -69.89
N GLN B 73 -39.76 36.55 -69.20
CA GLN B 73 -40.44 37.84 -69.19
C GLN B 73 -39.94 38.71 -68.04
N SER B 74 -40.59 39.85 -67.83
CA SER B 74 -40.17 40.73 -66.75
C SER B 74 -40.53 40.11 -65.41
N LYS B 75 -39.66 40.34 -64.42
CA LYS B 75 -39.80 39.77 -63.08
C LYS B 75 -40.22 40.86 -62.10
N ARG B 76 -41.22 40.55 -61.28
CA ARG B 76 -41.66 41.47 -60.24
C ARG B 76 -40.68 41.49 -59.08
N ALA B 77 -40.43 42.68 -58.54
CA ALA B 77 -39.54 42.81 -57.39
C ALA B 77 -40.13 42.13 -56.16
N TYR B 78 -39.24 41.63 -55.30
CA TYR B 78 -39.64 41.03 -54.04
C TYR B 78 -38.55 41.21 -52.99
N GLY B 79 -38.97 41.21 -51.73
CA GLY B 79 -38.02 41.36 -50.66
C GLY B 79 -38.66 41.05 -49.34
N ASP B 80 -38.01 41.50 -48.27
CA ASP B 80 -38.46 41.26 -46.91
C ASP B 80 -38.59 42.58 -46.17
N VAL B 81 -39.51 42.62 -45.22
CA VAL B 81 -39.81 43.81 -44.43
C VAL B 81 -39.72 43.41 -42.96
N THR B 82 -39.12 44.28 -42.15
CA THR B 82 -39.07 44.11 -40.71
C THR B 82 -40.23 44.84 -40.05
N ILE B 83 -40.83 44.21 -39.05
CA ILE B 83 -41.96 44.77 -38.31
C ILE B 83 -41.66 44.61 -36.82
N GLN B 84 -41.89 45.67 -36.06
CA GLN B 84 -41.62 45.71 -34.63
C GLN B 84 -42.89 46.05 -33.87
N PHE B 85 -42.96 45.58 -32.62
CA PHE B 85 -44.13 45.73 -31.76
C PHE B 85 -43.77 46.60 -30.56
N TYR B 86 -44.80 47.07 -29.83
CA TYR B 86 -44.52 47.86 -28.65
C TYR B 86 -43.82 47.01 -27.60
N GLN B 87 -44.41 45.84 -27.28
CA GLN B 87 -43.90 44.90 -26.31
C GLN B 87 -44.00 43.48 -26.88
N PRO B 88 -43.35 42.48 -26.27
CA PRO B 88 -43.51 41.10 -26.76
C PRO B 88 -44.96 40.64 -26.71
N LEU B 89 -45.34 39.88 -27.75
CA LEU B 89 -46.73 39.50 -27.96
C LEU B 89 -47.16 38.45 -26.94
N ASP B 90 -48.47 38.39 -26.70
CA ASP B 90 -49.06 37.27 -25.99
C ASP B 90 -49.94 36.43 -26.91
N MET B 91 -50.68 37.07 -27.81
CA MET B 91 -51.47 36.36 -28.81
C MET B 91 -50.60 35.98 -29.99
N ARG B 92 -50.87 34.79 -30.55
CA ARG B 92 -50.22 34.36 -31.79
C ARG B 92 -51.01 34.94 -32.95
N MET B 93 -50.71 36.20 -33.28
CA MET B 93 -51.47 36.91 -34.29
C MET B 93 -51.26 36.29 -35.67
N TYR B 94 -52.32 36.38 -36.48
CA TYR B 94 -52.37 35.80 -37.82
C TYR B 94 -52.37 36.91 -38.86
N ILE B 95 -51.46 36.80 -39.83
CA ILE B 95 -51.32 37.74 -40.93
C ILE B 95 -51.59 36.99 -42.23
N PRO B 96 -52.78 37.15 -42.84
CA PRO B 96 -53.04 36.40 -44.07
C PRO B 96 -52.32 36.99 -45.27
N ALA B 97 -52.25 36.19 -46.33
CA ALA B 97 -51.70 36.66 -47.59
C ALA B 97 -52.57 37.77 -48.16
N GLY B 98 -51.93 38.66 -48.92
CA GLY B 98 -52.58 39.84 -49.45
C GLY B 98 -52.49 41.06 -48.55
N THR B 99 -51.87 40.94 -47.38
CA THR B 99 -51.68 42.09 -46.50
C THR B 99 -50.82 43.12 -47.21
N THR B 100 -51.40 44.28 -47.52
CA THR B 100 -50.72 45.26 -48.33
C THR B 100 -49.74 46.07 -47.49
N PHE B 101 -48.58 46.35 -48.07
CA PHE B 101 -47.58 47.25 -47.51
C PHE B 101 -47.36 48.39 -48.47
N THR B 102 -47.30 49.61 -47.94
CA THR B 102 -47.13 50.84 -48.73
C THR B 102 -46.05 51.72 -48.11
N SER B 103 -45.76 52.83 -48.79
CA SER B 103 -44.75 53.78 -48.33
C SER B 103 -45.26 55.21 -48.45
N THR B 104 -45.03 56.02 -47.42
CA THR B 104 -45.41 57.42 -47.49
C THR B 104 -44.48 58.23 -48.39
N ARG B 105 -43.27 57.73 -48.63
CA ARG B 105 -42.32 58.42 -49.50
C ARG B 105 -42.89 58.48 -50.91
N GLN B 106 -43.33 59.67 -51.31
CA GLN B 106 -44.04 59.80 -52.58
C GLN B 106 -43.14 59.55 -53.79
N GLU B 107 -41.82 59.61 -53.62
CA GLU B 107 -40.90 59.31 -54.71
C GLU B 107 -41.00 57.87 -55.18
N TYR B 108 -41.45 56.96 -54.31
CA TYR B 108 -41.58 55.53 -54.59
C TYR B 108 -42.97 55.10 -54.15
N PRO B 109 -44.01 55.40 -54.95
CA PRO B 109 -45.38 55.08 -54.54
C PRO B 109 -45.82 53.66 -54.82
N GLN B 110 -44.88 52.75 -55.09
CA GLN B 110 -45.26 51.39 -55.40
C GLN B 110 -45.78 50.67 -54.16
N GLN B 111 -46.62 49.67 -54.39
CA GLN B 111 -47.24 48.89 -53.33
C GLN B 111 -46.68 47.47 -53.31
N PHE B 112 -46.76 46.85 -52.13
CA PHE B 112 -46.25 45.50 -51.91
C PHE B 112 -47.29 44.70 -51.14
N GLU B 113 -47.18 43.37 -51.20
CA GLU B 113 -48.13 42.52 -50.50
C GLU B 113 -47.47 41.19 -50.18
N THR B 114 -48.01 40.51 -49.17
CA THR B 114 -47.53 39.19 -48.80
C THR B 114 -48.27 38.12 -49.61
N LEU B 115 -47.53 37.20 -50.21
CA LEU B 115 -48.11 36.08 -50.93
C LEU B 115 -48.32 34.83 -50.07
N VAL B 116 -47.91 34.86 -48.80
CA VAL B 116 -47.99 33.70 -47.92
C VAL B 116 -48.36 34.22 -46.53
N ASP B 117 -49.11 33.40 -45.79
CA ASP B 117 -49.48 33.74 -44.44
C ASP B 117 -48.29 33.60 -43.50
N TYR B 118 -48.33 34.35 -42.40
CA TYR B 118 -47.28 34.33 -41.40
C TYR B 118 -47.90 34.32 -40.01
N TYR B 119 -47.15 33.81 -39.05
CA TYR B 119 -47.55 33.77 -37.65
C TYR B 119 -46.43 34.33 -36.79
N ALA B 120 -46.77 35.21 -35.85
CA ALA B 120 -45.81 35.73 -34.88
C ALA B 120 -46.03 35.02 -33.55
N GLU B 121 -44.99 34.41 -33.01
CA GLU B 121 -45.13 33.61 -31.80
C GLU B 121 -45.38 34.53 -30.60
N PRO B 122 -45.88 33.99 -29.49
CA PRO B 122 -45.90 34.79 -28.26
C PRO B 122 -44.50 35.01 -27.72
N ASP B 123 -44.33 36.13 -27.00
CA ASP B 123 -43.03 36.54 -26.49
C ASP B 123 -42.03 36.72 -27.63
N SER B 124 -42.48 37.37 -28.69
CA SER B 124 -41.65 37.69 -29.85
C SER B 124 -41.68 39.20 -30.06
N THR B 125 -40.53 39.77 -30.39
CA THR B 125 -40.40 41.23 -30.52
C THR B 125 -40.52 41.73 -31.96
N GLU B 126 -40.23 40.89 -32.95
CA GLU B 126 -40.27 41.35 -34.34
C GLU B 126 -40.45 40.12 -35.22
N ILE B 127 -40.83 40.38 -36.48
CA ILE B 127 -41.03 39.32 -37.46
C ILE B 127 -40.52 39.82 -38.80
N VAL B 128 -39.93 38.92 -39.59
CA VAL B 128 -39.51 39.22 -40.94
C VAL B 128 -40.48 38.48 -41.87
N VAL B 129 -41.08 39.21 -42.80
CA VAL B 129 -42.06 38.67 -43.74
C VAL B 129 -41.64 39.03 -45.15
N GLU B 130 -41.69 38.05 -46.06
CA GLU B 130 -41.37 38.30 -47.45
C GLU B 130 -42.57 38.92 -48.16
N VAL B 131 -42.30 39.90 -49.03
CA VAL B 131 -43.34 40.61 -49.77
C VAL B 131 -42.97 40.67 -51.24
N TYR B 132 -43.99 40.88 -52.07
CA TYR B 132 -43.84 40.94 -53.52
C TYR B 132 -44.50 42.21 -54.04
N CYS B 133 -43.83 42.88 -54.98
CA CYS B 133 -44.38 44.08 -55.57
C CYS B 133 -45.56 43.74 -56.46
N LYS B 134 -46.64 44.52 -56.34
CA LYS B 134 -47.82 44.28 -57.19
C LYS B 134 -47.48 44.50 -58.66
N GLU B 135 -46.79 45.59 -58.97
CA GLU B 135 -46.41 45.94 -60.32
C GLU B 135 -45.13 45.19 -60.70
N THR B 136 -45.04 44.77 -61.95
CA THR B 136 -43.83 44.11 -62.41
C THR B 136 -42.80 45.15 -62.86
N GLY B 137 -41.56 44.69 -63.05
CA GLY B 137 -40.52 45.50 -63.62
C GLY B 137 -39.61 46.13 -62.59
N VAL B 138 -38.84 47.11 -63.05
CA VAL B 138 -37.83 47.76 -62.23
C VAL B 138 -38.45 48.67 -61.18
N ALA B 139 -39.72 49.05 -61.33
CA ALA B 139 -40.34 50.04 -60.46
C ALA B 139 -40.38 49.59 -59.00
N GLY B 140 -40.33 48.30 -58.74
CA GLY B 140 -40.31 47.80 -57.38
C GLY B 140 -38.98 47.84 -56.67
N ASN B 141 -37.89 48.25 -57.33
CA ASN B 141 -36.56 48.27 -56.72
C ASN B 141 -36.37 49.56 -55.93
N VAL B 142 -37.12 49.65 -54.82
CA VAL B 142 -37.09 50.83 -53.96
C VAL B 142 -35.80 50.81 -53.14
N PRO B 143 -35.34 51.93 -52.61
CA PRO B 143 -34.17 51.90 -51.72
C PRO B 143 -34.55 51.51 -50.30
N GLU B 144 -33.51 51.27 -49.50
CA GLU B 144 -33.73 50.93 -48.09
C GLU B 144 -34.43 52.08 -47.37
N GLY B 145 -35.27 51.73 -46.40
CA GLY B 145 -36.02 52.71 -45.65
C GLY B 145 -37.23 53.27 -46.34
N THR B 146 -37.61 52.72 -47.49
CA THR B 146 -38.78 53.22 -48.21
C THR B 146 -40.07 52.75 -47.56
N ILE B 147 -40.27 51.43 -47.51
CA ILE B 147 -41.49 50.87 -46.96
C ILE B 147 -41.56 51.24 -45.49
N ASN B 148 -42.63 51.94 -45.10
CA ASN B 148 -42.83 52.32 -43.70
C ASN B 148 -44.31 52.38 -43.33
N THR B 149 -45.17 51.64 -44.03
CA THR B 149 -46.58 51.61 -43.72
C THR B 149 -47.12 50.21 -43.96
N ILE B 150 -48.03 49.78 -43.10
CA ILE B 150 -48.74 48.51 -43.25
C ILE B 150 -50.24 48.82 -43.26
N ALA B 151 -50.96 48.28 -44.23
CA ALA B 151 -52.37 48.58 -44.40
C ALA B 151 -53.29 47.71 -43.55
N SER B 152 -52.76 46.74 -42.81
CA SER B 152 -53.60 45.89 -41.99
C SER B 152 -54.27 46.65 -40.85
N GLY B 153 -53.65 47.74 -40.39
CA GLY B 153 -54.19 48.58 -39.35
C GLY B 153 -54.11 48.01 -37.95
N SER B 154 -53.30 46.98 -37.74
CA SER B 154 -53.18 46.39 -36.42
C SER B 154 -52.52 47.37 -35.44
N SER B 155 -53.07 47.43 -34.22
CA SER B 155 -52.57 48.40 -33.25
C SER B 155 -51.24 47.96 -32.65
N LEU B 156 -50.93 46.66 -32.68
CA LEU B 156 -49.69 46.17 -32.10
C LEU B 156 -48.44 46.64 -32.83
N ILE B 157 -48.56 47.11 -34.06
CA ILE B 157 -47.39 47.45 -34.86
C ILE B 157 -46.78 48.73 -34.32
N ARG B 158 -45.48 48.69 -34.04
CA ARG B 158 -44.73 49.89 -33.67
C ARG B 158 -44.22 50.61 -34.91
N SER B 159 -43.46 49.92 -35.74
CA SER B 159 -42.87 50.53 -36.92
C SER B 159 -42.64 49.46 -37.97
N VAL B 160 -42.55 49.91 -39.22
CA VAL B 160 -42.31 49.05 -40.37
C VAL B 160 -41.10 49.59 -41.12
N ASN B 161 -40.25 48.69 -41.60
CA ASN B 161 -39.03 49.10 -42.30
C ASN B 161 -38.51 47.94 -43.12
N ASN B 162 -38.08 48.24 -44.34
CA ASN B 162 -37.30 47.30 -45.16
C ASN B 162 -35.83 47.64 -45.00
N GLU B 163 -35.06 46.69 -44.48
CA GLU B 163 -33.69 46.99 -44.05
C GLU B 163 -32.71 47.11 -45.21
N TYR B 164 -33.08 46.64 -46.41
CA TYR B 164 -32.18 46.66 -47.55
C TYR B 164 -32.95 47.07 -48.81
N SER B 165 -32.24 47.67 -49.74
CA SER B 165 -32.83 48.11 -51.00
C SER B 165 -33.21 46.91 -51.86
N PHE B 166 -34.39 46.95 -52.48
CA PHE B 166 -34.78 45.84 -53.34
C PHE B 166 -34.11 45.98 -54.70
N ASN B 167 -33.74 44.84 -55.28
CA ASN B 167 -33.09 44.80 -56.58
C ASN B 167 -33.62 43.72 -57.50
N THR B 168 -34.48 42.82 -57.02
CA THR B 168 -34.90 41.68 -57.83
C THR B 168 -35.75 42.10 -59.03
N GLY B 169 -36.43 43.23 -58.96
CA GLY B 169 -37.21 43.70 -60.08
C GLY B 169 -36.37 43.99 -61.31
N THR B 170 -36.78 43.43 -62.45
CA THR B 170 -36.05 43.63 -63.70
C THR B 170 -37.03 43.67 -64.86
N LYS B 171 -36.59 44.27 -65.96
CA LYS B 171 -37.39 44.32 -67.18
C LYS B 171 -37.24 43.01 -67.95
N GLU B 172 -37.77 42.98 -69.17
CA GLU B 172 -37.73 41.80 -70.01
C GLU B 172 -36.29 41.40 -70.33
N GLU B 173 -36.10 40.09 -70.56
CA GLU B 173 -34.76 39.57 -70.81
C GLU B 173 -34.17 40.14 -72.10
N SER B 174 -32.85 40.32 -72.10
CA SER B 174 -32.15 40.82 -73.28
C SER B 174 -31.80 39.67 -74.21
N GLN B 175 -31.50 40.01 -75.46
CA GLN B 175 -31.17 39.00 -76.45
C GLN B 175 -29.88 38.27 -76.08
N GLU B 176 -28.89 39.00 -75.59
CA GLU B 176 -27.58 38.42 -75.30
C GLU B 176 -27.68 37.41 -74.16
N ASP B 177 -28.45 37.73 -73.12
CA ASP B 177 -28.62 36.79 -72.02
C ASP B 177 -29.39 35.56 -72.46
N PHE B 178 -30.38 35.73 -73.35
CA PHE B 178 -31.12 34.59 -73.88
C PHE B 178 -30.19 33.66 -74.64
N LYS B 179 -29.34 34.23 -75.50
CA LYS B 179 -28.39 33.42 -76.26
C LYS B 179 -27.37 32.75 -75.34
N ARG B 180 -26.96 33.46 -74.30
CA ARG B 180 -26.04 32.90 -73.31
C ARG B 180 -26.65 31.68 -72.62
N ARG B 181 -27.91 31.78 -72.20
CA ARG B 181 -28.53 30.65 -71.53
C ARG B 181 -28.83 29.52 -72.50
N PHE B 182 -29.03 29.84 -73.78
CA PHE B 182 -29.17 28.77 -74.77
C PHE B 182 -27.85 28.03 -74.96
N HIS B 183 -26.73 28.77 -74.96
CA HIS B 183 -25.42 28.11 -74.97
C HIS B 183 -25.25 27.24 -73.73
N SER B 184 -25.71 27.73 -72.57
CA SER B 184 -25.64 26.90 -71.36
C SER B 184 -26.47 25.64 -71.49
N PHE B 185 -27.66 25.76 -72.10
CA PHE B 185 -28.51 24.60 -72.35
C PHE B 185 -27.77 23.57 -73.21
N VAL B 186 -27.20 24.03 -74.32
CA VAL B 186 -26.47 23.12 -75.22
C VAL B 186 -25.32 22.45 -74.48
N GLU B 187 -24.58 23.21 -73.69
CA GLU B 187 -23.45 22.66 -72.94
C GLU B 187 -23.92 21.64 -71.92
N SER B 188 -25.07 21.88 -71.30
CA SER B 188 -25.59 21.09 -70.21
C SER B 188 -26.49 19.95 -70.68
N ARG B 189 -26.56 19.70 -71.98
CA ARG B 189 -27.21 18.47 -72.44
C ARG B 189 -26.49 17.24 -71.90
N GLY B 190 -25.18 17.33 -71.69
CA GLY B 190 -24.48 16.33 -70.91
C GLY B 190 -24.66 16.61 -69.42
N ARG B 191 -25.39 15.72 -68.74
CA ARG B 191 -25.99 16.10 -67.46
C ARG B 191 -24.97 16.25 -66.34
N ALA B 192 -23.96 15.40 -66.30
CA ALA B 192 -23.18 15.16 -65.09
C ALA B 192 -22.00 16.11 -64.92
N THR B 193 -21.80 17.07 -65.81
CA THR B 193 -20.60 17.91 -65.75
C THR B 193 -20.84 19.15 -64.90
N ASN B 194 -19.73 19.85 -64.62
CA ASN B 194 -19.80 21.04 -63.76
C ASN B 194 -20.66 22.12 -64.39
N LYS B 195 -20.46 22.38 -65.69
CA LYS B 195 -21.28 23.35 -66.40
C LYS B 195 -22.75 22.98 -66.36
N SER B 196 -23.04 21.67 -66.41
CA SER B 196 -24.43 21.21 -66.34
C SER B 196 -25.02 21.43 -64.97
N VAL B 197 -24.24 21.20 -63.91
CA VAL B 197 -24.71 21.52 -62.56
C VAL B 197 -24.99 23.01 -62.46
N ARG B 198 -24.09 23.83 -63.01
CA ARG B 198 -24.28 25.28 -62.96
C ARG B 198 -25.55 25.69 -63.71
N TYR B 199 -25.82 25.06 -64.84
CA TYR B 199 -27.04 25.35 -65.59
C TYR B 199 -28.28 24.93 -64.80
N GLY B 200 -28.23 23.74 -64.20
CA GLY B 200 -29.38 23.27 -63.43
C GLY B 200 -29.67 24.17 -62.24
N ALA B 201 -28.62 24.66 -61.58
CA ALA B 201 -28.83 25.64 -60.52
C ALA B 201 -29.37 26.95 -61.07
N LEU B 202 -28.89 27.35 -62.25
CA LEU B 202 -29.41 28.54 -62.94
C LEU B 202 -30.73 28.28 -63.68
N GLN B 203 -31.20 27.04 -63.71
CA GLN B 203 -32.48 26.76 -64.37
C GLN B 203 -33.62 27.52 -63.71
N ILE B 204 -33.51 27.78 -62.41
CA ILE B 204 -34.52 28.57 -61.70
C ILE B 204 -34.36 30.03 -62.10
N PRO B 205 -35.42 30.72 -62.55
CA PRO B 205 -35.21 32.12 -62.98
C PRO B 205 -34.72 33.05 -61.90
N ASP B 206 -35.14 32.83 -60.65
CA ASP B 206 -34.83 33.75 -59.56
C ASP B 206 -33.35 33.76 -59.20
N VAL B 207 -32.60 32.73 -59.56
CA VAL B 207 -31.19 32.67 -59.20
C VAL B 207 -30.41 33.61 -60.10
N GLU B 208 -29.55 34.43 -59.49
CA GLU B 208 -28.76 35.39 -60.26
C GLU B 208 -27.45 34.76 -60.71
N GLY B 209 -26.65 34.27 -59.78
CA GLY B 209 -25.35 33.70 -60.09
C GLY B 209 -25.06 32.51 -59.21
N VAL B 210 -24.22 31.62 -59.72
CA VAL B 210 -23.89 30.36 -59.05
C VAL B 210 -22.39 30.13 -59.13
N TYR B 211 -21.79 29.70 -58.01
CA TYR B 211 -20.40 29.26 -57.99
C TYR B 211 -20.35 27.82 -57.48
N VAL B 212 -19.89 26.91 -58.34
CA VAL B 212 -19.83 25.49 -58.02
C VAL B 212 -18.44 25.24 -57.45
N TYR B 213 -18.37 25.02 -56.15
CA TYR B 213 -17.13 24.68 -55.46
C TYR B 213 -17.02 23.16 -55.38
N GLU B 214 -15.89 22.63 -55.85
CA GLU B 214 -15.72 21.21 -56.10
C GLU B 214 -14.66 20.65 -55.17
N GLU B 215 -14.96 19.49 -54.58
CA GLU B 215 -14.02 18.72 -53.78
C GLU B 215 -14.08 17.26 -54.21
N THR B 216 -13.20 16.46 -53.65
CA THR B 216 -13.15 15.02 -53.94
C THR B 216 -14.36 14.36 -53.30
N GLY B 217 -15.31 13.92 -54.11
CA GLY B 217 -16.49 13.25 -53.61
C GLY B 217 -17.49 14.15 -52.91
N HIS B 218 -17.37 15.46 -53.06
CA HIS B 218 -18.31 16.41 -52.49
C HIS B 218 -18.45 17.60 -53.42
N ILE B 219 -19.67 18.11 -53.54
CA ILE B 219 -19.97 19.28 -54.34
C ILE B 219 -20.69 20.27 -53.44
N THR B 220 -20.27 21.54 -53.50
CA THR B 220 -20.94 22.65 -52.84
C THR B 220 -21.38 23.66 -53.88
N VAL B 221 -22.67 23.99 -53.88
CA VAL B 221 -23.26 24.89 -54.86
C VAL B 221 -23.62 26.19 -54.14
N PHE B 222 -22.77 27.20 -54.27
CA PHE B 222 -23.07 28.51 -53.71
C PHE B 222 -23.97 29.26 -54.68
N ALA B 223 -25.18 29.61 -54.24
CA ALA B 223 -26.17 30.28 -55.07
C ALA B 223 -26.77 31.44 -54.30
N HIS B 224 -27.22 32.46 -55.05
CA HIS B 224 -27.81 33.66 -54.47
C HIS B 224 -28.81 34.25 -55.44
N ASP B 225 -29.73 35.05 -54.89
CA ASP B 225 -30.71 35.76 -55.68
C ASP B 225 -30.12 37.11 -56.11
N ARG B 226 -30.95 37.98 -56.68
CA ARG B 226 -30.48 39.30 -57.08
C ARG B 226 -30.06 40.13 -55.88
N ASN B 227 -30.73 39.95 -54.73
CA ASN B 227 -30.38 40.65 -53.51
C ASN B 227 -29.26 39.98 -52.72
N GLY B 228 -28.74 38.84 -53.19
CA GLY B 228 -27.69 38.16 -52.48
C GLY B 228 -28.16 37.17 -51.42
N ASN B 229 -29.47 37.01 -51.25
CA ASN B 229 -30.03 36.06 -50.31
C ASN B 229 -30.32 34.72 -51.00
N LEU B 230 -30.62 33.71 -50.17
CA LEU B 230 -31.03 32.41 -50.68
C LEU B 230 -32.06 31.84 -49.71
N SER B 231 -33.33 32.03 -50.02
CA SER B 231 -34.40 31.55 -49.17
C SER B 231 -34.47 30.01 -49.18
N ASP B 232 -35.13 29.46 -48.16
CA ASP B 232 -35.25 28.01 -48.06
C ASP B 232 -36.07 27.44 -49.22
N THR B 233 -37.13 28.13 -49.62
CA THR B 233 -37.93 27.68 -50.76
C THR B 233 -37.09 27.64 -52.03
N LEU B 234 -36.30 28.68 -52.26
CA LEU B 234 -35.45 28.70 -53.45
C LEU B 234 -34.38 27.63 -53.38
N LYS B 235 -33.85 27.37 -52.17
CA LYS B 235 -32.88 26.31 -52.01
C LYS B 235 -33.50 24.95 -52.37
N GLU B 236 -34.72 24.70 -51.90
CA GLU B 236 -35.39 23.45 -52.23
C GLU B 236 -35.67 23.35 -53.72
N ASP B 237 -36.06 24.47 -54.35
CA ASP B 237 -36.30 24.45 -55.78
C ASP B 237 -35.03 24.16 -56.56
N ILE B 238 -33.90 24.74 -56.12
CA ILE B 238 -32.63 24.48 -56.76
C ILE B 238 -32.26 23.01 -56.62
N ILE B 239 -32.47 22.45 -55.43
CA ILE B 239 -32.16 21.04 -55.20
C ILE B 239 -33.01 20.17 -56.12
N ASP B 240 -34.31 20.48 -56.22
CA ASP B 240 -35.19 19.68 -57.06
C ASP B 240 -34.77 19.77 -58.52
N ALA B 241 -34.36 20.96 -58.97
CA ALA B 241 -33.86 21.09 -60.34
C ALA B 241 -32.57 20.30 -60.53
N LEU B 242 -31.70 20.32 -59.52
CA LEU B 242 -30.41 19.64 -59.62
C LEU B 242 -30.53 18.12 -59.54
N GLN B 243 -31.67 17.61 -59.06
CA GLN B 243 -31.86 16.15 -59.03
C GLN B 243 -31.64 15.54 -60.40
N ASP B 244 -32.10 16.22 -61.45
CA ASP B 244 -31.96 15.69 -62.81
C ASP B 244 -30.53 15.82 -63.33
N TYR B 245 -29.79 16.84 -62.88
CA TYR B 245 -28.49 17.15 -63.46
C TYR B 245 -27.31 16.67 -62.64
N ARG B 246 -27.45 16.55 -61.31
CA ARG B 246 -26.30 16.25 -60.50
C ARG B 246 -25.82 14.81 -60.73
N PRO B 247 -24.53 14.53 -60.55
CA PRO B 247 -24.06 13.16 -60.74
C PRO B 247 -24.54 12.25 -59.62
N SER B 248 -24.77 10.98 -59.98
CA SER B 248 -25.28 10.02 -59.03
C SER B 248 -24.16 9.51 -58.13
N GLY B 249 -24.45 9.40 -56.84
CA GLY B 249 -23.49 8.84 -55.91
C GLY B 249 -22.49 9.82 -55.33
N ILE B 250 -22.61 11.11 -55.62
CA ILE B 250 -21.71 12.14 -55.13
C ILE B 250 -22.50 13.09 -54.25
N MET B 251 -21.97 13.41 -53.08
CA MET B 251 -22.71 14.28 -52.17
C MET B 251 -22.79 15.69 -52.74
N LEU B 252 -23.95 16.32 -52.55
CA LEU B 252 -24.19 17.68 -53.02
C LEU B 252 -24.85 18.49 -51.91
N ASP B 253 -24.47 19.76 -51.79
CA ASP B 253 -25.01 20.64 -50.78
C ASP B 253 -25.20 22.03 -51.37
N VAL B 254 -26.30 22.68 -50.99
CA VAL B 254 -26.66 24.01 -51.47
C VAL B 254 -26.63 24.97 -50.28
N THR B 255 -25.90 26.07 -50.45
CA THR B 255 -25.76 27.07 -49.39
C THR B 255 -25.73 28.46 -50.01
N GLY B 256 -26.11 29.44 -49.22
CA GLY B 256 -26.06 30.82 -49.68
C GLY B 256 -24.66 31.39 -49.71
N VAL B 257 -24.47 32.42 -50.54
CA VAL B 257 -23.16 33.03 -50.66
C VAL B 257 -22.82 33.77 -49.36
N GLU B 258 -21.53 34.07 -49.19
CA GLU B 258 -21.07 34.80 -48.00
C GLU B 258 -21.27 36.29 -48.25
N LYS B 259 -22.53 36.72 -48.16
CA LYS B 259 -22.84 38.10 -48.52
C LYS B 259 -22.30 39.07 -47.49
N GLU B 260 -21.71 40.16 -47.97
CA GLU B 260 -21.15 41.22 -47.13
C GLU B 260 -21.87 42.52 -47.44
N GLU B 261 -22.43 43.14 -46.39
CA GLU B 261 -23.19 44.37 -46.55
C GLU B 261 -22.31 45.56 -46.20
N VAL B 262 -22.22 46.50 -47.15
CA VAL B 262 -21.34 47.66 -47.04
C VAL B 262 -22.23 48.87 -46.78
N ASN B 263 -21.87 49.63 -45.75
CA ASN B 263 -22.47 50.92 -45.43
C ASN B 263 -21.56 52.04 -45.90
N VAL B 264 -22.11 53.02 -46.62
CA VAL B 264 -21.34 54.10 -47.22
C VAL B 264 -21.88 55.43 -46.72
N SER B 265 -21.00 56.25 -46.17
CA SER B 265 -21.30 57.64 -45.83
C SER B 265 -20.27 58.52 -46.53
N ALA B 266 -20.72 59.34 -47.47
CA ALA B 266 -19.83 60.14 -48.30
C ALA B 266 -20.07 61.61 -48.04
N THR B 267 -19.00 62.34 -47.74
CA THR B 267 -19.02 63.80 -47.73
C THR B 267 -18.56 64.28 -49.10
N VAL B 268 -19.40 65.05 -49.77
CA VAL B 268 -19.11 65.59 -51.10
C VAL B 268 -19.24 67.10 -51.05
N THR B 269 -18.28 67.78 -51.66
CA THR B 269 -18.30 69.23 -51.81
C THR B 269 -18.73 69.58 -53.23
N ILE B 270 -19.48 70.68 -53.36
CA ILE B 270 -20.11 71.11 -54.61
C ILE B 270 -19.59 72.49 -54.95
N SER B 271 -19.14 72.68 -56.19
CA SER B 271 -18.65 73.99 -56.62
C SER B 271 -19.77 75.01 -56.68
N ASN B 272 -20.89 74.66 -57.31
CA ASN B 272 -22.05 75.55 -57.40
C ASN B 272 -22.97 75.24 -56.22
N LYS B 273 -22.91 76.08 -55.19
CA LYS B 273 -23.61 75.79 -53.95
C LYS B 273 -25.10 76.05 -54.02
N SER B 274 -25.62 76.61 -55.12
CA SER B 274 -27.07 76.72 -55.26
C SER B 274 -27.70 75.39 -55.65
N ARG B 275 -26.94 74.49 -56.27
CA ARG B 275 -27.43 73.17 -56.64
C ARG B 275 -27.66 72.25 -55.45
N ILE B 276 -27.30 72.67 -54.23
CA ILE B 276 -27.48 71.82 -53.07
C ILE B 276 -28.96 71.62 -52.81
N GLY B 277 -29.34 70.39 -52.46
CA GLY B 277 -30.73 70.10 -52.15
C GLY B 277 -30.92 68.60 -52.03
N ASP B 278 -32.19 68.21 -51.97
CA ASP B 278 -32.53 66.79 -51.82
C ASP B 278 -32.31 66.02 -53.10
N THR B 279 -32.47 66.68 -54.25
CA THR B 279 -32.36 65.98 -55.53
C THR B 279 -30.94 65.47 -55.76
N LEU B 280 -29.94 66.32 -55.56
CA LEU B 280 -28.57 65.90 -55.80
C LEU B 280 -28.15 64.79 -54.86
N GLN B 281 -28.55 64.89 -53.59
CA GLN B 281 -28.24 63.84 -52.62
C GLN B 281 -28.86 62.51 -53.05
N LYS B 282 -30.14 62.55 -53.43
CA LYS B 282 -30.82 61.32 -53.84
C LYS B 282 -30.21 60.74 -55.11
N HIS B 283 -29.82 61.60 -56.04
CA HIS B 283 -29.21 61.11 -57.28
C HIS B 283 -27.87 60.43 -56.99
N ILE B 284 -27.04 61.03 -56.14
CA ILE B 284 -25.75 60.43 -55.82
C ILE B 284 -25.95 59.11 -55.08
N GLU B 285 -26.92 59.08 -54.15
CA GLU B 285 -27.22 57.85 -53.43
C GLU B 285 -27.69 56.76 -54.39
N SER B 286 -28.50 57.14 -55.38
CA SER B 286 -28.95 56.16 -56.36
C SER B 286 -27.80 55.62 -57.19
N VAL B 287 -26.86 56.49 -57.56
CA VAL B 287 -25.68 56.05 -58.32
C VAL B 287 -24.86 55.08 -57.48
N ILE B 288 -24.66 55.41 -56.20
CA ILE B 288 -23.86 54.54 -55.34
C ILE B 288 -24.56 53.19 -55.18
N ARG B 289 -25.87 53.20 -54.97
CA ARG B 289 -26.62 51.96 -54.84
C ARG B 289 -26.50 51.11 -56.10
N SER B 290 -26.61 51.74 -57.27
CA SER B 290 -26.52 51.02 -58.52
C SER B 290 -25.13 50.40 -58.71
N TYR B 291 -24.09 51.17 -58.41
CA TYR B 291 -22.72 50.66 -58.49
C TYR B 291 -22.51 49.49 -57.54
N LEU B 292 -22.99 49.60 -56.30
CA LEU B 292 -22.76 48.51 -55.36
C LEU B 292 -23.55 47.26 -55.76
N ASN B 293 -24.80 47.43 -56.18
CA ASN B 293 -25.63 46.28 -56.51
C ASN B 293 -25.23 45.63 -57.82
N ASN B 294 -24.61 46.38 -58.74
CA ASN B 294 -24.14 45.80 -59.99
C ASN B 294 -22.92 44.91 -59.82
N LEU B 295 -22.28 44.91 -58.64
CA LEU B 295 -21.13 44.04 -58.42
C LEU B 295 -21.57 42.58 -58.43
N LYS B 296 -20.82 41.76 -59.16
CA LYS B 296 -21.08 40.34 -59.28
C LYS B 296 -20.33 39.59 -58.18
N THR B 297 -20.46 38.28 -58.18
CA THR B 297 -19.68 37.45 -57.27
C THR B 297 -18.19 37.52 -57.62
N SER B 298 -17.35 37.50 -56.59
CA SER B 298 -15.89 37.56 -56.73
C SER B 298 -15.42 38.90 -57.31
N ASP B 299 -16.20 39.95 -57.12
CA ASP B 299 -15.84 41.31 -57.53
C ASP B 299 -15.36 42.10 -56.32
N ASP B 300 -14.10 42.53 -56.35
CA ASP B 300 -13.51 43.21 -55.21
C ASP B 300 -13.86 44.70 -55.26
N LEU B 301 -14.32 45.24 -54.13
CA LEU B 301 -14.59 46.67 -54.08
C LEU B 301 -13.28 47.44 -54.08
N ILE B 302 -13.19 48.43 -54.96
CA ILE B 302 -12.04 49.32 -55.05
C ILE B 302 -12.56 50.73 -54.79
N ILE B 303 -11.94 51.41 -53.83
CA ILE B 303 -12.44 52.72 -53.43
C ILE B 303 -12.26 53.74 -54.54
N THR B 304 -11.15 53.65 -55.29
CA THR B 304 -10.92 54.61 -56.37
C THR B 304 -11.92 54.44 -57.50
N ASP B 305 -12.36 53.21 -57.76
CA ASP B 305 -13.37 53.00 -58.78
C ASP B 305 -14.67 53.68 -58.39
N LEU B 306 -15.05 53.55 -57.11
CA LEU B 306 -16.23 54.26 -56.61
C LEU B 306 -16.03 55.77 -56.67
N ILE B 307 -14.81 56.24 -56.40
CA ILE B 307 -14.54 57.68 -56.45
C ILE B 307 -14.78 58.20 -57.87
N GLN B 308 -14.22 57.51 -58.88
CA GLN B 308 -14.41 57.98 -60.24
C GLN B 308 -15.86 57.85 -60.68
N ALA B 309 -16.56 56.81 -60.20
CA ALA B 309 -17.98 56.67 -60.53
C ALA B 309 -18.79 57.83 -59.96
N ILE B 310 -18.46 58.27 -58.73
CA ILE B 310 -19.18 59.39 -58.16
C ILE B 310 -18.80 60.68 -58.88
N MET B 311 -17.52 60.87 -59.18
CA MET B 311 -17.06 62.13 -59.74
C MET B 311 -17.50 62.30 -61.20
N ASN B 312 -17.69 61.19 -61.92
CA ASN B 312 -18.11 61.29 -63.32
C ASN B 312 -19.57 61.70 -63.46
N ILE B 313 -20.33 61.79 -62.36
CA ILE B 313 -21.68 62.35 -62.45
C ILE B 313 -21.61 63.76 -63.02
N ASP B 314 -20.76 64.61 -62.44
CA ASP B 314 -20.49 65.93 -62.97
C ASP B 314 -19.14 66.37 -62.44
N ASP B 315 -18.11 66.31 -63.27
CA ASP B 315 -16.76 66.61 -62.81
C ASP B 315 -16.61 68.06 -62.39
N VAL B 316 -17.38 68.97 -62.98
CA VAL B 316 -17.27 70.38 -62.66
C VAL B 316 -18.06 70.70 -61.39
N LEU B 317 -19.33 70.28 -61.34
CA LEU B 317 -20.19 70.59 -60.21
C LEU B 317 -19.67 69.99 -58.93
N ILE B 318 -19.24 68.73 -58.99
CA ILE B 318 -18.70 68.05 -57.83
C ILE B 318 -17.24 68.47 -57.68
N TYR B 319 -16.86 68.90 -56.47
CA TYR B 319 -15.53 69.45 -56.22
C TYR B 319 -14.60 68.44 -55.56
N ASP B 320 -15.04 67.79 -54.48
CA ASP B 320 -14.24 66.78 -53.80
C ASP B 320 -15.19 65.82 -53.09
N VAL B 321 -14.68 64.62 -52.82
CA VAL B 321 -15.45 63.55 -52.18
C VAL B 321 -14.60 62.95 -51.07
N SER B 322 -15.24 62.61 -49.95
CA SER B 322 -14.58 61.95 -48.83
C SER B 322 -15.56 60.98 -48.16
N PHE B 323 -15.05 59.82 -47.78
CA PHE B 323 -15.85 58.75 -47.20
C PHE B 323 -15.62 58.71 -45.70
N ASP B 324 -16.71 58.64 -44.93
CA ASP B 324 -16.64 58.67 -43.47
C ASP B 324 -16.65 57.29 -42.83
N ASN B 325 -16.76 56.22 -43.63
CA ASN B 325 -16.79 54.85 -43.10
C ASN B 325 -15.92 53.87 -43.88
N LEU B 326 -15.31 54.28 -44.98
CA LEU B 326 -14.45 53.40 -45.78
C LEU B 326 -13.06 54.02 -45.90
N ASP B 327 -12.05 53.17 -45.77
CA ASP B 327 -10.66 53.60 -45.86
C ASP B 327 -9.79 52.67 -46.70
N GLU B 328 -10.20 51.42 -46.92
CA GLU B 328 -9.37 50.47 -47.65
C GLU B 328 -10.26 49.59 -48.50
N ASN B 329 -9.67 49.02 -49.56
CA ASN B 329 -10.40 48.14 -50.45
C ASN B 329 -10.80 46.86 -49.73
N ILE B 330 -11.93 46.30 -50.16
CA ILE B 330 -12.50 45.08 -49.59
C ILE B 330 -12.28 43.97 -50.59
N ILE B 331 -11.67 42.87 -50.13
CA ILE B 331 -11.44 41.69 -50.95
C ILE B 331 -12.62 40.75 -50.77
N VAL B 332 -13.24 40.37 -51.88
CA VAL B 332 -14.36 39.44 -51.90
C VAL B 332 -13.83 38.07 -52.32
N PRO B 333 -14.12 36.99 -51.59
CA PRO B 333 -13.67 35.66 -52.06
C PRO B 333 -14.52 35.19 -53.23
N PRO B 334 -14.17 34.04 -53.84
CA PRO B 334 -15.00 33.53 -54.94
C PRO B 334 -16.45 33.30 -54.56
N GLN B 335 -16.73 32.92 -53.32
CA GLN B 335 -18.07 32.56 -52.89
C GLN B 335 -18.79 33.71 -52.19
N GLY B 336 -18.21 34.92 -52.21
CA GLY B 336 -18.79 36.09 -51.59
C GLY B 336 -19.34 37.07 -52.60
N ILE B 337 -19.98 38.11 -52.08
CA ILE B 337 -20.53 39.17 -52.91
C ILE B 337 -20.78 40.37 -52.02
N ILE B 338 -20.70 41.57 -52.59
CA ILE B 338 -21.00 42.81 -51.89
C ILE B 338 -22.36 43.30 -52.37
N ARG B 339 -23.17 43.79 -51.43
CA ARG B 339 -24.44 44.42 -51.71
C ARG B 339 -24.59 45.67 -50.86
N ALA B 340 -25.32 46.66 -51.39
CA ALA B 340 -25.47 47.93 -50.70
C ALA B 340 -26.24 47.77 -49.40
N GLY B 341 -25.76 48.46 -48.35
CA GLY B 341 -26.48 48.55 -47.09
C GLY B 341 -27.20 49.88 -46.97
N GLU B 342 -26.84 50.68 -45.97
CA GLU B 342 -27.40 52.01 -45.80
C GLU B 342 -26.49 53.02 -46.48
N ILE B 343 -27.03 53.75 -47.46
CA ILE B 343 -26.27 54.75 -48.21
C ILE B 343 -26.72 56.13 -47.76
N LYS B 344 -25.75 56.96 -47.38
CA LYS B 344 -25.98 58.32 -46.91
C LYS B 344 -24.96 59.23 -47.56
N VAL B 345 -25.38 60.45 -47.87
CA VAL B 345 -24.53 61.45 -48.49
C VAL B 345 -24.79 62.78 -47.79
N GLU B 346 -23.72 63.52 -47.51
CA GLU B 346 -23.79 64.85 -46.93
C GLU B 346 -23.25 65.87 -47.92
N LEU B 347 -24.06 66.89 -48.23
CA LEU B 347 -23.70 67.94 -49.17
C LEU B 347 -23.11 69.12 -48.43
N LYS B 348 -21.97 69.62 -48.93
CA LYS B 348 -21.31 70.78 -48.33
C LYS B 348 -21.12 71.92 -49.34
N LYS C 2 -42.87 43.77 -91.90
CA LYS C 2 -42.29 42.46 -92.20
C LYS C 2 -42.23 42.23 -93.70
N THR C 3 -43.36 42.46 -94.37
CA THR C 3 -43.46 42.29 -95.82
C THR C 3 -44.27 43.42 -96.41
N ARG C 4 -43.94 43.79 -97.64
CA ARG C 4 -44.77 44.71 -98.39
C ARG C 4 -46.01 44.00 -98.91
N LYS C 5 -46.93 44.77 -99.49
CA LYS C 5 -48.14 44.21 -100.10
C LYS C 5 -48.37 44.87 -101.46
N LEU C 6 -49.41 44.40 -102.14
CA LEU C 6 -49.66 44.80 -103.52
C LEU C 6 -49.86 46.31 -103.66
N THR C 7 -50.75 46.88 -102.84
CA THR C 7 -51.01 48.32 -102.94
C THR C 7 -49.75 49.12 -102.63
N ASN C 8 -49.01 48.72 -101.60
CA ASN C 8 -47.81 49.46 -101.24
C ASN C 8 -46.76 49.38 -102.34
N ILE C 9 -46.56 48.18 -102.90
CA ILE C 9 -45.59 48.00 -103.98
C ILE C 9 -45.99 48.85 -105.18
N LEU C 10 -47.28 48.83 -105.54
CA LEU C 10 -47.72 49.61 -106.69
C LEU C 10 -47.52 51.10 -106.43
N SER C 11 -47.84 51.57 -105.21
CA SER C 11 -47.66 52.99 -104.91
C SER C 11 -46.20 53.39 -104.98
N LYS C 12 -45.31 52.55 -104.45
CA LYS C 12 -43.89 52.87 -104.47
C LYS C 12 -43.33 52.83 -105.89
N LEU C 13 -43.79 51.87 -106.69
CA LEU C 13 -43.38 51.84 -108.10
C LEU C 13 -43.81 53.11 -108.81
N ILE C 14 -45.05 53.55 -108.60
CA ILE C 14 -45.52 54.77 -109.25
C ILE C 14 -44.70 55.96 -108.79
N ASP C 15 -44.45 56.07 -107.48
CA ASP C 15 -43.70 57.20 -106.96
C ASP C 15 -42.28 57.22 -107.51
N LYS C 16 -41.64 56.06 -107.62
CA LYS C 16 -40.29 56.01 -108.14
C LYS C 16 -40.27 56.34 -109.63
N THR C 17 -41.29 55.90 -110.36
CA THR C 17 -41.38 56.24 -111.79
C THR C 17 -41.55 57.74 -111.97
N MET C 18 -42.43 58.36 -111.18
CA MET C 18 -42.61 59.81 -111.26
C MET C 18 -41.32 60.53 -110.93
N ALA C 19 -40.63 60.08 -109.88
CA ALA C 19 -39.36 60.71 -109.50
C ALA C 19 -38.34 60.61 -110.62
N GLY C 20 -38.24 59.44 -111.25
CA GLY C 20 -37.24 59.24 -112.28
C GLY C 20 -37.45 60.11 -113.51
N THR C 21 -38.70 60.31 -113.91
CA THR C 21 -38.99 61.15 -115.06
C THR C 21 -40.37 61.78 -114.93
N SER C 22 -40.55 62.93 -115.57
CA SER C 22 -41.86 63.55 -115.67
C SER C 22 -42.55 63.29 -117.00
N LYS C 23 -41.95 62.48 -117.87
CA LYS C 23 -42.53 62.20 -119.19
C LYS C 23 -43.81 61.38 -119.11
N ILE C 24 -44.05 60.69 -117.99
CA ILE C 24 -45.26 59.91 -117.77
C ILE C 24 -45.99 60.52 -116.59
N THR C 25 -47.28 60.79 -116.77
CA THR C 25 -48.13 61.30 -115.70
C THR C 25 -49.48 60.59 -115.61
N ASP C 26 -49.83 59.75 -116.58
CA ASP C 26 -51.11 59.04 -116.59
C ASP C 26 -50.93 57.69 -115.89
N PHE C 27 -51.43 57.59 -114.66
CA PHE C 27 -51.41 56.35 -113.89
C PHE C 27 -52.83 55.89 -113.57
N THR C 28 -53.76 56.12 -114.48
CA THR C 28 -55.15 55.74 -114.26
C THR C 28 -55.33 54.25 -114.55
N PRO C 29 -56.49 53.68 -114.20
CA PRO C 29 -56.76 52.29 -114.57
C PRO C 29 -56.79 52.11 -116.07
N GLY C 30 -56.28 50.96 -116.52
CA GLY C 30 -56.19 50.66 -117.93
C GLY C 30 -54.93 51.12 -118.63
N SER C 31 -54.11 51.94 -117.95
CA SER C 31 -52.89 52.43 -118.58
C SER C 31 -51.90 51.29 -118.72
N ALA C 32 -51.13 51.33 -119.81
CA ALA C 32 -50.18 50.26 -120.06
C ALA C 32 -49.09 50.23 -118.99
N SER C 33 -48.56 51.41 -118.63
CA SER C 33 -47.53 51.48 -117.59
C SER C 33 -48.08 50.98 -116.26
N ARG C 34 -49.29 51.41 -115.89
CA ARG C 34 -49.85 50.98 -114.62
C ARG C 34 -50.14 49.49 -114.64
N SER C 35 -50.57 48.96 -115.78
CA SER C 35 -50.78 47.52 -115.88
C SER C 35 -49.49 46.75 -115.71
N LEU C 36 -48.40 47.22 -116.34
CA LEU C 36 -47.11 46.58 -116.16
C LEU C 36 -46.68 46.59 -114.69
N LEU C 37 -46.77 47.76 -114.04
CA LEU C 37 -46.36 47.86 -112.64
C LEU C 37 -47.23 46.97 -111.75
N GLU C 38 -48.52 46.87 -112.07
CA GLU C 38 -49.42 46.02 -111.30
C GLU C 38 -49.05 44.55 -111.46
N ALA C 39 -48.69 44.13 -112.67
CA ALA C 39 -48.24 42.75 -112.87
C ALA C 39 -46.97 42.46 -112.09
N VAL C 40 -46.01 43.39 -112.12
CA VAL C 40 -44.79 43.22 -111.34
C VAL C 40 -45.13 43.13 -109.86
N SER C 41 -46.02 44.00 -109.38
CA SER C 41 -46.38 44.01 -107.97
C SER C 41 -47.06 42.71 -107.56
N LEU C 42 -47.91 42.16 -108.42
CA LEU C 42 -48.54 40.88 -108.14
C LEU C 42 -47.51 39.76 -108.07
N GLU C 43 -46.56 39.74 -109.01
CA GLU C 43 -45.51 38.72 -108.97
C GLU C 43 -44.70 38.82 -107.69
N ILE C 44 -44.37 40.05 -107.28
CA ILE C 44 -43.55 40.23 -106.07
C ILE C 44 -44.35 39.81 -104.84
N GLU C 45 -45.64 40.12 -104.79
CA GLU C 45 -46.46 39.68 -103.66
C GLU C 45 -46.53 38.16 -103.60
N GLN C 46 -46.63 37.51 -104.76
CA GLN C 46 -46.62 36.06 -104.78
C GLN C 46 -45.29 35.51 -104.28
N PHE C 47 -44.18 36.16 -104.65
CA PHE C 47 -42.89 35.73 -104.13
C PHE C 47 -42.80 35.93 -102.62
N TYR C 48 -43.40 37.01 -102.11
CA TYR C 48 -43.43 37.23 -100.67
C TYR C 48 -44.20 36.12 -99.97
N ILE C 49 -45.33 35.70 -100.54
CA ILE C 49 -46.08 34.60 -99.95
C ILE C 49 -45.26 33.32 -100.00
N LEU C 50 -44.53 33.10 -101.09
CA LEU C 50 -43.67 31.93 -101.20
C LEU C 50 -42.63 31.92 -100.08
N THR C 51 -41.99 33.06 -99.85
CA THR C 51 -41.00 33.16 -98.78
C THR C 51 -41.63 32.92 -97.42
N LYS C 52 -42.85 33.44 -97.21
CA LYS C 52 -43.54 33.22 -95.95
C LYS C 52 -43.82 31.74 -95.73
N GLU C 53 -44.25 31.04 -96.78
CA GLU C 53 -44.50 29.61 -96.67
C GLU C 53 -43.22 28.85 -96.34
N ASN C 54 -42.13 29.17 -97.05
CA ASN C 54 -40.86 28.48 -96.79
C ASN C 54 -40.37 28.72 -95.37
N ILE C 55 -40.49 29.96 -94.88
CA ILE C 55 -40.01 30.26 -93.53
C ILE C 55 -40.90 29.58 -92.49
N ASP C 56 -42.21 29.54 -92.74
CA ASP C 56 -43.10 28.85 -91.80
C ASP C 56 -42.78 27.37 -91.73
N TRP C 57 -42.46 26.75 -92.87
CA TRP C 57 -42.01 25.35 -92.86
C TRP C 57 -40.70 25.21 -92.10
N GLY C 58 -39.78 26.15 -92.31
CA GLY C 58 -38.47 26.06 -91.70
C GLY C 58 -38.49 26.23 -90.20
N ILE C 59 -39.40 27.07 -89.70
CA ILE C 59 -39.49 27.31 -88.26
C ILE C 59 -39.80 26.01 -87.53
N GLN C 60 -40.68 25.19 -88.10
CA GLN C 60 -41.21 24.02 -87.42
C GLN C 60 -40.64 22.69 -87.91
N GLU C 61 -39.76 22.71 -88.94
CA GLU C 61 -39.11 21.49 -89.39
C GLU C 61 -37.61 21.61 -89.66
N GLY C 62 -37.04 22.80 -89.74
CA GLY C 62 -35.68 22.92 -90.25
C GLY C 62 -34.64 22.31 -89.33
N ILE C 63 -34.74 22.56 -88.02
CA ILE C 63 -33.73 22.09 -87.09
C ILE C 63 -33.85 20.59 -86.88
N ILE C 64 -35.08 20.12 -86.58
CA ILE C 64 -35.26 18.72 -86.22
C ILE C 64 -34.91 17.83 -87.41
N GLU C 65 -35.19 18.30 -88.64
CA GLU C 65 -34.95 17.51 -89.84
C GLU C 65 -33.47 17.11 -89.96
N ALA C 66 -32.57 17.90 -89.36
CA ALA C 66 -31.16 17.57 -89.40
C ALA C 66 -30.82 16.32 -88.60
N PHE C 67 -31.65 15.93 -87.63
CA PHE C 67 -31.40 14.76 -86.80
C PHE C 67 -32.13 13.52 -87.31
N ASP C 68 -32.34 13.42 -88.62
CA ASP C 68 -32.91 12.22 -89.24
C ASP C 68 -34.32 11.92 -88.74
N PHE C 69 -35.08 12.96 -88.39
CA PHE C 69 -36.45 12.84 -87.92
C PHE C 69 -37.42 13.39 -88.97
N GLN C 70 -38.30 12.52 -89.48
CA GLN C 70 -39.20 12.86 -90.57
C GLN C 70 -40.62 13.00 -90.03
N LYS C 71 -41.24 14.16 -90.29
CA LYS C 71 -42.62 14.36 -89.91
C LYS C 71 -43.54 13.66 -90.91
N ARG C 72 -44.52 12.91 -90.39
CA ARG C 72 -45.37 12.09 -91.24
C ARG C 72 -46.46 12.96 -91.86
N GLN C 73 -46.37 13.18 -93.16
CA GLN C 73 -47.38 13.95 -93.89
C GLN C 73 -48.55 13.06 -94.26
N SER C 74 -49.74 13.65 -94.29
CA SER C 74 -50.92 12.92 -94.74
C SER C 74 -50.82 12.67 -96.23
N LYS C 75 -51.09 11.43 -96.63
CA LYS C 75 -50.90 10.97 -98.00
C LYS C 75 -52.11 10.18 -98.48
N ARG C 76 -52.32 10.21 -99.79
CA ARG C 76 -53.33 9.36 -100.43
C ARG C 76 -52.74 7.99 -100.72
N ALA C 77 -53.46 6.96 -100.28
CA ALA C 77 -53.03 5.59 -100.56
C ALA C 77 -52.98 5.37 -102.08
N TYR C 78 -51.90 4.74 -102.53
CA TYR C 78 -51.67 4.46 -103.93
C TYR C 78 -50.89 3.16 -104.10
N GLY C 79 -51.04 2.56 -105.27
CA GLY C 79 -50.38 1.31 -105.59
C GLY C 79 -50.80 0.82 -106.95
N ASP C 80 -50.18 -0.28 -107.35
CA ASP C 80 -50.35 -0.81 -108.70
C ASP C 80 -51.52 -1.78 -108.75
N VAL C 81 -52.21 -1.79 -109.90
CA VAL C 81 -53.29 -2.72 -110.18
C VAL C 81 -53.04 -3.35 -111.54
N THR C 82 -53.53 -4.58 -111.72
CA THR C 82 -53.35 -5.32 -112.96
C THR C 82 -54.68 -5.40 -113.69
N ILE C 83 -54.66 -5.12 -114.99
CA ILE C 83 -55.80 -5.26 -115.88
C ILE C 83 -55.43 -6.31 -116.91
N GLN C 84 -56.27 -7.32 -117.05
CA GLN C 84 -56.07 -8.42 -118.00
C GLN C 84 -57.09 -8.33 -119.13
N PHE C 85 -56.64 -8.62 -120.35
CA PHE C 85 -57.47 -8.59 -121.54
C PHE C 85 -57.73 -10.01 -122.03
N TYR C 86 -58.89 -10.21 -122.65
CA TYR C 86 -59.23 -11.53 -123.16
C TYR C 86 -58.26 -12.01 -124.23
N GLN C 87 -57.70 -11.08 -124.99
CA GLN C 87 -56.81 -11.40 -126.11
C GLN C 87 -55.88 -10.22 -126.30
N PRO C 88 -54.78 -10.41 -127.06
CA PRO C 88 -53.97 -9.24 -127.45
C PRO C 88 -54.79 -8.17 -128.15
N LEU C 89 -54.49 -6.92 -127.80
CA LEU C 89 -55.31 -5.79 -128.22
C LEU C 89 -55.25 -5.61 -129.73
N ASP C 90 -56.43 -5.47 -130.34
CA ASP C 90 -56.50 -5.27 -131.78
C ASP C 90 -56.15 -3.85 -132.18
N MET C 91 -56.16 -2.91 -131.22
CA MET C 91 -55.82 -1.53 -131.50
C MET C 91 -55.31 -0.89 -130.21
N ARG C 92 -54.72 0.29 -130.38
CA ARG C 92 -54.19 1.07 -129.26
C ARG C 92 -55.34 1.54 -128.37
N MET C 93 -55.38 1.05 -127.13
CA MET C 93 -56.41 1.43 -126.18
C MET C 93 -55.92 2.60 -125.34
N TYR C 94 -56.87 3.46 -124.94
CA TYR C 94 -56.58 4.69 -124.23
C TYR C 94 -57.43 4.73 -122.97
N ILE C 95 -56.79 4.95 -121.83
CA ILE C 95 -57.44 5.10 -120.54
C ILE C 95 -57.19 6.54 -120.08
N PRO C 96 -58.19 7.43 -120.08
CA PRO C 96 -57.93 8.81 -119.70
C PRO C 96 -57.69 8.96 -118.20
N ALA C 97 -57.06 10.07 -117.84
CA ALA C 97 -56.85 10.39 -116.43
C ALA C 97 -58.17 10.58 -115.73
N GLY C 98 -58.23 10.12 -114.48
CA GLY C 98 -59.46 10.14 -113.72
C GLY C 98 -60.32 8.91 -113.89
N THR C 99 -59.86 7.92 -114.66
CA THR C 99 -60.61 6.68 -114.79
C THR C 99 -60.73 6.00 -113.43
N THR C 100 -61.94 5.62 -113.07
CA THR C 100 -62.22 5.21 -111.70
C THR C 100 -62.13 3.69 -111.55
N PHE C 101 -61.62 3.26 -110.41
CA PHE C 101 -61.57 1.85 -110.02
C PHE C 101 -62.21 1.72 -108.63
N THR C 102 -63.04 0.69 -108.47
CA THR C 102 -63.82 0.47 -107.26
C THR C 102 -63.81 -1.01 -106.91
N SER C 103 -64.37 -1.32 -105.73
CA SER C 103 -64.45 -2.68 -105.21
C SER C 103 -65.89 -3.03 -104.89
N THR C 104 -66.26 -4.27 -105.19
CA THR C 104 -67.62 -4.76 -105.00
C THR C 104 -67.80 -5.38 -103.60
N ARG C 105 -67.64 -4.53 -102.60
CA ARG C 105 -67.85 -4.92 -101.22
C ARG C 105 -68.32 -3.72 -100.42
N GLN C 106 -69.11 -3.98 -99.39
CA GLN C 106 -69.46 -2.96 -98.41
C GLN C 106 -68.30 -2.63 -97.48
N GLU C 107 -67.33 -3.54 -97.33
CA GLU C 107 -66.21 -3.28 -96.45
C GLU C 107 -65.34 -2.15 -96.96
N TYR C 108 -65.22 -2.02 -98.28
CA TYR C 108 -64.30 -1.07 -98.92
C TYR C 108 -65.08 -0.27 -99.96
N PRO C 109 -65.80 0.78 -99.54
CA PRO C 109 -66.34 1.75 -100.50
C PRO C 109 -65.34 2.79 -100.99
N GLN C 110 -64.05 2.62 -100.75
CA GLN C 110 -63.08 3.60 -101.23
C GLN C 110 -62.99 3.54 -102.75
N GLN C 111 -62.87 4.71 -103.37
CA GLN C 111 -62.74 4.86 -104.81
C GLN C 111 -61.32 5.28 -105.15
N PHE C 112 -60.76 4.64 -106.18
CA PHE C 112 -59.42 4.90 -106.67
C PHE C 112 -59.52 5.40 -108.11
N GLU C 113 -58.53 6.21 -108.50
CA GLU C 113 -58.51 6.78 -109.84
C GLU C 113 -57.07 6.98 -110.30
N THR C 114 -56.87 6.93 -111.62
CA THR C 114 -55.56 7.21 -112.20
C THR C 114 -55.39 8.72 -112.39
N LEU C 115 -54.21 9.21 -112.01
CA LEU C 115 -53.89 10.63 -112.11
C LEU C 115 -53.15 11.00 -113.40
N VAL C 116 -52.90 10.03 -114.28
CA VAL C 116 -52.19 10.28 -115.53
C VAL C 116 -52.81 9.42 -116.62
N ASP C 117 -52.62 9.85 -117.86
CA ASP C 117 -53.08 9.05 -118.99
C ASP C 117 -52.19 7.82 -119.17
N TYR C 118 -52.78 6.75 -119.70
CA TYR C 118 -52.08 5.50 -119.97
C TYR C 118 -52.44 5.00 -121.35
N TYR C 119 -51.53 4.23 -121.95
CA TYR C 119 -51.71 3.64 -123.27
C TYR C 119 -51.28 2.18 -123.26
N ALA C 120 -52.08 1.32 -123.87
CA ALA C 120 -51.77 -0.11 -123.93
C ALA C 120 -51.52 -0.43 -125.40
N GLU C 121 -50.33 -0.95 -125.70
CA GLU C 121 -49.96 -1.18 -127.09
C GLU C 121 -50.78 -2.33 -127.68
N PRO C 122 -50.85 -2.44 -129.02
CA PRO C 122 -51.61 -3.56 -129.60
C PRO C 122 -51.06 -4.91 -129.22
N ASP C 123 -49.73 -5.01 -129.08
CA ASP C 123 -49.09 -6.28 -128.78
C ASP C 123 -49.35 -6.74 -127.35
N SER C 124 -49.70 -5.81 -126.46
CA SER C 124 -49.84 -6.16 -125.06
C SER C 124 -51.10 -6.99 -124.82
N THR C 125 -51.07 -7.78 -123.75
CA THR C 125 -52.22 -8.56 -123.30
C THR C 125 -52.66 -8.23 -121.88
N GLU C 126 -51.83 -7.54 -121.10
CA GLU C 126 -52.19 -7.11 -119.75
C GLU C 126 -51.24 -5.99 -119.38
N ILE C 127 -51.78 -4.90 -118.85
CA ILE C 127 -51.01 -3.71 -118.53
C ILE C 127 -51.31 -3.32 -117.09
N VAL C 128 -50.27 -2.88 -116.39
CA VAL C 128 -50.35 -2.43 -115.01
C VAL C 128 -50.39 -0.91 -115.00
N VAL C 129 -51.22 -0.34 -114.14
CA VAL C 129 -51.34 1.10 -113.97
C VAL C 129 -51.35 1.43 -112.48
N GLU C 130 -51.11 2.70 -112.18
CA GLU C 130 -51.07 3.20 -110.82
C GLU C 130 -52.35 4.00 -110.54
N VAL C 131 -52.97 3.72 -109.40
CA VAL C 131 -54.22 4.36 -108.98
C VAL C 131 -54.02 4.99 -107.61
N TYR C 132 -54.67 6.12 -107.39
CA TYR C 132 -54.58 6.87 -106.13
C TYR C 132 -55.94 6.94 -105.44
N CYS C 133 -55.95 6.73 -104.13
CA CYS C 133 -57.20 6.80 -103.38
C CYS C 133 -57.70 8.24 -103.33
N LYS C 134 -59.00 8.41 -103.55
CA LYS C 134 -59.58 9.75 -103.58
C LYS C 134 -59.65 10.42 -102.21
N GLU C 135 -59.34 9.71 -101.12
CA GLU C 135 -59.40 10.28 -99.79
C GLU C 135 -58.08 10.06 -99.05
N THR C 136 -57.62 11.11 -98.37
CA THR C 136 -56.42 10.99 -97.56
C THR C 136 -56.72 10.24 -96.27
N GLY C 137 -55.71 9.58 -95.74
CA GLY C 137 -55.81 8.80 -94.52
C GLY C 137 -55.56 7.33 -94.77
N VAL C 138 -55.67 6.57 -93.67
CA VAL C 138 -55.46 5.12 -93.72
C VAL C 138 -56.64 4.38 -94.30
N ALA C 139 -57.76 5.06 -94.58
CA ALA C 139 -58.92 4.39 -95.14
C ALA C 139 -58.63 3.82 -96.51
N GLY C 140 -57.70 4.41 -97.24
CA GLY C 140 -57.30 3.88 -98.53
C GLY C 140 -56.38 2.68 -98.51
N ASN C 141 -55.96 2.24 -97.32
CA ASN C 141 -55.04 1.10 -97.20
C ASN C 141 -55.85 -0.20 -97.30
N VAL C 142 -56.36 -0.44 -98.51
CA VAL C 142 -57.17 -1.62 -98.78
C VAL C 142 -56.25 -2.84 -98.81
N PRO C 143 -56.71 -4.02 -98.44
CA PRO C 143 -55.88 -5.23 -98.55
C PRO C 143 -55.80 -5.75 -99.97
N GLU C 144 -55.00 -6.79 -100.15
CA GLU C 144 -54.81 -7.41 -101.46
C GLU C 144 -56.10 -8.04 -101.95
N GLY C 145 -56.36 -7.89 -103.25
CA GLY C 145 -57.55 -8.46 -103.84
C GLY C 145 -58.81 -7.68 -103.56
N THR C 146 -58.68 -6.39 -103.25
CA THR C 146 -59.83 -5.53 -103.00
C THR C 146 -60.30 -4.88 -104.29
N ILE C 147 -59.43 -4.08 -104.91
CA ILE C 147 -59.79 -3.39 -106.15
C ILE C 147 -59.98 -4.45 -107.22
N ASN C 148 -61.22 -4.59 -107.71
CA ASN C 148 -61.54 -5.60 -108.71
C ASN C 148 -62.58 -5.13 -109.73
N THR C 149 -62.72 -3.82 -109.94
CA THR C 149 -63.71 -3.31 -110.87
C THR C 149 -63.20 -2.01 -111.46
N ILE C 150 -63.61 -1.76 -112.71
CA ILE C 150 -63.38 -0.48 -113.38
C ILE C 150 -64.73 0.05 -113.82
N ALA C 151 -65.00 1.33 -113.53
CA ALA C 151 -66.30 1.91 -113.81
C ALA C 151 -66.46 2.43 -115.23
N SER C 152 -65.37 2.54 -116.00
CA SER C 152 -65.43 3.03 -117.38
C SER C 152 -64.59 2.19 -118.34
N GLY C 153 -64.31 0.95 -118.00
CA GLY C 153 -63.45 0.12 -118.83
C GLY C 153 -64.20 -0.57 -119.94
N SER C 154 -63.45 -0.93 -120.98
CA SER C 154 -64.03 -1.61 -122.12
C SER C 154 -64.30 -3.08 -121.79
N SER C 155 -65.18 -3.70 -122.59
CA SER C 155 -65.54 -5.09 -122.34
C SER C 155 -64.41 -6.07 -122.63
N LEU C 156 -63.30 -5.63 -123.23
CA LEU C 156 -62.19 -6.54 -123.49
C LEU C 156 -61.47 -6.98 -122.23
N ILE C 157 -61.73 -6.33 -121.09
CA ILE C 157 -61.03 -6.67 -119.86
C ILE C 157 -61.56 -8.01 -119.36
N ARG C 158 -60.64 -8.92 -119.03
CA ARG C 158 -61.03 -10.18 -118.41
C ARG C 158 -61.22 -10.01 -116.91
N SER C 159 -60.29 -9.34 -116.24
CA SER C 159 -60.37 -9.16 -114.79
C SER C 159 -59.48 -8.00 -114.38
N VAL C 160 -59.79 -7.45 -113.22
CA VAL C 160 -59.01 -6.39 -112.58
C VAL C 160 -58.64 -6.90 -111.18
N ASN C 161 -57.44 -6.54 -110.75
CA ASN C 161 -56.94 -7.02 -109.47
C ASN C 161 -55.79 -6.15 -108.99
N ASN C 162 -55.73 -5.92 -107.68
CA ASN C 162 -54.58 -5.28 -107.04
C ASN C 162 -53.69 -6.40 -106.50
N GLU C 163 -52.44 -6.44 -106.98
CA GLU C 163 -51.56 -7.55 -106.65
C GLU C 163 -51.07 -7.51 -105.21
N TYR C 164 -51.03 -6.33 -104.59
CA TYR C 164 -50.54 -6.18 -103.23
C TYR C 164 -51.44 -5.22 -102.46
N SER C 165 -51.42 -5.38 -101.13
CA SER C 165 -52.18 -4.49 -100.26
C SER C 165 -51.58 -3.10 -100.24
N PHE C 166 -52.45 -2.09 -100.08
CA PHE C 166 -52.02 -0.70 -100.07
C PHE C 166 -51.64 -0.34 -98.64
N ASN C 167 -50.48 0.31 -98.47
CA ASN C 167 -49.99 0.68 -97.15
C ASN C 167 -49.48 2.11 -97.06
N THR C 168 -49.53 2.88 -98.15
CA THR C 168 -48.94 4.21 -98.15
C THR C 168 -49.87 5.27 -97.56
N GLY C 169 -51.13 4.94 -97.33
CA GLY C 169 -52.03 5.90 -96.70
C GLY C 169 -51.57 6.18 -95.27
N THR C 170 -51.49 7.45 -94.91
CA THR C 170 -51.00 7.87 -93.61
C THR C 170 -51.79 9.07 -93.12
N LYS C 171 -51.91 9.18 -91.80
CA LYS C 171 -52.48 10.36 -91.17
C LYS C 171 -51.36 11.32 -90.77
N GLU C 172 -51.71 12.61 -90.71
CA GLU C 172 -50.72 13.65 -90.40
C GLU C 172 -50.28 13.57 -88.95
N GLU C 173 -48.96 13.59 -88.74
CA GLU C 173 -48.41 13.63 -87.40
C GLU C 173 -48.43 15.05 -86.86
N SER C 174 -48.99 15.21 -85.66
CA SER C 174 -49.13 16.53 -85.08
C SER C 174 -47.78 17.07 -84.61
N GLN C 175 -47.70 18.41 -84.54
CA GLN C 175 -46.43 19.04 -84.20
C GLN C 175 -45.98 18.69 -82.78
N GLU C 176 -46.94 18.60 -81.85
CA GLU C 176 -46.59 18.27 -80.48
C GLU C 176 -45.97 16.88 -80.37
N ASP C 177 -46.47 15.92 -81.16
CA ASP C 177 -45.89 14.58 -81.14
C ASP C 177 -44.48 14.59 -81.70
N PHE C 178 -44.23 15.39 -82.75
CA PHE C 178 -42.89 15.53 -83.30
C PHE C 178 -41.93 16.10 -82.25
N LYS C 179 -42.37 17.16 -81.57
CA LYS C 179 -41.57 17.73 -80.49
C LYS C 179 -41.32 16.73 -79.38
N ARG C 180 -42.33 15.91 -79.08
CA ARG C 180 -42.20 14.92 -78.02
C ARG C 180 -41.18 13.85 -78.38
N ARG C 181 -41.19 13.39 -79.63
CA ARG C 181 -40.17 12.44 -80.08
C ARG C 181 -38.78 13.05 -80.00
N PHE C 182 -38.63 14.30 -80.47
CA PHE C 182 -37.32 14.93 -80.45
C PHE C 182 -36.82 15.12 -79.02
N HIS C 183 -37.71 15.52 -78.11
CA HIS C 183 -37.33 15.70 -76.72
C HIS C 183 -37.01 14.38 -76.05
N SER C 184 -37.77 13.32 -76.38
CA SER C 184 -37.45 11.99 -75.85
C SER C 184 -36.07 11.55 -76.29
N PHE C 185 -35.71 11.79 -77.56
CA PHE C 185 -34.37 11.46 -78.03
C PHE C 185 -33.31 12.24 -77.27
N VAL C 186 -33.54 13.55 -77.10
CA VAL C 186 -32.58 14.39 -76.39
C VAL C 186 -32.40 13.92 -74.96
N GLU C 187 -33.50 13.58 -74.29
CA GLU C 187 -33.42 13.05 -72.93
C GLU C 187 -32.64 11.76 -72.90
N SER C 188 -32.88 10.89 -73.89
CA SER C 188 -32.17 9.62 -73.96
C SER C 188 -30.67 9.82 -74.15
N ARG C 189 -30.25 10.95 -74.74
CA ARG C 189 -28.83 11.24 -74.82
C ARG C 189 -28.19 11.48 -73.45
N GLY C 190 -28.99 11.66 -72.39
CA GLY C 190 -28.43 11.92 -71.08
C GLY C 190 -27.75 10.70 -70.50
N ARG C 191 -26.77 10.93 -69.62
CA ARG C 191 -25.98 9.86 -69.03
C ARG C 191 -25.57 10.25 -67.62
N ALA C 192 -25.16 9.23 -66.85
CA ALA C 192 -24.54 9.40 -65.52
C ALA C 192 -25.48 10.08 -64.53
N THR C 193 -26.73 9.59 -64.49
CA THR C 193 -27.74 10.07 -63.54
C THR C 193 -28.67 8.92 -63.19
N ASN C 194 -29.38 9.07 -62.06
CA ASN C 194 -30.35 8.06 -61.65
C ASN C 194 -31.43 7.88 -62.71
N LYS C 195 -31.94 8.98 -63.26
CA LYS C 195 -32.93 8.89 -64.32
C LYS C 195 -32.36 8.18 -65.55
N SER C 196 -31.15 8.55 -65.96
CA SER C 196 -30.57 7.95 -67.15
C SER C 196 -30.25 6.48 -66.93
N VAL C 197 -29.77 6.14 -65.74
CA VAL C 197 -29.49 4.73 -65.42
C VAL C 197 -30.78 3.93 -65.45
N ARG C 198 -31.84 4.46 -64.84
CA ARG C 198 -33.12 3.75 -64.84
C ARG C 198 -33.64 3.57 -66.26
N TYR C 199 -33.51 4.61 -67.09
CA TYR C 199 -33.93 4.51 -68.48
C TYR C 199 -33.15 3.41 -69.21
N GLY C 200 -31.82 3.48 -69.13
CA GLY C 200 -30.99 2.51 -69.83
C GLY C 200 -31.21 1.09 -69.35
N ALA C 201 -31.52 0.91 -68.07
CA ALA C 201 -31.91 -0.42 -67.59
C ALA C 201 -33.24 -0.83 -68.20
N LEU C 202 -34.19 0.11 -68.30
CA LEU C 202 -35.51 -0.24 -68.81
C LEU C 202 -35.53 -0.55 -70.30
N GLN C 203 -34.54 -0.06 -71.05
CA GLN C 203 -34.51 -0.39 -72.48
C GLN C 203 -34.13 -1.84 -72.73
N ILE C 204 -33.63 -2.55 -71.73
CA ILE C 204 -33.26 -3.97 -71.91
C ILE C 204 -34.55 -4.75 -72.16
N PRO C 205 -34.56 -5.80 -73.01
CA PRO C 205 -35.86 -6.39 -73.37
C PRO C 205 -36.60 -7.04 -72.21
N ASP C 206 -35.91 -7.83 -71.38
CA ASP C 206 -36.56 -8.64 -70.36
C ASP C 206 -36.75 -7.92 -69.03
N VAL C 207 -36.36 -6.66 -68.92
CA VAL C 207 -36.53 -5.91 -67.68
C VAL C 207 -37.92 -5.30 -67.66
N GLU C 208 -38.66 -5.54 -66.57
CA GLU C 208 -40.01 -5.01 -66.44
C GLU C 208 -40.10 -3.85 -65.46
N GLY C 209 -39.23 -3.81 -64.46
CA GLY C 209 -39.26 -2.75 -63.48
C GLY C 209 -37.91 -2.54 -62.85
N VAL C 210 -37.56 -1.28 -62.61
CA VAL C 210 -36.24 -0.91 -62.09
C VAL C 210 -36.45 0.10 -60.97
N TYR C 211 -35.71 -0.07 -59.88
CA TYR C 211 -35.60 0.90 -58.81
C TYR C 211 -34.13 1.16 -58.51
N VAL C 212 -33.75 2.43 -58.56
CA VAL C 212 -32.37 2.85 -58.32
C VAL C 212 -32.32 3.46 -56.93
N TYR C 213 -31.49 2.90 -56.06
CA TYR C 213 -31.25 3.44 -54.73
C TYR C 213 -29.85 4.04 -54.66
N GLU C 214 -29.77 5.30 -54.20
CA GLU C 214 -28.54 6.08 -54.24
C GLU C 214 -27.92 6.16 -52.86
N GLU C 215 -26.61 5.91 -52.79
CA GLU C 215 -25.82 6.14 -51.58
C GLU C 215 -24.53 6.84 -51.98
N THR C 216 -23.93 7.53 -51.01
CA THR C 216 -22.66 8.20 -51.26
C THR C 216 -21.57 7.22 -51.65
N GLY C 217 -21.14 7.28 -52.91
CA GLY C 217 -20.07 6.44 -53.38
C GLY C 217 -20.48 5.08 -53.88
N HIS C 218 -21.79 4.80 -53.96
CA HIS C 218 -22.27 3.50 -54.38
C HIS C 218 -23.65 3.64 -54.98
N ILE C 219 -23.94 2.82 -55.99
CA ILE C 219 -25.25 2.73 -56.61
C ILE C 219 -25.65 1.26 -56.66
N THR C 220 -26.89 0.97 -56.28
CA THR C 220 -27.42 -0.39 -56.35
C THR C 220 -28.71 -0.35 -57.16
N VAL C 221 -28.87 -1.31 -58.06
CA VAL C 221 -29.99 -1.35 -58.99
C VAL C 221 -30.79 -2.61 -58.68
N PHE C 222 -32.08 -2.44 -58.39
CA PHE C 222 -33.00 -3.54 -58.19
C PHE C 222 -33.78 -3.72 -59.48
N ALA C 223 -33.72 -4.93 -60.04
CA ALA C 223 -34.41 -5.28 -61.27
C ALA C 223 -35.11 -6.63 -61.13
N HIS C 224 -36.18 -6.79 -61.89
CA HIS C 224 -36.97 -8.01 -61.88
C HIS C 224 -37.61 -8.22 -63.24
N ASP C 225 -37.95 -9.47 -63.53
CA ASP C 225 -38.66 -9.84 -64.76
C ASP C 225 -40.16 -9.85 -64.48
N ARG C 226 -40.93 -10.46 -65.38
CA ARG C 226 -42.37 -10.56 -65.16
C ARG C 226 -42.68 -11.44 -63.95
N ASN C 227 -41.88 -12.47 -63.71
CA ASN C 227 -42.06 -13.38 -62.58
C ASN C 227 -41.45 -12.86 -61.28
N GLY C 228 -40.89 -11.64 -61.26
CA GLY C 228 -40.25 -11.15 -60.06
C GLY C 228 -38.87 -11.71 -59.80
N ASN C 229 -38.32 -12.49 -60.73
CA ASN C 229 -36.99 -13.08 -60.62
C ASN C 229 -35.98 -12.26 -61.42
N LEU C 230 -34.71 -12.47 -61.12
CA LEU C 230 -33.60 -11.84 -61.84
C LEU C 230 -32.56 -12.92 -62.16
N SER C 231 -32.59 -13.41 -63.39
CA SER C 231 -31.64 -14.44 -63.80
C SER C 231 -30.22 -13.89 -63.82
N ASP C 232 -29.25 -14.80 -63.64
CA ASP C 232 -27.85 -14.39 -63.66
C ASP C 232 -27.46 -13.83 -65.03
N THR C 233 -27.97 -14.43 -66.10
CA THR C 233 -27.70 -13.91 -67.43
C THR C 233 -28.25 -12.50 -67.58
N LEU C 234 -29.48 -12.28 -67.12
CA LEU C 234 -30.06 -10.94 -67.19
C LEU C 234 -29.28 -9.96 -66.33
N LYS C 235 -28.77 -10.42 -65.18
CA LYS C 235 -27.95 -9.57 -64.34
C LYS C 235 -26.69 -9.14 -65.08
N GLU C 236 -26.05 -10.08 -65.77
CA GLU C 236 -24.84 -9.77 -66.51
C GLU C 236 -25.13 -8.83 -67.68
N ASP C 237 -26.25 -9.06 -68.37
CA ASP C 237 -26.66 -8.13 -69.42
C ASP C 237 -26.86 -6.72 -68.89
N ILE C 238 -27.54 -6.59 -67.75
CA ILE C 238 -27.78 -5.29 -67.13
C ILE C 238 -26.46 -4.62 -66.78
N ILE C 239 -25.55 -5.37 -66.18
CA ILE C 239 -24.25 -4.81 -65.82
C ILE C 239 -23.53 -4.30 -67.07
N ASP C 240 -23.50 -5.12 -68.13
CA ASP C 240 -22.79 -4.73 -69.35
C ASP C 240 -23.44 -3.51 -69.98
N ALA C 241 -24.77 -3.42 -69.95
CA ALA C 241 -25.42 -2.26 -70.50
C ALA C 241 -25.11 -1.01 -69.69
N LEU C 242 -25.08 -1.14 -68.36
CA LEU C 242 -24.86 0.00 -67.48
C LEU C 242 -23.40 0.34 -67.27
N GLN C 243 -22.47 -0.42 -67.85
CA GLN C 243 -21.08 0.04 -67.88
C GLN C 243 -20.97 1.41 -68.53
N ASP C 244 -21.72 1.62 -69.61
CA ASP C 244 -21.67 2.90 -70.31
C ASP C 244 -22.36 4.01 -69.54
N TYR C 245 -23.29 3.68 -68.65
CA TYR C 245 -24.15 4.67 -68.01
C TYR C 245 -23.61 5.20 -66.69
N ARG C 246 -22.87 4.39 -65.94
CA ARG C 246 -22.54 4.75 -64.57
C ARG C 246 -21.54 5.91 -64.55
N PRO C 247 -21.53 6.72 -63.49
CA PRO C 247 -20.54 7.80 -63.44
C PRO C 247 -19.14 7.25 -63.20
N SER C 248 -18.15 7.97 -63.72
CA SER C 248 -16.76 7.61 -63.48
C SER C 248 -16.42 7.78 -62.00
N GLY C 249 -15.69 6.80 -61.45
CA GLY C 249 -15.32 6.88 -60.05
C GLY C 249 -16.42 6.57 -59.07
N ILE C 250 -17.48 5.91 -59.54
CA ILE C 250 -18.60 5.47 -58.71
C ILE C 250 -18.81 3.98 -58.92
N MET C 251 -19.10 3.27 -57.82
CA MET C 251 -19.35 1.83 -57.87
C MET C 251 -20.83 1.56 -58.13
N LEU C 252 -21.11 0.64 -59.04
CA LEU C 252 -22.47 0.24 -59.38
C LEU C 252 -22.65 -1.26 -59.12
N ASP C 253 -23.81 -1.62 -58.60
CA ASP C 253 -24.15 -3.00 -58.27
C ASP C 253 -25.55 -3.30 -58.76
N VAL C 254 -25.79 -4.57 -59.10
CA VAL C 254 -27.08 -5.06 -59.55
C VAL C 254 -27.53 -6.18 -58.63
N THR C 255 -28.80 -6.14 -58.23
CA THR C 255 -29.37 -7.13 -57.32
C THR C 255 -30.81 -7.40 -57.71
N GLY C 256 -31.31 -8.54 -57.27
CA GLY C 256 -32.70 -8.90 -57.54
C GLY C 256 -33.66 -8.29 -56.53
N VAL C 257 -34.86 -7.97 -57.02
CA VAL C 257 -35.88 -7.39 -56.16
C VAL C 257 -36.20 -8.36 -55.04
N GLU C 258 -36.49 -7.81 -53.86
CA GLU C 258 -36.82 -8.62 -52.70
C GLU C 258 -38.21 -9.20 -52.83
N LYS C 259 -38.31 -10.32 -53.53
CA LYS C 259 -39.59 -10.94 -53.82
C LYS C 259 -40.20 -11.52 -52.55
N GLU C 260 -41.52 -11.39 -52.42
CA GLU C 260 -42.27 -11.88 -51.27
C GLU C 260 -43.46 -12.67 -51.79
N GLU C 261 -43.36 -14.00 -51.74
CA GLU C 261 -44.45 -14.85 -52.19
C GLU C 261 -45.47 -14.99 -51.06
N VAL C 262 -46.70 -14.58 -51.33
CA VAL C 262 -47.77 -14.58 -50.33
C VAL C 262 -48.61 -15.83 -50.56
N ASN C 263 -48.66 -16.71 -49.56
CA ASN C 263 -49.54 -17.87 -49.61
C ASN C 263 -50.90 -17.50 -49.02
N VAL C 264 -51.95 -17.78 -49.80
CA VAL C 264 -53.32 -17.40 -49.45
C VAL C 264 -54.15 -18.69 -49.44
N SER C 265 -54.72 -19.02 -48.27
CA SER C 265 -55.72 -20.07 -48.16
C SER C 265 -57.05 -19.42 -47.81
N ALA C 266 -58.04 -19.58 -48.70
CA ALA C 266 -59.31 -18.89 -48.59
C ALA C 266 -60.46 -19.89 -48.47
N THR C 267 -61.42 -19.55 -47.63
CA THR C 267 -62.68 -20.29 -47.47
C THR C 267 -63.77 -19.44 -48.10
N VAL C 268 -64.36 -19.92 -49.19
CA VAL C 268 -65.34 -19.17 -49.96
C VAL C 268 -66.70 -19.79 -49.70
N THR C 269 -67.60 -19.01 -49.09
CA THR C 269 -68.99 -19.44 -48.95
C THR C 269 -69.71 -19.17 -50.26
N ILE C 270 -70.55 -20.12 -50.66
CA ILE C 270 -71.24 -20.09 -51.95
C ILE C 270 -72.72 -20.36 -51.72
N SER C 271 -73.55 -19.74 -52.55
CA SER C 271 -74.99 -19.99 -52.49
C SER C 271 -75.36 -21.27 -53.22
N ASN C 272 -75.15 -21.32 -54.53
CA ASN C 272 -75.55 -22.47 -55.34
C ASN C 272 -74.67 -23.65 -54.98
N LYS C 273 -75.23 -24.60 -54.21
CA LYS C 273 -74.47 -25.78 -53.82
C LYS C 273 -74.33 -26.79 -54.95
N SER C 274 -75.20 -26.72 -55.96
CA SER C 274 -75.07 -27.63 -57.10
C SER C 274 -73.91 -27.23 -58.00
N ARG C 275 -73.60 -25.94 -58.09
CA ARG C 275 -72.51 -25.49 -58.95
C ARG C 275 -71.13 -25.67 -58.31
N ILE C 276 -71.05 -26.18 -57.09
CA ILE C 276 -69.76 -26.48 -56.49
C ILE C 276 -69.07 -27.55 -57.33
N GLY C 277 -67.82 -27.28 -57.69
CA GLY C 277 -67.04 -28.24 -58.45
C GLY C 277 -65.62 -27.75 -58.58
N ASP C 278 -64.82 -28.56 -59.27
CA ASP C 278 -63.40 -28.25 -59.44
C ASP C 278 -63.22 -26.99 -60.30
N THR C 279 -64.03 -26.83 -61.35
CA THR C 279 -63.81 -25.74 -62.30
C THR C 279 -63.92 -24.37 -61.62
N LEU C 280 -64.94 -24.18 -60.78
CA LEU C 280 -65.11 -22.91 -60.10
C LEU C 280 -63.95 -22.65 -59.14
N GLN C 281 -63.49 -23.70 -58.46
CA GLN C 281 -62.35 -23.58 -57.58
C GLN C 281 -61.12 -23.11 -58.33
N LYS C 282 -60.82 -23.74 -59.47
CA LYS C 282 -59.65 -23.36 -60.25
C LYS C 282 -59.81 -21.96 -60.84
N HIS C 283 -61.03 -21.58 -61.22
CA HIS C 283 -61.26 -20.23 -61.71
C HIS C 283 -60.96 -19.19 -60.63
N ILE C 284 -61.45 -19.43 -59.40
CA ILE C 284 -61.20 -18.49 -58.32
C ILE C 284 -59.71 -18.43 -58.00
N GLU C 285 -59.05 -19.60 -57.96
CA GLU C 285 -57.62 -19.64 -57.71
C GLU C 285 -56.85 -18.87 -58.77
N SER C 286 -57.28 -18.99 -60.03
CA SER C 286 -56.62 -18.30 -61.13
C SER C 286 -56.80 -16.79 -61.01
N VAL C 287 -57.99 -16.36 -60.60
CA VAL C 287 -58.25 -14.94 -60.38
C VAL C 287 -57.35 -14.41 -59.28
N ILE C 288 -57.25 -15.15 -58.17
CA ILE C 288 -56.40 -14.70 -57.06
C ILE C 288 -54.95 -14.63 -57.50
N ARG C 289 -54.49 -15.64 -58.24
CA ARG C 289 -53.12 -15.66 -58.71
C ARG C 289 -52.83 -14.48 -59.62
N SER C 290 -53.78 -14.17 -60.51
CA SER C 290 -53.61 -13.05 -61.42
C SER C 290 -53.58 -11.73 -60.65
N TYR C 291 -54.43 -11.59 -59.65
CA TYR C 291 -54.43 -10.39 -58.82
C TYR C 291 -53.09 -10.22 -58.10
N LEU C 292 -52.56 -11.31 -57.54
CA LEU C 292 -51.30 -11.21 -56.80
C LEU C 292 -50.12 -10.95 -57.73
N ASN C 293 -50.11 -11.57 -58.90
CA ASN C 293 -49.00 -11.43 -59.83
C ASN C 293 -49.04 -10.10 -60.57
N ASN C 294 -50.21 -9.46 -60.66
CA ASN C 294 -50.32 -8.18 -61.33
C ASN C 294 -49.67 -7.05 -60.52
N LEU C 295 -49.42 -7.26 -59.22
CA LEU C 295 -48.91 -6.18 -58.39
C LEU C 295 -47.51 -5.78 -58.82
N LYS C 296 -47.25 -4.47 -58.81
CA LYS C 296 -45.96 -3.93 -59.20
C LYS C 296 -45.05 -3.87 -57.98
N THR C 297 -43.89 -3.21 -58.15
CA THR C 297 -42.80 -3.32 -57.18
C THR C 297 -43.19 -2.69 -55.84
N SER C 298 -43.82 -1.51 -55.88
CA SER C 298 -44.18 -0.75 -54.68
C SER C 298 -45.65 -0.84 -54.35
N ASP C 299 -46.39 -1.80 -54.91
CA ASP C 299 -47.80 -1.96 -54.64
C ASP C 299 -48.00 -2.83 -53.40
N ASP C 300 -48.72 -2.29 -52.41
CA ASP C 300 -49.03 -3.02 -51.20
C ASP C 300 -50.31 -3.83 -51.33
N LEU C 301 -50.31 -5.02 -50.74
CA LEU C 301 -51.45 -5.93 -50.84
C LEU C 301 -52.50 -5.50 -49.83
N ILE C 302 -53.52 -4.78 -50.31
CA ILE C 302 -54.66 -4.39 -49.49
C ILE C 302 -55.65 -5.55 -49.56
N ILE C 303 -55.97 -6.12 -48.40
CA ILE C 303 -56.81 -7.30 -48.36
C ILE C 303 -58.25 -6.96 -48.73
N THR C 304 -58.70 -5.75 -48.41
CA THR C 304 -60.08 -5.40 -48.74
C THR C 304 -60.29 -5.36 -50.24
N ASP C 305 -59.25 -4.93 -50.99
CA ASP C 305 -59.39 -4.92 -52.44
C ASP C 305 -59.42 -6.35 -52.99
N LEU C 306 -58.67 -7.26 -52.37
CA LEU C 306 -58.74 -8.66 -52.77
C LEU C 306 -60.11 -9.25 -52.51
N ILE C 307 -60.70 -8.93 -51.35
CA ILE C 307 -62.07 -9.35 -51.05
C ILE C 307 -63.03 -8.79 -52.09
N GLN C 308 -62.85 -7.50 -52.44
CA GLN C 308 -63.70 -6.88 -53.46
C GLN C 308 -63.61 -7.65 -54.77
N ALA C 309 -62.41 -7.99 -55.21
CA ALA C 309 -62.25 -8.71 -56.46
C ALA C 309 -62.90 -10.09 -56.40
N ILE C 310 -62.68 -10.80 -55.29
CA ILE C 310 -63.22 -12.15 -55.17
C ILE C 310 -64.74 -12.12 -55.17
N MET C 311 -65.32 -11.11 -54.50
CA MET C 311 -66.76 -10.99 -54.47
C MET C 311 -67.31 -10.51 -55.81
N ASN C 312 -66.53 -9.71 -56.53
CA ASN C 312 -66.90 -9.25 -57.87
C ASN C 312 -66.73 -10.31 -58.94
N ILE C 313 -66.12 -11.46 -58.62
CA ILE C 313 -66.21 -12.59 -59.53
C ILE C 313 -67.67 -12.90 -59.81
N ASP C 314 -68.51 -12.93 -58.78
CA ASP C 314 -69.94 -13.10 -58.99
C ASP C 314 -70.66 -12.49 -57.80
N ASP C 315 -71.62 -11.62 -58.06
CA ASP C 315 -72.24 -10.82 -57.02
C ASP C 315 -73.25 -11.61 -56.18
N VAL C 316 -73.78 -12.72 -56.69
CA VAL C 316 -74.81 -13.47 -55.99
C VAL C 316 -74.30 -14.86 -55.63
N LEU C 317 -73.44 -15.43 -56.46
CA LEU C 317 -72.95 -16.79 -56.22
C LEU C 317 -71.95 -16.81 -55.08
N ILE C 318 -70.95 -15.94 -55.12
CA ILE C 318 -69.99 -15.86 -54.03
C ILE C 318 -70.68 -15.17 -52.85
N TYR C 319 -70.86 -15.93 -51.77
CA TYR C 319 -71.59 -15.50 -50.59
C TYR C 319 -70.71 -14.78 -49.57
N ASP C 320 -69.59 -15.40 -49.19
CA ASP C 320 -68.71 -14.81 -48.19
C ASP C 320 -67.33 -15.42 -48.34
N VAL C 321 -66.31 -14.69 -47.86
CA VAL C 321 -64.92 -15.13 -47.94
C VAL C 321 -64.24 -14.87 -46.59
N SER C 322 -63.17 -15.62 -46.35
CA SER C 322 -62.35 -15.46 -45.16
C SER C 322 -60.98 -16.06 -45.43
N PHE C 323 -59.97 -15.52 -44.74
CA PHE C 323 -58.59 -15.96 -44.88
C PHE C 323 -57.97 -16.18 -43.51
N ASP C 324 -57.22 -17.27 -43.37
CA ASP C 324 -56.45 -17.51 -42.16
C ASP C 324 -55.03 -16.95 -42.24
N ASN C 325 -54.42 -17.02 -43.43
CA ASN C 325 -53.07 -16.51 -43.59
C ASN C 325 -53.06 -14.99 -43.59
N LEU C 326 -54.04 -14.36 -44.23
CA LEU C 326 -54.09 -12.91 -44.39
C LEU C 326 -54.88 -12.33 -43.22
N ASP C 327 -54.16 -11.77 -42.26
CA ASP C 327 -54.76 -11.10 -41.10
C ASP C 327 -54.71 -9.58 -41.20
N GLU C 328 -53.68 -9.03 -41.83
CA GLU C 328 -53.53 -7.59 -41.96
C GLU C 328 -52.74 -7.29 -43.23
N ASN C 329 -52.90 -6.08 -43.73
CA ASN C 329 -52.26 -5.68 -44.99
C ASN C 329 -50.76 -5.84 -44.92
N ILE C 330 -50.18 -6.41 -45.97
CA ILE C 330 -48.76 -6.70 -46.03
C ILE C 330 -48.08 -5.53 -46.74
N ILE C 331 -47.53 -4.61 -45.96
CA ILE C 331 -46.79 -3.48 -46.52
C ILE C 331 -45.42 -3.96 -46.98
N VAL C 332 -44.95 -3.43 -48.10
CA VAL C 332 -43.65 -3.77 -48.66
C VAL C 332 -42.95 -2.49 -49.08
N PRO C 333 -41.61 -2.47 -49.09
CA PRO C 333 -40.89 -1.25 -49.49
C PRO C 333 -40.91 -1.07 -51.00
N PRO C 334 -40.34 0.03 -51.51
CA PRO C 334 -40.30 0.21 -52.97
C PRO C 334 -39.54 -0.87 -53.70
N GLN C 335 -38.50 -1.44 -53.08
CA GLN C 335 -37.66 -2.46 -53.69
C GLN C 335 -38.09 -3.87 -53.33
N GLY C 336 -39.33 -4.05 -52.86
CA GLY C 336 -39.85 -5.36 -52.54
C GLY C 336 -41.18 -5.63 -53.21
N ILE C 337 -41.21 -6.56 -54.16
CA ILE C 337 -42.40 -6.85 -54.93
C ILE C 337 -43.13 -8.01 -54.26
N ILE C 338 -44.45 -8.04 -54.45
CA ILE C 338 -45.30 -9.13 -53.97
C ILE C 338 -45.58 -10.03 -55.17
N ARG C 339 -45.57 -11.34 -54.95
CA ARG C 339 -45.89 -12.30 -55.99
C ARG C 339 -46.78 -13.41 -55.43
N ALA C 340 -47.35 -14.21 -56.33
CA ALA C 340 -48.27 -15.26 -55.94
C ALA C 340 -47.51 -16.49 -55.48
N GLY C 341 -47.84 -16.96 -54.28
CA GLY C 341 -47.32 -18.20 -53.74
C GLY C 341 -48.29 -19.34 -53.89
N GLU C 342 -48.25 -20.27 -52.95
CA GLU C 342 -49.20 -21.37 -52.94
C GLU C 342 -50.59 -20.84 -52.61
N ILE C 343 -51.57 -21.21 -53.42
CA ILE C 343 -52.93 -20.72 -53.31
C ILE C 343 -53.84 -21.93 -53.11
N LYS C 344 -54.77 -21.82 -52.16
CA LYS C 344 -55.79 -22.83 -51.92
C LYS C 344 -57.12 -22.14 -51.70
N VAL C 345 -58.18 -22.73 -52.23
CA VAL C 345 -59.54 -22.22 -52.09
C VAL C 345 -60.42 -23.37 -51.59
N GLU C 346 -61.16 -23.12 -50.52
CA GLU C 346 -62.12 -24.09 -49.99
C GLU C 346 -63.53 -23.59 -50.24
N LEU C 347 -64.36 -24.43 -50.86
CA LEU C 347 -65.74 -24.11 -51.14
C LEU C 347 -66.64 -24.59 -50.02
N LYS C 348 -67.51 -23.70 -49.53
CA LYS C 348 -68.32 -23.96 -48.35
C LYS C 348 -69.79 -23.74 -48.65
N ALA D 2 -43.79 33.28 -111.76
CA ALA D 2 -43.49 33.35 -113.19
C ALA D 2 -44.82 33.44 -113.95
N ASN D 3 -45.82 34.07 -113.32
CA ASN D 3 -47.12 34.31 -113.94
C ASN D 3 -47.21 35.72 -114.51
N PHE D 4 -46.07 36.27 -114.94
CA PHE D 4 -46.05 37.64 -115.44
C PHE D 4 -46.84 37.76 -116.73
N LEU D 5 -46.62 36.86 -117.68
CA LEU D 5 -47.35 36.90 -118.94
C LEU D 5 -48.84 36.61 -118.73
N LYS D 6 -49.17 35.75 -117.76
CA LYS D 6 -50.57 35.40 -117.55
C LYS D 6 -51.36 36.58 -117.02
N ASN D 7 -50.82 37.28 -116.02
CA ASN D 7 -51.44 38.44 -115.38
C ASN D 7 -51.10 39.75 -116.10
N LEU D 8 -50.43 39.70 -117.24
CA LEU D 8 -50.22 40.91 -118.01
C LEU D 8 -51.53 41.38 -118.63
N HIS D 9 -51.54 42.65 -119.06
CA HIS D 9 -52.71 43.20 -119.73
C HIS D 9 -53.03 42.37 -120.98
N PRO D 10 -54.27 41.88 -121.15
CA PRO D 10 -54.49 40.84 -122.17
C PRO D 10 -54.27 41.31 -123.59
N LEU D 11 -54.48 42.59 -123.90
CA LEU D 11 -54.27 43.01 -125.28
C LEU D 11 -52.82 42.97 -125.71
N LEU D 12 -51.88 43.09 -124.77
CA LEU D 12 -50.47 43.14 -125.12
C LEU D 12 -50.02 41.82 -125.73
N ARG D 13 -49.11 41.89 -126.68
CA ARG D 13 -48.62 40.68 -127.33
C ARG D 13 -47.74 39.88 -126.39
N ARG D 14 -47.88 38.55 -126.45
CA ARG D 14 -47.04 37.63 -125.69
C ARG D 14 -45.91 37.03 -126.50
N ASP D 15 -45.94 37.19 -127.84
CA ASP D 15 -45.05 36.51 -128.76
C ASP D 15 -44.38 37.52 -129.68
N ARG D 16 -43.14 37.22 -130.06
CA ARG D 16 -42.40 38.06 -130.99
C ARG D 16 -43.11 38.07 -132.35
N ASN D 17 -43.43 39.26 -132.83
CA ASN D 17 -44.23 39.37 -134.04
C ASN D 17 -43.43 38.94 -135.27
N LYS D 18 -44.13 38.33 -136.22
CA LYS D 18 -43.48 37.87 -137.45
C LYS D 18 -42.99 39.04 -138.29
N LYS D 19 -43.70 40.16 -138.28
CA LYS D 19 -43.38 41.27 -139.18
C LYS D 19 -42.08 41.95 -138.83
N ASP D 20 -41.55 41.74 -137.63
CA ASP D 20 -40.33 42.42 -137.19
C ASP D 20 -39.57 41.53 -136.23
N ASN D 21 -38.37 41.11 -136.64
CA ASN D 21 -37.53 40.32 -135.75
C ASN D 21 -36.99 41.13 -134.59
N GLN D 22 -36.93 42.45 -134.72
CA GLN D 22 -36.43 43.36 -133.69
C GLN D 22 -37.57 44.06 -132.95
N ASP D 23 -38.64 43.33 -132.66
CA ASP D 23 -39.81 43.86 -131.97
C ASP D 23 -39.43 44.34 -130.57
N PRO D 24 -39.40 45.65 -130.28
CA PRO D 24 -39.00 46.07 -128.92
C PRO D 24 -39.98 45.65 -127.84
N ASN D 25 -41.25 45.45 -128.19
CA ASN D 25 -42.23 45.02 -127.19
C ASN D 25 -41.88 43.65 -126.63
N PHE D 26 -41.58 42.70 -127.53
CA PHE D 26 -41.18 41.37 -127.09
C PHE D 26 -39.89 41.42 -126.29
N ALA D 27 -38.97 42.29 -126.69
CA ALA D 27 -37.69 42.42 -125.98
C ALA D 27 -37.92 42.87 -124.54
N LEU D 28 -38.74 43.92 -124.36
CA LEU D 28 -39.01 44.42 -123.03
C LEU D 28 -39.75 43.39 -122.19
N ILE D 29 -40.77 42.75 -122.76
CA ILE D 29 -41.54 41.76 -122.01
C ILE D 29 -40.66 40.60 -121.59
N ASP D 30 -39.83 40.09 -122.52
CA ASP D 30 -38.97 38.96 -122.20
C ASP D 30 -37.91 39.33 -121.18
N ALA D 31 -37.39 40.57 -121.22
CA ALA D 31 -36.45 41.02 -120.20
C ALA D 31 -37.09 40.98 -118.81
N LEU D 32 -38.31 41.54 -118.71
CA LEU D 32 -38.99 41.54 -117.42
C LEU D 32 -39.31 40.11 -116.98
N ASN D 33 -39.70 39.26 -117.93
CA ASN D 33 -40.03 37.88 -117.59
C ASN D 33 -38.80 37.12 -117.12
N GLU D 34 -37.63 37.42 -117.69
CA GLU D 34 -36.40 36.78 -117.22
C GLU D 34 -36.14 37.13 -115.76
N GLU D 35 -36.29 38.41 -115.42
CA GLU D 35 -36.05 38.77 -114.01
C GLU D 35 -37.09 38.13 -113.10
N MET D 36 -38.36 38.10 -113.52
CA MET D 36 -39.41 37.48 -112.71
C MET D 36 -39.11 36.00 -112.46
N ASN D 37 -38.71 35.28 -113.52
CA ASN D 37 -38.39 33.86 -113.35
C ASN D 37 -37.16 33.67 -112.47
N GLN D 38 -36.15 34.54 -112.61
CA GLN D 38 -34.95 34.37 -111.80
C GLN D 38 -35.25 34.60 -110.32
N VAL D 39 -36.08 35.60 -110.02
CA VAL D 39 -36.46 35.84 -108.63
C VAL D 39 -37.26 34.66 -108.10
N GLU D 40 -38.15 34.10 -108.92
CA GLU D 40 -38.90 32.93 -108.48
C GLU D 40 -37.97 31.76 -108.18
N LYS D 41 -36.95 31.57 -109.02
CA LYS D 41 -36.00 30.48 -108.81
C LYS D 41 -35.23 30.69 -107.52
N ASP D 42 -34.78 31.93 -107.27
CA ASP D 42 -34.07 32.22 -106.03
C ASP D 42 -34.96 32.01 -104.81
N ALA D 43 -36.23 32.43 -104.90
CA ALA D 43 -37.13 32.25 -103.77
C ALA D 43 -37.39 30.77 -103.49
N ILE D 44 -37.47 29.96 -104.55
CA ILE D 44 -37.62 28.52 -104.36
C ILE D 44 -36.37 27.96 -103.70
N GLU D 45 -35.19 28.34 -104.18
CA GLU D 45 -33.95 27.84 -103.60
C GLU D 45 -33.75 28.33 -102.17
N SER D 46 -34.41 29.42 -101.77
CA SER D 46 -34.11 29.98 -100.46
C SER D 46 -34.56 29.09 -99.32
N LYS D 47 -35.41 28.09 -99.60
CA LYS D 47 -35.86 27.17 -98.56
C LYS D 47 -34.70 26.39 -97.96
N LEU D 48 -33.68 26.11 -98.76
CA LEU D 48 -32.53 25.36 -98.27
C LEU D 48 -31.81 26.10 -97.15
N GLN D 49 -31.88 27.43 -97.13
CA GLN D 49 -31.17 28.21 -96.13
C GLN D 49 -31.90 28.26 -94.78
N SER D 50 -33.19 27.90 -94.74
CA SER D 50 -33.96 27.91 -93.52
C SER D 50 -33.92 26.59 -92.76
N SER D 51 -33.17 25.60 -93.24
CA SER D 51 -33.07 24.28 -92.61
C SER D 51 -31.61 24.00 -92.28
N LEU D 52 -31.37 23.46 -91.07
CA LEU D 52 -30.01 23.13 -90.66
C LEU D 52 -29.42 22.04 -91.52
N LYS D 53 -30.25 21.14 -92.05
CA LYS D 53 -29.75 20.05 -92.86
C LYS D 53 -29.15 20.57 -94.17
N THR D 54 -29.81 21.54 -94.80
CA THR D 54 -29.44 22.01 -96.13
C THR D 54 -28.83 23.42 -96.16
N SER D 55 -28.55 24.01 -95.00
CA SER D 55 -28.03 25.36 -94.99
C SER D 55 -26.62 25.40 -95.55
N THR D 56 -26.18 26.62 -95.90
CA THR D 56 -24.84 26.84 -96.44
C THR D 56 -24.20 28.03 -95.74
N SER D 57 -23.08 28.51 -96.28
CA SER D 57 -22.05 29.25 -95.55
C SER D 57 -22.54 30.26 -94.52
N GLU D 58 -23.19 31.34 -94.97
CA GLU D 58 -23.55 32.41 -94.04
C GLU D 58 -24.68 31.99 -93.10
N TYR D 59 -25.74 31.36 -93.63
CA TYR D 59 -26.83 30.93 -92.77
C TYR D 59 -26.41 29.77 -91.88
N LEU D 60 -25.51 28.91 -92.38
CA LEU D 60 -24.95 27.87 -91.53
C LEU D 60 -24.12 28.47 -90.41
N ASP D 61 -23.42 29.57 -90.68
CA ASP D 61 -22.70 30.27 -89.64
C ASP D 61 -23.66 30.85 -88.61
N LYS D 62 -24.81 31.36 -89.07
CA LYS D 62 -25.84 31.82 -88.14
C LYS D 62 -26.30 30.69 -87.24
N PHE D 63 -26.57 29.52 -87.83
CA PHE D 63 -26.97 28.35 -87.04
C PHE D 63 -25.91 27.98 -86.02
N GLY D 64 -24.65 27.94 -86.44
CA GLY D 64 -23.58 27.55 -85.52
C GLY D 64 -23.33 28.57 -84.43
N ASP D 65 -23.57 29.86 -84.73
CA ASP D 65 -23.47 30.89 -83.71
C ASP D 65 -24.61 30.76 -82.71
N TRP D 66 -25.79 30.36 -83.19
CA TRP D 66 -26.89 30.06 -82.27
C TRP D 66 -26.56 28.87 -81.38
N PHE D 67 -25.95 27.82 -81.96
CA PHE D 67 -25.55 26.67 -81.18
C PHE D 67 -24.22 26.86 -80.45
N GLY D 68 -23.55 27.99 -80.65
CA GLY D 68 -22.30 28.23 -79.97
C GLY D 68 -21.08 27.55 -80.55
N VAL D 69 -21.18 27.03 -81.77
CA VAL D 69 -20.06 26.39 -82.46
C VAL D 69 -19.64 27.32 -83.59
N TYR D 70 -18.36 27.63 -83.67
CA TYR D 70 -17.83 28.58 -84.65
C TYR D 70 -17.00 27.87 -85.70
N ARG D 71 -17.08 28.37 -86.94
CA ARG D 71 -16.38 27.76 -88.05
C ARG D 71 -14.87 27.91 -87.87
N LYS D 72 -14.15 26.84 -88.17
CA LYS D 72 -12.69 26.85 -88.14
C LYS D 72 -12.15 27.30 -89.48
N THR D 73 -10.84 27.45 -89.54
CA THR D 73 -10.16 27.84 -90.77
C THR D 73 -10.36 26.77 -91.85
N ASP D 74 -10.87 27.20 -93.01
CA ASP D 74 -11.08 26.34 -94.17
C ASP D 74 -12.03 25.18 -93.85
N GLU D 75 -12.96 25.39 -92.93
CA GLU D 75 -13.92 24.36 -92.56
C GLU D 75 -15.14 24.44 -93.46
N LYS D 76 -15.42 23.36 -94.20
CA LYS D 76 -16.50 23.36 -95.16
C LYS D 76 -17.85 23.10 -94.48
N ASP D 77 -18.93 23.24 -95.26
CA ASP D 77 -20.27 23.21 -94.67
C ASP D 77 -20.61 21.85 -94.11
N ASP D 78 -20.28 20.77 -94.83
CA ASP D 78 -20.70 19.43 -94.41
C ASP D 78 -20.07 19.04 -93.09
N VAL D 79 -18.75 19.19 -92.98
CA VAL D 79 -18.07 18.83 -91.75
C VAL D 79 -18.48 19.77 -90.62
N TYR D 80 -18.77 21.03 -90.95
CA TYR D 80 -19.17 21.99 -89.93
C TYR D 80 -20.53 21.62 -89.35
N ARG D 81 -21.52 21.30 -90.20
CA ARG D 81 -22.81 20.87 -89.68
C ARG D 81 -22.71 19.56 -88.93
N ALA D 82 -21.86 18.64 -89.41
CA ALA D 82 -21.65 17.39 -88.68
C ALA D 82 -21.06 17.66 -87.30
N ARG D 83 -20.14 18.62 -87.21
CA ARG D 83 -19.53 18.97 -85.93
C ARG D 83 -20.56 19.57 -84.99
N ILE D 84 -21.45 20.42 -85.53
CA ILE D 84 -22.51 21.00 -84.71
C ILE D 84 -23.41 19.91 -84.15
N ILE D 85 -23.86 19.00 -85.02
CA ILE D 85 -24.77 17.95 -84.59
C ILE D 85 -24.10 17.09 -83.51
N LYS D 86 -22.84 16.71 -83.75
CA LYS D 86 -22.10 15.93 -82.77
C LYS D 86 -21.96 16.69 -81.46
N TYR D 87 -21.72 18.00 -81.53
CA TYR D 87 -21.53 18.79 -80.33
C TYR D 87 -22.81 18.85 -79.51
N LEU D 88 -23.96 18.95 -80.18
CA LEU D 88 -25.21 18.84 -79.46
C LEU D 88 -25.35 17.48 -78.77
N LEU D 89 -24.93 16.41 -79.44
CA LEU D 89 -25.18 15.05 -78.96
C LEU D 89 -24.01 14.46 -78.18
N LEU D 90 -23.29 15.26 -77.40
CA LEU D 90 -22.12 14.74 -76.69
C LEU D 90 -22.53 14.01 -75.43
N LYS D 91 -22.15 12.73 -75.33
CA LYS D 91 -22.24 12.04 -74.06
C LYS D 91 -21.17 12.56 -73.09
N ARG D 92 -21.55 12.71 -71.83
CA ARG D 92 -20.66 13.26 -70.82
C ARG D 92 -20.92 12.59 -69.48
N GLY D 93 -19.84 12.35 -68.74
CA GLY D 93 -19.90 11.79 -67.40
C GLY D 93 -19.54 10.33 -67.25
N THR D 94 -18.72 9.76 -68.14
CA THR D 94 -18.41 8.35 -68.07
C THR D 94 -17.02 8.13 -68.68
N ASN D 95 -16.52 6.90 -68.54
CA ASN D 95 -15.21 6.59 -69.09
C ASN D 95 -15.22 6.66 -70.62
N ASN D 96 -16.29 6.15 -71.25
CA ASN D 96 -16.36 6.15 -72.70
C ASN D 96 -16.32 7.57 -73.27
N ALA D 97 -17.04 8.49 -72.63
CA ALA D 97 -17.05 9.88 -73.09
C ALA D 97 -15.66 10.51 -72.98
N ILE D 98 -14.95 10.23 -71.88
CA ILE D 98 -13.60 10.76 -71.71
C ILE D 98 -12.68 10.19 -72.78
N ILE D 99 -12.77 8.89 -73.03
CA ILE D 99 -11.92 8.27 -74.04
C ILE D 99 -12.22 8.90 -75.41
N ASP D 100 -13.50 9.09 -75.72
CA ASP D 100 -13.87 9.66 -77.01
C ASP D 100 -13.35 11.09 -77.14
N ALA D 101 -13.43 11.87 -76.07
CA ALA D 101 -12.89 13.22 -76.09
C ALA D 101 -11.38 13.22 -76.28
N ILE D 102 -10.68 12.29 -75.63
CA ILE D 102 -9.24 12.20 -75.79
C ILE D 102 -8.90 11.88 -77.24
N LYS D 103 -9.57 10.88 -77.80
CA LYS D 103 -9.24 10.45 -79.16
C LYS D 103 -9.71 11.44 -80.21
N ASP D 104 -10.68 12.30 -79.90
CA ASP D 104 -11.08 13.35 -80.82
C ASP D 104 -10.12 14.53 -80.78
N TYR D 105 -9.77 14.99 -79.57
CA TYR D 105 -8.84 16.11 -79.43
C TYR D 105 -7.50 15.78 -80.08
N LEU D 106 -7.01 14.57 -79.88
CA LEU D 106 -5.83 14.10 -80.59
C LEU D 106 -6.19 13.70 -82.01
N GLY D 107 -5.18 13.62 -82.87
CA GLY D 107 -5.39 13.43 -84.28
C GLY D 107 -5.65 12.01 -84.72
N ARG D 108 -5.67 11.04 -83.79
CA ARG D 108 -5.81 9.64 -84.16
C ARG D 108 -6.60 8.90 -83.10
N ASP D 109 -7.17 7.76 -83.51
CA ASP D 109 -8.02 6.93 -82.67
C ASP D 109 -7.37 5.63 -82.25
N ASP D 110 -6.35 5.16 -82.98
CA ASP D 110 -5.75 3.87 -82.67
C ASP D 110 -4.93 3.86 -81.39
N ILE D 111 -4.67 5.03 -80.79
CA ILE D 111 -3.88 5.09 -79.57
C ILE D 111 -4.61 4.34 -78.45
N ASP D 112 -3.83 3.75 -77.56
CA ASP D 112 -4.39 3.03 -76.41
C ASP D 112 -4.67 4.02 -75.29
N VAL D 113 -5.94 4.09 -74.87
CA VAL D 113 -6.38 4.96 -73.78
C VAL D 113 -7.33 4.18 -72.89
N SER D 114 -7.18 4.35 -71.58
CA SER D 114 -8.05 3.68 -70.63
C SER D 114 -8.10 4.48 -69.33
N VAL D 115 -9.20 4.30 -68.60
CA VAL D 115 -9.44 4.99 -67.34
C VAL D 115 -9.35 3.95 -66.23
N TYR D 116 -8.44 4.17 -65.28
CA TYR D 116 -8.26 3.31 -64.13
C TYR D 116 -9.08 3.83 -62.95
N GLU D 117 -9.77 2.92 -62.27
CA GLU D 117 -10.61 3.23 -61.13
C GLU D 117 -10.03 2.58 -59.88
N PRO D 118 -9.25 3.29 -59.06
CA PRO D 118 -8.55 2.62 -57.95
C PRO D 118 -9.45 2.07 -56.86
N PHE D 119 -10.71 2.52 -56.75
CA PHE D 119 -11.58 2.02 -55.70
C PHE D 119 -11.96 0.56 -55.91
N THR D 120 -11.72 0.02 -57.11
CA THR D 120 -11.89 -1.41 -57.33
C THR D 120 -10.86 -2.24 -56.59
N ASN D 121 -9.71 -1.66 -56.26
CA ASN D 121 -8.62 -2.37 -55.59
C ASN D 121 -8.53 -2.02 -54.12
N ILE D 122 -9.64 -1.56 -53.52
CA ILE D 122 -9.65 -1.32 -52.09
C ILE D 122 -9.54 -2.67 -51.37
N PHE D 123 -8.73 -2.71 -50.32
CA PHE D 123 -8.56 -3.95 -49.56
C PHE D 123 -9.77 -4.18 -48.68
N TYR D 124 -10.60 -5.14 -49.05
CA TYR D 124 -11.65 -5.65 -48.16
C TYR D 124 -11.08 -6.77 -47.30
N THR D 125 -11.72 -6.98 -46.15
CA THR D 125 -11.21 -7.97 -45.20
C THR D 125 -11.22 -9.36 -45.79
N ASN D 126 -12.36 -9.79 -46.32
CA ASN D 126 -12.52 -11.17 -46.75
C ASN D 126 -11.97 -11.39 -48.17
N LYS D 127 -12.58 -10.75 -49.16
CA LYS D 127 -12.34 -11.15 -50.54
C LYS D 127 -10.92 -10.81 -51.00
N SER D 128 -10.39 -9.67 -50.56
CA SER D 128 -9.09 -9.23 -51.07
C SER D 128 -7.99 -10.15 -50.56
N HIS D 129 -7.14 -10.60 -51.48
CA HIS D 129 -5.98 -11.41 -51.12
C HIS D 129 -4.99 -10.56 -50.33
N LEU D 130 -4.32 -11.20 -49.38
CA LEU D 130 -3.50 -10.44 -48.43
C LEU D 130 -2.32 -9.78 -49.13
N ASN D 131 -1.53 -10.56 -49.87
CA ASN D 131 -0.43 -10.04 -50.68
C ASN D 131 -0.83 -9.82 -52.14
N GLY D 132 -2.12 -9.60 -52.39
CA GLY D 132 -2.62 -9.45 -53.75
C GLY D 132 -2.46 -8.03 -54.24
N GLU D 133 -3.23 -7.71 -55.28
CA GLU D 133 -3.13 -6.42 -55.96
C GLU D 133 -3.80 -5.30 -55.17
N ASP D 134 -4.66 -5.62 -54.21
CA ASP D 134 -5.41 -4.60 -53.50
C ASP D 134 -4.52 -3.83 -52.53
N HIS D 135 -4.92 -2.58 -52.25
CA HIS D 135 -4.25 -1.71 -51.31
C HIS D 135 -5.24 -1.27 -50.22
N LEU D 136 -4.68 -0.87 -49.09
CA LEU D 136 -5.51 -0.33 -48.02
C LEU D 136 -6.17 0.98 -48.45
N MET D 137 -7.38 1.20 -47.98
CA MET D 137 -8.13 2.40 -48.34
C MET D 137 -7.48 3.66 -47.76
N GLY D 138 -7.53 4.74 -48.53
CA GLY D 138 -6.88 5.96 -48.10
C GLY D 138 -7.24 7.13 -48.99
N TYR D 139 -6.26 7.97 -49.33
CA TYR D 139 -6.51 9.17 -50.12
C TYR D 139 -6.56 8.86 -51.60
N TYR D 140 -5.59 8.09 -52.11
CA TYR D 140 -5.58 7.75 -53.53
C TYR D 140 -6.53 6.60 -53.84
N TYR D 141 -6.37 5.47 -53.16
CA TYR D 141 -7.32 4.37 -53.31
C TYR D 141 -8.56 4.82 -52.58
N ARG D 142 -9.45 5.45 -53.34
CA ARG D 142 -10.62 6.14 -52.82
C ARG D 142 -11.62 6.29 -53.96
N PHE D 143 -12.90 6.28 -53.61
CA PHE D 143 -13.93 6.53 -54.61
C PHE D 143 -13.88 7.99 -55.05
N ALA D 144 -14.52 8.26 -56.20
CA ALA D 144 -14.49 9.59 -56.83
C ALA D 144 -13.06 9.98 -57.20
N VAL D 145 -12.31 9.01 -57.70
CA VAL D 145 -10.94 9.22 -58.16
C VAL D 145 -10.75 8.37 -59.42
N ILE D 146 -10.05 8.92 -60.40
CA ILE D 146 -9.76 8.22 -61.65
C ILE D 146 -8.37 8.61 -62.13
N ASN D 147 -7.67 7.64 -62.72
CA ASN D 147 -6.37 7.84 -63.35
C ASN D 147 -6.46 7.45 -64.81
N VAL D 148 -6.19 8.40 -65.70
CA VAL D 148 -6.35 8.21 -67.14
C VAL D 148 -4.97 7.97 -67.73
N SER D 149 -4.81 6.83 -68.41
CA SER D 149 -3.56 6.47 -69.07
C SER D 149 -3.66 6.85 -70.54
N ILE D 150 -2.65 7.59 -71.03
CA ILE D 150 -2.62 8.03 -72.42
C ILE D 150 -1.31 7.54 -73.01
N GLY D 151 -1.40 6.77 -74.09
CA GLY D 151 -0.24 6.23 -74.77
C GLY D 151 0.24 7.09 -75.92
N ASP D 152 0.21 8.41 -75.76
CA ASP D 152 0.56 9.32 -76.84
C ASP D 152 0.90 10.67 -76.23
N TYR D 153 1.73 11.45 -76.94
CA TYR D 153 2.03 12.81 -76.50
C TYR D 153 0.76 13.65 -76.52
N PHE D 154 0.56 14.44 -75.47
CA PHE D 154 -0.63 15.27 -75.30
C PHE D 154 -0.24 16.64 -74.76
N PRO D 155 -0.95 17.70 -75.15
CA PRO D 155 -0.77 18.98 -74.45
C PRO D 155 -1.38 18.94 -73.05
N VAL D 156 -0.89 19.83 -72.20
CA VAL D 156 -1.43 19.91 -70.84
C VAL D 156 -2.88 20.36 -70.87
N GLU D 157 -3.31 21.09 -71.91
CA GLU D 157 -4.70 21.51 -72.03
C GLU D 157 -5.66 20.35 -72.20
N ILE D 158 -5.16 19.15 -72.49
CA ILE D 158 -6.03 17.98 -72.52
C ILE D 158 -6.66 17.75 -71.16
N ILE D 159 -5.95 18.12 -70.09
CA ILE D 159 -6.52 18.00 -68.74
C ILE D 159 -7.77 18.87 -68.63
N ASP D 160 -7.67 20.12 -69.09
CA ASP D 160 -8.82 21.01 -69.13
C ASP D 160 -9.94 20.42 -69.99
N VAL D 161 -9.56 19.74 -71.08
CA VAL D 161 -10.55 19.08 -71.91
C VAL D 161 -11.29 18.03 -71.08
N ILE D 162 -10.54 17.22 -70.30
CA ILE D 162 -11.19 16.22 -69.46
C ILE D 162 -12.09 16.90 -68.44
N ASN D 163 -11.64 18.05 -67.92
CA ASN D 163 -12.46 18.80 -66.96
C ASN D 163 -13.80 19.16 -67.56
N GLU D 164 -13.86 19.32 -68.89
CA GLU D 164 -15.14 19.60 -69.51
C GLU D 164 -16.07 18.39 -69.50
N PHE D 165 -15.51 17.17 -69.51
CA PHE D 165 -16.30 15.95 -69.65
C PHE D 165 -16.48 15.15 -68.36
N LYS D 166 -15.52 15.18 -67.46
CA LYS D 166 -15.59 14.34 -66.28
C LYS D 166 -16.74 14.81 -65.37
N PRO D 167 -17.30 13.91 -64.56
CA PRO D 167 -18.38 14.33 -63.65
C PRO D 167 -17.85 15.17 -62.50
N ALA D 168 -18.68 16.11 -62.06
CA ALA D 168 -18.28 16.99 -60.97
C ALA D 168 -18.08 16.19 -59.69
N GLY D 169 -17.03 16.53 -58.95
CA GLY D 169 -16.71 15.88 -57.70
C GLY D 169 -15.78 14.70 -57.80
N VAL D 170 -15.10 14.50 -58.92
CA VAL D 170 -14.15 13.41 -59.12
C VAL D 170 -12.78 14.04 -59.33
N THR D 171 -11.80 13.59 -58.54
CA THR D 171 -10.43 14.02 -58.73
C THR D 171 -9.85 13.33 -59.95
N LEU D 172 -9.02 14.06 -60.70
CA LEU D 172 -8.45 13.59 -61.95
C LEU D 172 -6.94 13.44 -61.86
N TYR D 173 -6.43 12.33 -62.38
CA TYR D 173 -5.00 12.10 -62.57
C TYR D 173 -4.76 11.60 -63.98
N VAL D 174 -3.61 11.99 -64.54
CA VAL D 174 -3.24 11.62 -65.90
C VAL D 174 -1.88 10.94 -65.84
N THR D 175 -1.76 9.83 -66.57
CA THR D 175 -0.52 9.07 -66.66
C THR D 175 -0.08 9.05 -68.11
N TYR D 176 1.19 9.35 -68.33
CA TYR D 176 1.80 9.32 -69.65
C TYR D 176 2.60 8.02 -69.78
N ASP D 177 2.16 7.15 -70.69
CA ASP D 177 2.84 5.89 -70.97
C ASP D 177 3.86 6.13 -72.08
N GLY D 178 5.14 6.15 -71.71
CA GLY D 178 6.17 6.39 -72.72
C GLY D 178 6.50 5.19 -73.57
N ALA D 179 6.02 4.00 -73.19
CA ALA D 179 6.29 2.82 -74.00
C ALA D 179 5.59 2.91 -75.36
N SER D 180 4.35 3.39 -75.37
CA SER D 180 3.57 3.42 -76.60
C SER D 180 4.18 4.35 -77.65
N THR D 181 4.95 5.35 -77.22
CA THR D 181 5.51 6.37 -78.11
C THR D 181 6.95 6.09 -78.50
N ILE D 182 7.48 4.92 -78.20
CA ILE D 182 8.84 4.60 -78.59
C ILE D 182 8.89 4.39 -80.10
N ARG D 183 9.92 4.91 -80.74
CA ARG D 183 10.05 4.73 -82.19
C ARG D 183 10.37 3.28 -82.52
N GLY D 184 9.56 2.68 -83.37
CA GLY D 184 9.81 1.30 -83.78
C GLY D 184 9.66 0.35 -82.60
N GLY D 185 10.29 -0.82 -82.74
CA GLY D 185 10.24 -1.82 -81.69
C GLY D 185 11.00 -1.32 -80.47
N ALA D 186 10.38 -1.44 -79.29
CA ALA D 186 10.94 -0.89 -78.07
C ALA D 186 11.93 -1.82 -77.38
N ILE D 187 12.05 -3.07 -77.83
CA ILE D 187 12.95 -4.01 -77.18
C ILE D 187 14.37 -3.66 -77.57
N ILE D 188 15.25 -3.54 -76.58
CA ILE D 188 16.65 -3.18 -76.80
C ILE D 188 17.46 -4.47 -76.83
N LYS D 189 18.51 -4.49 -77.67
CA LYS D 189 19.35 -5.68 -77.84
C LYS D 189 20.78 -5.40 -77.40
N TRP D 190 21.43 -6.43 -76.86
CA TRP D 190 22.86 -6.40 -76.56
C TRP D 190 23.67 -7.34 -77.44
N ASP D 191 23.16 -8.53 -77.68
CA ASP D 191 23.83 -9.55 -78.51
C ASP D 191 23.44 -9.36 -79.97
N ASN E 4 3.58 11.61 -31.53
CA ASN E 4 2.15 11.38 -31.37
C ASN E 4 1.57 10.65 -32.59
N PHE E 5 0.97 9.49 -32.34
CA PHE E 5 0.45 8.63 -33.39
C PHE E 5 -1.00 8.94 -33.75
N LYS E 6 -1.60 9.97 -33.14
CA LYS E 6 -2.96 10.37 -33.52
C LYS E 6 -3.00 11.23 -34.79
N GLY E 7 -1.85 11.53 -35.38
CA GLY E 7 -1.80 12.44 -36.50
C GLY E 7 -2.11 11.77 -37.82
N SER E 8 -1.91 12.56 -38.88
CA SER E 8 -2.29 12.11 -40.23
C SER E 8 -1.61 10.83 -40.69
N PRO E 9 -0.28 10.64 -40.57
CA PRO E 9 0.34 9.47 -41.21
C PRO E 9 -0.10 8.13 -40.64
N TYR E 10 -0.59 8.09 -39.40
CA TYR E 10 -1.01 6.85 -38.75
C TYR E 10 -2.43 6.89 -38.22
N LEU E 11 -2.87 8.01 -37.66
CA LEU E 11 -4.24 8.18 -37.19
C LEU E 11 -4.60 7.13 -36.15
N ASP E 12 -3.72 6.92 -35.18
CA ASP E 12 -3.99 5.97 -34.11
C ASP E 12 -5.12 6.50 -33.25
N ARG E 13 -6.20 5.73 -33.14
CA ARG E 13 -7.42 6.15 -32.48
C ARG E 13 -7.51 5.69 -31.02
N PHE E 14 -6.47 5.05 -30.50
CA PHE E 14 -6.51 4.53 -29.14
C PHE E 14 -6.49 5.67 -28.13
N ASP E 15 -7.26 5.51 -27.05
CA ASP E 15 -7.26 6.46 -25.95
C ASP E 15 -7.65 5.70 -24.68
N PRO E 16 -6.84 5.72 -23.61
CA PRO E 16 -7.20 4.92 -22.43
C PRO E 16 -8.52 5.29 -21.79
N SER E 17 -8.92 6.55 -21.85
CA SER E 17 -10.09 7.01 -21.11
C SER E 17 -11.38 6.36 -21.61
N LYS E 18 -11.40 5.86 -22.85
CA LYS E 18 -12.64 5.34 -23.43
C LYS E 18 -12.97 3.92 -22.96
N ASP E 19 -12.03 3.24 -22.30
CA ASP E 19 -12.27 1.91 -21.73
C ASP E 19 -12.69 0.91 -22.80
N ARG E 20 -12.10 1.01 -23.98
CA ARG E 20 -12.39 0.12 -25.10
C ARG E 20 -11.23 -0.84 -25.27
N THR E 21 -11.51 -2.15 -25.18
CA THR E 21 -10.48 -3.16 -24.99
C THR E 21 -10.43 -4.20 -26.10
N LYS E 22 -11.17 -4.01 -27.19
CA LYS E 22 -11.15 -5.01 -28.24
C LYS E 22 -11.71 -4.40 -29.51
N VAL E 23 -11.03 -4.66 -30.62
CA VAL E 23 -11.49 -4.24 -31.94
C VAL E 23 -12.17 -5.43 -32.59
N LEU E 24 -13.47 -5.29 -32.88
CA LEU E 24 -14.30 -6.36 -33.41
C LEU E 24 -14.50 -6.14 -34.91
N PHE E 25 -13.69 -6.84 -35.70
CA PHE E 25 -13.78 -6.73 -37.15
C PHE E 25 -15.05 -7.38 -37.67
N ASN E 26 -15.50 -6.93 -38.85
CA ASN E 26 -16.71 -7.40 -39.50
C ASN E 26 -16.42 -7.82 -40.93
N PRO E 27 -17.24 -8.70 -41.52
CA PRO E 27 -16.88 -9.24 -42.83
C PRO E 27 -17.38 -8.36 -43.96
N ASP E 28 -16.65 -8.43 -45.07
CA ASP E 28 -16.99 -7.65 -46.26
C ASP E 28 -17.05 -6.15 -45.96
N ARG E 29 -15.97 -5.63 -45.39
CA ARG E 29 -15.82 -4.22 -45.09
C ARG E 29 -14.43 -3.78 -45.48
N PRO E 30 -14.22 -2.48 -45.75
CA PRO E 30 -12.86 -2.02 -46.05
C PRO E 30 -12.02 -1.90 -44.78
N LEU E 31 -10.88 -2.59 -44.77
CA LEU E 31 -10.03 -2.60 -43.59
C LEU E 31 -9.32 -1.27 -43.40
N GLN E 32 -9.23 -0.83 -42.15
CA GLN E 32 -8.63 0.45 -41.79
C GLN E 32 -7.33 0.22 -41.02
N GLN E 33 -6.28 0.95 -41.42
CA GLN E 33 -4.99 0.82 -40.73
C GLN E 33 -5.05 1.37 -39.31
N ALA E 34 -5.96 2.30 -39.04
CA ALA E 34 -6.11 2.83 -37.69
C ALA E 34 -6.59 1.73 -36.74
N GLU E 35 -7.48 0.86 -37.21
CA GLU E 35 -7.93 -0.26 -36.39
C GLU E 35 -6.77 -1.19 -36.04
N LEU E 36 -5.90 -1.46 -37.01
CA LEU E 36 -4.73 -2.29 -36.76
C LEU E 36 -3.81 -1.66 -35.71
N ASN E 37 -3.55 -0.36 -35.86
CA ASN E 37 -2.70 0.34 -34.90
C ASN E 37 -3.30 0.26 -33.50
N GLU E 38 -4.60 0.54 -33.38
CA GLU E 38 -5.26 0.46 -32.08
C GLU E 38 -5.24 -0.95 -31.51
N MET E 39 -5.31 -1.96 -32.38
CA MET E 39 -5.31 -3.35 -31.94
C MET E 39 -4.03 -3.66 -31.19
N GLN E 40 -2.88 -3.24 -31.73
CA GLN E 40 -1.65 -3.48 -30.97
C GLN E 40 -1.50 -2.50 -29.80
N SER E 41 -2.03 -1.27 -29.95
CA SER E 41 -1.88 -0.27 -28.89
C SER E 41 -2.52 -0.72 -27.59
N ILE E 42 -3.71 -1.33 -27.68
CA ILE E 42 -4.44 -1.74 -26.49
C ILE E 42 -3.64 -2.77 -25.69
N ASP E 43 -3.16 -3.81 -26.36
CA ASP E 43 -2.43 -4.86 -25.66
C ASP E 43 -1.15 -4.30 -25.04
N GLN E 44 -0.45 -3.43 -25.75
CA GLN E 44 0.76 -2.87 -25.13
C GLN E 44 0.42 -1.98 -23.95
N TYR E 45 -0.70 -1.26 -24.01
CA TYR E 45 -1.11 -0.42 -22.88
C TYR E 45 -1.40 -1.25 -21.64
N TYR E 46 -2.15 -2.34 -21.81
CA TYR E 46 -2.46 -3.16 -20.65
C TYR E 46 -1.25 -3.92 -20.15
N LEU E 47 -0.33 -4.30 -21.04
CA LEU E 47 0.92 -4.88 -20.57
C LEU E 47 1.71 -3.87 -19.75
N LYS E 48 1.72 -2.60 -20.18
CA LYS E 48 2.40 -1.56 -19.42
C LYS E 48 1.76 -1.39 -18.05
N ASN E 49 0.43 -1.45 -17.99
CA ASN E 49 -0.25 -1.35 -16.70
C ASN E 49 0.16 -2.50 -15.79
N LEU E 50 0.18 -3.72 -16.32
CA LEU E 50 0.57 -4.88 -15.52
C LEU E 50 2.00 -4.76 -15.03
N GLY E 51 2.90 -4.28 -15.88
CA GLY E 51 4.27 -4.06 -15.43
C GLY E 51 4.38 -3.00 -14.36
N ASP E 52 3.66 -1.89 -14.54
CA ASP E 52 3.70 -0.78 -13.58
C ASP E 52 3.14 -1.20 -12.23
N ALA E 53 2.21 -2.14 -12.21
CA ALA E 53 1.67 -2.64 -10.94
C ALA E 53 2.68 -3.42 -10.11
N ILE E 54 3.84 -3.75 -10.65
CA ILE E 54 4.88 -4.48 -9.96
C ILE E 54 6.19 -3.70 -9.92
N PHE E 55 6.70 -3.32 -11.09
CA PHE E 55 8.07 -2.83 -11.19
C PHE E 55 8.11 -1.31 -11.18
N LYS E 56 9.33 -0.78 -11.07
CA LYS E 56 9.60 0.65 -11.21
C LYS E 56 10.61 0.85 -12.32
N ASP E 57 10.62 2.06 -12.90
CA ASP E 57 11.39 2.30 -14.11
C ASP E 57 12.89 2.14 -13.92
N GLY E 58 13.39 2.16 -12.68
CA GLY E 58 14.81 1.99 -12.42
C GLY E 58 15.16 0.65 -11.80
N ASP E 59 14.29 -0.35 -11.98
CA ASP E 59 14.47 -1.66 -11.36
C ASP E 59 15.34 -2.53 -12.24
N LYS E 60 16.48 -2.96 -11.72
CA LYS E 60 17.36 -3.89 -12.44
C LYS E 60 16.96 -5.32 -12.09
N GLN E 61 16.89 -6.16 -13.11
CA GLN E 61 16.54 -7.57 -12.95
C GLN E 61 17.76 -8.48 -12.89
N SER E 62 18.67 -8.35 -13.86
CA SER E 62 19.87 -9.16 -13.90
C SER E 62 20.92 -8.45 -14.74
N GLY E 63 22.17 -8.80 -14.50
CA GLY E 63 23.26 -8.20 -15.25
C GLY E 63 23.47 -6.74 -14.88
N LEU E 64 23.81 -5.94 -15.89
CA LEU E 64 24.05 -4.51 -15.74
C LEU E 64 25.15 -4.22 -14.71
N GLY E 65 26.15 -5.10 -14.64
CA GLY E 65 27.30 -4.84 -13.79
C GLY E 65 28.17 -3.76 -14.39
N PHE E 66 28.42 -2.70 -13.65
CA PHE E 66 29.12 -1.53 -14.16
C PHE E 66 30.64 -1.68 -13.98
N THR E 67 31.39 -1.04 -14.88
CA THR E 67 32.84 -1.00 -14.80
C THR E 67 33.29 0.45 -14.88
N LEU E 68 34.16 0.85 -13.96
CA LEU E 68 34.63 2.21 -13.82
C LEU E 68 36.14 2.25 -13.94
N SER E 69 36.64 3.06 -14.86
CA SER E 69 38.07 3.18 -15.08
C SER E 69 38.67 4.19 -14.09
N GLU E 70 39.98 4.38 -14.19
CA GLU E 70 40.66 5.34 -13.35
C GLU E 70 40.30 6.78 -13.74
N ASP E 71 39.94 6.99 -15.02
CA ASP E 71 39.50 8.30 -15.51
C ASP E 71 38.00 8.51 -15.35
N ASN E 72 37.34 7.76 -14.46
CA ASN E 72 35.91 7.92 -14.17
C ASN E 72 35.06 7.71 -15.42
N VAL E 73 35.51 6.87 -16.35
CA VAL E 73 34.71 6.52 -17.52
C VAL E 73 33.88 5.29 -17.16
N LEU E 74 32.56 5.41 -17.29
CA LEU E 74 31.66 4.34 -16.87
C LEU E 74 31.13 3.58 -18.08
N THR E 75 31.14 2.25 -17.97
CA THR E 75 30.56 1.35 -18.95
C THR E 75 29.68 0.36 -18.21
N VAL E 76 28.54 0.02 -18.80
CA VAL E 76 27.58 -0.90 -18.19
C VAL E 76 27.48 -2.15 -19.07
N ASN E 77 27.52 -3.32 -18.43
CA ASN E 77 27.40 -4.58 -19.14
C ASN E 77 25.96 -4.84 -19.54
N PRO E 78 25.70 -5.78 -20.46
CA PRO E 78 24.32 -6.04 -20.84
C PRO E 78 23.50 -6.63 -19.69
N GLY E 79 22.19 -6.41 -19.76
CA GLY E 79 21.28 -6.96 -18.78
C GLY E 79 19.88 -6.45 -19.03
N TYR E 80 18.96 -6.95 -18.20
CA TYR E 80 17.53 -6.65 -18.31
C TYR E 80 17.16 -5.47 -17.41
N VAL E 81 16.16 -4.70 -17.83
CA VAL E 81 15.69 -3.57 -17.03
C VAL E 81 14.26 -3.25 -17.44
N TYR E 82 13.46 -2.82 -16.47
CA TYR E 82 12.08 -2.41 -16.71
C TYR E 82 12.07 -0.90 -16.96
N ILE E 83 11.74 -0.49 -18.19
CA ILE E 83 11.62 0.92 -18.56
C ILE E 83 10.36 1.07 -19.42
N ASN E 84 9.44 1.90 -18.95
CA ASN E 84 8.30 2.39 -19.73
C ASN E 84 7.41 1.23 -20.20
N GLY E 85 6.87 0.49 -19.23
CA GLY E 85 5.88 -0.51 -19.56
C GLY E 85 6.42 -1.78 -20.15
N LYS E 86 7.73 -1.95 -20.29
CA LYS E 86 8.28 -3.18 -20.85
C LYS E 86 9.62 -3.49 -20.21
N ILE E 87 9.93 -4.78 -20.10
CA ILE E 87 11.23 -5.22 -19.63
C ILE E 87 12.11 -5.35 -20.87
N ARG E 88 13.11 -4.49 -20.96
CA ARG E 88 13.96 -4.38 -22.14
C ARG E 88 15.37 -4.89 -21.83
N TYR E 89 15.97 -5.55 -22.82
CA TYR E 89 17.32 -6.11 -22.71
C TYR E 89 18.30 -5.05 -23.19
N TYR E 90 19.07 -4.49 -22.25
CA TYR E 90 20.06 -3.49 -22.56
C TYR E 90 21.30 -4.18 -23.13
N ASP E 91 21.76 -3.72 -24.31
CA ASP E 91 22.95 -4.28 -24.94
C ASP E 91 23.76 -3.22 -25.68
N ASN E 92 23.80 -2.00 -25.17
CA ASN E 92 24.52 -0.90 -25.79
C ASN E 92 25.84 -0.66 -25.07
N ASP E 93 26.88 -0.36 -25.86
CA ASP E 93 28.23 -0.14 -25.33
C ASP E 93 28.48 1.35 -25.14
N ASP E 94 27.89 1.92 -24.10
CA ASP E 94 28.10 3.32 -23.77
C ASP E 94 29.35 3.47 -22.91
N SER E 95 29.94 4.65 -22.99
CA SER E 95 31.18 4.98 -22.28
C SER E 95 31.10 6.37 -21.67
N VAL E 96 29.97 6.67 -21.04
CA VAL E 96 29.78 7.98 -20.42
C VAL E 96 30.62 8.04 -19.16
N LYS E 97 31.16 9.23 -18.88
CA LYS E 97 32.03 9.47 -17.73
C LYS E 97 31.36 10.45 -16.77
N ILE E 98 31.81 10.40 -15.52
CA ILE E 98 31.26 11.21 -14.44
C ILE E 98 32.33 12.17 -13.94
N THR E 99 31.88 13.28 -13.33
CA THR E 99 32.82 14.27 -12.82
C THR E 99 33.57 13.74 -11.59
N GLY E 100 32.98 12.79 -10.87
CA GLY E 100 33.62 12.25 -9.68
C GLY E 100 33.53 13.08 -8.43
N VAL E 101 32.66 14.08 -8.40
CA VAL E 101 32.48 14.96 -7.24
C VAL E 101 31.00 15.17 -7.03
N GLY E 102 30.56 15.13 -5.77
CA GLY E 102 29.17 15.36 -5.46
C GLY E 102 28.30 14.17 -5.79
N LYS E 103 27.00 14.36 -5.63
CA LYS E 103 26.03 13.30 -5.91
C LYS E 103 25.84 13.20 -7.42
N GLU E 104 26.02 11.98 -7.94
CA GLU E 104 25.90 11.71 -9.37
C GLU E 104 25.06 10.46 -9.56
N THR E 105 24.13 10.53 -10.51
CA THR E 105 23.19 9.47 -10.78
C THR E 105 23.31 9.01 -12.24
N ILE E 106 23.29 7.71 -12.44
CA ILE E 106 23.35 7.10 -13.77
C ILE E 106 21.95 6.65 -14.15
N GLY E 107 21.51 7.00 -15.35
CA GLY E 107 20.17 6.64 -15.78
C GLY E 107 20.15 6.31 -17.26
N ILE E 108 19.06 5.63 -17.65
CA ILE E 108 18.84 5.18 -19.02
C ILE E 108 17.70 6.00 -19.59
N LYS E 109 17.89 6.51 -20.81
CA LYS E 109 16.89 7.29 -21.52
C LYS E 109 16.46 6.51 -22.75
N LEU E 110 15.14 6.47 -22.99
CA LEU E 110 14.52 5.78 -24.11
C LEU E 110 14.10 6.81 -25.15
N THR E 111 14.60 6.65 -26.37
CA THR E 111 14.33 7.58 -27.47
C THR E 111 13.50 6.87 -28.53
N GLU E 112 12.36 7.44 -28.87
CA GLU E 112 11.53 6.90 -29.95
C GLU E 112 12.00 7.41 -31.30
N ARG E 113 12.07 6.50 -32.27
CA ARG E 113 12.44 6.85 -33.64
C ARG E 113 11.59 6.03 -34.60
N ILE E 114 11.43 6.55 -35.81
CA ILE E 114 10.63 5.91 -36.85
C ILE E 114 11.59 5.32 -37.87
N VAL E 115 11.34 4.07 -38.26
CA VAL E 115 12.10 3.37 -39.29
C VAL E 115 11.14 3.06 -40.43
N THR E 116 11.49 3.50 -41.64
CA THR E 116 10.66 3.42 -42.82
C THR E 116 11.33 2.54 -43.87
N PRO E 117 10.61 2.10 -44.90
CA PRO E 117 11.28 1.29 -45.95
C PRO E 117 12.39 2.04 -46.66
N ASP E 118 12.30 3.37 -46.74
CA ASP E 118 13.30 4.15 -47.44
C ASP E 118 14.65 4.06 -46.74
N GLU E 119 14.65 4.13 -45.41
CA GLU E 119 15.89 4.00 -44.66
C GLU E 119 16.38 2.56 -44.64
N ASP E 120 15.48 1.62 -44.39
CA ASP E 120 15.81 0.20 -44.25
C ASP E 120 15.06 -0.55 -45.35
N ALA E 121 15.81 -1.03 -46.36
CA ALA E 121 15.19 -1.67 -47.51
C ALA E 121 14.58 -3.02 -47.15
N SER E 122 14.96 -3.60 -46.00
CA SER E 122 14.49 -4.94 -45.68
C SER E 122 13.00 -4.92 -45.36
N LEU E 123 12.46 -3.76 -44.97
CA LEU E 123 11.03 -3.64 -44.68
C LEU E 123 10.17 -3.79 -45.92
N LEU E 124 10.75 -3.65 -47.11
CA LEU E 124 10.02 -3.85 -48.34
C LEU E 124 9.52 -5.30 -48.42
N ASP E 125 8.35 -5.48 -49.04
CA ASP E 125 7.79 -6.81 -49.18
C ASP E 125 8.70 -7.67 -50.06
N GLN E 126 9.06 -8.85 -49.55
CA GLN E 126 9.92 -9.79 -50.27
C GLN E 126 9.23 -11.14 -50.49
N THR E 127 7.90 -11.20 -50.38
CA THR E 127 7.19 -12.42 -50.71
C THR E 127 7.37 -12.71 -52.20
N SER E 128 7.94 -13.87 -52.51
CA SER E 128 8.33 -14.16 -53.89
C SER E 128 7.12 -14.43 -54.77
N GLY E 129 7.13 -13.82 -55.95
CA GLY E 129 6.10 -14.09 -56.94
C GLY E 129 4.70 -13.65 -56.55
N VAL E 130 4.56 -12.40 -56.11
CA VAL E 130 3.24 -11.81 -55.85
C VAL E 130 3.24 -10.41 -56.46
N PRO E 131 2.05 -9.81 -56.65
CA PRO E 131 2.02 -8.43 -57.17
C PRO E 131 2.64 -7.41 -56.24
N SER E 132 2.57 -7.62 -54.92
CA SER E 132 3.08 -6.65 -53.96
C SER E 132 4.57 -6.81 -53.70
N TYR E 133 5.30 -7.54 -54.55
CA TYR E 133 6.73 -7.74 -54.34
C TYR E 133 7.47 -6.42 -54.42
N PHE E 134 8.35 -6.18 -53.44
CA PHE E 134 9.17 -4.99 -53.29
C PHE E 134 8.35 -3.71 -53.08
N SER E 135 7.07 -3.84 -52.72
CA SER E 135 6.25 -2.67 -52.43
C SER E 135 6.47 -2.19 -51.00
N LYS E 136 6.33 -0.89 -50.81
CA LYS E 136 6.47 -0.33 -49.47
C LYS E 136 5.29 -0.77 -48.61
N GLY E 137 5.45 -0.70 -47.30
CA GLY E 137 4.40 -1.08 -46.37
C GLY E 137 4.51 -0.37 -45.05
N ALA E 138 4.33 -1.10 -43.96
CA ALA E 138 4.27 -0.48 -42.64
C ALA E 138 5.66 -0.03 -42.17
N ASP E 139 5.68 1.03 -41.35
CA ASP E 139 6.91 1.47 -40.72
C ASP E 139 7.08 0.72 -39.41
N ARG E 140 8.18 1.02 -38.71
CA ARG E 140 8.53 0.38 -37.44
C ARG E 140 8.99 1.42 -36.45
N LEU E 141 8.52 1.28 -35.21
CA LEU E 141 8.90 2.16 -34.12
C LEU E 141 10.10 1.56 -33.40
N GLU E 142 11.24 2.26 -33.46
CA GLU E 142 12.49 1.81 -32.86
C GLU E 142 12.72 2.58 -31.56
N GLU E 143 12.93 1.85 -30.48
CA GLU E 143 13.14 2.43 -29.15
C GLU E 143 14.46 1.88 -28.61
N LYS E 144 15.50 2.70 -28.69
CA LYS E 144 16.84 2.35 -28.22
C LYS E 144 17.10 3.01 -26.87
N MET E 145 18.02 2.41 -26.11
CA MET E 145 18.39 2.84 -24.77
C MET E 145 19.84 3.30 -24.75
N SER E 146 20.09 4.38 -24.03
CA SER E 146 21.43 4.93 -23.87
C SER E 146 21.55 5.50 -22.47
N LEU E 147 22.78 5.52 -21.97
CA LEU E 147 23.07 6.02 -20.63
C LEU E 147 23.01 7.54 -20.58
N THR E 148 22.67 8.05 -19.40
CA THR E 148 22.68 9.47 -19.12
C THR E 148 23.20 9.66 -17.70
N VAL E 149 23.67 10.87 -17.43
CA VAL E 149 24.23 11.23 -16.13
C VAL E 149 23.54 12.51 -15.66
N ASN E 150 23.03 12.48 -14.43
CA ASN E 150 22.36 13.63 -13.81
C ASN E 150 21.25 14.16 -14.71
N ASP E 151 20.50 13.23 -15.30
CA ASP E 151 19.35 13.57 -16.14
C ASP E 151 18.08 13.21 -15.37
N PRO E 152 17.27 14.16 -14.88
CA PRO E 152 16.10 13.77 -14.07
C PRO E 152 15.03 13.06 -14.89
N THR E 153 15.03 13.20 -16.21
CA THR E 153 14.03 12.51 -17.02
C THR E 153 14.31 11.02 -17.11
N SER E 154 15.58 10.62 -17.10
CA SER E 154 15.94 9.23 -17.26
C SER E 154 15.64 8.44 -15.99
N ALA E 155 15.58 7.12 -16.15
CA ALA E 155 15.31 6.21 -15.04
C ALA E 155 16.62 5.80 -14.40
N THR E 156 16.80 6.17 -13.13
CA THR E 156 18.07 5.92 -12.47
C THR E 156 18.29 4.43 -12.25
N ILE E 157 19.53 3.99 -12.47
CA ILE E 157 19.92 2.59 -12.24
C ILE E 157 21.02 2.54 -11.18
N TYR E 158 21.83 3.61 -11.08
CA TYR E 158 22.92 3.66 -10.12
C TYR E 158 23.04 5.07 -9.58
N THR E 159 23.64 5.18 -8.39
CA THR E 159 23.90 6.48 -7.76
C THR E 159 25.29 6.45 -7.16
N PHE E 160 26.05 7.54 -7.37
CA PHE E 160 27.44 7.60 -6.91
C PHE E 160 27.62 8.86 -6.08
N MET E 161 28.47 8.75 -5.06
CA MET E 161 28.83 9.87 -4.20
C MET E 161 30.36 9.94 -4.14
N ASP E 162 30.93 10.98 -4.74
CA ASP E 162 32.37 11.17 -4.83
C ASP E 162 33.05 9.97 -5.47
N GLY E 163 32.42 9.46 -6.53
CA GLY E 163 32.97 8.32 -7.23
C GLY E 163 32.85 7.00 -6.51
N ASP E 164 32.04 6.93 -5.45
CA ASP E 164 31.82 5.71 -4.68
C ASP E 164 30.39 5.26 -4.82
N LEU E 165 30.20 3.96 -5.06
CA LEU E 165 28.86 3.40 -5.17
C LEU E 165 28.09 3.60 -3.87
N TYR E 166 26.86 4.09 -3.99
CA TYR E 166 26.08 4.52 -2.83
C TYR E 166 25.25 3.37 -2.24
N ILE E 167 24.54 2.64 -3.10
CA ILE E 167 23.66 1.55 -2.68
C ILE E 167 23.93 0.37 -3.59
N GLN E 168 23.90 -0.84 -3.02
CA GLN E 168 24.01 -2.08 -3.77
C GLN E 168 22.66 -2.77 -3.89
N SER E 169 22.54 -3.64 -4.89
CA SER E 169 21.35 -4.49 -5.04
C SER E 169 21.83 -5.77 -5.71
N THR E 170 21.99 -6.84 -4.91
CA THR E 170 22.56 -8.07 -5.43
C THR E 170 21.63 -8.71 -6.46
N ASN E 171 20.33 -8.73 -6.18
CA ASN E 171 19.36 -9.47 -6.97
C ASN E 171 18.30 -8.51 -7.51
N ALA E 172 17.25 -9.07 -8.11
CA ALA E 172 16.28 -8.27 -8.85
C ALA E 172 15.54 -7.31 -7.91
N GLU E 173 15.25 -6.11 -8.44
CA GLU E 173 14.52 -5.08 -7.72
C GLU E 173 13.05 -5.11 -8.08
N MET E 174 12.18 -5.03 -7.06
CA MET E 174 10.73 -5.06 -7.27
C MET E 174 10.14 -4.08 -6.26
N ASP E 175 9.82 -2.87 -6.72
CA ASP E 175 9.45 -1.79 -5.81
C ASP E 175 8.18 -2.12 -5.04
N LYS E 176 7.11 -2.49 -5.74
CA LYS E 176 5.83 -2.74 -5.08
C LYS E 176 5.95 -3.90 -4.07
N ILE E 177 6.63 -4.97 -4.50
CA ILE E 177 6.87 -6.12 -3.65
C ILE E 177 7.69 -5.68 -2.44
N ASN E 178 8.72 -4.88 -2.67
CA ASN E 178 9.61 -4.47 -1.57
C ASN E 178 8.87 -3.62 -0.55
N LYS E 179 7.90 -2.83 -0.99
CA LYS E 179 7.10 -2.03 -0.07
C LYS E 179 6.30 -2.93 0.86
N VAL E 180 5.63 -3.94 0.30
CA VAL E 180 4.92 -4.88 1.17
C VAL E 180 5.89 -5.59 2.12
N LEU E 181 7.01 -6.09 1.58
CA LEU E 181 7.95 -6.84 2.42
C LEU E 181 8.53 -5.95 3.51
N ALA E 182 8.75 -4.68 3.22
CA ALA E 182 9.26 -3.75 4.23
C ALA E 182 8.21 -3.50 5.31
N GLU E 183 6.95 -3.38 4.92
CA GLU E 183 5.88 -3.26 5.91
C GLU E 183 5.86 -4.47 6.84
N ARG E 184 5.91 -5.66 6.26
CA ARG E 184 5.90 -6.88 7.07
C ARG E 184 7.11 -6.96 7.98
N THR E 185 8.30 -6.66 7.45
CA THR E 185 9.50 -6.73 8.27
C THR E 185 9.45 -5.73 9.41
N TYR E 186 9.02 -4.49 9.14
CA TYR E 186 8.97 -3.47 10.19
C TYR E 186 7.93 -3.83 11.24
N ASP E 187 6.81 -4.40 10.83
CA ASP E 187 5.81 -4.84 11.81
C ASP E 187 6.36 -5.97 12.67
N GLU E 188 7.07 -6.91 12.06
CA GLU E 188 7.52 -8.09 12.80
C GLU E 188 8.69 -7.75 13.73
N SER E 189 9.67 -6.97 13.25
CA SER E 189 10.93 -6.80 13.95
C SER E 189 11.41 -5.36 14.10
N GLY E 190 10.78 -4.39 13.43
CA GLY E 190 11.29 -3.03 13.52
C GLY E 190 12.57 -2.84 12.71
N SER E 191 13.34 -1.85 13.13
CA SER E 191 14.62 -1.51 12.48
C SER E 191 15.76 -2.16 13.26
N TYR E 192 16.73 -2.69 12.52
CA TYR E 192 17.88 -3.34 13.14
C TYR E 192 19.03 -3.34 12.15
N LYS E 193 20.23 -3.58 12.68
CA LYS E 193 21.46 -3.69 11.89
C LYS E 193 21.83 -5.15 11.70
N VAL E 194 22.40 -5.46 10.54
CA VAL E 194 22.87 -6.81 10.23
C VAL E 194 24.37 -6.94 10.47
N ASN E 195 25.17 -6.02 9.94
CA ASN E 195 26.61 -6.07 10.11
C ASN E 195 27.21 -4.74 9.69
N GLY E 196 28.42 -4.48 10.18
CA GLY E 196 29.18 -3.32 9.75
C GLY E 196 28.77 -2.04 10.47
N PHE E 197 29.03 -0.91 9.80
CA PHE E 197 28.73 0.43 10.32
C PHE E 197 29.44 0.68 11.65
N GLU E 198 30.75 0.45 11.67
CA GLU E 198 31.59 0.84 12.79
C GLU E 198 32.15 2.24 12.59
N LEU E 199 32.29 2.96 13.69
CA LEU E 199 32.72 4.36 13.69
C LEU E 199 34.20 4.42 14.05
N PHE E 200 34.97 5.16 13.24
CA PHE E 200 36.40 5.34 13.47
C PHE E 200 36.77 6.80 13.26
N SER E 201 37.55 7.35 14.18
CA SER E 201 37.98 8.74 14.07
C SER E 201 39.33 8.78 13.37
N GLU E 202 39.44 9.63 12.35
CA GLU E 202 40.67 9.76 11.57
C GLU E 202 41.31 11.13 11.70
N GLY E 203 40.53 12.18 11.92
CA GLY E 203 41.07 13.52 12.05
C GLY E 203 41.69 14.08 10.79
N ASN E 204 41.14 13.72 9.62
CA ASN E 204 41.65 14.24 8.36
C ASN E 204 41.49 15.76 8.30
N ALA E 205 42.54 16.43 7.84
CA ALA E 205 42.60 17.89 7.87
C ALA E 205 41.96 18.50 6.61
N GLU E 206 40.67 18.20 6.43
CA GLU E 206 39.90 18.88 5.41
C GLU E 206 39.60 20.33 5.81
N ASP E 207 39.40 20.57 7.11
CA ASP E 207 39.13 21.91 7.61
C ASP E 207 39.49 21.95 9.09
N ASP E 208 40.10 23.06 9.51
CA ASP E 208 40.53 23.18 10.90
C ASP E 208 39.37 23.19 11.88
N ASP E 209 38.15 23.52 11.44
CA ASP E 209 37.01 23.58 12.33
C ASP E 209 36.19 22.29 12.34
N HIS E 210 36.74 21.19 11.83
CA HIS E 210 35.99 19.95 11.73
C HIS E 210 36.86 18.77 12.15
N VAL E 211 36.22 17.68 12.57
CA VAL E 211 36.92 16.43 12.81
C VAL E 211 36.29 15.36 11.93
N SER E 212 37.10 14.67 11.14
CA SER E 212 36.59 13.69 10.20
C SER E 212 36.36 12.36 10.90
N VAL E 213 35.25 11.71 10.57
CA VAL E 213 34.88 10.41 11.13
C VAL E 213 34.50 9.51 9.96
N VAL E 214 34.95 8.25 10.02
CA VAL E 214 34.68 7.26 8.99
C VAL E 214 33.70 6.25 9.53
N VAL E 215 32.65 5.98 8.76
CA VAL E 215 31.66 4.96 9.04
C VAL E 215 31.93 3.79 8.10
N ASP E 216 32.21 2.62 8.65
CA ASP E 216 32.58 1.47 7.84
C ASP E 216 31.35 0.93 7.09
N ALA E 217 31.63 0.19 6.02
CA ALA E 217 30.56 -0.39 5.22
C ALA E 217 29.77 -1.41 6.03
N GLY E 218 28.49 -1.51 5.74
CA GLY E 218 27.64 -2.45 6.45
C GLY E 218 26.30 -2.62 5.76
N LYS E 219 25.43 -3.38 6.42
CA LYS E 219 24.09 -3.67 5.93
C LYS E 219 23.09 -3.51 7.06
N ALA E 220 21.91 -2.98 6.74
CA ALA E 220 20.90 -2.72 7.75
C ALA E 220 19.53 -2.70 7.08
N TYR E 221 18.49 -2.82 7.91
CA TYR E 221 17.10 -2.75 7.50
C TYR E 221 16.41 -1.66 8.30
N VAL E 222 16.08 -0.56 7.64
CA VAL E 222 15.46 0.62 8.24
C VAL E 222 14.06 0.76 7.66
N LYS E 223 13.05 0.71 8.52
CA LYS E 223 11.64 0.72 8.11
C LYS E 223 11.34 -0.43 7.14
N GLY E 224 12.07 -1.54 7.28
CA GLY E 224 11.90 -2.71 6.46
C GLY E 224 12.69 -2.69 5.17
N PHE E 225 13.24 -1.55 4.78
CA PHE E 225 13.96 -1.39 3.52
C PHE E 225 15.43 -1.67 3.80
N LYS E 226 16.01 -2.58 3.02
CA LYS E 226 17.41 -2.93 3.13
C LYS E 226 18.28 -1.75 2.71
N VAL E 227 19.37 -1.54 3.45
CA VAL E 227 20.33 -0.47 3.18
C VAL E 227 21.71 -1.13 3.17
N ASP E 228 22.17 -1.52 1.98
CA ASP E 228 23.43 -2.22 1.79
C ASP E 228 24.39 -1.25 1.12
N LYS E 229 25.49 -0.93 1.82
CA LYS E 229 26.50 0.00 1.36
C LYS E 229 27.83 -0.74 1.12
N PRO E 230 28.48 -0.61 -0.06
CA PRO E 230 29.67 -1.42 -0.32
C PRO E 230 30.96 -0.89 0.29
N VAL E 231 31.03 0.42 0.53
CA VAL E 231 32.25 1.07 1.01
C VAL E 231 31.89 2.05 2.13
N SER E 232 32.93 2.52 2.81
CA SER E 232 32.76 3.41 3.94
C SER E 232 32.36 4.80 3.46
N THR E 233 31.84 5.60 4.40
CA THR E 233 31.41 6.96 4.15
C THR E 233 32.12 7.88 5.15
N ARG E 234 32.63 9.01 4.66
CA ARG E 234 33.31 9.98 5.50
C ARG E 234 32.31 11.06 5.91
N ILE E 235 32.28 11.35 7.21
CA ILE E 235 31.45 12.40 7.77
C ILE E 235 32.35 13.26 8.65
N SER E 236 31.90 14.50 8.87
CA SER E 236 32.66 15.48 9.64
C SER E 236 31.73 16.14 10.64
N VAL E 237 32.23 16.32 11.87
CA VAL E 237 31.48 16.96 12.95
C VAL E 237 32.12 18.30 13.25
N PRO E 238 31.38 19.38 13.46
CA PRO E 238 32.02 20.65 13.79
C PRO E 238 32.62 20.64 15.20
N LYS E 239 33.74 21.33 15.33
CA LYS E 239 34.40 21.43 16.63
C LYS E 239 33.54 22.25 17.59
N SER E 240 33.68 21.95 18.88
CA SER E 240 32.92 22.63 19.91
C SER E 240 33.67 23.87 20.37
N TYR E 241 33.04 25.04 20.22
CA TYR E 241 33.59 26.31 20.67
C TYR E 241 32.69 27.06 21.64
N ASP E 242 31.51 26.52 21.96
CA ASP E 242 30.62 27.19 22.90
C ASP E 242 31.26 27.29 24.27
N LEU E 243 31.06 28.42 24.93
CA LEU E 243 31.78 28.78 26.14
C LEU E 243 30.86 28.76 27.36
N GLY E 244 31.38 28.25 28.47
CA GLY E 244 30.71 28.34 29.76
C GLY E 244 31.36 29.41 30.61
N THR E 245 30.54 30.18 31.31
CA THR E 245 31.02 31.28 32.15
C THR E 245 31.04 30.85 33.62
N ALA E 246 32.19 31.07 34.26
CA ALA E 246 32.35 30.88 35.70
C ALA E 246 32.60 32.24 36.34
N GLU E 247 31.75 32.62 37.29
CA GLU E 247 31.83 33.92 37.94
C GLU E 247 31.86 33.75 39.46
N ASN E 248 32.58 34.68 40.12
CA ASN E 248 32.71 34.70 41.58
C ASN E 248 33.30 33.39 42.11
N GLU E 249 34.21 32.80 41.34
CA GLU E 249 34.91 31.61 41.82
C GLU E 249 35.84 32.01 42.95
N SER E 250 35.56 31.53 44.15
CA SER E 250 36.15 32.04 45.38
C SER E 250 37.25 31.11 45.87
N THR E 251 38.33 31.71 46.38
CA THR E 251 39.41 30.96 47.00
C THR E 251 40.09 31.88 48.00
N ILE E 252 40.36 31.37 49.20
CA ILE E 252 41.07 32.18 50.18
C ILE E 252 42.54 32.28 49.77
N PHE E 253 43.08 33.49 49.78
CA PHE E 253 44.49 33.68 49.47
C PHE E 253 45.32 33.47 50.73
N ASN E 254 46.41 32.72 50.59
CA ASN E 254 47.36 32.47 51.67
C ASN E 254 48.67 33.17 51.35
N LYS E 255 49.24 33.85 52.34
CA LYS E 255 50.54 34.48 52.16
C LYS E 255 51.63 33.43 51.95
N SER E 256 51.44 32.24 52.51
CA SER E 256 52.44 31.19 52.39
C SER E 256 52.47 30.62 50.97
N ASN E 257 51.31 30.52 50.32
CA ASN E 257 51.19 29.94 48.99
C ASN E 257 50.41 30.92 48.12
N ASN E 258 51.10 31.52 47.16
CA ASN E 258 50.49 32.54 46.30
C ASN E 258 49.59 31.93 45.24
N SER E 259 49.93 30.73 44.76
CA SER E 259 49.21 30.15 43.63
C SER E 259 47.78 29.77 44.03
N ILE E 260 46.83 29.97 43.11
CA ILE E 260 45.46 29.54 43.33
C ILE E 260 44.95 28.93 42.03
N SER E 261 44.20 27.83 42.14
CA SER E 261 43.83 27.06 40.97
C SER E 261 42.43 27.45 40.48
N LEU E 262 42.17 27.15 39.21
CA LEU E 262 40.86 27.34 38.61
C LEU E 262 40.20 25.98 38.41
N ALA E 263 38.90 25.91 38.73
CA ALA E 263 38.22 24.62 38.72
C ALA E 263 38.08 24.07 37.31
N ASN E 264 37.55 24.88 36.39
CA ASN E 264 37.34 24.40 35.03
C ASN E 264 38.68 24.35 34.27
N SER E 265 38.93 23.21 33.61
CA SER E 265 40.24 23.01 32.98
C SER E 265 40.41 23.86 31.73
N PRO E 266 39.62 23.65 30.64
CA PRO E 266 39.92 24.39 29.40
C PRO E 266 39.57 25.86 29.50
N VAL E 267 40.44 26.63 30.16
CA VAL E 267 40.22 28.06 30.33
C VAL E 267 40.61 28.76 29.04
N LYS E 268 39.76 29.70 28.61
CA LYS E 268 40.04 30.54 27.45
C LYS E 268 40.67 31.86 27.88
N GLU E 269 39.98 32.62 28.72
CA GLU E 269 40.48 33.92 29.15
C GLU E 269 39.91 34.22 30.54
N ILE E 270 40.67 35.00 31.30
CA ILE E 270 40.26 35.44 32.63
C ILE E 270 39.68 36.84 32.48
N ARG E 271 38.40 36.98 32.83
CA ARG E 271 37.74 38.28 32.66
C ARG E 271 38.20 39.27 33.70
N ARG E 272 38.29 38.86 34.96
CA ARG E 272 38.61 39.79 36.03
C ARG E 272 39.16 39.00 37.23
N VAL E 273 40.17 39.56 37.87
CA VAL E 273 40.70 39.07 39.13
C VAL E 273 40.69 40.26 40.08
N THR E 274 40.06 40.09 41.24
CA THR E 274 39.89 41.16 42.21
C THR E 274 40.27 40.62 43.60
N GLY E 275 40.94 41.47 44.37
CA GLY E 275 41.34 41.09 45.71
C GLY E 275 41.58 42.32 46.56
N GLN E 276 41.36 42.18 47.86
CA GLN E 276 41.53 43.30 48.78
C GLN E 276 43.01 43.66 48.89
N VAL E 277 43.32 44.95 48.75
CA VAL E 277 44.69 45.43 48.79
C VAL E 277 44.77 46.57 49.79
N LEU E 278 45.87 46.64 50.52
CA LEU E 278 46.16 47.72 51.46
C LEU E 278 47.14 48.70 50.84
N ILE E 279 46.76 49.97 50.81
CA ILE E 279 47.65 51.07 50.42
C ILE E 279 48.18 51.69 51.71
N GLU E 280 49.49 51.89 51.78
CA GLU E 280 50.13 52.51 52.93
C GLU E 280 50.75 53.84 52.51
N LYS E 281 50.44 54.90 53.26
CA LYS E 281 51.09 56.19 53.10
C LYS E 281 50.81 56.79 51.72
N GLU E 282 49.52 57.05 51.47
CA GLU E 282 49.09 57.74 50.26
C GLU E 282 48.97 59.23 50.53
N ARG E 283 49.74 60.03 49.80
CA ARG E 283 49.70 61.47 49.96
C ARG E 283 48.38 62.02 49.43
N VAL E 284 47.75 62.87 50.23
CA VAL E 284 46.49 63.52 49.89
C VAL E 284 46.62 65.00 50.22
N THR E 285 46.07 65.83 49.35
CA THR E 285 46.06 67.28 49.53
C THR E 285 44.72 67.72 50.09
N ARG E 286 44.76 68.54 51.14
CA ARG E 286 43.54 69.08 51.73
C ARG E 286 42.89 70.09 50.79
N GLY E 287 41.59 69.95 50.57
CA GLY E 287 40.85 70.90 49.77
C GLY E 287 40.66 72.25 50.44
N ALA E 288 40.38 73.25 49.62
CA ALA E 288 40.19 74.61 50.11
C ALA E 288 39.00 74.70 51.04
N GLN E 289 37.88 74.09 50.66
CA GLN E 289 36.65 74.15 51.44
C GLN E 289 36.85 73.48 52.79
N GLY E 290 36.46 74.18 53.86
CA GLY E 290 36.53 73.58 55.17
C GLY E 290 35.38 72.61 55.39
N ASP E 291 35.67 71.53 56.13
CA ASP E 291 34.72 70.44 56.36
C ASP E 291 34.24 69.82 55.05
N GLY E 292 35.13 69.74 54.07
CA GLY E 292 34.80 69.26 52.75
C GLY E 292 35.08 67.79 52.56
N GLN E 293 35.41 67.42 51.32
CA GLN E 293 35.68 66.02 50.96
C GLN E 293 36.88 65.98 50.01
N ASP E 294 37.82 65.09 50.30
CA ASP E 294 39.03 64.89 49.50
C ASP E 294 38.98 63.49 48.88
N PHE E 295 39.07 63.44 47.55
CA PHE E 295 38.90 62.19 46.82
C PHE E 295 40.16 61.34 46.86
N LEU E 296 39.99 60.06 47.17
CA LEU E 296 41.10 59.11 47.16
C LEU E 296 41.40 58.68 45.73
N SER E 297 42.63 58.17 45.53
CA SER E 297 43.04 57.73 44.20
C SER E 297 42.19 56.57 43.70
N ASN E 298 41.70 55.72 44.61
CA ASN E 298 40.86 54.57 44.27
C ASN E 298 39.47 54.76 44.85
N ASN E 299 38.45 54.52 44.02
CA ASN E 299 37.05 54.74 44.39
C ASN E 299 36.35 53.50 44.93
N THR E 300 37.10 52.43 45.21
CA THR E 300 36.55 51.19 45.76
C THR E 300 36.98 50.96 47.21
N ALA E 301 37.42 52.01 47.89
CA ALA E 301 37.87 51.88 49.28
C ALA E 301 36.68 51.58 50.19
N PHE E 302 36.96 50.86 51.28
CA PHE E 302 35.94 50.47 52.25
C PHE E 302 36.39 50.54 53.70
N GLU E 303 37.63 50.93 53.98
CA GLU E 303 38.09 51.04 55.36
C GLU E 303 39.32 51.92 55.40
N ILE E 304 39.34 52.85 56.35
CA ILE E 304 40.47 53.74 56.58
C ILE E 304 41.25 53.21 57.77
N VAL E 305 42.56 53.03 57.60
CA VAL E 305 43.41 52.49 58.66
C VAL E 305 44.00 53.60 59.51
N LYS E 306 44.61 54.59 58.87
CA LYS E 306 45.37 55.62 59.57
C LYS E 306 45.37 56.88 58.73
N VAL E 307 45.17 58.01 59.38
CA VAL E 307 45.32 59.33 58.77
C VAL E 307 46.22 60.15 59.69
N TRP E 308 47.32 60.67 59.13
CA TRP E 308 48.33 61.34 59.94
C TRP E 308 49.16 62.25 59.04
N THR E 309 49.96 63.10 59.69
CA THR E 309 50.83 64.05 59.01
C THR E 309 52.27 63.85 59.50
N GLU E 310 53.24 64.20 58.66
CA GLU E 310 54.64 64.07 59.03
C GLU E 310 55.46 65.23 58.46
N THR E 311 56.33 65.79 59.31
CA THR E 311 57.31 66.78 58.87
C THR E 311 58.64 66.14 58.47
N SER E 312 58.96 64.98 59.02
CA SER E 312 60.14 64.22 58.65
C SER E 312 59.73 62.75 58.56
N PRO E 313 60.54 61.92 57.90
CA PRO E 313 60.14 60.50 57.76
C PRO E 313 60.07 59.80 59.10
N GLY E 314 58.93 59.15 59.35
CA GLY E 314 58.74 58.35 60.54
C GLY E 314 58.24 59.08 61.76
N VAL E 315 58.26 60.42 61.76
CA VAL E 315 57.84 61.22 62.89
C VAL E 315 56.39 61.65 62.64
N THR E 316 55.49 61.19 63.50
CA THR E 316 54.07 61.53 63.37
C THR E 316 53.80 62.83 64.11
N THR E 317 53.59 63.91 63.35
CA THR E 317 53.21 65.17 63.96
C THR E 317 51.86 65.06 64.65
N LYS E 318 50.87 64.47 63.98
CA LYS E 318 49.55 64.29 64.56
C LYS E 318 48.86 63.12 63.86
N GLU E 319 48.07 62.39 64.64
CA GLU E 319 47.20 61.33 64.13
C GLU E 319 45.76 61.74 64.39
N TYR E 320 44.95 61.75 63.33
CA TYR E 320 43.56 62.14 63.41
C TYR E 320 42.69 60.95 63.78
N LYS E 321 41.70 61.16 64.64
CA LYS E 321 40.86 60.09 65.16
C LYS E 321 39.62 59.93 64.29
N GLN E 322 39.42 58.73 63.77
CA GLN E 322 38.25 58.44 62.96
C GLN E 322 36.98 58.48 63.79
N GLY E 323 35.91 59.01 63.19
CA GLY E 323 34.61 59.07 63.81
C GLY E 323 34.29 60.39 64.47
N GLU E 324 35.29 61.23 64.74
CA GLU E 324 35.08 62.56 65.31
C GLU E 324 35.84 63.61 64.51
N ASP E 325 36.97 63.23 63.91
CA ASP E 325 37.72 64.10 63.02
C ASP E 325 37.40 63.89 61.55
N PHE E 326 37.15 62.65 61.15
CA PHE E 326 36.84 62.33 59.76
C PHE E 326 36.06 61.02 59.71
N ARG E 327 35.47 60.76 58.54
CA ARG E 327 34.78 59.51 58.31
C ARG E 327 34.86 59.16 56.83
N LEU E 328 34.66 57.87 56.54
CA LEU E 328 34.57 57.40 55.16
C LEU E 328 33.17 57.64 54.62
N THR E 329 33.09 58.29 53.47
CA THR E 329 31.83 58.61 52.81
C THR E 329 31.84 58.02 51.40
N ASP E 330 30.87 57.16 51.11
CA ASP E 330 30.66 56.56 49.79
C ASP E 330 31.86 55.75 49.29
N GLY E 331 32.77 55.39 50.20
CA GLY E 331 33.95 54.64 49.81
C GLY E 331 34.84 55.35 48.81
N GLN E 332 34.80 56.68 48.80
CA GLN E 332 35.53 57.50 47.83
C GLN E 332 36.33 58.62 48.46
N THR E 333 35.83 59.23 49.53
CA THR E 333 36.34 60.49 50.04
C THR E 333 36.60 60.40 51.54
N ILE E 334 37.55 61.20 52.01
CA ILE E 334 37.76 61.45 53.43
C ILE E 334 36.94 62.68 53.77
N ASP E 335 35.81 62.49 54.43
CA ASP E 335 34.90 63.58 54.77
C ASP E 335 35.29 64.15 56.13
N TRP E 336 35.54 65.46 56.18
CA TRP E 336 35.88 66.15 57.42
C TRP E 336 34.69 66.89 58.00
N SER E 337 33.48 66.49 57.67
CA SER E 337 32.27 67.07 58.26
C SER E 337 32.13 66.82 59.77
N PRO E 338 32.75 65.80 60.38
CA PRO E 338 32.70 65.72 61.85
C PRO E 338 33.33 66.92 62.54
N GLN E 339 32.92 67.12 63.79
CA GLN E 339 33.26 68.32 64.54
C GLN E 339 34.76 68.46 64.78
N GLY E 340 35.48 67.35 64.88
CA GLY E 340 36.83 67.36 65.39
C GLY E 340 37.82 68.09 64.48
N GLN E 341 39.10 67.88 64.77
CA GLN E 341 40.15 68.62 64.10
C GLN E 341 40.25 68.20 62.62
N GLU E 342 40.94 69.02 61.85
CA GLU E 342 41.22 68.71 60.45
C GLU E 342 42.44 69.51 60.01
N PRO E 343 43.13 69.07 58.95
CA PRO E 343 44.27 69.87 58.46
C PRO E 343 43.81 71.18 57.87
N SER E 344 44.73 72.14 57.87
CA SER E 344 44.49 73.43 57.25
C SER E 344 44.33 73.26 55.74
N GLY E 345 43.61 74.19 55.13
CA GLY E 345 43.41 74.15 53.69
C GLY E 345 44.71 74.29 52.92
N GLY E 346 44.89 73.45 51.90
CA GLY E 346 46.09 73.49 51.07
C GLY E 346 47.25 72.68 51.60
N THR E 347 47.11 72.05 52.77
CA THR E 347 48.17 71.23 53.33
C THR E 347 47.97 69.78 52.91
N SER E 348 49.08 69.04 52.86
CA SER E 348 49.09 67.65 52.44
C SER E 348 49.19 66.73 53.66
N TYR E 349 48.49 65.61 53.60
CA TYR E 349 48.50 64.63 54.67
C TYR E 349 48.44 63.23 54.08
N TYR E 350 48.81 62.24 54.89
CA TYR E 350 48.87 60.85 54.46
C TYR E 350 47.58 60.12 54.82
N VAL E 351 47.26 59.10 54.03
CA VAL E 351 46.09 58.25 54.25
C VAL E 351 46.47 56.81 53.95
N SER E 352 46.00 55.90 54.81
CA SER E 352 46.12 54.46 54.61
C SER E 352 44.72 53.86 54.60
N TYR E 353 44.44 53.01 53.61
CA TYR E 353 43.09 52.47 53.47
C TYR E 353 43.15 51.17 52.70
N LYS E 354 42.04 50.44 52.72
CA LYS E 354 41.90 49.16 52.04
C LYS E 354 40.87 49.28 50.93
N TYR E 355 41.13 48.61 49.81
CA TYR E 355 40.22 48.67 48.67
C TYR E 355 40.37 47.40 47.83
N ASN E 356 39.35 47.14 47.01
CA ASN E 356 39.38 46.01 46.09
C ASN E 356 40.01 46.48 44.77
N LYS E 357 41.17 45.93 44.45
CA LYS E 357 41.91 46.27 43.25
C LYS E 357 41.63 45.23 42.17
N ARG E 358 41.35 45.70 40.97
CA ARG E 358 41.23 44.82 39.81
C ARG E 358 42.63 44.49 39.30
N MET E 359 43.09 43.28 39.58
CA MET E 359 44.44 42.88 39.23
C MET E 359 44.62 42.85 37.71
N GLU E 360 45.82 43.23 37.26
CA GLU E 360 46.13 43.28 35.84
C GLU E 360 47.04 42.12 35.48
N ALA E 361 46.73 41.45 34.38
CA ALA E 361 47.54 40.32 33.95
C ALA E 361 48.92 40.77 33.50
N GLY E 362 49.94 40.04 33.94
CA GLY E 362 51.32 40.37 33.62
C GLY E 362 51.93 41.47 34.45
N LYS E 363 51.16 42.11 35.33
CA LYS E 363 51.63 43.16 36.21
C LYS E 363 51.44 42.78 37.67
N ASP E 364 50.23 42.35 38.04
CA ASP E 364 49.92 41.88 39.38
C ASP E 364 50.00 40.36 39.51
N TYR E 365 49.78 39.63 38.41
CA TYR E 365 49.82 38.19 38.42
C TYR E 365 50.25 37.69 37.05
N GLU E 366 50.67 36.43 37.01
CA GLU E 366 50.98 35.73 35.78
C GLU E 366 50.26 34.38 35.78
N VAL E 367 49.86 33.94 34.59
CA VAL E 367 49.06 32.72 34.42
C VAL E 367 49.96 31.64 33.84
N THR E 368 49.91 30.44 34.43
CA THR E 368 50.74 29.33 34.01
C THR E 368 49.90 28.06 34.02
N THR E 369 50.49 26.97 33.53
CA THR E 369 49.82 25.68 33.49
C THR E 369 50.87 24.60 33.75
N GLN E 370 50.38 23.44 34.21
CA GLN E 370 51.21 22.30 34.58
C GLN E 370 50.97 21.12 33.66
N GLY E 371 49.76 20.58 33.62
CA GLY E 371 49.47 19.33 32.96
C GLY E 371 49.19 19.49 31.49
N GLU E 372 48.58 18.46 30.91
CA GLU E 372 48.19 18.43 29.52
C GLU E 372 46.89 17.66 29.37
N GLY E 373 46.16 17.97 28.30
CA GLY E 373 44.90 17.29 28.07
C GLY E 373 43.85 17.69 29.10
N LEU E 374 42.93 16.75 29.38
CA LEU E 374 41.85 17.03 30.31
C LEU E 374 42.36 17.31 31.71
N SER E 375 43.50 16.74 32.09
CA SER E 375 44.09 16.98 33.40
C SER E 375 44.80 18.33 33.48
N LYS E 376 44.93 19.06 32.37
CA LYS E 376 45.60 20.36 32.41
C LYS E 376 44.88 21.32 33.35
N LYS E 377 45.66 22.16 34.04
CA LYS E 377 45.12 23.11 35.00
C LYS E 377 45.75 24.48 34.79
N TRP E 378 44.98 25.51 35.14
CA TRP E 378 45.38 26.91 35.06
C TRP E 378 45.53 27.46 36.48
N TYR E 379 46.56 28.27 36.70
CA TYR E 379 46.85 28.86 38.00
C TYR E 379 47.10 30.34 37.88
N ILE E 380 46.74 31.06 38.94
CA ILE E 380 47.04 32.47 39.15
C ILE E 380 48.09 32.54 40.25
N ASN E 381 49.30 32.99 39.88
CA ASN E 381 50.48 32.83 40.74
C ASN E 381 50.77 34.05 41.61
N PHE E 382 50.42 35.26 41.16
CA PHE E 382 50.79 36.49 41.86
C PHE E 382 52.31 36.57 42.08
N THR E 383 53.06 36.24 41.03
CA THR E 383 54.52 36.12 41.12
C THR E 383 55.24 37.47 41.21
N PRO E 384 54.91 38.49 40.40
CA PRO E 384 55.76 39.69 40.36
C PRO E 384 55.88 40.39 41.70
N SER E 385 57.08 40.90 41.99
CA SER E 385 57.36 41.45 43.30
C SER E 385 56.66 42.78 43.49
N ASN E 386 56.73 43.67 42.49
CA ASN E 386 56.07 44.95 42.60
C ASN E 386 54.56 44.86 42.46
N GLY E 387 54.02 43.72 42.00
CA GLY E 387 52.58 43.65 41.81
C GLY E 387 51.85 43.70 43.14
N ALA E 388 50.64 44.24 43.10
CA ALA E 388 49.81 44.26 44.29
C ALA E 388 49.26 42.87 44.59
N LYS E 389 49.50 42.39 45.82
CA LYS E 389 49.08 41.08 46.26
C LYS E 389 47.85 41.18 47.16
N PRO E 390 47.00 40.15 47.27
CA PRO E 390 45.84 40.28 48.16
C PRO E 390 46.27 40.25 49.61
N ILE E 391 45.42 40.84 50.46
CA ILE E 391 45.66 40.77 51.90
C ILE E 391 45.58 39.30 52.32
N ASP E 392 46.37 38.94 53.32
CA ASP E 392 46.40 37.56 53.79
C ASP E 392 45.07 37.16 54.40
N GLN E 393 44.65 35.93 54.13
CA GLN E 393 43.39 35.35 54.63
C GLN E 393 42.19 36.16 54.16
N THR E 394 42.21 36.59 52.90
CA THR E 394 41.08 37.24 52.27
C THR E 394 40.70 36.49 51.00
N VAL E 395 39.48 36.71 50.56
CA VAL E 395 38.90 35.99 49.43
C VAL E 395 39.33 36.69 48.15
N VAL E 396 39.72 35.90 47.15
CA VAL E 396 40.04 36.38 45.82
C VAL E 396 38.99 35.82 44.87
N LEU E 397 38.33 36.69 44.12
CA LEU E 397 37.30 36.29 43.16
C LEU E 397 37.86 36.36 41.75
N VAL E 398 37.61 35.32 40.96
CA VAL E 398 38.08 35.21 39.59
C VAL E 398 36.87 34.95 38.70
N ASP E 399 36.76 35.71 37.61
CA ASP E 399 35.76 35.48 36.57
C ASP E 399 36.48 35.10 35.28
N TYR E 400 36.10 33.97 34.70
CA TYR E 400 36.74 33.48 33.49
C TYR E 400 35.72 32.68 32.68
N THR E 401 36.08 32.40 31.44
CA THR E 401 35.31 31.55 30.54
C THR E 401 36.10 30.30 30.20
N TYR E 402 35.38 29.25 29.79
CA TYR E 402 35.99 27.98 29.43
C TYR E 402 35.16 27.30 28.35
N TYR E 403 35.82 26.47 27.55
CA TYR E 403 35.16 25.78 26.45
C TYR E 403 34.25 24.68 26.98
N LEU E 404 33.23 24.34 26.20
CA LEU E 404 32.28 23.28 26.54
C LEU E 404 32.41 22.14 25.53
N ALA E 405 32.20 20.92 26.02
CA ALA E 405 32.19 19.75 25.16
C ALA E 405 30.80 19.54 24.55
N ARG E 406 30.76 18.75 23.48
CA ARG E 406 29.52 18.40 22.80
C ARG E 406 29.55 16.93 22.43
N LYS E 407 28.37 16.30 22.47
CA LYS E 407 28.21 14.88 22.14
C LYS E 407 27.12 14.77 21.09
N ASP E 408 27.43 14.12 19.97
CA ASP E 408 26.52 14.03 18.83
C ASP E 408 26.17 12.57 18.55
N SER E 409 25.02 12.36 17.92
CA SER E 409 24.53 11.03 17.59
C SER E 409 24.50 10.86 16.08
N VAL E 410 24.90 9.67 15.62
CA VAL E 410 24.95 9.34 14.20
C VAL E 410 23.72 8.51 13.86
N PHE E 411 23.09 8.85 12.73
CA PHE E 411 21.88 8.17 12.27
C PHE E 411 22.00 7.83 10.80
N ILE E 412 21.26 6.80 10.38
CA ILE E 412 21.12 6.45 8.98
C ILE E 412 19.64 6.22 8.70
N ASN E 413 19.17 6.71 7.56
CA ASN E 413 17.78 6.57 7.16
C ASN E 413 17.63 5.46 6.12
N LYS E 414 16.40 5.23 5.69
CA LYS E 414 16.11 4.16 4.74
C LYS E 414 16.64 4.45 3.34
N TYR E 415 16.98 5.71 3.05
CA TYR E 415 17.58 6.07 1.77
C TYR E 415 19.10 5.89 1.76
N GLY E 416 19.71 5.53 2.89
CA GLY E 416 21.15 5.40 2.96
C GLY E 416 21.88 6.68 3.20
N ASP E 417 21.21 7.71 3.74
CA ASP E 417 21.84 8.99 4.02
C ASP E 417 22.28 8.99 5.48
N ILE E 418 23.59 8.97 5.70
CA ILE E 418 24.14 9.08 7.04
C ILE E 418 24.13 10.55 7.45
N ALA E 419 23.63 10.83 8.65
CA ALA E 419 23.47 12.19 9.15
C ALA E 419 23.83 12.24 10.62
N ILE E 420 23.98 13.46 11.14
CA ILE E 420 24.40 13.71 12.51
C ILE E 420 23.48 14.78 13.09
N LEU E 421 22.98 14.53 14.31
CA LEU E 421 22.21 15.53 15.06
C LEU E 421 23.08 16.13 16.14
N PRO E 422 23.25 17.44 16.24
CA PRO E 422 24.13 17.97 17.29
C PRO E 422 23.43 18.00 18.64
N GLY E 423 24.17 17.59 19.67
CA GLY E 423 23.67 17.63 21.03
C GLY E 423 23.89 18.99 21.69
N GLU E 424 23.37 19.09 22.89
CA GLU E 424 23.49 20.33 23.66
C GLU E 424 24.91 20.45 24.20
N PRO E 425 25.60 21.59 24.01
CA PRO E 425 26.93 21.74 24.63
C PRO E 425 26.85 21.74 26.15
N ASN E 426 27.80 21.04 26.76
CA ASN E 426 27.91 20.97 28.21
C ASN E 426 29.31 20.51 28.57
N ILE E 427 29.64 20.67 29.86
CA ILE E 427 30.93 20.19 30.35
C ILE E 427 31.00 18.67 30.16
N MET E 428 32.24 18.16 30.11
CA MET E 428 32.42 16.74 29.79
C MET E 428 31.78 15.82 30.82
N ARG E 429 31.68 16.27 32.07
CA ARG E 429 31.09 15.41 33.09
C ARG E 429 29.58 15.28 32.91
N LEU E 430 28.93 16.27 32.27
CA LEU E 430 27.48 16.30 32.13
C LEU E 430 27.00 16.20 30.69
N VAL E 431 27.88 16.11 29.71
CA VAL E 431 27.43 16.08 28.32
C VAL E 431 26.74 14.75 28.05
N THR E 432 25.64 14.80 27.31
CA THR E 432 24.87 13.62 26.92
C THR E 432 24.46 13.77 25.46
N PRO E 433 24.19 12.67 24.76
CA PRO E 433 23.82 12.78 23.34
C PRO E 433 22.38 13.24 23.18
N PRO E 434 22.00 13.73 22.01
CA PRO E 434 20.62 14.22 21.85
C PRO E 434 19.65 13.05 21.88
N LEU E 435 18.47 13.32 22.43
CA LEU E 435 17.42 12.31 22.53
C LEU E 435 16.54 12.35 21.29
N ASN E 436 16.33 11.18 20.67
CA ASN E 436 15.53 11.10 19.46
C ASN E 436 14.63 9.88 19.53
N THR E 437 13.43 10.00 18.92
CA THR E 437 12.47 8.90 18.88
C THR E 437 11.85 8.74 17.48
N ASP E 438 12.55 9.18 16.45
CA ASP E 438 12.03 9.11 15.09
C ASP E 438 12.12 7.68 14.59
N PRO E 439 11.01 7.00 14.27
CA PRO E 439 11.14 5.61 13.79
C PRO E 439 11.89 5.47 12.47
N GLU E 440 11.97 6.51 11.66
CA GLU E 440 12.53 6.39 10.32
C GLU E 440 14.05 6.26 10.32
N ASN E 441 14.73 6.54 11.44
CA ASN E 441 16.19 6.56 11.52
C ASN E 441 16.70 5.46 12.43
N LEU E 442 17.80 4.84 12.02
CA LEU E 442 18.53 3.87 12.82
C LEU E 442 19.78 4.53 13.38
N GLN E 443 19.91 4.55 14.70
CA GLN E 443 21.07 5.13 15.35
C GLN E 443 22.25 4.18 15.23
N LEU E 444 23.37 4.67 14.67
CA LEU E 444 24.57 3.86 14.54
C LEU E 444 25.53 4.04 15.71
N GLY E 445 25.47 5.15 16.42
CA GLY E 445 26.42 5.39 17.48
C GLY E 445 26.43 6.87 17.84
N THR E 446 27.41 7.23 18.65
CA THR E 446 27.58 8.59 19.13
C THR E 446 29.04 8.99 19.01
N VAL E 447 29.27 10.26 18.70
CA VAL E 447 30.60 10.83 18.58
C VAL E 447 30.69 11.96 19.59
N THR E 448 31.68 11.89 20.48
CA THR E 448 31.92 12.91 21.48
C THR E 448 33.18 13.68 21.10
N VAL E 449 33.09 15.02 21.08
CA VAL E 449 34.20 15.88 20.72
C VAL E 449 34.67 16.60 21.98
N LEU E 450 35.96 16.51 22.27
CA LEU E 450 36.53 17.17 23.44
C LEU E 450 36.56 18.69 23.23
N PRO E 451 36.49 19.47 24.30
CA PRO E 451 36.35 20.92 24.14
C PRO E 451 37.58 21.57 23.53
N ASP E 452 37.43 22.08 22.31
CA ASP E 452 38.49 22.75 21.57
C ASP E 452 39.70 21.83 21.40
N SER E 453 39.46 20.72 20.70
CA SER E 453 40.52 19.77 20.43
C SER E 453 40.17 18.98 19.19
N ASP E 454 41.19 18.41 18.55
CA ASP E 454 40.98 17.54 17.40
C ASP E 454 40.55 16.14 17.79
N GLU E 455 40.78 15.74 19.04
CA GLU E 455 40.43 14.40 19.47
C GLU E 455 38.93 14.24 19.62
N ALA E 456 38.44 13.04 19.31
CA ALA E 456 37.04 12.71 19.44
C ALA E 456 36.91 11.24 19.81
N VAL E 457 35.88 10.93 20.60
CA VAL E 457 35.62 9.58 21.07
C VAL E 457 34.40 9.07 20.32
N CYS E 458 34.56 7.93 19.64
CA CYS E 458 33.50 7.32 18.84
C CYS E 458 33.10 5.99 19.47
N ILE E 459 31.80 5.80 19.67
CA ILE E 459 31.27 4.55 20.20
C ILE E 459 30.08 4.15 19.33
N SER E 460 29.94 2.85 19.10
CA SER E 460 28.82 2.30 18.34
C SER E 460 27.78 1.72 19.30
N PHE E 461 26.52 2.16 19.15
CA PHE E 461 25.37 1.60 19.88
C PHE E 461 24.29 1.12 18.91
N ALA E 462 24.66 0.60 17.75
CA ALA E 462 23.64 0.21 16.79
C ALA E 462 22.85 -0.99 17.27
N ILE E 463 21.52 -0.92 17.12
CA ILE E 463 20.69 -2.10 17.37
C ILE E 463 21.02 -3.15 16.32
N THR E 464 21.27 -4.37 16.77
CA THR E 464 21.66 -5.47 15.90
C THR E 464 20.74 -6.66 16.12
N ARG E 465 20.64 -7.50 15.09
CA ARG E 465 19.70 -8.61 15.14
C ARG E 465 20.19 -9.69 16.10
N LEU E 466 19.30 -10.66 16.37
CA LEU E 466 19.64 -11.85 17.15
C LEU E 466 19.12 -13.07 16.41
N SER E 467 20.02 -13.80 15.77
CA SER E 467 19.61 -14.98 15.02
C SER E 467 19.10 -16.06 15.96
N MET E 468 18.39 -17.04 15.37
CA MET E 468 17.76 -18.10 16.15
C MET E 468 18.79 -18.89 16.94
N GLU E 469 20.00 -19.02 16.42
CA GLU E 469 21.09 -19.60 17.21
C GLU E 469 21.39 -18.76 18.44
N ASP E 470 21.45 -17.44 18.30
CA ASP E 470 21.71 -16.57 19.45
C ASP E 470 20.60 -16.69 20.47
N LEU E 471 19.35 -16.75 20.01
CA LEU E 471 18.23 -16.87 20.94
C LEU E 471 18.23 -18.22 21.64
N GLN E 472 18.63 -19.28 20.94
CA GLN E 472 18.77 -20.57 21.60
C GLN E 472 19.87 -20.53 22.65
N LYS E 473 20.97 -19.84 22.35
CA LYS E 473 22.04 -19.69 23.34
C LYS E 473 21.56 -18.91 24.56
N VAL E 474 20.74 -17.88 24.34
CA VAL E 474 20.17 -17.14 25.46
C VAL E 474 19.28 -18.05 26.29
N LYS E 475 18.48 -18.88 25.62
CA LYS E 475 17.62 -19.81 26.34
C LYS E 475 18.43 -20.79 27.17
N THR E 476 19.54 -21.27 26.61
CA THR E 476 20.44 -22.14 27.37
C THR E 476 21.04 -21.43 28.57
N ARG E 477 21.36 -20.14 28.40
CA ARG E 477 21.90 -19.36 29.52
C ARG E 477 20.85 -19.21 30.61
N VAL E 478 19.58 -19.02 30.22
CA VAL E 478 18.51 -18.98 31.20
C VAL E 478 18.40 -20.31 31.92
N ASP E 479 18.50 -21.41 31.18
CA ASP E 479 18.45 -22.74 31.79
C ASP E 479 19.56 -22.90 32.83
N ASN E 480 20.76 -22.47 32.49
CA ASN E 480 21.88 -22.54 33.42
C ASN E 480 21.65 -21.64 34.63
N LEU E 481 21.04 -20.47 34.43
CA LEU E 481 20.75 -19.59 35.54
C LEU E 481 19.77 -20.23 36.52
N GLU E 482 18.70 -20.83 36.00
CA GLU E 482 17.74 -21.46 36.91
C GLU E 482 18.34 -22.70 37.57
N TYR E 483 19.21 -23.42 36.87
CA TYR E 483 19.90 -24.53 37.51
C TYR E 483 20.77 -24.05 38.67
N ASN E 484 21.52 -22.96 38.45
CA ASN E 484 22.34 -22.42 39.52
C ASN E 484 21.49 -21.88 40.66
N GLN E 485 20.32 -21.32 40.34
CA GLN E 485 19.40 -20.87 41.38
C GLN E 485 18.92 -22.04 42.24
N ALA E 486 18.59 -23.16 41.60
CA ALA E 486 18.21 -24.37 42.33
C ALA E 486 19.36 -24.86 43.20
N VAL E 487 20.58 -24.83 42.67
CA VAL E 487 21.74 -25.26 43.45
C VAL E 487 21.91 -24.37 44.67
N ASN E 488 21.77 -23.06 44.49
CA ASN E 488 21.90 -22.14 45.63
C ASN E 488 20.80 -22.40 46.65
N ALA E 489 19.57 -22.64 46.18
CA ALA E 489 18.48 -22.93 47.11
C ALA E 489 18.72 -24.23 47.86
N LEU E 490 19.47 -25.15 47.26
CA LEU E 490 19.78 -26.42 47.92
C LEU E 490 20.49 -26.22 49.25
N ASP E 491 21.27 -25.15 49.38
CA ASP E 491 22.06 -24.86 50.56
C ASP E 491 21.36 -23.92 51.54
N ASP E 492 20.13 -23.50 51.26
CA ASP E 492 19.45 -22.58 52.16
C ASP E 492 18.99 -23.28 53.43
N GLY E 493 18.10 -24.27 53.29
CA GLY E 493 17.66 -25.06 54.42
C GLY E 493 16.84 -24.31 55.44
N ALA E 494 16.11 -23.28 55.01
CA ALA E 494 15.25 -22.50 55.89
C ALA E 494 13.94 -22.20 55.17
N MET E 495 12.84 -22.27 55.92
CA MET E 495 11.51 -22.00 55.36
C MET E 495 10.60 -21.54 56.48
N GLU E 496 9.85 -20.46 56.24
CA GLU E 496 8.96 -19.93 57.24
C GLU E 496 7.72 -20.81 57.40
N GLY E 497 7.08 -20.70 58.56
CA GLY E 497 5.89 -21.47 58.85
C GLY E 497 4.63 -20.90 58.23
N GLN E 498 4.28 -19.67 58.59
CA GLN E 498 3.04 -19.03 58.15
C GLN E 498 3.32 -18.18 56.91
N ASN E 499 2.75 -18.58 55.78
CA ASN E 499 2.87 -17.84 54.52
C ASN E 499 4.32 -17.64 54.13
N PRO E 500 5.06 -18.70 53.82
CA PRO E 500 6.47 -18.54 53.44
C PRO E 500 6.64 -18.06 52.01
N LEU E 501 7.57 -17.13 51.82
CA LEU E 501 7.97 -16.76 50.48
C LEU E 501 8.78 -17.87 49.84
N THR E 502 8.34 -18.34 48.68
CA THR E 502 8.97 -19.47 48.01
C THR E 502 9.41 -19.06 46.62
N LEU E 503 10.53 -19.63 46.17
CA LEU E 503 11.04 -19.36 44.84
C LEU E 503 10.08 -19.92 43.80
N ARG E 504 9.75 -19.14 42.79
CA ARG E 504 8.82 -19.61 41.78
C ARG E 504 9.51 -20.55 40.81
N SER E 505 8.89 -21.70 40.58
CA SER E 505 9.35 -22.74 39.66
C SER E 505 10.60 -23.46 40.13
N VAL E 506 10.91 -23.38 41.43
CA VAL E 506 12.12 -23.98 41.99
C VAL E 506 11.75 -24.68 43.29
N PHE E 507 12.32 -25.87 43.49
CA PHE E 507 12.23 -26.57 44.76
C PHE E 507 13.44 -27.48 44.90
N SER E 508 14.16 -27.37 46.01
CA SER E 508 15.34 -28.19 46.26
C SER E 508 15.42 -28.53 47.73
N GLU E 509 15.96 -29.72 48.03
CA GLU E 509 16.08 -30.23 49.38
C GLU E 509 17.54 -30.60 49.61
N GLY E 510 18.20 -29.91 50.53
CA GLY E 510 19.55 -30.27 50.91
C GLY E 510 19.67 -31.33 51.98
N PHE E 511 18.55 -31.79 52.54
CA PHE E 511 18.53 -32.77 53.63
C PHE E 511 19.39 -32.32 54.81
N ILE E 512 19.30 -31.03 55.13
CA ILE E 512 19.99 -30.44 56.27
C ILE E 512 19.04 -29.88 57.32
N SER E 513 17.74 -29.81 57.07
CA SER E 513 16.82 -29.27 58.06
C SER E 513 15.47 -29.91 57.83
N LEU E 514 14.58 -29.75 58.82
CA LEU E 514 13.21 -30.25 58.73
C LEU E 514 12.23 -29.23 58.17
N ASP E 515 12.71 -28.03 57.81
CA ASP E 515 11.79 -26.97 57.40
C ASP E 515 11.14 -27.29 56.06
N LYS E 516 11.90 -27.85 55.12
CA LYS E 516 11.37 -28.15 53.80
C LYS E 516 10.46 -29.37 53.78
N ALA E 517 10.56 -30.24 54.79
CA ALA E 517 9.89 -31.53 54.74
C ALA E 517 8.52 -31.45 55.42
N ASP E 518 7.57 -32.23 54.89
CA ASP E 518 6.25 -32.42 55.50
C ASP E 518 6.31 -33.67 56.39
N ILE E 519 6.93 -33.49 57.57
CA ILE E 519 7.14 -34.62 58.47
C ILE E 519 5.83 -35.19 59.00
N THR E 520 4.76 -34.39 59.02
CA THR E 520 3.47 -34.85 59.51
C THR E 520 2.69 -35.65 58.47
N HIS E 521 3.22 -35.82 57.26
CA HIS E 521 2.52 -36.57 56.24
C HIS E 521 2.40 -38.05 56.66
N PRO E 522 1.29 -38.73 56.31
CA PRO E 522 1.17 -40.13 56.75
C PRO E 522 2.20 -41.05 56.14
N ASP E 523 2.69 -40.76 54.94
CA ASP E 523 3.67 -41.60 54.27
C ASP E 523 5.11 -41.22 54.60
N PHE E 524 5.32 -40.21 55.43
CA PHE E 524 6.68 -39.77 55.75
C PHE E 524 7.27 -40.78 56.73
N GLY E 525 8.31 -41.49 56.30
CA GLY E 525 8.98 -42.45 57.14
C GLY E 525 10.47 -42.51 56.89
N ILE E 526 11.05 -41.40 56.46
CA ILE E 526 12.47 -41.30 56.15
C ILE E 526 13.16 -40.60 57.31
N VAL E 527 14.45 -40.87 57.47
CA VAL E 527 15.28 -40.27 58.52
C VAL E 527 16.48 -39.59 57.86
N PHE E 528 16.82 -38.40 58.37
CA PHE E 528 17.91 -37.61 57.83
C PHE E 528 19.23 -37.96 58.50
N SER E 529 20.32 -37.73 57.79
CA SER E 529 21.69 -37.85 58.30
C SER E 529 22.38 -36.54 57.93
N PHE E 530 22.34 -35.57 58.86
CA PHE E 530 22.82 -34.22 58.55
C PHE E 530 24.32 -34.18 58.31
N GLU E 531 25.08 -35.10 58.90
CA GLU E 531 26.53 -35.07 58.72
C GLU E 531 26.89 -35.31 57.25
N ASP E 532 26.19 -36.23 56.60
CA ASP E 532 26.37 -36.56 55.19
C ASP E 532 25.41 -35.82 54.27
N ALA E 533 24.44 -35.08 54.82
CA ALA E 533 23.39 -34.44 54.03
C ALA E 533 22.65 -35.47 53.18
N GLU E 534 22.38 -36.63 53.77
CA GLU E 534 21.71 -37.74 53.13
C GLU E 534 20.46 -38.11 53.93
N ALA E 535 19.59 -38.88 53.28
CA ALA E 535 18.39 -39.43 53.89
C ALA E 535 18.32 -40.92 53.59
N THR E 536 17.80 -41.68 54.55
CA THR E 536 17.71 -43.13 54.42
C THR E 536 16.51 -43.64 55.24
N LEU E 537 16.40 -44.96 55.35
CA LEU E 537 15.33 -45.64 56.07
C LEU E 537 15.86 -46.26 57.35
N ALA E 538 15.16 -46.03 58.44
CA ALA E 538 15.49 -46.58 59.74
C ALA E 538 14.77 -47.91 59.91
N TYR E 539 15.38 -48.80 60.70
CA TYR E 539 14.83 -50.14 60.86
C TYR E 539 13.50 -50.09 61.60
N THR E 540 12.55 -50.92 61.13
CA THR E 540 11.27 -51.09 61.81
C THR E 540 10.95 -52.57 61.79
N GLU E 541 10.60 -53.10 62.98
CA GLU E 541 10.39 -54.55 63.12
C GLU E 541 9.18 -55.01 62.32
N ALA E 542 8.12 -54.20 62.30
CA ALA E 542 6.89 -54.60 61.61
C ALA E 542 7.09 -54.51 60.09
N HIS E 556 9.80 -69.08 64.17
CA HIS E 556 10.95 -68.31 63.73
C HIS E 556 12.25 -68.99 64.17
N ILE E 557 13.39 -68.57 63.60
CA ILE E 557 14.68 -69.19 63.89
C ILE E 557 15.74 -68.10 64.01
N TRP E 558 16.83 -68.39 64.74
CA TRP E 558 17.88 -67.39 64.88
C TRP E 558 18.98 -67.59 63.83
N GLY E 559 19.82 -66.56 63.68
CA GLY E 559 20.92 -66.55 62.73
C GLY E 559 22.16 -65.79 63.18
N ARG E 560 23.33 -66.30 62.84
CA ARG E 560 24.61 -65.81 63.33
C ARG E 560 25.38 -65.18 62.16
N LEU E 561 25.88 -63.96 62.36
CA LEU E 561 26.59 -63.22 61.31
C LEU E 561 28.04 -63.69 61.29
N ILE E 562 28.36 -64.61 60.38
CA ILE E 562 29.67 -65.27 60.39
C ILE E 562 30.74 -64.32 59.85
N SER E 563 30.63 -63.92 58.59
CA SER E 563 31.57 -62.97 57.97
C SER E 563 31.07 -61.56 58.22
N ALA E 564 31.71 -60.82 59.12
CA ALA E 564 31.20 -59.50 59.47
C ALA E 564 31.33 -58.54 58.29
N PRO E 565 30.38 -57.60 58.13
CA PRO E 565 30.50 -56.59 57.06
C PRO E 565 31.57 -55.52 57.28
N PHE E 566 32.18 -55.44 58.47
CA PHE E 566 33.28 -54.51 58.69
C PHE E 566 34.06 -54.96 59.91
N THR E 567 35.26 -54.42 60.06
CA THR E 567 36.13 -54.67 61.21
C THR E 567 36.38 -53.36 61.94
N GLU E 568 36.15 -53.36 63.25
CA GLU E 568 36.30 -52.15 64.05
C GLU E 568 37.71 -52.09 64.65
N GLU E 569 38.17 -50.87 64.88
CA GLU E 569 39.46 -50.61 65.49
C GLU E 569 39.32 -49.40 66.40
N ARG E 570 39.91 -49.49 67.60
CA ARG E 570 39.85 -48.42 68.58
C ARG E 570 40.94 -47.41 68.27
N THR E 571 40.56 -46.23 67.77
CA THR E 571 41.52 -45.19 67.41
C THR E 571 41.74 -44.17 68.51
N ILE E 572 40.71 -43.83 69.28
CA ILE E 572 40.79 -42.91 70.40
C ILE E 572 40.50 -43.71 71.67
N TYR E 573 41.26 -43.47 72.72
CA TYR E 573 41.01 -44.13 74.01
C TYR E 573 41.64 -43.30 75.09
N GLN E 574 40.80 -42.72 75.95
CA GLN E 574 41.22 -42.06 77.19
C GLN E 574 40.91 -43.01 78.34
N GLY E 575 41.96 -43.66 78.88
CA GLY E 575 41.77 -44.71 79.86
C GLY E 575 41.85 -44.25 81.29
N GLN E 576 42.53 -43.13 81.54
CA GLN E 576 42.74 -42.66 82.90
C GLN E 576 41.42 -42.19 83.50
N ALA E 577 41.13 -42.64 84.72
CA ALA E 577 39.96 -42.20 85.46
C ALA E 577 40.36 -41.96 86.91
N SER E 578 39.73 -40.98 87.55
CA SER E 578 40.05 -40.63 88.93
C SER E 578 38.83 -40.38 89.81
N GLU E 579 37.70 -39.94 89.23
CA GLU E 579 36.55 -39.54 90.03
C GLU E 579 35.26 -40.02 89.38
N THR E 580 34.13 -39.81 90.08
CA THR E 580 32.81 -40.00 89.51
C THR E 580 32.09 -38.67 89.42
N LEU E 581 31.43 -38.42 88.28
CA LEU E 581 30.65 -37.21 88.06
C LEU E 581 29.23 -37.62 87.69
N ASN E 582 28.26 -37.09 88.42
CA ASN E 582 26.86 -37.36 88.09
C ASN E 582 26.54 -36.83 86.71
N VAL E 583 25.72 -37.57 85.96
CA VAL E 583 25.34 -37.15 84.62
C VAL E 583 24.51 -35.88 84.64
N ASN E 584 23.83 -35.58 85.75
CA ASN E 584 23.01 -34.38 85.88
C ASN E 584 23.32 -33.72 87.22
N PRO E 585 24.50 -33.11 87.34
CA PRO E 585 24.92 -32.61 88.67
C PRO E 585 24.03 -31.50 89.20
N TYR E 586 23.48 -30.68 88.32
CA TYR E 586 22.79 -29.46 88.73
C TYR E 586 21.30 -29.65 89.02
N ASN E 587 20.82 -30.91 89.11
CA ASN E 587 19.43 -31.16 89.46
C ASN E 587 19.26 -32.32 90.44
N ILE E 588 20.32 -32.78 91.10
CA ILE E 588 20.19 -33.89 92.05
C ILE E 588 19.42 -33.40 93.28
N PRO E 589 18.38 -34.09 93.77
CA PRO E 589 17.63 -33.54 94.90
C PRO E 589 18.46 -33.60 96.18
N ASN E 590 18.48 -32.48 96.90
CA ASN E 590 19.22 -32.38 98.17
C ASN E 590 20.69 -32.75 98.02
N PRO E 793 23.02 -33.23 82.11
CA PRO E 793 23.73 -33.91 81.02
C PRO E 793 25.21 -33.53 80.92
N LEU E 794 26.01 -34.45 80.39
CA LEU E 794 27.44 -34.26 80.18
C LEU E 794 27.77 -34.41 78.70
N ALA E 795 28.96 -33.96 78.33
CA ALA E 795 29.43 -34.13 76.97
C ALA E 795 30.95 -34.12 76.95
N GLN E 796 31.50 -34.68 75.87
CA GLN E 796 32.93 -34.77 75.66
C GLN E 796 33.23 -34.55 74.19
N SER E 797 34.09 -33.58 73.90
CA SER E 797 34.46 -33.23 72.54
C SER E 797 35.62 -34.09 72.03
N PHE E 798 35.64 -34.29 70.72
CA PHE E 798 36.69 -35.05 70.08
C PHE E 798 36.80 -34.62 68.62
N GLN E 799 37.88 -35.04 67.97
CA GLN E 799 38.05 -34.75 66.57
C GLN E 799 39.04 -35.74 65.98
N TYR E 800 39.05 -35.79 64.64
CA TYR E 800 39.94 -36.62 63.88
C TYR E 800 40.63 -35.80 62.80
N ASP E 801 41.85 -36.20 62.45
CA ASP E 801 42.64 -35.57 61.41
C ASP E 801 42.30 -36.07 60.01
N GLU E 802 41.44 -37.08 59.88
CA GLU E 802 41.05 -37.60 58.58
C GLU E 802 39.57 -37.97 58.62
N ASN E 803 39.05 -38.36 57.46
CA ASN E 803 37.65 -38.80 57.36
C ASN E 803 37.55 -40.25 57.80
N ARG E 804 36.84 -40.48 58.91
CA ARG E 804 36.71 -41.78 59.53
C ARG E 804 35.24 -42.13 59.67
N THR E 805 34.94 -43.42 59.54
CA THR E 805 33.57 -43.93 59.68
C THR E 805 33.42 -44.45 61.11
N ILE E 806 32.77 -43.65 61.96
CA ILE E 806 32.54 -44.08 63.33
C ILE E 806 31.44 -45.13 63.35
N SER E 807 31.71 -46.26 63.99
CA SER E 807 30.77 -47.37 64.08
C SER E 807 30.15 -47.54 65.45
N SER E 808 30.93 -47.39 66.52
CA SER E 808 30.42 -47.59 67.87
C SER E 808 31.26 -46.78 68.84
N LEU E 809 30.69 -46.56 70.02
CA LEU E 809 31.33 -45.83 71.11
C LEU E 809 31.64 -46.78 72.26
N GLY E 810 32.53 -46.34 73.14
CA GLY E 810 32.82 -47.02 74.38
C GLY E 810 32.66 -46.07 75.55
N LEU E 811 31.85 -46.43 76.55
CA LEU E 811 31.63 -45.62 77.74
C LEU E 811 31.80 -46.47 78.98
N TYR E 812 32.04 -45.81 80.11
CA TYR E 812 32.24 -46.48 81.39
C TYR E 812 31.36 -45.81 82.44
N PHE E 813 30.44 -46.59 83.01
CA PHE E 813 29.49 -46.13 84.01
C PHE E 813 29.87 -46.68 85.38
N ALA E 814 29.82 -45.82 86.40
CA ALA E 814 30.11 -46.24 87.77
C ALA E 814 28.87 -46.80 88.47
N SER E 815 27.69 -46.30 88.13
CA SER E 815 26.44 -46.79 88.70
C SER E 815 25.31 -46.47 87.73
N LYS E 816 24.19 -47.15 87.91
CA LYS E 816 23.01 -47.00 87.07
C LYS E 816 21.76 -47.04 87.93
N GLY E 817 20.64 -46.68 87.33
CA GLY E 817 19.35 -46.68 88.00
C GLY E 817 18.70 -48.04 88.02
N ASP E 818 17.37 -48.04 88.09
CA ASP E 818 16.60 -49.26 88.20
C ASP E 818 16.47 -49.92 86.81
N LYS E 819 15.68 -50.98 86.75
CA LYS E 819 15.47 -51.71 85.50
C LYS E 819 14.85 -50.82 84.43
N GLN E 820 13.86 -50.01 84.82
CA GLN E 820 13.09 -49.27 83.83
C GLN E 820 13.80 -48.02 83.32
N SER E 821 14.86 -47.58 83.98
CA SER E 821 15.56 -46.36 83.57
C SER E 821 16.34 -46.61 82.29
N ASN E 822 16.59 -45.53 81.54
CA ASN E 822 17.37 -45.60 80.32
C ASN E 822 18.15 -44.31 80.15
N VAL E 823 19.20 -44.36 79.33
CA VAL E 823 20.04 -43.20 79.04
C VAL E 823 20.05 -42.96 77.54
N VAL E 824 19.91 -41.71 77.14
CA VAL E 824 19.95 -41.32 75.73
C VAL E 824 21.36 -40.90 75.39
N ILE E 825 21.96 -41.54 74.39
CA ILE E 825 23.30 -41.23 73.92
C ILE E 825 23.16 -40.56 72.57
N GLN E 826 23.83 -39.41 72.41
CA GLN E 826 23.77 -38.64 71.18
C GLN E 826 25.16 -38.17 70.80
N ILE E 827 25.34 -37.96 69.51
CA ILE E 827 26.50 -37.29 68.94
C ILE E 827 26.01 -35.97 68.35
N ARG E 828 26.58 -34.86 68.83
CA ARG E 828 26.25 -33.52 68.36
C ARG E 828 27.48 -32.83 67.80
N GLY E 829 27.24 -31.91 66.88
CA GLY E 829 28.31 -31.14 66.31
C GLY E 829 28.82 -30.05 67.24
N MET E 830 29.98 -29.51 66.86
CA MET E 830 30.66 -28.47 67.61
C MET E 830 30.69 -27.19 66.79
N GLY E 831 30.30 -26.08 67.41
CA GLY E 831 30.25 -24.81 66.74
C GLY E 831 31.59 -24.14 66.63
N ASP E 832 31.58 -22.97 65.97
CA ASP E 832 32.82 -22.29 65.66
C ASP E 832 33.58 -21.86 66.91
N GLN E 833 32.86 -21.33 67.92
CA GLN E 833 33.47 -20.97 69.21
C GLN E 833 33.62 -22.17 70.17
N GLY E 834 33.76 -23.39 69.66
CA GLY E 834 34.18 -24.52 70.49
C GLY E 834 33.22 -24.96 71.58
N TYR E 835 31.92 -25.00 71.28
CA TYR E 835 30.88 -25.49 72.17
C TYR E 835 29.92 -26.39 71.41
N PRO E 836 29.20 -27.28 72.10
CA PRO E 836 28.21 -28.11 71.40
C PRO E 836 27.04 -27.28 70.90
N ASN E 837 26.51 -27.71 69.76
CA ASN E 837 25.37 -27.07 69.12
C ASN E 837 24.13 -27.95 69.24
N LYS E 838 23.01 -27.45 68.71
CA LYS E 838 21.75 -28.17 68.81
C LYS E 838 21.59 -29.25 67.74
N THR E 839 22.45 -29.29 66.74
CA THR E 839 22.36 -30.33 65.72
C THR E 839 22.73 -31.68 66.33
N ILE E 840 21.97 -32.71 65.94
CA ILE E 840 22.17 -34.08 66.40
C ILE E 840 22.41 -34.94 65.17
N TYR E 841 23.56 -35.60 65.12
CA TYR E 841 23.88 -36.47 63.99
C TYR E 841 23.55 -37.93 64.27
N ALA E 842 23.45 -38.32 65.53
CA ALA E 842 23.08 -39.69 65.88
C ALA E 842 22.37 -39.67 67.23
N GLU E 843 21.55 -40.70 67.46
CA GLU E 843 20.80 -40.82 68.70
C GLU E 843 20.40 -42.27 68.90
N THR E 844 20.42 -42.70 70.16
CA THR E 844 20.00 -44.04 70.52
C THR E 844 19.55 -44.03 71.98
N VAL E 845 18.85 -45.10 72.37
CA VAL E 845 18.36 -45.29 73.74
C VAL E 845 19.00 -46.55 74.28
N MET E 846 19.65 -46.45 75.44
CA MET E 846 20.28 -47.59 76.10
C MET E 846 19.53 -47.91 77.38
N ASN E 847 19.04 -49.15 77.49
CA ASN E 847 18.31 -49.58 78.66
C ASN E 847 19.27 -49.88 79.81
N ALA E 848 18.71 -50.08 81.01
CA ALA E 848 19.56 -50.33 82.17
C ALA E 848 20.32 -51.64 82.05
N ASP E 849 19.71 -52.65 81.42
CA ASP E 849 20.38 -53.92 81.26
C ASP E 849 21.62 -53.78 80.36
N ASP E 850 21.51 -52.95 79.32
CA ASP E 850 22.63 -52.77 78.40
C ASP E 850 23.77 -51.98 79.03
N ILE E 851 23.50 -51.24 80.10
CA ILE E 851 24.52 -50.41 80.75
C ILE E 851 25.23 -51.30 81.77
N LYS E 852 26.48 -51.65 81.49
CA LYS E 852 27.29 -52.35 82.47
C LYS E 852 27.93 -51.35 83.43
N VAL E 853 28.16 -51.79 84.66
CA VAL E 853 28.73 -50.95 85.71
C VAL E 853 29.85 -51.71 86.40
N SER E 854 30.74 -50.97 87.05
CA SER E 854 31.84 -51.54 87.82
C SER E 854 32.35 -50.49 88.79
N ASN E 855 32.98 -50.99 89.86
CA ASN E 855 33.56 -50.14 90.90
C ASN E 855 35.03 -49.80 90.64
N ASN E 856 35.60 -50.23 89.51
CA ASN E 856 36.99 -49.94 89.17
C ASN E 856 37.11 -49.48 87.72
N ALA E 857 36.03 -48.98 87.11
CA ALA E 857 36.04 -48.50 85.73
C ALA E 857 36.54 -49.56 84.76
N SER E 858 36.17 -50.81 84.99
CA SER E 858 36.57 -51.93 84.13
C SER E 858 35.49 -52.33 83.13
N ALA E 859 34.23 -52.13 83.48
CA ALA E 859 33.12 -52.51 82.62
C ALA E 859 32.92 -51.47 81.53
N GLU E 860 32.93 -51.93 80.28
CA GLU E 860 32.78 -51.06 79.10
C GLU E 860 31.48 -51.40 78.41
N THR E 861 30.50 -50.50 78.51
CA THR E 861 29.26 -50.64 77.77
C THR E 861 29.45 -50.12 76.34
N ARG E 862 29.04 -50.91 75.36
CA ARG E 862 29.21 -50.56 73.95
C ARG E 862 27.91 -50.00 73.40
N VAL E 863 28.00 -48.85 72.75
CA VAL E 863 26.87 -48.13 72.18
C VAL E 863 26.94 -48.27 70.66
N TYR E 864 25.84 -48.71 70.06
CA TYR E 864 25.71 -48.86 68.63
C TYR E 864 24.58 -47.97 68.13
N PHE E 865 24.74 -47.44 66.92
CA PHE E 865 23.72 -46.63 66.27
C PHE E 865 23.23 -47.33 65.02
N ASP E 866 22.02 -46.98 64.61
CA ASP E 866 21.43 -47.61 63.43
C ASP E 866 22.08 -47.13 62.14
N ASP E 867 22.65 -45.92 62.15
CA ASP E 867 23.33 -45.34 61.01
C ASP E 867 24.76 -44.94 61.40
N PRO E 868 25.77 -45.19 60.56
CA PRO E 868 27.14 -44.85 60.98
C PRO E 868 27.36 -43.36 60.94
N MET E 869 28.22 -42.88 61.84
CA MET E 869 28.52 -41.46 61.93
C MET E 869 29.80 -41.19 61.12
N MET E 870 29.64 -40.44 60.03
CA MET E 870 30.74 -40.09 59.14
C MET E 870 31.39 -38.84 59.69
N ALA E 871 32.56 -38.97 60.30
CA ALA E 871 33.23 -37.82 60.88
C ALA E 871 34.17 -37.22 59.85
N GLU E 872 33.98 -35.94 59.55
CA GLU E 872 34.83 -35.24 58.59
C GLU E 872 36.11 -34.78 59.24
N GLY E 873 37.21 -34.90 58.50
CA GLY E 873 38.52 -34.51 58.94
C GLY E 873 38.65 -33.04 59.31
N GLY E 874 39.19 -32.77 60.49
CA GLY E 874 39.38 -31.41 60.97
C GLY E 874 38.18 -30.79 61.65
N LYS E 875 37.07 -31.51 61.77
CA LYS E 875 35.86 -31.00 62.40
C LYS E 875 35.71 -31.62 63.79
N GLU E 876 35.33 -30.81 64.76
CA GLU E 876 35.08 -31.29 66.11
C GLU E 876 33.67 -31.86 66.22
N TYR E 877 33.54 -32.90 67.03
CA TYR E 877 32.25 -33.48 67.39
C TYR E 877 32.24 -33.83 68.86
N ALA E 878 31.04 -33.84 69.42
CA ALA E 878 30.81 -33.99 70.84
C ALA E 878 29.80 -35.10 71.11
N ILE E 879 30.24 -36.10 71.87
CA ILE E 879 29.31 -37.07 72.43
C ILE E 879 28.49 -36.35 73.49
N VAL E 880 27.21 -36.71 73.57
CA VAL E 880 26.28 -36.13 74.53
C VAL E 880 25.51 -37.26 75.19
N ILE E 881 25.33 -37.14 76.51
CA ILE E 881 24.73 -38.17 77.34
C ILE E 881 23.60 -37.50 78.12
N ILE E 882 22.38 -37.99 77.95
CA ILE E 882 21.19 -37.37 78.53
C ILE E 882 20.39 -38.45 79.23
N THR E 883 19.85 -38.11 80.40
CA THR E 883 18.91 -39.00 81.08
C THR E 883 18.18 -38.19 82.13
N GLU E 884 16.88 -38.47 82.26
CA GLU E 884 16.08 -37.79 83.28
C GLU E 884 16.32 -38.35 84.67
N ASN E 885 16.78 -39.59 84.80
CA ASN E 885 17.01 -40.20 86.10
C ASN E 885 18.20 -39.55 86.80
N SER E 886 18.09 -39.45 88.13
CA SER E 886 19.11 -38.81 88.95
C SER E 886 20.06 -39.81 89.61
N ASP E 887 20.04 -41.08 89.18
CA ASP E 887 20.88 -42.12 89.77
C ASP E 887 21.79 -42.72 88.71
N TYR E 888 22.42 -41.88 87.91
CA TYR E 888 23.39 -42.30 86.90
C TYR E 888 24.69 -41.55 87.10
N THR E 889 25.80 -42.28 87.11
CA THR E 889 27.12 -41.70 87.33
C THR E 889 28.09 -42.29 86.33
N MET E 890 29.17 -41.56 86.04
CA MET E 890 30.18 -41.99 85.09
C MET E 890 31.58 -41.66 85.61
N TRP E 891 32.55 -42.48 85.20
CA TRP E 891 33.93 -42.23 85.58
C TRP E 891 34.51 -41.10 84.73
N VAL E 892 35.27 -40.23 85.39
CA VAL E 892 35.92 -39.08 84.76
C VAL E 892 37.38 -39.05 85.20
N GLY E 893 38.28 -38.78 84.27
CA GLY E 893 39.69 -38.60 84.62
C GLY E 893 40.01 -37.12 84.71
N THR E 894 40.62 -36.75 85.84
CA THR E 894 40.96 -35.37 86.14
C THR E 894 42.45 -35.27 86.41
N ARG E 895 43.05 -34.18 85.94
CA ARG E 895 44.47 -33.96 86.11
C ARG E 895 44.81 -33.71 87.58
N THR E 896 45.94 -34.23 88.01
CA THR E 896 46.54 -34.12 89.32
C THR E 896 45.89 -35.09 90.34
N LYS E 897 44.76 -35.78 89.97
CA LYS E 897 44.09 -36.64 90.93
C LYS E 897 44.65 -38.06 90.87
N PRO E 898 44.58 -38.84 91.95
CA PRO E 898 45.07 -40.23 91.86
C PRO E 898 44.15 -41.07 90.98
N LYS E 899 44.75 -42.08 90.35
CA LYS E 899 43.98 -43.07 89.63
C LYS E 899 43.22 -43.96 90.60
N ILE E 900 42.09 -44.48 90.14
CA ILE E 900 41.26 -45.31 91.01
C ILE E 900 41.97 -46.61 91.34
N ASP E 901 42.47 -47.29 90.32
CA ASP E 901 43.13 -48.59 90.51
C ASP E 901 44.58 -48.47 90.93
N LYS E 902 45.20 -47.30 90.76
CA LYS E 902 46.60 -47.07 91.07
C LYS E 902 46.71 -45.73 91.80
N PRO E 903 46.35 -45.68 93.08
CA PRO E 903 46.47 -44.42 93.82
C PRO E 903 47.88 -43.88 93.85
N ASN E 904 48.89 -44.76 93.89
CA ASN E 904 50.29 -44.33 93.89
C ASN E 904 50.61 -43.43 92.70
N GLU E 905 49.96 -43.62 91.56
CA GLU E 905 50.14 -42.79 90.38
C GLU E 905 49.05 -41.72 90.31
N VAL E 906 49.39 -40.59 89.71
CA VAL E 906 48.46 -39.49 89.49
C VAL E 906 48.48 -39.13 88.01
N ILE E 907 47.36 -38.57 87.54
CA ILE E 907 47.24 -38.12 86.15
C ILE E 907 48.04 -36.83 86.03
N SER E 908 49.22 -36.92 85.39
CA SER E 908 50.14 -35.79 85.40
C SER E 908 49.68 -34.70 84.43
N GLY E 909 49.59 -35.03 83.14
CA GLY E 909 49.12 -34.11 82.13
C GLY E 909 47.63 -34.16 81.96
N ASN E 910 47.17 -33.52 80.89
CA ASN E 910 45.75 -33.56 80.55
C ASN E 910 45.37 -34.98 80.12
N PRO E 911 44.18 -35.47 80.51
CA PRO E 911 43.83 -36.85 80.07
C PRO E 911 43.67 -36.99 78.57
N TYR E 912 42.86 -36.13 77.95
CA TYR E 912 42.74 -36.05 76.50
C TYR E 912 42.90 -34.59 76.11
N LEU E 913 44.00 -34.29 75.41
CA LEU E 913 44.39 -32.90 75.19
C LEU E 913 43.41 -32.19 74.27
N GLN E 914 42.94 -32.88 73.23
CA GLN E 914 42.10 -32.27 72.21
C GLN E 914 40.63 -32.29 72.55
N GLY E 915 40.27 -32.69 73.77
CA GLY E 915 38.89 -32.71 74.19
C GLY E 915 38.70 -32.01 75.52
N VAL E 916 37.44 -31.69 75.80
CA VAL E 916 37.04 -31.00 77.02
C VAL E 916 35.77 -31.66 77.54
N LEU E 917 35.70 -31.84 78.86
CA LEU E 917 34.48 -32.28 79.52
C LEU E 917 33.54 -31.10 79.70
N PHE E 918 32.25 -31.34 79.47
CA PHE E 918 31.21 -30.33 79.62
C PHE E 918 30.10 -30.86 80.51
N SER E 919 29.42 -29.91 81.17
CA SER E 919 28.25 -30.20 81.99
C SER E 919 27.22 -29.10 81.74
N SER E 920 25.95 -29.48 81.87
CA SER E 920 24.85 -28.56 81.62
C SER E 920 23.63 -28.97 82.44
N SER E 921 22.79 -27.98 82.74
CA SER E 921 21.53 -28.21 83.45
C SER E 921 20.33 -28.36 82.52
N ASN E 922 20.48 -28.00 81.24
CA ASN E 922 19.40 -28.07 80.26
C ASN E 922 19.87 -28.51 78.88
N ALA E 923 21.10 -29.04 78.75
CA ALA E 923 21.64 -29.49 77.48
C ALA E 923 21.67 -28.37 76.44
N SER E 924 21.76 -27.12 76.88
CA SER E 924 21.92 -25.97 76.01
C SER E 924 23.12 -25.12 76.40
N THR E 925 23.24 -24.75 77.67
CA THR E 925 24.37 -23.99 78.17
C THR E 925 25.34 -24.95 78.83
N TRP E 926 26.56 -25.00 78.31
CA TRP E 926 27.56 -25.96 78.73
C TRP E 926 28.66 -25.26 79.50
N THR E 927 29.01 -25.82 80.66
CA THR E 927 30.10 -25.34 81.47
C THR E 927 31.31 -26.25 81.24
N PRO E 928 32.41 -25.77 80.65
CA PRO E 928 33.53 -26.67 80.39
C PRO E 928 34.33 -26.96 81.66
N HIS E 929 34.93 -28.15 81.68
CA HIS E 929 35.90 -28.58 82.68
C HIS E 929 37.20 -28.87 81.94
N GLN E 930 38.10 -27.88 81.92
CA GLN E 930 39.32 -27.99 81.12
C GLN E 930 40.22 -29.10 81.63
N ASN E 931 40.29 -29.30 82.94
CA ASN E 931 41.21 -30.26 83.52
C ASN E 931 40.66 -31.68 83.59
N SER E 932 39.46 -31.92 83.07
CA SER E 932 38.79 -33.21 83.20
C SER E 932 38.28 -33.68 81.84
N ASP E 933 38.30 -35.00 81.64
CA ASP E 933 37.78 -35.63 80.44
C ASP E 933 37.17 -36.95 80.83
N LEU E 934 36.19 -37.40 80.04
CA LEU E 934 35.56 -38.69 80.28
C LEU E 934 36.51 -39.82 79.92
N LYS E 935 36.28 -40.97 80.56
CA LYS E 935 36.93 -42.22 80.17
C LYS E 935 36.06 -42.82 79.09
N PHE E 936 36.55 -42.83 77.85
CA PHE E 936 35.76 -43.25 76.71
C PHE E 936 36.68 -43.82 75.64
N GLY E 937 36.08 -44.47 74.66
CA GLY E 937 36.77 -44.97 73.49
C GLY E 937 35.87 -44.92 72.27
N ILE E 938 36.41 -44.55 71.12
CA ILE E 938 35.67 -44.43 69.88
C ILE E 938 36.23 -45.45 68.90
N TYR E 939 35.35 -46.21 68.26
CA TYR E 939 35.73 -47.25 67.32
C TYR E 939 35.37 -46.80 65.90
N THR E 940 36.32 -46.98 64.98
CA THR E 940 36.14 -46.69 63.56
C THR E 940 36.24 -47.98 62.76
N SER E 941 35.44 -48.06 61.68
CA SER E 941 35.27 -49.31 60.95
C SER E 941 35.83 -49.20 59.54
N LYS E 942 36.12 -50.35 58.95
CA LYS E 942 36.58 -50.43 57.55
C LYS E 942 35.87 -51.60 56.90
N PHE E 943 34.93 -51.32 56.00
CA PHE E 943 34.09 -52.34 55.40
C PHE E 943 34.87 -53.21 54.42
N ASN E 944 34.38 -54.45 54.25
CA ASN E 944 35.04 -55.46 53.43
C ASN E 944 34.15 -55.78 52.21
N GLU E 945 34.56 -56.77 51.42
CA GLU E 945 33.90 -57.01 50.14
C GLU E 945 32.51 -57.62 50.34
N THR E 946 32.38 -58.67 51.17
CA THR E 946 31.13 -59.39 51.34
C THR E 946 30.88 -59.74 52.81
N ALA E 947 29.61 -59.98 53.12
CA ALA E 947 29.14 -60.42 54.42
C ALA E 947 28.29 -61.69 54.27
N THR E 948 28.26 -62.51 55.32
CA THR E 948 27.55 -63.79 55.29
C THR E 948 26.83 -64.03 56.62
N ILE E 949 25.57 -64.46 56.52
CA ILE E 949 24.75 -64.90 57.66
C ILE E 949 24.54 -66.39 57.53
N GLU E 950 24.49 -67.09 58.67
CA GLU E 950 24.08 -68.49 58.73
C GLU E 950 22.96 -68.65 59.77
N PHE E 951 21.94 -69.42 59.43
CA PHE E 951 20.81 -69.66 60.31
C PHE E 951 20.89 -71.04 60.96
N GLU E 952 20.27 -71.18 62.14
CA GLU E 952 20.28 -72.46 62.83
C GLU E 952 19.48 -73.48 62.00
N PRO E 953 19.77 -74.76 62.13
CA PRO E 953 19.13 -75.75 61.25
C PRO E 953 17.63 -75.88 61.47
N ILE E 954 16.93 -76.20 60.38
CA ILE E 954 15.49 -76.43 60.39
C ILE E 954 15.24 -77.86 60.87
N LYS E 981 5.57 -78.06 53.93
CA LYS E 981 5.78 -78.35 55.34
C LYS E 981 6.30 -79.79 55.58
N LEU E 982 6.29 -80.59 54.52
CA LEU E 982 7.02 -81.85 54.45
C LEU E 982 8.27 -81.60 53.61
N ILE E 983 9.41 -82.12 54.09
CA ILE E 983 10.72 -81.62 53.66
C ILE E 983 10.90 -81.69 52.13
N LEU E 984 10.33 -82.71 51.48
CA LEU E 984 10.55 -82.83 50.04
C LEU E 984 9.76 -81.77 49.26
N ASP E 985 8.61 -81.36 49.76
CA ASP E 985 7.88 -80.22 49.20
C ASP E 985 8.47 -78.92 49.69
N ASP E 986 8.86 -78.90 50.96
CA ASP E 986 9.35 -77.71 51.62
C ASP E 986 10.62 -77.17 50.97
N MET E 987 11.60 -78.04 50.69
CA MET E 987 12.87 -77.56 50.14
C MET E 987 12.71 -77.05 48.71
N ALA E 988 11.79 -77.63 47.93
CA ALA E 988 11.48 -77.10 46.60
C ALA E 988 10.72 -75.78 46.71
N SER E 989 9.74 -75.72 47.62
CA SER E 989 8.99 -74.49 47.85
C SER E 989 9.90 -73.37 48.32
N SER E 990 10.80 -73.67 49.25
CA SER E 990 11.68 -72.66 49.85
C SER E 990 12.72 -72.17 48.84
N THR E 991 13.41 -73.07 48.16
CA THR E 991 14.42 -72.65 47.18
C THR E 991 13.79 -72.03 45.92
N THR E 992 12.46 -72.05 45.78
CA THR E 992 11.83 -71.25 44.74
C THR E 992 11.69 -69.79 45.12
N PHE E 993 11.58 -69.48 46.41
CA PHE E 993 11.43 -68.12 46.91
C PHE E 993 12.75 -67.55 47.38
N ASP E 994 13.63 -68.36 47.97
CA ASP E 994 14.95 -67.88 48.36
C ASP E 994 15.85 -67.71 47.15
N GLN E 995 15.81 -66.54 46.52
CA GLN E 995 16.61 -66.28 45.33
C GLN E 995 16.99 -64.81 45.28
N LEU E 996 18.01 -64.51 44.48
CA LEU E 996 18.67 -63.21 44.41
C LEU E 996 17.78 -62.02 44.07
N LYS E 997 16.54 -62.25 43.64
CA LYS E 997 15.67 -61.22 43.08
C LYS E 997 14.40 -60.99 43.89
N TRP E 998 13.96 -61.97 44.67
CA TRP E 998 12.87 -61.80 45.63
C TRP E 998 13.45 -61.13 46.88
N GLU E 999 12.58 -60.83 47.86
CA GLU E 999 13.06 -60.16 49.08
C GLU E 999 14.15 -60.91 49.84
N PRO E 1000 14.33 -62.25 49.70
CA PRO E 1000 15.60 -62.86 50.19
C PRO E 1000 16.77 -62.63 49.24
N ILE E 1001 17.27 -61.38 49.27
CA ILE E 1001 18.36 -60.93 48.42
C ILE E 1001 19.68 -61.59 48.84
N GLY E 1002 20.61 -61.65 47.88
CA GLY E 1002 21.92 -62.23 48.05
C GLY E 1002 22.01 -63.65 47.52
N ASN E 1003 23.23 -64.21 47.58
CA ASN E 1003 23.49 -65.58 47.16
C ASN E 1003 23.05 -66.53 48.27
N TYR E 1004 21.83 -67.04 48.16
CA TYR E 1004 21.37 -68.04 49.13
C TYR E 1004 21.98 -69.41 48.82
N GLN E 1005 22.25 -70.16 49.89
CA GLN E 1005 22.79 -71.51 49.81
C GLN E 1005 22.20 -72.34 50.95
N ASP E 1006 22.31 -73.66 50.81
CA ASP E 1006 22.08 -74.54 51.94
C ASP E 1006 22.91 -75.82 51.81
N LEU E 1007 22.92 -76.60 52.89
CA LEU E 1007 23.25 -78.01 52.87
C LEU E 1007 22.16 -78.72 53.65
N ASP E 1008 21.94 -79.99 53.32
CA ASP E 1008 20.83 -80.76 53.89
C ASP E 1008 21.25 -82.22 54.09
N VAL E 1009 20.41 -82.96 54.82
CA VAL E 1009 20.70 -84.32 55.25
C VAL E 1009 19.59 -85.24 54.73
N LEU E 1010 19.99 -86.44 54.31
CA LEU E 1010 19.13 -87.40 53.62
C LEU E 1010 18.28 -88.18 54.62
N GLY E 1011 17.56 -89.20 54.15
CA GLY E 1011 16.77 -90.03 55.03
C GLY E 1011 15.55 -89.33 55.57
N LEU E 1012 15.02 -88.36 54.83
CA LEU E 1012 13.95 -87.46 55.26
C LEU E 1012 14.26 -86.78 56.61
N ALA E 1013 15.53 -86.46 56.85
CA ALA E 1013 15.89 -85.68 58.02
C ALA E 1013 15.42 -84.24 57.89
N ARG E 1014 15.08 -83.64 59.04
CA ARG E 1014 14.45 -82.32 59.08
C ARG E 1014 15.44 -81.16 59.03
N GLN E 1015 16.75 -81.41 59.16
CA GLN E 1015 17.72 -80.34 59.43
C GLN E 1015 18.42 -79.88 58.15
N VAL E 1016 17.70 -79.06 57.37
CA VAL E 1016 18.33 -78.17 56.40
C VAL E 1016 19.03 -77.05 57.17
N LYS E 1017 20.18 -76.58 56.67
CA LYS E 1017 20.89 -75.43 57.22
C LYS E 1017 21.07 -74.37 56.14
N LEU E 1018 20.60 -73.15 56.41
CA LEU E 1018 20.60 -72.05 55.44
C LEU E 1018 21.81 -71.13 55.61
N ARG E 1019 22.23 -70.53 54.50
CA ARG E 1019 23.29 -69.52 54.46
C ARG E 1019 22.90 -68.45 53.44
N ALA E 1020 23.22 -67.19 53.75
CA ALA E 1020 22.99 -66.05 52.85
C ALA E 1020 24.24 -65.20 52.79
N THR E 1021 24.74 -64.92 51.58
CA THR E 1021 25.91 -64.09 51.33
C THR E 1021 25.49 -62.85 50.54
N PHE E 1022 26.02 -61.68 50.92
CA PHE E 1022 25.71 -60.44 50.21
C PHE E 1022 26.91 -59.49 50.20
N GLU E 1023 26.86 -58.55 49.26
CA GLU E 1023 27.92 -57.57 49.01
C GLU E 1023 27.85 -56.46 50.05
N SER E 1024 28.96 -56.22 50.74
CA SER E 1024 29.01 -55.26 51.85
C SER E 1024 29.41 -53.87 51.37
N ASN E 1025 29.07 -52.86 52.18
CA ASN E 1025 29.36 -51.47 51.83
C ASN E 1025 29.53 -50.66 53.11
N ARG E 1026 29.88 -49.39 52.95
CA ARG E 1026 30.23 -48.52 54.07
C ARG E 1026 29.03 -48.00 54.85
N TYR E 1027 27.81 -48.23 54.38
CA TYR E 1027 26.60 -47.75 55.03
C TYR E 1027 25.88 -48.83 55.83
N ILE E 1028 26.48 -50.01 56.00
CA ILE E 1028 25.84 -51.08 56.74
C ILE E 1028 25.65 -50.65 58.19
N SER E 1029 24.49 -50.94 58.74
CA SER E 1029 24.13 -50.49 60.08
C SER E 1029 24.96 -51.22 61.14
N PRO E 1030 25.74 -50.53 61.98
CA PRO E 1030 26.44 -51.25 63.06
C PRO E 1030 25.50 -51.91 64.07
N LEU E 1031 24.30 -51.37 64.27
CA LEU E 1031 23.38 -51.98 65.23
C LEU E 1031 22.91 -53.35 64.75
N MET E 1032 22.62 -53.49 63.45
CA MET E 1032 22.20 -54.77 62.92
C MET E 1032 23.33 -55.79 62.95
N SER E 1033 24.55 -55.33 62.72
CA SER E 1033 25.70 -56.24 62.78
C SER E 1033 25.90 -56.77 64.19
N SER E 1034 25.79 -55.88 65.18
CA SER E 1034 26.05 -56.27 66.56
C SER E 1034 24.93 -57.13 67.13
N SER E 1035 23.69 -56.84 66.73
CA SER E 1035 22.53 -57.54 67.30
C SER E 1035 22.42 -58.96 66.76
N ASP E 1036 21.81 -59.84 67.56
CA ASP E 1036 21.61 -61.24 67.21
C ASP E 1036 20.40 -61.34 66.29
N LEU E 1037 20.60 -61.91 65.10
CA LEU E 1037 19.58 -61.82 64.06
C LEU E 1037 18.53 -62.93 64.22
N THR E 1038 17.38 -62.73 63.56
CA THR E 1038 16.45 -63.82 63.30
C THR E 1038 16.06 -63.78 61.81
N PHE E 1039 15.47 -64.88 61.34
CA PHE E 1039 15.03 -64.97 59.95
C PHE E 1039 13.91 -63.99 59.62
N THR E 1040 13.26 -63.38 60.61
CA THR E 1040 12.23 -62.37 60.38
C THR E 1040 12.72 -60.94 60.59
N THR E 1041 13.58 -60.70 61.58
CA THR E 1041 14.24 -59.39 61.64
C THR E 1041 15.04 -59.15 60.37
N PHE E 1042 15.91 -60.10 60.02
CA PHE E 1042 16.47 -60.13 58.68
C PHE E 1042 15.34 -60.43 57.71
N LEU E 1043 15.52 -60.07 56.44
CA LEU E 1043 14.52 -60.29 55.40
C LEU E 1043 13.22 -59.51 55.67
N THR E 1044 13.26 -58.50 56.54
CA THR E 1044 12.23 -57.48 56.61
C THR E 1044 12.37 -56.53 55.42
N GLU E 1045 11.25 -56.22 54.76
CA GLU E 1045 11.24 -55.29 53.64
C GLU E 1045 10.84 -53.92 54.19
N LEU E 1046 11.84 -53.07 54.42
CA LEU E 1046 11.62 -51.72 54.93
C LEU E 1046 11.04 -50.84 53.83
N THR E 1047 10.19 -49.89 54.24
CA THR E 1047 9.57 -48.96 53.33
C THR E 1047 9.41 -47.59 53.99
N GLY E 1048 9.43 -46.57 53.16
CA GLY E 1048 9.26 -45.20 53.62
C GLY E 1048 9.28 -44.27 52.42
N SER E 1049 9.07 -42.98 52.72
CA SER E 1049 9.05 -41.98 51.66
C SER E 1049 9.38 -40.62 52.23
N TYR E 1050 9.95 -39.76 51.37
CA TYR E 1050 10.14 -38.34 51.64
C TYR E 1050 9.03 -37.57 50.93
N VAL E 1051 8.42 -36.63 51.65
CA VAL E 1051 7.34 -35.78 51.13
C VAL E 1051 7.68 -34.35 51.50
N GLY E 1052 7.81 -33.49 50.48
CA GLY E 1052 8.04 -32.08 50.74
C GLY E 1052 6.78 -31.27 50.92
N ARG E 1053 6.94 -30.07 51.47
CA ARG E 1053 5.80 -29.19 51.69
C ARG E 1053 5.24 -28.73 50.35
N ALA E 1054 3.92 -28.60 50.28
CA ALA E 1054 3.26 -28.20 49.05
C ALA E 1054 3.66 -26.78 48.67
N ILE E 1055 3.97 -26.60 47.38
CA ILE E 1055 4.45 -25.33 46.85
C ILE E 1055 3.33 -24.74 46.01
N ASP E 1056 3.04 -23.47 46.23
CA ASP E 1056 2.00 -22.75 45.50
C ASP E 1056 2.62 -22.05 44.30
N MET E 1057 2.37 -22.59 43.10
CA MET E 1057 2.87 -22.03 41.86
C MET E 1057 1.78 -21.30 41.09
N THR E 1058 0.91 -20.59 41.80
CA THR E 1058 -0.15 -19.83 41.14
C THR E 1058 0.42 -18.73 40.26
N GLU E 1059 1.39 -17.97 40.77
CA GLU E 1059 1.99 -16.88 40.02
C GLU E 1059 3.03 -17.35 39.01
N ALA E 1060 3.36 -18.63 38.97
CA ALA E 1060 4.26 -19.20 37.97
C ALA E 1060 3.70 -20.53 37.49
N PRO E 1061 2.65 -20.52 36.68
CA PRO E 1061 2.17 -21.76 36.06
C PRO E 1061 3.24 -22.44 35.23
N TYR E 1062 3.14 -23.77 35.17
CA TYR E 1062 4.12 -24.60 34.49
C TYR E 1062 3.42 -25.78 33.83
N ASN E 1063 4.10 -26.37 32.84
CA ASN E 1063 3.66 -27.61 32.23
C ASN E 1063 4.80 -28.60 31.99
N THR E 1064 6.04 -28.26 32.31
CA THR E 1064 7.20 -29.13 32.16
C THR E 1064 7.94 -29.15 33.49
N VAL E 1065 8.50 -30.31 33.84
CA VAL E 1065 9.17 -30.52 35.11
C VAL E 1065 10.51 -31.20 34.82
N ARG E 1066 11.56 -30.71 35.47
CA ARG E 1066 12.88 -31.34 35.45
C ARG E 1066 13.16 -31.89 36.84
N PHE E 1067 13.16 -33.21 36.96
CA PHE E 1067 13.36 -33.89 38.23
C PHE E 1067 14.77 -34.46 38.25
N SER E 1068 15.55 -34.08 39.27
CA SER E 1068 16.93 -34.50 39.41
C SER E 1068 17.21 -34.93 40.84
N TYR E 1069 17.90 -36.06 40.99
CA TYR E 1069 18.26 -36.56 42.31
C TYR E 1069 19.38 -37.56 42.17
N GLU E 1070 20.18 -37.67 43.23
CA GLU E 1070 21.23 -38.67 43.33
C GLU E 1070 20.77 -39.76 44.29
N ALA E 1071 20.88 -41.01 43.86
CA ALA E 1071 20.42 -42.15 44.65
C ALA E 1071 21.47 -43.25 44.63
N PHE E 1072 21.70 -43.84 45.80
CA PHE E 1072 22.52 -45.03 45.96
C PHE E 1072 21.58 -46.22 46.09
N LEU E 1073 21.68 -47.19 45.18
CA LEU E 1073 20.74 -48.30 45.05
C LEU E 1073 21.47 -49.62 45.19
N PRO E 1074 21.57 -50.19 46.39
CA PRO E 1074 22.05 -51.57 46.51
C PRO E 1074 21.04 -52.53 45.90
N LYS E 1075 21.45 -53.79 45.80
CA LYS E 1075 20.66 -54.79 45.09
C LYS E 1075 19.38 -55.08 45.88
N GLY E 1076 18.25 -55.00 45.20
CA GLY E 1076 16.96 -55.14 45.88
C GLY E 1076 16.50 -53.88 46.55
N THR E 1077 16.69 -52.73 45.92
CA THR E 1077 16.19 -51.45 46.41
C THR E 1077 15.62 -50.66 45.25
N LYS E 1078 14.75 -49.71 45.55
CA LYS E 1078 14.13 -48.88 44.51
C LYS E 1078 13.92 -47.47 45.06
N VAL E 1079 13.97 -46.51 44.13
CA VAL E 1079 13.61 -45.12 44.39
C VAL E 1079 12.72 -44.68 43.24
N VAL E 1080 11.44 -44.41 43.54
CA VAL E 1080 10.44 -44.06 42.55
C VAL E 1080 10.09 -42.59 42.75
N PRO E 1081 10.48 -41.69 41.84
CA PRO E 1081 10.06 -40.29 41.98
C PRO E 1081 8.59 -40.10 41.61
N LYS E 1082 7.97 -39.13 42.28
CA LYS E 1082 6.55 -38.86 42.09
C LYS E 1082 6.31 -37.37 42.29
N TYR E 1083 5.20 -36.89 41.76
CA TYR E 1083 4.83 -35.49 41.90
C TYR E 1083 3.31 -35.39 41.91
N SER E 1084 2.82 -34.29 42.48
CA SER E 1084 1.39 -34.02 42.57
C SER E 1084 1.12 -32.56 42.29
N ALA E 1085 0.10 -32.29 41.47
CA ALA E 1085 -0.35 -30.94 41.15
C ALA E 1085 -1.69 -30.61 41.79
N ASP E 1086 -2.06 -31.32 42.87
CA ASP E 1086 -3.35 -31.10 43.53
C ASP E 1086 -3.23 -31.29 45.05
N ASP E 1087 -2.06 -30.97 45.61
CA ASP E 1087 -1.84 -31.02 47.07
C ASP E 1087 -1.93 -32.45 47.61
N GLY E 1088 -1.39 -33.40 46.87
CA GLY E 1088 -1.30 -34.78 47.31
C GLY E 1088 -2.55 -35.62 47.16
N LYS E 1089 -3.60 -35.08 46.55
CA LYS E 1089 -4.80 -35.89 46.34
C LYS E 1089 -4.53 -37.03 45.38
N THR E 1090 -3.74 -36.78 44.33
CA THR E 1090 -3.31 -37.80 43.39
C THR E 1090 -1.82 -37.65 43.10
N TRP E 1091 -1.12 -38.78 43.05
CA TRP E 1091 0.31 -38.83 42.79
C TRP E 1091 0.56 -39.43 41.42
N LYS E 1092 1.29 -38.69 40.58
CA LYS E 1092 1.59 -39.11 39.21
C LYS E 1092 3.01 -39.65 39.12
N THR E 1093 3.29 -40.35 38.03
CA THR E 1093 4.60 -40.95 37.76
C THR E 1093 5.10 -40.53 36.39
N PHE E 1094 6.41 -40.39 36.27
CA PHE E 1094 7.02 -40.02 35.00
C PHE E 1094 7.09 -41.21 34.07
N THR E 1095 6.74 -40.98 32.79
CA THR E 1095 6.80 -42.04 31.79
C THR E 1095 8.21 -42.25 31.26
N LYS E 1096 8.99 -41.17 31.16
CA LYS E 1096 10.35 -41.26 30.64
C LYS E 1096 11.26 -42.00 31.62
N SER E 1097 12.29 -42.64 31.06
CA SER E 1097 13.32 -43.29 31.87
C SER E 1097 14.45 -42.30 32.16
N PRO E 1098 14.98 -42.24 33.39
CA PRO E 1098 15.98 -41.21 33.69
C PRO E 1098 17.30 -41.47 32.98
N THR E 1099 17.96 -40.37 32.60
CA THR E 1099 19.32 -40.45 32.11
C THR E 1099 20.27 -40.47 33.32
N THR E 1100 21.27 -41.34 33.26
CA THR E 1100 22.14 -41.63 34.39
C THR E 1100 23.52 -41.04 34.17
N THR E 1101 24.01 -40.34 35.19
CA THR E 1101 25.39 -39.87 35.25
C THR E 1101 25.96 -40.27 36.60
N ARG E 1102 27.15 -40.86 36.62
CA ARG E 1102 27.75 -41.35 37.85
C ARG E 1102 28.36 -40.20 38.64
N ALA E 1103 27.99 -40.12 39.93
CA ALA E 1103 28.53 -39.09 40.81
C ALA E 1103 29.81 -39.54 41.50
N ASN E 1104 29.77 -40.70 42.15
CA ASN E 1104 30.93 -41.26 42.83
C ASN E 1104 30.81 -42.78 42.78
N ASN E 1105 31.56 -43.47 43.64
CA ASN E 1105 31.54 -44.94 43.62
C ASN E 1105 30.17 -45.47 44.00
N GLU E 1106 29.50 -44.84 44.98
CA GLU E 1106 28.20 -45.30 45.45
C GLU E 1106 27.05 -44.65 44.66
N PHE E 1107 26.94 -43.34 44.74
CA PHE E 1107 25.78 -42.59 44.28
C PHE E 1107 25.82 -42.43 42.77
N THR E 1108 24.63 -42.38 42.17
CA THR E 1108 24.46 -42.12 40.75
C THR E 1108 23.38 -41.06 40.60
N ARG E 1109 23.62 -40.12 39.69
CA ARG E 1109 22.67 -39.04 39.45
C ARG E 1109 21.59 -39.47 38.45
N TYR E 1110 20.33 -39.31 38.84
CA TYR E 1110 19.19 -39.61 37.98
C TYR E 1110 18.45 -38.33 37.64
N VAL E 1111 18.23 -38.09 36.35
CA VAL E 1111 17.63 -36.85 35.87
C VAL E 1111 16.48 -37.22 34.94
N ILE E 1112 15.33 -36.59 35.13
CA ILE E 1112 14.16 -36.75 34.28
C ILE E 1112 13.75 -35.37 33.79
N ASP E 1113 13.49 -35.25 32.48
CA ASP E 1113 13.00 -34.01 31.89
C ASP E 1113 11.83 -34.35 30.98
N GLU E 1114 10.60 -34.14 31.47
CA GLU E 1114 9.39 -34.58 30.80
C GLU E 1114 8.37 -33.46 30.82
N LYS E 1115 7.66 -33.30 29.70
CA LYS E 1115 6.51 -32.40 29.63
C LYS E 1115 5.33 -33.10 30.29
N VAL E 1116 5.11 -32.80 31.57
CA VAL E 1116 4.09 -33.53 32.34
C VAL E 1116 2.69 -33.28 31.81
N LYS E 1117 2.40 -32.08 31.31
CA LYS E 1117 1.09 -31.71 30.81
C LYS E 1117 1.20 -31.32 29.34
N SER E 1118 0.39 -31.96 28.50
CA SER E 1118 0.47 -31.69 27.07
C SER E 1118 -0.09 -30.31 26.73
N SER E 1119 -1.23 -29.94 27.31
CA SER E 1119 -1.85 -28.66 27.07
C SER E 1119 -2.33 -28.10 28.40
N GLY E 1120 -2.29 -26.78 28.52
CA GLY E 1120 -2.58 -26.12 29.78
C GLY E 1120 -1.36 -26.05 30.67
N THR E 1121 -1.58 -25.54 31.89
CA THR E 1121 -0.51 -25.35 32.86
C THR E 1121 -1.00 -25.66 34.26
N ASN E 1122 -0.17 -26.38 35.02
CA ASN E 1122 -0.47 -26.61 36.42
C ASN E 1122 -0.13 -25.38 37.25
N THR E 1123 -0.63 -25.36 38.50
CA THR E 1123 -0.41 -24.26 39.43
C THR E 1123 -0.01 -24.73 40.83
N LYS E 1124 0.32 -26.01 41.00
CA LYS E 1124 0.74 -26.54 42.28
C LYS E 1124 1.82 -27.58 42.06
N LEU E 1125 2.67 -27.76 43.08
CA LEU E 1125 3.77 -28.72 42.99
C LEU E 1125 4.00 -29.32 44.37
N GLN E 1126 4.23 -30.63 44.41
CA GLN E 1126 4.62 -31.30 45.65
C GLN E 1126 5.46 -32.51 45.28
N VAL E 1127 6.71 -32.50 45.71
CA VAL E 1127 7.68 -33.51 45.34
C VAL E 1127 7.56 -34.67 46.33
N ARG E 1128 7.80 -35.89 45.83
CA ARG E 1128 7.84 -37.08 46.67
C ARG E 1128 8.84 -38.09 46.12
N LEU E 1129 9.50 -38.79 47.05
CA LEU E 1129 10.38 -39.90 46.72
C LEU E 1129 9.94 -41.11 47.54
N ASP E 1130 9.76 -42.27 46.87
CA ASP E 1130 9.37 -43.48 47.60
C ASP E 1130 10.55 -44.45 47.68
N LEU E 1131 10.93 -44.80 48.90
CA LEU E 1131 12.04 -45.70 49.17
C LEU E 1131 11.52 -47.03 49.69
N SER E 1132 12.19 -48.12 49.31
CA SER E 1132 11.78 -49.44 49.77
C SER E 1132 12.99 -50.36 49.72
N THR E 1133 12.92 -51.43 50.51
CA THR E 1133 14.00 -52.40 50.62
C THR E 1133 13.42 -53.80 50.60
N GLU E 1134 14.29 -54.74 50.26
CA GLU E 1134 14.00 -56.17 50.30
C GLU E 1134 14.43 -56.80 51.62
N ASN E 1135 15.54 -56.35 52.21
CA ASN E 1135 16.00 -56.84 53.51
C ASN E 1135 16.47 -55.66 54.34
N SER E 1136 16.78 -55.93 55.60
CA SER E 1136 17.12 -54.88 56.54
C SER E 1136 18.50 -54.28 56.29
N PHE E 1137 19.48 -55.12 55.93
CA PHE E 1137 20.86 -54.64 55.89
C PHE E 1137 21.09 -53.66 54.73
N LEU E 1138 20.56 -53.97 53.56
CA LEU E 1138 20.78 -53.18 52.34
C LEU E 1138 19.62 -52.18 52.19
N ARG E 1139 19.95 -50.89 52.20
CA ARG E 1139 18.99 -49.80 52.18
C ARG E 1139 19.42 -48.79 51.13
N PRO E 1140 18.49 -48.01 50.56
CA PRO E 1140 18.90 -46.94 49.65
C PRO E 1140 19.19 -45.65 50.40
N ARG E 1141 19.88 -44.74 49.70
CA ARG E 1141 20.19 -43.42 50.22
C ARG E 1141 20.06 -42.40 49.10
N VAL E 1142 19.54 -41.23 49.44
CA VAL E 1142 19.30 -40.16 48.47
C VAL E 1142 19.92 -38.88 48.99
N ARG E 1143 20.34 -38.00 48.06
CA ARG E 1143 20.87 -36.70 48.46
C ARG E 1143 20.78 -35.74 47.29
N ARG E 1144 20.83 -34.45 47.61
CA ARG E 1144 20.89 -33.38 46.61
C ARG E 1144 19.72 -33.47 45.64
N LEU E 1145 18.52 -33.34 46.20
CA LEU E 1145 17.28 -33.35 45.43
C LEU E 1145 17.00 -31.94 44.91
N MET E 1146 16.93 -31.81 43.58
CA MET E 1146 16.64 -30.54 42.93
C MET E 1146 15.53 -30.75 41.91
N VAL E 1147 14.47 -29.96 42.01
CA VAL E 1147 13.33 -30.02 41.11
C VAL E 1147 13.06 -28.62 40.60
N THR E 1148 13.00 -28.48 39.27
CA THR E 1148 12.71 -27.21 38.62
C THR E 1148 11.62 -27.43 37.57
N THR E 1149 10.83 -26.38 37.35
CA THR E 1149 9.71 -26.43 36.43
C THR E 1149 9.85 -25.32 35.40
N ARG E 1150 9.23 -25.52 34.24
CA ARG E 1150 9.28 -24.55 33.16
C ARG E 1150 7.92 -24.52 32.47
N ASP E 1151 7.72 -23.47 31.68
CA ASP E 1151 6.54 -23.31 30.84
C ASP E 1151 7.00 -23.29 29.39
N GLU E 1152 6.77 -24.39 28.69
CA GLU E 1152 7.17 -24.52 27.28
C GLU E 1152 6.04 -25.07 26.41
N ASN F 4 -20.35 -13.49 -26.25
CA ASN F 4 -20.55 -14.53 -27.26
C ASN F 4 -19.94 -14.08 -28.59
N PHE F 5 -18.62 -14.14 -28.68
CA PHE F 5 -17.90 -13.77 -29.90
C PHE F 5 -17.69 -14.95 -30.84
N LYS F 6 -18.22 -16.13 -30.51
CA LYS F 6 -18.34 -17.20 -31.49
C LYS F 6 -19.55 -17.04 -32.40
N GLY F 7 -20.37 -16.02 -32.18
CA GLY F 7 -21.59 -15.86 -32.94
C GLY F 7 -21.34 -15.54 -34.41
N SER F 8 -22.44 -15.33 -35.11
CA SER F 8 -22.40 -15.11 -36.56
C SER F 8 -21.58 -13.90 -36.99
N PRO F 9 -21.70 -12.71 -36.39
CA PRO F 9 -21.00 -11.55 -36.97
C PRO F 9 -19.48 -11.67 -36.93
N TYR F 10 -18.93 -12.32 -35.91
CA TYR F 10 -17.48 -12.34 -35.68
C TYR F 10 -16.86 -13.71 -35.89
N LEU F 11 -17.50 -14.75 -35.37
CA LEU F 11 -17.07 -16.14 -35.54
C LEU F 11 -15.69 -16.38 -34.95
N ASP F 12 -15.41 -15.80 -33.79
CA ASP F 12 -14.07 -15.98 -33.22
C ASP F 12 -13.86 -17.45 -32.84
N ARG F 13 -12.80 -18.06 -33.37
CA ARG F 13 -12.56 -19.49 -33.16
C ARG F 13 -11.74 -19.77 -31.90
N PHE F 14 -11.50 -18.77 -31.06
CA PHE F 14 -10.64 -19.00 -29.91
C PHE F 14 -11.34 -19.90 -28.90
N ASP F 15 -10.58 -20.84 -28.35
CA ASP F 15 -11.01 -21.73 -27.28
C ASP F 15 -9.76 -22.21 -26.52
N PRO F 16 -9.67 -22.01 -25.20
CA PRO F 16 -8.42 -22.40 -24.50
C PRO F 16 -8.08 -23.88 -24.60
N SER F 17 -9.07 -24.76 -24.77
CA SER F 17 -8.80 -26.18 -24.74
C SER F 17 -7.95 -26.64 -25.91
N LYS F 18 -7.92 -25.87 -26.99
CA LYS F 18 -7.23 -26.27 -28.22
C LYS F 18 -5.72 -26.10 -28.12
N ASP F 19 -5.26 -25.26 -27.19
CA ASP F 19 -3.83 -25.03 -26.96
C ASP F 19 -3.15 -24.47 -28.20
N ARG F 20 -3.85 -23.56 -28.89
CA ARG F 20 -3.35 -22.90 -30.08
C ARG F 20 -2.98 -21.46 -29.70
N THR F 21 -1.71 -21.09 -29.94
CA THR F 21 -1.14 -19.88 -29.38
C THR F 21 -0.82 -18.80 -30.41
N LYS F 22 -0.87 -19.10 -31.70
CA LYS F 22 -0.43 -18.16 -32.72
C LYS F 22 -1.21 -18.40 -34.00
N VAL F 23 -1.51 -17.31 -34.69
CA VAL F 23 -2.15 -17.33 -36.01
C VAL F 23 -1.05 -17.07 -37.03
N LEU F 24 -0.80 -18.06 -37.89
CA LEU F 24 0.26 -18.01 -38.90
C LEU F 24 -0.34 -17.66 -40.25
N PHE F 25 -0.30 -16.39 -40.61
CA PHE F 25 -0.86 -15.96 -41.89
C PHE F 25 0.01 -16.45 -43.04
N ASN F 26 -0.64 -16.67 -44.19
CA ASN F 26 0.01 -17.11 -45.40
C ASN F 26 -0.23 -16.11 -46.54
N PRO F 27 0.61 -16.11 -47.57
CA PRO F 27 0.44 -15.09 -48.61
C PRO F 27 -0.56 -15.56 -49.65
N ASP F 28 -1.20 -14.58 -50.29
CA ASP F 28 -2.17 -14.83 -51.35
C ASP F 28 -3.33 -15.68 -50.85
N ARG F 29 -3.93 -15.28 -49.74
CA ARG F 29 -5.11 -15.93 -49.21
C ARG F 29 -6.03 -14.87 -48.60
N PRO F 30 -7.30 -15.23 -48.34
CA PRO F 30 -8.17 -14.29 -47.63
C PRO F 30 -7.71 -14.05 -46.20
N LEU F 31 -7.96 -12.82 -45.74
CA LEU F 31 -7.66 -12.40 -44.37
C LEU F 31 -8.98 -12.43 -43.60
N GLN F 32 -9.26 -13.54 -42.93
CA GLN F 32 -10.51 -13.68 -42.21
C GLN F 32 -10.56 -12.76 -41.00
N GLN F 33 -11.68 -12.08 -40.81
CA GLN F 33 -11.88 -11.26 -39.62
C GLN F 33 -11.87 -12.10 -38.36
N ALA F 34 -12.31 -13.36 -38.46
CA ALA F 34 -12.23 -14.28 -37.32
C ALA F 34 -10.80 -14.48 -36.88
N GLU F 35 -9.88 -14.58 -37.85
CA GLU F 35 -8.46 -14.69 -37.55
C GLU F 35 -7.95 -13.48 -36.79
N LEU F 36 -8.33 -12.28 -37.24
CA LEU F 36 -7.95 -11.07 -36.52
C LEU F 36 -8.49 -11.04 -35.11
N ASN F 37 -9.75 -11.46 -34.91
CA ASN F 37 -10.31 -11.48 -33.55
C ASN F 37 -9.54 -12.47 -32.68
N GLU F 38 -9.27 -13.66 -33.21
CA GLU F 38 -8.57 -14.67 -32.43
C GLU F 38 -7.15 -14.23 -32.10
N MET F 39 -6.54 -13.44 -32.98
CA MET F 39 -5.17 -12.97 -32.78
C MET F 39 -5.04 -12.19 -31.48
N GLN F 40 -5.97 -11.26 -31.23
CA GLN F 40 -5.94 -10.51 -29.98
C GLN F 40 -6.57 -11.28 -28.83
N SER F 41 -7.51 -12.19 -29.12
CA SER F 41 -8.12 -12.97 -28.05
C SER F 41 -7.09 -13.85 -27.37
N ILE F 42 -6.18 -14.45 -28.13
CA ILE F 42 -5.14 -15.30 -27.54
C ILE F 42 -4.29 -14.48 -26.56
N ASP F 43 -3.79 -13.34 -27.03
CA ASP F 43 -2.94 -12.49 -26.20
C ASP F 43 -3.67 -12.02 -24.95
N GLN F 44 -4.93 -11.60 -25.09
CA GLN F 44 -5.68 -11.16 -23.92
C GLN F 44 -5.92 -12.31 -22.94
N TYR F 45 -6.15 -13.52 -23.45
CA TYR F 45 -6.36 -14.66 -22.57
C TYR F 45 -5.08 -14.97 -21.79
N TYR F 46 -3.93 -14.96 -22.46
CA TYR F 46 -2.70 -15.27 -21.75
C TYR F 46 -2.31 -14.15 -20.79
N LEU F 47 -2.63 -12.91 -21.13
CA LEU F 47 -2.42 -11.82 -20.19
C LEU F 47 -3.33 -11.98 -18.96
N LYS F 48 -4.56 -12.45 -19.18
CA LYS F 48 -5.46 -12.75 -18.06
C LYS F 48 -4.89 -13.85 -17.18
N ASN F 49 -4.33 -14.89 -17.79
CA ASN F 49 -3.71 -15.95 -17.00
C ASN F 49 -2.55 -15.41 -16.17
N LEU F 50 -1.70 -14.59 -16.79
CA LEU F 50 -0.56 -14.01 -16.07
C LEU F 50 -1.03 -13.15 -14.91
N GLY F 51 -2.08 -12.35 -15.12
CA GLY F 51 -2.61 -11.54 -14.04
C GLY F 51 -3.20 -12.38 -12.92
N ASP F 52 -3.96 -13.42 -13.28
CA ASP F 52 -4.59 -14.28 -12.28
C ASP F 52 -3.56 -15.06 -11.47
N ALA F 53 -2.39 -15.33 -12.06
CA ALA F 53 -1.35 -16.05 -11.33
C ALA F 53 -0.74 -15.25 -10.20
N ILE F 54 -1.00 -13.95 -10.13
CA ILE F 54 -0.47 -13.06 -9.12
C ILE F 54 -1.59 -12.42 -8.32
N PHE F 55 -2.60 -11.87 -9.00
CA PHE F 55 -3.63 -11.05 -8.39
C PHE F 55 -4.94 -11.80 -8.28
N LYS F 56 -5.83 -11.25 -7.45
CA LYS F 56 -7.20 -11.72 -7.32
C LYS F 56 -8.13 -10.57 -7.71
N ASP F 57 -9.35 -10.93 -8.12
CA ASP F 57 -10.32 -9.93 -8.52
C ASP F 57 -10.65 -9.02 -7.35
N GLY F 58 -10.60 -7.71 -7.60
CA GLY F 58 -10.84 -6.73 -6.56
C GLY F 58 -9.62 -6.36 -5.74
N ASP F 59 -8.42 -6.76 -6.16
CA ASP F 59 -7.20 -6.38 -5.47
C ASP F 59 -6.84 -4.93 -5.78
N LYS F 60 -6.84 -4.07 -4.77
CA LYS F 60 -6.55 -2.67 -5.01
C LYS F 60 -5.03 -2.48 -5.06
N GLN F 61 -4.60 -1.59 -5.96
CA GLN F 61 -3.20 -1.27 -6.18
C GLN F 61 -2.82 0.13 -5.72
N SER F 62 -3.63 1.13 -6.07
CA SER F 62 -3.38 2.50 -5.64
C SER F 62 -4.69 3.27 -5.66
N GLY F 63 -4.72 4.36 -4.91
CA GLY F 63 -5.89 5.22 -4.89
C GLY F 63 -7.10 4.53 -4.28
N LEU F 64 -8.26 4.82 -4.85
CA LEU F 64 -9.54 4.23 -4.43
C LEU F 64 -9.88 4.55 -2.97
N GLY F 65 -9.42 5.70 -2.47
CA GLY F 65 -9.83 6.11 -1.15
C GLY F 65 -11.31 6.38 -1.09
N PHE F 66 -12.01 5.73 -0.16
CA PHE F 66 -13.45 5.87 -0.06
C PHE F 66 -13.82 7.08 0.80
N THR F 67 -15.02 7.60 0.55
CA THR F 67 -15.60 8.65 1.37
C THR F 67 -17.05 8.30 1.66
N LEU F 68 -17.46 8.50 2.90
CA LEU F 68 -18.78 8.15 3.38
C LEU F 68 -19.45 9.35 4.04
N SER F 69 -20.64 9.71 3.57
CA SER F 69 -21.35 10.86 4.08
C SER F 69 -22.19 10.47 5.29
N GLU F 70 -22.76 11.47 5.95
CA GLU F 70 -23.66 11.22 7.06
C GLU F 70 -24.95 10.54 6.60
N ASP F 71 -25.33 10.73 5.33
CA ASP F 71 -26.45 10.03 4.72
C ASP F 71 -26.06 8.67 4.15
N ASN F 72 -24.94 8.10 4.61
CA ASN F 72 -24.47 6.79 4.19
C ASN F 72 -24.22 6.70 2.69
N VAL F 73 -23.98 7.83 2.03
CA VAL F 73 -23.65 7.83 0.61
C VAL F 73 -22.15 7.56 0.48
N LEU F 74 -21.80 6.50 -0.25
CA LEU F 74 -20.42 6.06 -0.41
C LEU F 74 -19.92 6.44 -1.79
N THR F 75 -18.73 7.06 -1.83
CA THR F 75 -18.06 7.42 -3.07
C THR F 75 -16.63 6.91 -3.03
N VAL F 76 -16.12 6.47 -4.18
CA VAL F 76 -14.76 5.96 -4.29
C VAL F 76 -13.96 6.90 -5.19
N ASN F 77 -12.73 7.20 -4.76
CA ASN F 77 -11.82 8.04 -5.54
C ASN F 77 -11.23 7.24 -6.70
N PRO F 78 -10.57 7.90 -7.66
CA PRO F 78 -9.95 7.14 -8.75
C PRO F 78 -8.75 6.33 -8.28
N GLY F 79 -8.46 5.29 -9.04
CA GLY F 79 -7.31 4.44 -8.76
C GLY F 79 -7.30 3.23 -9.67
N TYR F 80 -6.30 2.37 -9.43
CA TYR F 80 -6.11 1.14 -10.19
C TYR F 80 -6.62 -0.05 -9.41
N VAL F 81 -7.04 -1.10 -10.13
CA VAL F 81 -7.58 -2.30 -9.51
C VAL F 81 -7.62 -3.43 -10.54
N TYR F 82 -7.39 -4.65 -10.07
CA TYR F 82 -7.44 -5.85 -10.89
C TYR F 82 -8.82 -6.46 -10.74
N ILE F 83 -9.55 -6.57 -11.85
CA ILE F 83 -10.95 -7.02 -11.82
C ILE F 83 -11.10 -8.29 -12.65
N ASN F 84 -10.83 -8.20 -13.95
CA ASN F 84 -11.07 -9.33 -14.86
C ASN F 84 -9.94 -9.38 -15.89
N GLY F 85 -8.90 -10.13 -15.56
CA GLY F 85 -7.81 -10.40 -16.48
C GLY F 85 -6.93 -9.21 -16.85
N LYS F 86 -7.20 -8.05 -16.25
CA LYS F 86 -6.51 -6.82 -16.60
C LYS F 86 -6.54 -5.90 -15.38
N ILE F 87 -5.55 -5.02 -15.31
CA ILE F 87 -5.52 -3.95 -14.33
C ILE F 87 -6.13 -2.73 -15.01
N ARG F 88 -7.25 -2.26 -14.48
CA ARG F 88 -8.03 -1.18 -15.07
C ARG F 88 -7.98 0.06 -14.20
N TYR F 89 -7.94 1.23 -14.84
CA TYR F 89 -7.98 2.51 -14.15
C TYR F 89 -9.44 2.92 -13.97
N TYR F 90 -9.87 3.06 -12.71
CA TYR F 90 -11.25 3.39 -12.38
C TYR F 90 -11.37 4.89 -12.20
N ASP F 91 -12.24 5.52 -13.00
CA ASP F 91 -12.55 6.94 -12.86
C ASP F 91 -14.02 7.19 -13.17
N ASN F 92 -14.89 6.24 -12.82
CA ASN F 92 -16.30 6.34 -13.17
C ASN F 92 -17.03 7.39 -12.35
N ASP F 93 -16.51 7.75 -11.17
CA ASP F 93 -17.16 8.71 -10.28
C ASP F 93 -18.54 8.23 -9.88
N ASP F 94 -18.66 6.94 -9.57
CA ASP F 94 -19.93 6.34 -9.20
C ASP F 94 -20.13 6.47 -7.69
N SER F 95 -21.38 6.33 -7.26
CA SER F 95 -21.71 6.40 -5.85
C SER F 95 -22.90 5.50 -5.55
N VAL F 96 -22.89 4.93 -4.34
CA VAL F 96 -23.96 4.06 -3.87
C VAL F 96 -24.18 4.33 -2.38
N LYS F 97 -25.43 4.19 -1.94
CA LYS F 97 -25.79 4.43 -0.56
C LYS F 97 -25.93 3.09 0.15
N ILE F 98 -25.23 2.96 1.27
CA ILE F 98 -25.22 1.72 2.04
C ILE F 98 -26.33 1.77 3.08
N THR F 99 -26.85 0.60 3.44
CA THR F 99 -27.92 0.51 4.42
C THR F 99 -27.42 0.89 5.81
N GLY F 100 -26.14 0.66 6.11
CA GLY F 100 -25.62 0.98 7.41
C GLY F 100 -25.90 -0.04 8.49
N VAL F 101 -26.39 -1.22 8.12
CA VAL F 101 -26.70 -2.30 9.06
C VAL F 101 -26.16 -3.61 8.50
N GLY F 102 -25.50 -4.39 9.33
CA GLY F 102 -25.00 -5.68 8.89
C GLY F 102 -23.77 -5.58 8.01
N LYS F 103 -23.37 -6.72 7.48
CA LYS F 103 -22.21 -6.78 6.59
C LYS F 103 -22.58 -6.23 5.22
N GLU F 104 -21.74 -5.34 4.70
CA GLU F 104 -21.93 -4.76 3.37
C GLU F 104 -20.61 -4.78 2.64
N THR F 105 -20.61 -5.30 1.41
CA THR F 105 -19.37 -5.52 0.66
C THR F 105 -19.35 -4.69 -0.62
N ILE F 106 -18.65 -3.55 -0.61
CA ILE F 106 -18.64 -2.73 -1.82
C ILE F 106 -17.84 -3.45 -2.87
N GLY F 107 -18.36 -3.49 -4.09
CA GLY F 107 -17.66 -4.13 -5.19
C GLY F 107 -17.93 -3.46 -6.51
N ILE F 108 -17.03 -3.71 -7.47
CA ILE F 108 -17.07 -3.11 -8.79
C ILE F 108 -17.58 -4.17 -9.76
N LYS F 109 -18.54 -3.79 -10.60
CA LYS F 109 -19.09 -4.66 -11.63
C LYS F 109 -18.66 -4.18 -13.00
N LEU F 110 -18.26 -5.13 -13.85
CA LEU F 110 -17.79 -4.86 -15.20
C LEU F 110 -18.87 -5.26 -16.19
N THR F 111 -19.35 -4.30 -16.97
CA THR F 111 -20.42 -4.52 -17.94
C THR F 111 -19.86 -4.39 -19.35
N GLU F 112 -20.06 -5.42 -20.17
CA GLU F 112 -19.64 -5.39 -21.56
C GLU F 112 -20.73 -4.78 -22.43
N ARG F 113 -20.32 -4.03 -23.45
CA ARG F 113 -21.24 -3.40 -24.37
C ARG F 113 -20.55 -3.26 -25.72
N ILE F 114 -21.33 -3.37 -26.79
CA ILE F 114 -20.83 -3.27 -28.16
C ILE F 114 -21.09 -1.84 -28.62
N VAL F 115 -20.03 -1.17 -29.08
CA VAL F 115 -20.12 0.17 -29.65
C VAL F 115 -19.88 0.02 -31.15
N THR F 116 -20.76 0.62 -31.94
CA THR F 116 -20.74 0.51 -33.39
C THR F 116 -20.56 1.89 -34.02
N PRO F 117 -20.30 1.99 -35.33
CA PRO F 117 -20.19 3.33 -35.94
C PRO F 117 -21.48 4.11 -35.92
N ASP F 118 -22.63 3.42 -35.82
CA ASP F 118 -23.90 4.13 -35.78
C ASP F 118 -24.02 4.97 -34.51
N GLU F 119 -23.53 4.46 -33.39
CA GLU F 119 -23.54 5.24 -32.15
C GLU F 119 -22.41 6.26 -32.14
N ASP F 120 -21.17 5.79 -32.27
CA ASP F 120 -19.99 6.66 -32.20
C ASP F 120 -19.50 6.93 -33.62
N ALA F 121 -19.72 8.16 -34.10
CA ALA F 121 -19.41 8.45 -35.49
C ALA F 121 -17.91 8.49 -35.75
N SER F 122 -17.09 8.70 -34.73
CA SER F 122 -15.65 8.80 -34.93
C SER F 122 -15.02 7.46 -35.32
N LEU F 123 -15.76 6.35 -35.18
CA LEU F 123 -15.23 5.06 -35.60
C LEU F 123 -15.20 4.92 -37.12
N LEU F 124 -15.92 5.77 -37.85
CA LEU F 124 -15.89 5.75 -39.30
C LEU F 124 -14.48 6.00 -39.84
N ASP F 125 -14.34 5.86 -41.15
CA ASP F 125 -13.04 6.07 -41.78
C ASP F 125 -12.58 7.51 -41.63
N GLN F 126 -11.40 7.70 -41.04
CA GLN F 126 -10.89 9.05 -40.78
C GLN F 126 -10.33 9.70 -42.03
N THR F 127 -9.81 8.92 -42.98
CA THR F 127 -9.25 9.49 -44.20
C THR F 127 -10.32 10.23 -45.00
N SER F 128 -11.51 9.63 -45.11
CA SER F 128 -12.60 10.28 -45.82
C SER F 128 -13.27 11.33 -44.95
N GLY F 129 -13.64 10.96 -43.72
CA GLY F 129 -14.21 11.92 -42.80
C GLY F 129 -15.67 12.26 -43.04
N VAL F 130 -16.36 11.49 -43.88
CA VAL F 130 -17.79 11.69 -44.14
C VAL F 130 -18.46 10.32 -44.19
N PRO F 131 -19.77 10.26 -43.92
CA PRO F 131 -20.48 8.97 -44.07
C PRO F 131 -20.52 8.54 -45.53
N SER F 132 -20.29 7.24 -45.74
CA SER F 132 -20.24 6.70 -47.10
C SER F 132 -20.44 5.19 -47.04
N TYR F 133 -20.51 4.58 -48.22
CA TYR F 133 -20.62 3.13 -48.32
C TYR F 133 -19.38 2.44 -47.76
N PHE F 134 -18.22 3.05 -47.92
CA PHE F 134 -16.95 2.49 -47.47
C PHE F 134 -16.56 2.95 -46.07
N SER F 135 -17.34 3.82 -45.44
CA SER F 135 -16.88 4.43 -44.19
C SER F 135 -16.91 3.43 -43.04
N LYS F 136 -17.97 2.63 -42.94
CA LYS F 136 -18.11 1.72 -41.81
C LYS F 136 -17.02 0.66 -41.80
N GLY F 137 -16.61 0.29 -40.58
CA GLY F 137 -15.62 -0.74 -40.38
C GLY F 137 -15.86 -1.58 -39.14
N ALA F 138 -14.79 -1.79 -38.36
CA ALA F 138 -14.87 -2.66 -37.20
C ALA F 138 -15.62 -1.99 -36.06
N ASP F 139 -16.19 -2.81 -35.17
CA ASP F 139 -16.81 -2.31 -33.95
C ASP F 139 -15.82 -2.35 -32.80
N ARG F 140 -16.26 -1.83 -31.64
CA ARG F 140 -15.44 -1.76 -30.44
C ARG F 140 -16.20 -2.37 -29.27
N LEU F 141 -15.47 -3.07 -28.40
CA LEU F 141 -16.00 -3.63 -27.18
C LEU F 141 -15.68 -2.67 -26.03
N GLU F 142 -16.72 -2.09 -25.44
CA GLU F 142 -16.60 -1.14 -24.34
C GLU F 142 -16.91 -1.85 -23.02
N GLU F 143 -16.03 -1.67 -22.03
CA GLU F 143 -16.16 -2.30 -20.72
C GLU F 143 -16.13 -1.23 -19.63
N LYS F 144 -17.30 -0.67 -19.32
CA LYS F 144 -17.40 0.34 -18.27
C LYS F 144 -17.57 -0.34 -16.90
N MET F 145 -17.04 0.32 -15.88
CA MET F 145 -17.09 -0.16 -14.50
C MET F 145 -18.12 0.60 -13.70
N SER F 146 -18.86 -0.11 -12.86
CA SER F 146 -19.90 0.46 -12.01
C SER F 146 -19.78 -0.12 -10.61
N LEU F 147 -20.26 0.65 -9.64
CA LEU F 147 -20.12 0.38 -8.22
C LEU F 147 -21.40 -0.26 -7.70
N THR F 148 -21.25 -1.31 -6.89
CA THR F 148 -22.39 -2.03 -6.33
C THR F 148 -22.33 -2.00 -4.81
N VAL F 149 -23.33 -2.63 -4.19
CA VAL F 149 -23.50 -2.62 -2.74
C VAL F 149 -23.29 -4.01 -2.15
N ASN F 150 -24.05 -5.00 -2.66
CA ASN F 150 -24.00 -6.37 -2.13
C ASN F 150 -24.08 -7.42 -3.24
N ASP F 151 -23.72 -7.09 -4.47
CA ASP F 151 -23.84 -8.04 -5.57
C ASP F 151 -22.73 -9.09 -5.41
N PRO F 152 -23.04 -10.38 -5.26
CA PRO F 152 -21.93 -11.34 -5.06
C PRO F 152 -21.08 -11.54 -6.29
N THR F 153 -21.62 -11.31 -7.48
CA THR F 153 -20.86 -11.54 -8.70
C THR F 153 -19.77 -10.49 -8.90
N SER F 154 -19.92 -9.31 -8.32
CA SER F 154 -18.95 -8.23 -8.49
C SER F 154 -17.69 -8.49 -7.67
N ALA F 155 -16.60 -7.85 -8.07
CA ALA F 155 -15.33 -7.98 -7.37
C ALA F 155 -15.32 -7.06 -6.17
N THR F 156 -15.27 -7.64 -4.97
CA THR F 156 -15.31 -6.84 -3.76
C THR F 156 -14.03 -6.05 -3.59
N ILE F 157 -14.18 -4.78 -3.17
CA ILE F 157 -13.02 -3.92 -2.90
C ILE F 157 -13.00 -3.47 -1.45
N TYR F 158 -14.16 -3.37 -0.81
CA TYR F 158 -14.27 -2.95 0.57
C TYR F 158 -15.36 -3.75 1.27
N THR F 159 -15.26 -3.82 2.60
CA THR F 159 -16.26 -4.48 3.43
C THR F 159 -16.53 -3.62 4.65
N PHE F 160 -17.82 -3.50 5.01
CA PHE F 160 -18.26 -2.64 6.10
C PHE F 160 -19.13 -3.45 7.06
N MET F 161 -19.07 -3.06 8.33
CA MET F 161 -19.89 -3.65 9.40
C MET F 161 -20.52 -2.49 10.16
N ASP F 162 -21.85 -2.34 10.02
CA ASP F 162 -22.59 -1.27 10.68
C ASP F 162 -22.04 0.09 10.29
N GLY F 163 -21.68 0.25 9.03
CA GLY F 163 -21.14 1.50 8.54
C GLY F 163 -19.71 1.79 8.92
N ASP F 164 -18.98 0.80 9.42
CA ASP F 164 -17.60 0.97 9.85
C ASP F 164 -16.68 0.07 9.03
N LEU F 165 -15.53 0.59 8.64
CA LEU F 165 -14.64 -0.18 7.79
C LEU F 165 -14.12 -1.42 8.53
N TYR F 166 -14.05 -2.54 7.82
CA TYR F 166 -13.77 -3.82 8.45
C TYR F 166 -12.27 -4.12 8.47
N ILE F 167 -11.63 -4.08 7.30
CA ILE F 167 -10.21 -4.37 7.15
C ILE F 167 -9.61 -3.30 6.26
N GLN F 168 -8.38 -2.89 6.57
CA GLN F 168 -7.61 -1.94 5.79
C GLN F 168 -6.49 -2.62 5.01
N SER F 169 -5.95 -1.88 4.03
CA SER F 169 -4.79 -2.33 3.25
C SER F 169 -4.03 -1.08 2.80
N THR F 170 -2.90 -0.80 3.48
CA THR F 170 -2.21 0.46 3.26
C THR F 170 -1.56 0.51 1.88
N ASN F 171 -1.19 -0.63 1.32
CA ASN F 171 -0.46 -0.70 0.07
C ASN F 171 -1.09 -1.76 -0.82
N ALA F 172 -0.40 -2.08 -1.91
CA ALA F 172 -0.95 -2.95 -2.96
C ALA F 172 -1.30 -4.32 -2.39
N GLU F 173 -2.44 -4.86 -2.85
CA GLU F 173 -2.93 -6.17 -2.46
C GLU F 173 -2.55 -7.21 -3.50
N MET F 174 -2.02 -8.35 -3.06
CA MET F 174 -1.61 -9.42 -3.98
C MET F 174 -1.88 -10.76 -3.30
N ASP F 175 -2.97 -11.41 -3.71
CA ASP F 175 -3.48 -12.58 -3.00
C ASP F 175 -2.49 -13.75 -3.05
N LYS F 176 -2.00 -14.09 -4.23
CA LYS F 176 -1.05 -15.20 -4.34
C LYS F 176 0.24 -14.85 -3.58
N ILE F 177 0.73 -13.62 -3.70
CA ILE F 177 1.96 -13.25 -3.04
C ILE F 177 1.78 -13.36 -1.53
N ASN F 178 0.68 -12.79 -1.03
CA ASN F 178 0.38 -12.86 0.39
C ASN F 178 0.22 -14.29 0.87
N LYS F 179 -0.36 -15.16 0.04
CA LYS F 179 -0.44 -16.57 0.44
C LYS F 179 0.94 -17.16 0.63
N VAL F 180 1.87 -16.88 -0.30
CA VAL F 180 3.23 -17.36 -0.13
C VAL F 180 3.85 -16.79 1.14
N LEU F 181 3.71 -15.48 1.36
CA LEU F 181 4.37 -14.86 2.50
C LEU F 181 3.80 -15.35 3.83
N ALA F 182 2.52 -15.73 3.85
CA ALA F 182 1.90 -16.17 5.08
C ALA F 182 2.51 -17.48 5.57
N GLU F 183 2.88 -18.36 4.65
CA GLU F 183 3.49 -19.63 5.05
C GLU F 183 4.82 -19.38 5.74
N ARG F 184 5.67 -18.52 5.15
CA ARG F 184 6.94 -18.19 5.75
C ARG F 184 6.76 -17.51 7.10
N THR F 185 5.82 -16.57 7.19
CA THR F 185 5.62 -15.85 8.44
C THR F 185 5.16 -16.79 9.55
N TYR F 186 4.23 -17.69 9.24
CA TYR F 186 3.74 -18.60 10.27
C TYR F 186 4.81 -19.61 10.67
N ASP F 187 5.58 -20.09 9.69
CA ASP F 187 6.63 -21.05 9.99
C ASP F 187 7.78 -20.42 10.76
N GLU F 188 7.98 -19.11 10.63
CA GLU F 188 9.06 -18.41 11.32
C GLU F 188 8.64 -17.97 12.72
N SER F 189 7.48 -17.32 12.84
CA SER F 189 7.06 -16.67 14.07
C SER F 189 5.67 -17.06 14.55
N GLY F 190 4.88 -17.74 13.74
CA GLY F 190 3.54 -18.09 14.16
C GLY F 190 2.63 -16.87 14.21
N SER F 191 1.49 -17.03 14.89
CA SER F 191 0.54 -15.95 15.05
C SER F 191 0.94 -15.09 16.24
N TYR F 192 0.82 -13.77 16.07
CA TYR F 192 1.15 -12.83 17.14
C TYR F 192 0.41 -11.53 16.90
N LYS F 193 0.30 -10.74 17.96
CA LYS F 193 -0.28 -9.41 17.89
C LYS F 193 0.81 -8.37 17.75
N VAL F 194 0.48 -7.28 17.06
CA VAL F 194 1.38 -6.14 16.90
C VAL F 194 1.02 -5.04 17.88
N ASN F 195 -0.24 -4.63 17.90
CA ASN F 195 -0.67 -3.58 18.80
C ASN F 195 -2.19 -3.57 18.89
N GLY F 196 -2.71 -2.94 19.94
CA GLY F 196 -4.13 -2.76 20.09
C GLY F 196 -4.87 -3.98 20.62
N PHE F 197 -6.16 -4.05 20.25
CA PHE F 197 -7.05 -5.14 20.65
C PHE F 197 -7.17 -5.24 22.17
N GLU F 198 -7.38 -4.09 22.81
CA GLU F 198 -7.70 -4.06 24.24
C GLU F 198 -9.19 -4.27 24.46
N LEU F 199 -9.52 -4.92 25.58
CA LEU F 199 -10.91 -5.22 25.91
C LEU F 199 -11.43 -4.23 26.94
N PHE F 200 -12.62 -3.68 26.69
CA PHE F 200 -13.25 -2.76 27.62
C PHE F 200 -14.73 -3.09 27.72
N SER F 201 -15.25 -3.10 28.94
CA SER F 201 -16.66 -3.34 29.19
C SER F 201 -17.41 -2.03 29.24
N GLU F 202 -18.58 -1.99 28.60
CA GLU F 202 -19.41 -0.79 28.52
C GLU F 202 -20.82 -0.98 29.08
N GLY F 203 -21.38 -2.18 28.97
CA GLY F 203 -22.73 -2.43 29.48
C GLY F 203 -23.84 -1.74 28.74
N ASN F 204 -23.69 -1.53 27.43
CA ASN F 204 -24.73 -0.90 26.65
C ASN F 204 -26.00 -1.73 26.67
N ALA F 205 -27.14 -1.07 26.82
CA ALA F 205 -28.42 -1.74 27.02
C ALA F 205 -29.12 -2.11 25.71
N GLU F 206 -28.38 -2.76 24.80
CA GLU F 206 -29.00 -3.29 23.59
C GLU F 206 -29.96 -4.43 23.91
N ASP F 207 -29.64 -5.24 24.92
CA ASP F 207 -30.56 -6.28 25.37
C ASP F 207 -30.23 -6.61 26.82
N ASP F 208 -31.28 -6.83 27.62
CA ASP F 208 -31.09 -7.11 29.03
C ASP F 208 -30.40 -8.44 29.30
N ASP F 209 -30.37 -9.34 28.32
CA ASP F 209 -29.77 -10.66 28.47
C ASP F 209 -28.35 -10.73 27.91
N HIS F 210 -27.74 -9.59 27.61
CA HIS F 210 -26.39 -9.56 27.07
C HIS F 210 -25.61 -8.43 27.73
N VAL F 211 -24.28 -8.58 27.72
CA VAL F 211 -23.37 -7.55 28.21
C VAL F 211 -22.47 -7.13 27.05
N SER F 212 -22.42 -5.83 26.78
CA SER F 212 -21.64 -5.37 25.64
C SER F 212 -20.17 -5.28 26.00
N VAL F 213 -19.31 -5.65 25.05
CA VAL F 213 -17.86 -5.55 25.22
C VAL F 213 -17.30 -4.87 23.97
N VAL F 214 -16.30 -4.01 24.17
CA VAL F 214 -15.65 -3.27 23.10
C VAL F 214 -14.22 -3.80 22.96
N VAL F 215 -13.82 -4.09 21.72
CA VAL F 215 -12.47 -4.51 21.38
C VAL F 215 -11.82 -3.36 20.62
N ASP F 216 -10.70 -2.85 21.15
CA ASP F 216 -10.12 -1.65 20.57
C ASP F 216 -9.38 -1.98 19.28
N ALA F 217 -9.25 -0.97 18.43
CA ALA F 217 -8.58 -1.12 17.14
C ALA F 217 -7.14 -1.59 17.34
N GLY F 218 -6.67 -2.39 16.40
CA GLY F 218 -5.29 -2.86 16.47
C GLY F 218 -4.88 -3.54 15.18
N LYS F 219 -3.72 -4.20 15.25
CA LYS F 219 -3.14 -4.89 14.12
C LYS F 219 -2.52 -6.20 14.60
N ALA F 220 -2.63 -7.25 13.78
CA ALA F 220 -2.11 -8.55 14.15
C ALA F 220 -1.87 -9.36 12.88
N TYR F 221 -1.05 -10.40 13.03
CA TYR F 221 -0.75 -11.35 11.95
C TYR F 221 -1.21 -12.73 12.40
N VAL F 222 -2.30 -13.20 11.79
CA VAL F 222 -2.92 -14.48 12.14
C VAL F 222 -2.69 -15.43 10.97
N LYS F 223 -2.09 -16.57 11.26
CA LYS F 223 -1.76 -17.59 10.27
C LYS F 223 -0.85 -17.05 9.16
N GLY F 224 -0.12 -15.97 9.43
CA GLY F 224 0.71 -15.32 8.42
C GLY F 224 0.03 -14.22 7.64
N PHE F 225 -1.27 -14.01 7.81
CA PHE F 225 -2.02 -12.98 7.11
C PHE F 225 -2.22 -11.78 8.02
N LYS F 226 -1.93 -10.59 7.52
CA LYS F 226 -2.11 -9.38 8.31
C LYS F 226 -3.60 -9.12 8.53
N VAL F 227 -3.93 -8.62 9.72
CA VAL F 227 -5.30 -8.29 10.10
C VAL F 227 -5.24 -6.92 10.74
N ASP F 228 -5.49 -5.88 9.94
CA ASP F 228 -5.47 -4.49 10.40
C ASP F 228 -6.91 -4.01 10.51
N LYS F 229 -7.32 -3.62 11.72
CA LYS F 229 -8.64 -3.08 11.98
C LYS F 229 -8.55 -1.61 12.35
N PRO F 230 -9.09 -0.65 11.58
CA PRO F 230 -8.86 0.76 11.92
C PRO F 230 -9.67 1.26 13.11
N VAL F 231 -10.81 0.62 13.38
CA VAL F 231 -11.73 1.09 14.41
C VAL F 231 -12.12 -0.08 15.32
N SER F 232 -12.63 0.26 16.50
CA SER F 232 -13.01 -0.74 17.47
C SER F 232 -14.23 -1.52 17.01
N THR F 233 -14.31 -2.78 17.45
CA THR F 233 -15.41 -3.68 17.15
C THR F 233 -16.20 -3.94 18.44
N ARG F 234 -17.52 -3.90 18.33
CA ARG F 234 -18.40 -4.18 19.46
C ARG F 234 -18.89 -5.62 19.41
N ILE F 235 -18.80 -6.31 20.55
CA ILE F 235 -19.30 -7.68 20.70
C ILE F 235 -20.09 -7.76 22.00
N SER F 236 -20.97 -8.76 22.08
CA SER F 236 -21.86 -8.94 23.22
C SER F 236 -21.85 -10.39 23.67
N VAL F 237 -21.83 -10.59 24.99
CA VAL F 237 -21.75 -11.93 25.58
C VAL F 237 -23.08 -12.23 26.26
N PRO F 238 -23.62 -13.44 26.20
CA PRO F 238 -24.86 -13.71 26.93
C PRO F 238 -24.61 -13.83 28.42
N LYS F 239 -25.60 -13.38 29.19
CA LYS F 239 -25.50 -13.43 30.63
C LYS F 239 -25.62 -14.85 31.15
N SER F 240 -24.95 -15.13 32.27
CA SER F 240 -24.93 -16.47 32.82
C SER F 240 -26.15 -16.68 33.72
N TYR F 241 -26.98 -17.66 33.35
CA TYR F 241 -28.16 -18.00 34.12
C TYR F 241 -28.18 -19.46 34.56
N ASP F 242 -27.17 -20.25 34.22
CA ASP F 242 -27.13 -21.65 34.61
C ASP F 242 -27.02 -21.76 36.13
N LEU F 243 -27.72 -22.73 36.70
CA LEU F 243 -27.92 -22.85 38.13
C LEU F 243 -27.18 -24.06 38.68
N GLY F 244 -26.60 -23.88 39.86
CA GLY F 244 -26.03 -24.97 40.65
C GLY F 244 -26.94 -25.30 41.83
N THR F 245 -27.09 -26.59 42.09
CA THR F 245 -27.99 -27.08 43.12
C THR F 245 -27.19 -27.46 44.36
N ALA F 246 -27.59 -26.93 45.51
CA ALA F 246 -27.04 -27.29 46.81
C ALA F 246 -28.12 -28.00 47.60
N GLU F 247 -27.82 -29.22 48.07
CA GLU F 247 -28.78 -30.04 48.78
C GLU F 247 -28.17 -30.56 50.08
N ASN F 248 -29.05 -30.72 51.08
CA ASN F 248 -28.64 -31.23 52.40
C ASN F 248 -27.59 -30.36 53.05
N GLU F 249 -27.64 -29.05 52.80
CA GLU F 249 -26.73 -28.12 53.45
C GLU F 249 -27.08 -28.07 54.93
N SER F 250 -26.18 -28.52 55.78
CA SER F 250 -26.46 -28.79 57.18
C SER F 250 -25.90 -27.69 58.07
N THR F 251 -26.68 -27.31 59.07
CA THR F 251 -26.26 -26.38 60.09
C THR F 251 -26.99 -26.73 61.38
N ILE F 252 -26.28 -26.69 62.49
CA ILE F 252 -26.89 -26.95 63.79
C ILE F 252 -27.62 -25.70 64.25
N PHE F 253 -28.90 -25.86 64.58
CA PHE F 253 -29.71 -24.75 65.07
C PHE F 253 -29.43 -24.52 66.55
N ASN F 254 -29.22 -23.25 66.91
CA ASN F 254 -29.00 -22.84 68.30
C ASN F 254 -30.17 -21.97 68.73
N LYS F 255 -30.69 -22.22 69.93
CA LYS F 255 -31.79 -21.42 70.45
C LYS F 255 -31.35 -19.98 70.67
N SER F 256 -30.08 -19.77 71.02
CA SER F 256 -29.59 -18.42 71.28
C SER F 256 -29.55 -17.57 70.00
N ASN F 257 -29.17 -18.18 68.87
CA ASN F 257 -29.04 -17.49 67.59
C ASN F 257 -29.90 -18.22 66.56
N ASN F 258 -31.00 -17.58 66.14
CA ASN F 258 -31.94 -18.23 65.23
C ASN F 258 -31.43 -18.24 63.79
N SER F 259 -30.66 -17.23 63.41
CA SER F 259 -30.24 -17.08 62.01
C SER F 259 -29.22 -18.15 61.63
N ILE F 260 -29.33 -18.63 60.40
CA ILE F 260 -28.38 -19.59 59.83
C ILE F 260 -28.05 -19.15 58.41
N SER F 261 -26.76 -19.18 58.07
CA SER F 261 -26.29 -18.65 56.81
C SER F 261 -26.27 -19.73 55.73
N LEU F 262 -26.35 -19.28 54.48
CA LEU F 262 -26.23 -20.14 53.31
C LEU F 262 -24.87 -19.91 52.66
N ALA F 263 -24.19 -21.00 52.31
CA ALA F 263 -22.82 -20.93 51.83
C ALA F 263 -22.73 -20.19 50.51
N ASN F 264 -23.49 -20.61 49.51
CA ASN F 264 -23.40 -20.00 48.19
C ASN F 264 -24.11 -18.65 48.19
N SER F 265 -23.45 -17.64 47.65
CA SER F 265 -23.94 -16.27 47.78
C SER F 265 -25.12 -15.99 46.85
N PRO F 266 -24.97 -16.07 45.52
CA PRO F 266 -26.11 -15.70 44.66
C PRO F 266 -27.24 -16.70 44.74
N VAL F 267 -28.01 -16.67 45.82
CA VAL F 267 -29.14 -17.58 45.95
C VAL F 267 -30.28 -17.08 45.09
N LYS F 268 -30.91 -18.00 44.37
CA LYS F 268 -32.13 -17.74 43.60
C LYS F 268 -33.38 -18.04 44.43
N GLU F 269 -33.56 -19.29 44.82
CA GLU F 269 -34.74 -19.71 45.56
C GLU F 269 -34.35 -20.85 46.49
N ILE F 270 -35.09 -20.97 47.59
CA ILE F 270 -34.91 -22.05 48.54
C ILE F 270 -35.97 -23.11 48.26
N ARG F 271 -35.52 -24.30 47.88
CA ARG F 271 -36.44 -25.36 47.51
C ARG F 271 -37.19 -25.92 48.72
N ARG F 272 -36.48 -26.11 49.83
CA ARG F 272 -37.09 -26.74 51.00
C ARG F 272 -36.24 -26.45 52.22
N VAL F 273 -36.90 -26.24 53.35
CA VAL F 273 -36.27 -26.13 54.65
C VAL F 273 -37.00 -27.11 55.58
N THR F 274 -36.25 -28.03 56.18
CA THR F 274 -36.79 -29.06 57.06
C THR F 274 -36.03 -29.08 58.37
N GLY F 275 -36.77 -29.23 59.47
CA GLY F 275 -36.15 -29.35 60.78
C GLY F 275 -37.06 -30.10 61.72
N GLN F 276 -36.45 -30.69 62.75
CA GLN F 276 -37.21 -31.44 63.73
C GLN F 276 -38.03 -30.50 64.59
N VAL F 277 -39.31 -30.83 64.77
CA VAL F 277 -40.25 -30.00 65.51
C VAL F 277 -40.98 -30.89 66.52
N LEU F 278 -41.26 -30.34 67.69
CA LEU F 278 -41.98 -31.03 68.76
C LEU F 278 -43.39 -30.46 68.83
N ILE F 279 -44.38 -31.35 68.71
CA ILE F 279 -45.78 -31.03 68.95
C ILE F 279 -46.12 -31.45 70.36
N GLU F 280 -46.79 -30.57 71.10
CA GLU F 280 -47.22 -30.83 72.46
C GLU F 280 -48.74 -30.81 72.55
N LYS F 281 -49.31 -31.89 73.10
CA LYS F 281 -50.73 -31.97 73.41
C LYS F 281 -51.58 -31.88 72.15
N GLU F 282 -51.41 -32.89 71.29
CA GLU F 282 -52.21 -33.01 70.08
C GLU F 282 -53.40 -33.93 70.38
N ARG F 283 -54.60 -33.41 70.19
CA ARG F 283 -55.82 -34.18 70.44
C ARG F 283 -55.97 -35.24 69.37
N VAL F 284 -56.21 -36.48 69.81
CA VAL F 284 -56.40 -37.63 68.92
C VAL F 284 -57.64 -38.37 69.40
N THR F 285 -58.43 -38.85 68.44
CA THR F 285 -59.63 -39.62 68.71
C THR F 285 -59.30 -41.11 68.60
N ARG F 286 -59.72 -41.89 69.59
CA ARG F 286 -59.53 -43.33 69.52
C ARG F 286 -60.46 -43.92 68.47
N GLY F 287 -59.92 -44.82 67.65
CA GLY F 287 -60.71 -45.49 66.64
C GLY F 287 -61.60 -46.57 67.22
N ALA F 288 -62.64 -46.91 66.45
CA ALA F 288 -63.62 -47.90 66.89
C ALA F 288 -63.00 -49.27 67.07
N GLN F 289 -62.13 -49.68 66.16
CA GLN F 289 -61.52 -50.99 66.23
C GLN F 289 -60.59 -51.07 67.44
N GLY F 290 -60.71 -52.16 68.19
CA GLY F 290 -59.80 -52.39 69.30
C GLY F 290 -58.45 -52.88 68.80
N ASP F 291 -57.39 -52.44 69.50
CA ASP F 291 -56.01 -52.76 69.16
C ASP F 291 -55.67 -52.30 67.74
N GLY F 292 -56.27 -51.20 67.31
CA GLY F 292 -56.10 -50.68 65.97
C GLY F 292 -55.01 -49.64 65.88
N GLN F 293 -55.11 -48.79 64.87
CA GLN F 293 -54.13 -47.73 64.60
C GLN F 293 -54.85 -46.42 64.40
N ASP F 294 -54.38 -45.37 65.07
CA ASP F 294 -54.93 -44.02 64.94
C ASP F 294 -53.88 -43.13 64.28
N PHE F 295 -54.27 -42.49 63.17
CA PHE F 295 -53.34 -41.70 62.38
C PHE F 295 -53.07 -40.34 63.00
N LEU F 296 -51.79 -39.97 63.06
CA LEU F 296 -51.40 -38.66 63.54
C LEU F 296 -51.54 -37.62 62.44
N SER F 297 -51.68 -36.36 62.88
CA SER F 297 -51.84 -35.24 61.94
C SER F 297 -50.67 -35.13 60.97
N ASN F 298 -49.47 -35.52 61.39
CA ASN F 298 -48.27 -35.48 60.56
C ASN F 298 -47.74 -36.89 60.35
N ASN F 299 -47.36 -37.19 59.11
CA ASN F 299 -46.93 -38.54 58.74
C ASN F 299 -45.41 -38.73 58.77
N THR F 300 -44.68 -37.73 59.24
CA THR F 300 -43.22 -37.78 59.34
C THR F 300 -42.74 -37.93 60.78
N ALA F 301 -43.58 -38.44 61.66
CA ALA F 301 -43.18 -38.60 63.05
C ALA F 301 -42.16 -39.72 63.21
N PHE F 302 -41.30 -39.57 64.22
CA PHE F 302 -40.28 -40.58 64.52
C PHE F 302 -40.10 -40.90 65.99
N GLU F 303 -40.75 -40.18 66.90
CA GLU F 303 -40.61 -40.46 68.31
C GLU F 303 -41.84 -39.95 69.04
N ILE F 304 -42.35 -40.76 69.96
CA ILE F 304 -43.49 -40.42 70.80
C ILE F 304 -42.93 -40.04 72.16
N VAL F 305 -43.35 -38.89 72.67
CA VAL F 305 -42.87 -38.39 73.96
C VAL F 305 -43.80 -38.79 75.09
N LYS F 306 -45.10 -38.52 74.93
CA LYS F 306 -46.06 -38.69 76.01
C LYS F 306 -47.44 -38.93 75.42
N VAL F 307 -48.14 -39.91 75.98
CA VAL F 307 -49.53 -40.18 75.64
C VAL F 307 -50.31 -40.23 76.97
N TRP F 308 -51.36 -39.43 77.06
CA TRP F 308 -52.07 -39.28 78.33
C TRP F 308 -53.46 -38.71 78.04
N THR F 309 -54.30 -38.73 79.08
CA THR F 309 -55.66 -38.21 79.02
C THR F 309 -55.86 -37.22 80.17
N GLU F 310 -56.77 -36.27 79.97
CA GLU F 310 -57.08 -35.25 80.97
C GLU F 310 -58.57 -35.00 81.01
N THR F 311 -59.12 -34.92 82.22
CA THR F 311 -60.49 -34.46 82.41
C THR F 311 -60.56 -32.96 82.63
N SER F 312 -59.54 -32.37 83.26
CA SER F 312 -59.43 -30.94 83.47
C SER F 312 -58.02 -30.52 83.10
N PRO F 313 -57.81 -29.24 82.74
CA PRO F 313 -56.48 -28.79 82.32
C PRO F 313 -55.41 -29.06 83.36
N GLY F 314 -54.35 -29.76 82.94
CA GLY F 314 -53.19 -29.99 83.79
C GLY F 314 -53.28 -31.21 84.68
N VAL F 315 -54.45 -31.85 84.80
CA VAL F 315 -54.64 -33.02 85.64
C VAL F 315 -54.57 -34.24 84.75
N THR F 316 -53.56 -35.07 84.99
CA THR F 316 -53.35 -36.28 84.19
C THR F 316 -54.17 -37.43 84.77
N THR F 317 -55.21 -37.85 84.03
CA THR F 317 -55.99 -38.97 84.53
C THR F 317 -55.20 -40.26 84.45
N LYS F 318 -54.50 -40.48 83.33
CA LYS F 318 -53.68 -41.66 83.16
C LYS F 318 -52.61 -41.37 82.11
N GLU F 319 -51.42 -41.96 82.31
CA GLU F 319 -50.32 -41.91 81.36
C GLU F 319 -50.03 -43.32 80.89
N TYR F 320 -50.09 -43.53 79.58
CA TYR F 320 -49.84 -44.84 78.98
C TYR F 320 -48.34 -45.03 78.78
N LYS F 321 -47.86 -46.23 79.06
CA LYS F 321 -46.45 -46.56 78.99
C LYS F 321 -46.12 -47.12 77.61
N GLN F 322 -45.15 -46.51 76.94
CA GLN F 322 -44.79 -46.95 75.61
C GLN F 322 -44.10 -48.31 75.66
N GLY F 323 -44.32 -49.11 74.63
CA GLY F 323 -43.70 -50.41 74.51
C GLY F 323 -44.47 -51.55 75.12
N GLU F 324 -45.50 -51.27 75.92
CA GLU F 324 -46.40 -52.33 76.37
C GLU F 324 -47.86 -51.92 76.21
N ASP F 325 -48.14 -50.62 76.23
CA ASP F 325 -49.47 -50.11 75.93
C ASP F 325 -49.62 -49.75 74.45
N PHE F 326 -48.60 -49.15 73.86
CA PHE F 326 -48.64 -48.71 72.47
C PHE F 326 -47.23 -48.67 71.91
N ARG F 327 -47.15 -48.43 70.61
CA ARG F 327 -45.86 -48.28 69.95
C ARG F 327 -46.05 -47.44 68.69
N LEU F 328 -44.95 -46.86 68.22
CA LEU F 328 -44.95 -46.14 66.95
C LEU F 328 -44.80 -47.12 65.80
N THR F 329 -45.67 -46.99 64.80
CA THR F 329 -45.70 -47.86 63.64
C THR F 329 -45.64 -47.00 62.38
N ASP F 330 -44.63 -47.24 61.55
CA ASP F 330 -44.47 -46.56 60.26
C ASP F 330 -44.35 -45.05 60.38
N GLY F 331 -44.04 -44.54 61.58
CA GLY F 331 -43.94 -43.11 61.77
C GLY F 331 -45.20 -42.34 61.48
N GLN F 332 -46.36 -43.00 61.55
CA GLN F 332 -47.63 -42.39 61.20
C GLN F 332 -48.67 -42.54 62.31
N THR F 333 -48.72 -43.72 62.94
CA THR F 333 -49.86 -44.15 63.74
C THR F 333 -49.42 -44.55 65.14
N ILE F 334 -50.33 -44.35 66.09
CA ILE F 334 -50.19 -44.89 67.43
C ILE F 334 -50.88 -46.25 67.42
N ASP F 335 -50.07 -47.31 67.40
CA ASP F 335 -50.59 -48.68 67.35
C ASP F 335 -50.79 -49.20 68.77
N TRP F 336 -52.01 -49.68 69.04
CA TRP F 336 -52.38 -50.24 70.33
C TRP F 336 -52.38 -51.76 70.35
N SER F 337 -51.70 -52.39 69.38
CA SER F 337 -51.60 -53.84 69.35
C SER F 337 -50.85 -54.46 70.53
N PRO F 338 -49.98 -53.74 71.26
CA PRO F 338 -49.45 -54.33 72.49
C PRO F 338 -50.53 -54.68 73.50
N GLN F 339 -50.14 -55.54 74.44
CA GLN F 339 -51.09 -56.14 75.38
C GLN F 339 -51.66 -55.13 76.36
N GLY F 340 -50.93 -54.06 76.65
CA GLY F 340 -51.27 -53.18 77.74
C GLY F 340 -52.58 -52.44 77.55
N GLN F 341 -52.78 -51.44 78.41
CA GLN F 341 -54.02 -50.69 78.45
C GLN F 341 -54.16 -49.81 77.20
N GLU F 342 -55.38 -49.39 76.93
CA GLU F 342 -55.66 -48.48 75.82
C GLU F 342 -56.96 -47.75 76.13
N PRO F 343 -57.18 -46.58 75.52
CA PRO F 343 -58.44 -45.87 75.75
C PRO F 343 -59.63 -46.61 75.13
N SER F 344 -60.80 -46.36 75.70
CA SER F 344 -62.03 -46.93 75.17
C SER F 344 -62.33 -46.39 73.78
N GLY F 345 -63.03 -47.19 72.98
CA GLY F 345 -63.37 -46.76 71.63
C GLY F 345 -64.23 -45.52 71.59
N GLY F 346 -63.85 -44.55 70.75
CA GLY F 346 -64.57 -43.30 70.61
C GLY F 346 -64.14 -42.19 71.54
N THR F 347 -63.21 -42.47 72.46
CA THR F 347 -62.72 -41.47 73.40
C THR F 347 -61.50 -40.76 72.83
N SER F 348 -61.29 -39.53 73.30
CA SER F 348 -60.18 -38.69 72.86
C SER F 348 -59.03 -38.74 73.85
N TYR F 349 -57.81 -38.68 73.33
CA TYR F 349 -56.60 -38.68 74.15
C TYR F 349 -55.52 -37.86 73.49
N TYR F 350 -54.60 -37.36 74.30
CA TYR F 350 -53.54 -36.49 73.82
C TYR F 350 -52.29 -37.28 73.46
N VAL F 351 -51.53 -36.75 72.49
CA VAL F 351 -50.27 -37.33 72.04
C VAL F 351 -49.26 -36.22 71.90
N SER F 352 -48.03 -36.47 72.36
CA SER F 352 -46.88 -35.63 72.09
C SER F 352 -45.86 -36.43 71.28
N TYR F 353 -45.28 -35.81 70.25
CA TYR F 353 -44.35 -36.51 69.37
C TYR F 353 -43.48 -35.50 68.65
N LYS F 354 -42.40 -36.02 68.06
CA LYS F 354 -41.47 -35.24 67.25
C LYS F 354 -41.57 -35.66 65.79
N TYR F 355 -41.40 -34.69 64.90
CA TYR F 355 -41.50 -34.95 63.46
C TYR F 355 -40.68 -33.90 62.72
N ASN F 356 -40.34 -34.22 61.48
CA ASN F 356 -39.65 -33.28 60.59
C ASN F 356 -40.70 -32.47 59.84
N LYS F 357 -40.72 -31.17 60.08
CA LYS F 357 -41.68 -30.26 59.46
C LYS F 357 -41.02 -29.53 58.30
N ARG F 358 -41.73 -29.47 57.17
CA ARG F 358 -41.28 -28.69 56.02
C ARG F 358 -41.66 -27.23 56.26
N MET F 359 -40.68 -26.41 56.61
CA MET F 359 -40.94 -25.03 56.99
C MET F 359 -41.42 -24.22 55.79
N GLU F 360 -42.36 -23.31 56.06
CA GLU F 360 -42.99 -22.50 55.02
C GLU F 360 -42.45 -21.08 55.08
N ALA F 361 -42.07 -20.52 53.92
CA ALA F 361 -41.54 -19.16 53.93
C ALA F 361 -42.63 -18.17 54.31
N GLY F 362 -42.24 -17.19 55.14
CA GLY F 362 -43.16 -16.17 55.60
C GLY F 362 -44.09 -16.57 56.72
N LYS F 363 -44.09 -17.85 57.11
CA LYS F 363 -44.89 -18.38 58.20
C LYS F 363 -44.02 -19.00 59.28
N ASP F 364 -43.08 -19.87 58.90
CA ASP F 364 -42.13 -20.43 59.84
C ASP F 364 -40.82 -19.67 59.88
N TYR F 365 -40.42 -19.06 58.76
CA TYR F 365 -39.17 -18.32 58.69
C TYR F 365 -39.30 -17.19 57.68
N GLU F 366 -38.40 -16.22 57.77
CA GLU F 366 -38.28 -15.15 56.79
C GLU F 366 -36.84 -15.11 56.28
N VAL F 367 -36.70 -14.70 55.02
CA VAL F 367 -35.40 -14.63 54.35
C VAL F 367 -34.99 -13.17 54.26
N THR F 368 -33.72 -12.89 54.59
CA THR F 368 -33.16 -11.55 54.54
C THR F 368 -31.74 -11.62 54.00
N THR F 369 -31.15 -10.45 53.79
CA THR F 369 -29.79 -10.34 53.27
C THR F 369 -29.10 -9.16 53.93
N GLN F 370 -27.78 -9.20 53.96
CA GLN F 370 -26.97 -8.17 54.59
C GLN F 370 -26.12 -7.41 53.59
N GLY F 371 -25.27 -8.10 52.84
CA GLY F 371 -24.28 -7.46 52.00
C GLY F 371 -24.80 -7.11 50.63
N GLU F 372 -23.87 -6.82 49.73
CA GLU F 372 -24.16 -6.51 48.33
C GLU F 372 -23.07 -7.10 47.46
N GLY F 373 -23.40 -7.33 46.20
CA GLY F 373 -22.43 -7.91 45.28
C GLY F 373 -22.05 -9.33 45.66
N LEU F 374 -20.78 -9.67 45.36
CA LEU F 374 -20.33 -11.04 45.62
C LEU F 374 -20.31 -11.36 47.11
N SER F 375 -20.16 -10.36 47.97
CA SER F 375 -20.18 -10.56 49.41
C SER F 375 -21.58 -10.64 49.99
N LYS F 376 -22.62 -10.57 49.15
CA LYS F 376 -23.98 -10.69 49.65
C LYS F 376 -24.27 -12.09 50.15
N LYS F 377 -25.03 -12.16 51.25
CA LYS F 377 -25.35 -13.41 51.91
C LYS F 377 -26.86 -13.51 52.07
N TRP F 378 -27.35 -14.75 52.15
CA TRP F 378 -28.75 -15.03 52.47
C TRP F 378 -28.82 -15.77 53.80
N TYR F 379 -29.86 -15.46 54.59
CA TYR F 379 -30.03 -16.05 55.91
C TYR F 379 -31.47 -16.52 56.10
N ILE F 380 -31.62 -17.59 56.89
CA ILE F 380 -32.93 -18.07 57.32
C ILE F 380 -33.03 -17.73 58.79
N ASN F 381 -33.99 -16.85 59.14
CA ASN F 381 -34.00 -16.22 60.46
C ASN F 381 -34.89 -16.92 61.48
N PHE F 382 -36.00 -17.55 61.06
CA PHE F 382 -36.97 -18.14 61.98
C PHE F 382 -37.50 -17.08 62.94
N THR F 383 -37.82 -15.91 62.38
CA THR F 383 -38.22 -14.75 63.18
C THR F 383 -39.64 -14.89 63.74
N PRO F 384 -40.66 -15.25 62.95
CA PRO F 384 -42.04 -15.18 63.44
C PRO F 384 -42.28 -15.96 64.72
N SER F 385 -43.06 -15.36 65.63
CA SER F 385 -43.28 -15.94 66.94
C SER F 385 -44.14 -17.20 66.83
N ASN F 386 -45.25 -17.13 66.09
CA ASN F 386 -46.11 -18.29 65.97
C ASN F 386 -45.50 -19.38 65.11
N GLY F 387 -44.53 -19.05 64.26
CA GLY F 387 -43.96 -20.06 63.38
C GLY F 387 -43.25 -21.15 64.15
N ALA F 388 -43.31 -22.37 63.59
CA ALA F 388 -42.63 -23.49 64.23
C ALA F 388 -41.12 -23.35 64.06
N LYS F 389 -40.39 -23.52 65.17
CA LYS F 389 -38.94 -23.41 65.22
C LYS F 389 -38.30 -24.78 65.41
N PRO F 390 -37.08 -25.02 64.91
CA PRO F 390 -36.47 -26.34 65.11
C PRO F 390 -36.14 -26.58 66.57
N ILE F 391 -36.13 -27.86 66.94
CA ILE F 391 -35.69 -28.25 68.27
C ILE F 391 -34.25 -27.80 68.47
N ASP F 392 -33.94 -27.38 69.69
CA ASP F 392 -32.60 -26.89 69.99
C ASP F 392 -31.55 -27.99 69.81
N GLN F 393 -30.41 -27.60 69.24
CA GLN F 393 -29.25 -28.48 69.04
C GLN F 393 -29.57 -29.61 68.06
N THR F 394 -30.40 -29.34 67.06
CA THR F 394 -30.72 -30.29 66.00
C THR F 394 -30.25 -29.73 64.66
N VAL F 395 -30.19 -30.62 63.68
CA VAL F 395 -29.71 -30.28 62.35
C VAL F 395 -30.87 -29.70 61.55
N VAL F 396 -30.59 -28.64 60.81
CA VAL F 396 -31.53 -28.05 59.86
C VAL F 396 -30.93 -28.23 58.47
N LEU F 397 -31.72 -28.78 57.55
CA LEU F 397 -31.29 -29.04 56.18
C LEU F 397 -32.00 -28.07 55.25
N VAL F 398 -31.22 -27.46 54.36
CA VAL F 398 -31.71 -26.48 53.41
C VAL F 398 -31.33 -26.94 52.00
N ASP F 399 -32.29 -26.92 51.09
CA ASP F 399 -32.09 -27.15 49.67
C ASP F 399 -32.42 -25.88 48.91
N TYR F 400 -31.51 -25.46 48.03
CA TYR F 400 -31.68 -24.22 47.31
C TYR F 400 -30.81 -24.27 46.06
N THR F 401 -31.11 -23.36 45.13
CA THR F 401 -30.35 -23.18 43.90
C THR F 401 -29.69 -21.81 43.89
N TYR F 402 -28.59 -21.70 43.13
CA TYR F 402 -27.83 -20.47 43.02
C TYR F 402 -27.28 -20.32 41.62
N TYR F 403 -27.05 -19.07 41.20
CA TYR F 403 -26.52 -18.80 39.87
C TYR F 403 -25.04 -19.15 39.81
N LEU F 404 -24.60 -19.59 38.62
CA LEU F 404 -23.22 -19.91 38.35
C LEU F 404 -22.59 -18.85 37.45
N ALA F 405 -21.27 -18.71 37.58
CA ALA F 405 -20.49 -17.80 36.75
C ALA F 405 -19.90 -18.53 35.55
N ARG F 406 -19.63 -17.76 34.50
CA ARG F 406 -19.07 -18.27 33.26
C ARG F 406 -17.91 -17.40 32.82
N LYS F 407 -16.85 -18.04 32.32
CA LYS F 407 -15.67 -17.35 31.81
C LYS F 407 -15.47 -17.74 30.35
N ASP F 408 -15.37 -16.74 29.48
CA ASP F 408 -15.29 -16.94 28.04
C ASP F 408 -14.01 -16.34 27.48
N SER F 409 -13.59 -16.87 26.34
CA SER F 409 -12.38 -16.44 25.65
C SER F 409 -12.73 -15.74 24.35
N VAL F 410 -11.93 -14.73 23.99
CA VAL F 410 -12.11 -13.93 22.79
C VAL F 410 -11.04 -14.34 21.79
N PHE F 411 -11.44 -14.50 20.53
CA PHE F 411 -10.55 -14.93 19.47
C PHE F 411 -10.81 -14.10 18.22
N ILE F 412 -9.77 -14.02 17.39
CA ILE F 412 -9.81 -13.38 16.08
C ILE F 412 -9.15 -14.33 15.08
N ASN F 413 -9.75 -14.44 13.89
CA ASN F 413 -9.27 -15.31 12.84
C ASN F 413 -8.56 -14.50 11.75
N LYS F 414 -8.03 -15.21 10.76
CA LYS F 414 -7.32 -14.57 9.66
C LYS F 414 -8.24 -13.69 8.82
N TYR F 415 -9.55 -13.95 8.81
CA TYR F 415 -10.51 -13.13 8.09
C TYR F 415 -10.98 -11.91 8.86
N GLY F 416 -10.41 -11.66 10.04
CA GLY F 416 -10.76 -10.48 10.81
C GLY F 416 -12.09 -10.56 11.53
N ASP F 417 -12.62 -11.77 11.72
CA ASP F 417 -13.87 -11.96 12.45
C ASP F 417 -13.54 -12.22 13.91
N ILE F 418 -14.12 -11.40 14.78
CA ILE F 418 -13.97 -11.52 16.23
C ILE F 418 -15.14 -12.35 16.71
N ALA F 419 -14.85 -13.39 17.48
CA ALA F 419 -15.88 -14.28 18.00
C ALA F 419 -15.49 -14.75 19.40
N ILE F 420 -16.43 -15.38 20.09
CA ILE F 420 -16.26 -15.85 21.45
C ILE F 420 -16.70 -17.31 21.53
N LEU F 421 -15.91 -18.12 22.25
CA LEU F 421 -16.28 -19.49 22.59
C LEU F 421 -16.76 -19.54 24.03
N PRO F 422 -17.99 -19.96 24.33
CA PRO F 422 -18.43 -20.00 25.72
C PRO F 422 -17.73 -21.10 26.51
N GLY F 423 -17.40 -20.78 27.77
CA GLY F 423 -16.80 -21.73 28.68
C GLY F 423 -17.84 -22.48 29.49
N GLU F 424 -17.36 -23.42 30.29
CA GLU F 424 -18.24 -24.20 31.14
C GLU F 424 -18.70 -23.36 32.34
N PRO F 425 -20.00 -23.26 32.62
CA PRO F 425 -20.41 -22.54 33.83
C PRO F 425 -19.94 -23.24 35.08
N ASN F 426 -19.54 -22.44 36.07
CA ASN F 426 -19.04 -22.93 37.34
C ASN F 426 -19.05 -21.79 38.34
N ILE F 427 -18.91 -22.13 39.62
CA ILE F 427 -18.80 -21.10 40.65
C ILE F 427 -17.57 -20.23 40.39
N MET F 428 -17.62 -19.00 40.92
CA MET F 428 -16.56 -18.02 40.63
C MET F 428 -15.19 -18.49 41.11
N ARG F 429 -15.15 -19.30 42.17
CA ARG F 429 -13.87 -19.78 42.68
C ARG F 429 -13.24 -20.80 41.75
N LEU F 430 -14.06 -21.54 40.99
CA LEU F 430 -13.59 -22.64 40.15
C LEU F 430 -13.73 -22.38 38.65
N VAL F 431 -14.30 -21.25 38.24
CA VAL F 431 -14.54 -21.01 36.83
C VAL F 431 -13.20 -20.83 36.12
N THR F 432 -13.08 -21.38 34.92
CA THR F 432 -11.88 -21.27 34.10
C THR F 432 -12.32 -21.02 32.66
N PRO F 433 -11.46 -20.42 31.84
CA PRO F 433 -11.84 -20.19 30.45
C PRO F 433 -11.79 -21.49 29.65
N PRO F 434 -12.46 -21.54 28.50
CA PRO F 434 -12.42 -22.76 27.69
C PRO F 434 -11.04 -23.00 27.11
N LEU F 435 -10.68 -24.27 27.00
CA LEU F 435 -9.39 -24.67 26.46
C LEU F 435 -9.52 -24.89 24.96
N ASN F 436 -8.63 -24.24 24.20
CA ASN F 436 -8.64 -24.33 22.75
C ASN F 436 -7.21 -24.48 22.23
N THR F 437 -7.09 -25.24 21.13
CA THR F 437 -5.80 -25.44 20.46
C THR F 437 -5.93 -25.29 18.95
N ASP F 438 -6.90 -24.53 18.47
CA ASP F 438 -7.05 -24.31 17.03
C ASP F 438 -5.95 -23.38 16.55
N PRO F 439 -5.10 -23.78 15.58
CA PRO F 439 -4.08 -22.83 15.08
C PRO F 439 -4.66 -21.63 14.37
N GLU F 440 -5.86 -21.76 13.79
CA GLU F 440 -6.44 -20.72 12.95
C GLU F 440 -6.85 -19.48 13.72
N ASN F 441 -6.91 -19.55 15.05
CA ASN F 441 -7.40 -18.46 15.88
C ASN F 441 -6.30 -17.93 16.78
N LEU F 442 -6.32 -16.62 16.99
CA LEU F 442 -5.42 -15.93 17.92
C LEU F 442 -6.23 -15.41 19.10
N GLN F 443 -5.84 -15.81 20.31
CA GLN F 443 -6.58 -15.41 21.49
C GLN F 443 -6.21 -13.99 21.88
N LEU F 444 -7.24 -13.14 22.06
CA LEU F 444 -7.04 -11.75 22.45
C LEU F 444 -7.23 -11.51 23.95
N GLY F 445 -8.01 -12.35 24.61
CA GLY F 445 -8.23 -12.19 26.03
C GLY F 445 -9.37 -13.07 26.49
N THR F 446 -9.83 -12.78 27.71
CA THR F 446 -10.94 -13.50 28.31
C THR F 446 -11.88 -12.53 28.98
N VAL F 447 -13.18 -12.84 28.93
CA VAL F 447 -14.22 -12.04 29.56
C VAL F 447 -14.94 -12.93 30.56
N THR F 448 -14.97 -12.50 31.82
CA THR F 448 -15.66 -13.19 32.90
C THR F 448 -16.91 -12.41 33.26
N VAL F 449 -18.05 -13.12 33.31
CA VAL F 449 -19.34 -12.53 33.65
C VAL F 449 -19.74 -13.03 35.03
N LEU F 450 -20.09 -12.10 35.91
CA LEU F 450 -20.50 -12.45 37.26
C LEU F 450 -21.90 -13.05 37.24
N PRO F 451 -22.25 -13.91 38.21
CA PRO F 451 -23.51 -14.65 38.12
C PRO F 451 -24.71 -13.75 38.28
N ASP F 452 -25.47 -13.60 37.18
CA ASP F 452 -26.69 -12.79 37.15
C ASP F 452 -26.39 -11.34 37.51
N SER F 453 -25.57 -10.71 36.67
CA SER F 453 -25.19 -9.32 36.89
C SER F 453 -24.74 -8.72 35.57
N ASP F 454 -24.85 -7.40 35.47
CA ASP F 454 -24.38 -6.68 34.28
C ASP F 454 -22.87 -6.47 34.28
N GLU F 455 -22.22 -6.62 35.43
CA GLU F 455 -20.79 -6.40 35.51
C GLU F 455 -20.03 -7.56 34.86
N ALA F 456 -18.87 -7.24 34.30
CA ALA F 456 -18.03 -8.23 33.65
C ALA F 456 -16.58 -7.79 33.71
N VAL F 457 -15.69 -8.76 33.95
CA VAL F 457 -14.26 -8.50 34.08
C VAL F 457 -13.58 -8.91 32.77
N CYS F 458 -12.91 -7.95 32.15
CA CYS F 458 -12.19 -8.16 30.89
C CYS F 458 -10.69 -8.03 31.11
N ILE F 459 -9.95 -9.03 30.64
CA ILE F 459 -8.50 -9.05 30.70
C ILE F 459 -7.98 -9.44 29.33
N SER F 460 -6.87 -8.82 28.92
CA SER F 460 -6.22 -9.12 27.64
C SER F 460 -5.00 -9.99 27.89
N PHE F 461 -4.95 -11.14 27.20
CA PHE F 461 -3.81 -12.05 27.24
C PHE F 461 -3.22 -12.29 25.85
N ALA F 462 -3.33 -11.31 24.97
CA ALA F 462 -2.89 -11.50 23.60
C ALA F 462 -1.37 -11.69 23.53
N ILE F 463 -0.95 -12.67 22.71
CA ILE F 463 0.46 -12.83 22.44
C ILE F 463 0.94 -11.66 21.60
N THR F 464 2.02 -11.01 22.03
CA THR F 464 2.55 -9.85 21.35
C THR F 464 3.99 -10.11 20.91
N ARG F 465 4.41 -9.42 19.84
CA ARG F 465 5.74 -9.65 19.29
C ARG F 465 6.82 -9.14 20.25
N LEU F 466 8.07 -9.45 19.90
CA LEU F 466 9.25 -8.92 20.58
C LEU F 466 10.25 -8.48 19.52
N SER F 467 10.39 -7.17 19.34
CA SER F 467 11.33 -6.64 18.37
C SER F 467 12.77 -6.93 18.78
N MET F 468 13.70 -6.64 17.87
CA MET F 468 15.11 -6.90 18.14
C MET F 468 15.60 -6.06 19.33
N GLU F 469 15.11 -4.83 19.47
CA GLU F 469 15.46 -4.04 20.63
C GLU F 469 15.01 -4.72 21.92
N ASP F 470 13.78 -5.25 21.93
CA ASP F 470 13.28 -5.92 23.12
C ASP F 470 14.12 -7.16 23.45
N LEU F 471 14.50 -7.93 22.43
CA LEU F 471 15.31 -9.12 22.68
C LEU F 471 16.69 -8.74 23.20
N GLN F 472 17.27 -7.67 22.67
CA GLN F 472 18.54 -7.17 23.18
C GLN F 472 18.42 -6.73 24.63
N LYS F 473 17.30 -6.10 24.99
CA LYS F 473 17.07 -5.74 26.38
C LYS F 473 16.95 -6.97 27.26
N VAL F 474 16.29 -8.02 26.76
CA VAL F 474 16.22 -9.27 27.51
C VAL F 474 17.61 -9.84 27.73
N LYS F 475 18.43 -9.82 26.68
CA LYS F 475 19.80 -10.31 26.78
C LYS F 475 20.58 -9.52 27.83
N THR F 476 20.41 -8.20 27.85
CA THR F 476 21.05 -7.37 28.86
C THR F 476 20.57 -7.74 30.27
N ARG F 477 19.29 -8.05 30.40
CA ARG F 477 18.75 -8.47 31.70
C ARG F 477 19.39 -9.78 32.15
N VAL F 478 19.57 -10.71 31.20
CA VAL F 478 20.25 -11.97 31.48
C VAL F 478 21.68 -11.71 31.92
N ASP F 479 22.36 -10.79 31.25
CA ASP F 479 23.73 -10.44 31.63
C ASP F 479 23.77 -9.91 33.06
N ASN F 480 22.82 -9.04 33.40
CA ASN F 480 22.75 -8.51 34.77
C ASN F 480 22.45 -9.63 35.76
N LEU F 481 21.60 -10.57 35.37
CA LEU F 481 21.26 -11.69 36.25
C LEU F 481 22.48 -12.54 36.56
N GLU F 482 23.26 -12.89 35.54
CA GLU F 482 24.46 -13.68 35.80
C GLU F 482 25.51 -12.88 36.55
N TYR F 483 25.61 -11.57 36.31
CA TYR F 483 26.51 -10.74 37.11
C TYR F 483 26.13 -10.78 38.59
N ASN F 484 24.84 -10.61 38.88
CA ASN F 484 24.36 -10.68 40.27
C ASN F 484 24.58 -12.06 40.86
N GLN F 485 24.43 -13.11 40.04
CA GLN F 485 24.72 -14.46 40.51
C GLN F 485 26.18 -14.60 40.90
N ALA F 486 27.09 -14.02 40.10
CA ALA F 486 28.50 -14.07 40.43
C ALA F 486 28.79 -13.29 41.71
N VAL F 487 28.13 -12.15 41.87
CA VAL F 487 28.28 -11.35 43.08
C VAL F 487 27.84 -12.16 44.30
N ASN F 488 26.68 -12.82 44.19
CA ASN F 488 26.19 -13.64 45.30
C ASN F 488 27.15 -14.77 45.61
N ALA F 489 27.67 -15.43 44.56
CA ALA F 489 28.63 -16.50 44.78
C ALA F 489 29.92 -16.01 45.41
N LEU F 490 30.24 -14.72 45.23
CA LEU F 490 31.45 -14.17 45.81
C LEU F 490 31.43 -14.26 47.34
N ASP F 491 30.24 -14.16 47.95
CA ASP F 491 30.09 -14.16 49.40
C ASP F 491 29.84 -15.55 49.98
N ASP F 492 29.80 -16.60 49.15
CA ASP F 492 29.54 -17.94 49.67
C ASP F 492 30.72 -18.44 50.49
N GLY F 493 31.87 -18.61 49.85
CA GLY F 493 33.07 -19.03 50.53
C GLY F 493 33.08 -20.46 51.01
N ALA F 494 32.29 -21.33 50.38
CA ALA F 494 32.17 -22.73 50.79
C ALA F 494 32.16 -23.60 49.54
N MET F 495 32.83 -24.75 49.63
CA MET F 495 32.94 -25.68 48.51
C MET F 495 33.19 -27.08 49.05
N GLU F 496 32.40 -28.04 48.58
CA GLU F 496 32.54 -29.42 49.02
C GLU F 496 33.85 -30.02 48.49
N GLY F 497 34.36 -31.02 49.22
CA GLY F 497 35.58 -31.68 48.83
C GLY F 497 35.41 -32.65 47.67
N GLN F 498 34.58 -33.68 47.87
CA GLN F 498 34.42 -34.77 46.92
C GLN F 498 33.21 -34.52 46.04
N ASN F 499 33.45 -34.35 44.73
CA ASN F 499 32.41 -34.15 43.73
C ASN F 499 31.51 -32.98 44.12
N PRO F 500 32.05 -31.76 44.18
CA PRO F 500 31.23 -30.61 44.57
C PRO F 500 30.26 -30.17 43.48
N LEU F 501 29.07 -29.75 43.91
CA LEU F 501 28.17 -29.04 43.02
C LEU F 501 28.70 -27.63 42.81
N THR F 502 28.84 -27.23 41.54
CA THR F 502 29.42 -25.95 41.17
C THR F 502 28.49 -25.21 40.25
N LEU F 503 28.47 -23.88 40.35
CA LEU F 503 27.65 -23.10 39.44
C LEU F 503 28.20 -23.18 38.03
N ARG F 504 27.32 -23.40 37.06
CA ARG F 504 27.75 -23.54 35.68
C ARG F 504 28.03 -22.18 35.07
N SER F 505 29.19 -22.03 34.43
CA SER F 505 29.59 -20.78 33.80
C SER F 505 29.76 -19.64 34.80
N VAL F 506 30.11 -19.95 36.05
CA VAL F 506 30.37 -18.94 37.06
C VAL F 506 31.55 -19.40 37.91
N PHE F 507 32.42 -18.46 38.27
CA PHE F 507 33.46 -18.69 39.27
C PHE F 507 33.77 -17.36 39.92
N SER F 508 33.91 -17.37 41.25
CA SER F 508 34.21 -16.16 42.01
C SER F 508 34.98 -16.54 43.26
N GLU F 509 35.81 -15.60 43.72
CA GLU F 509 36.62 -15.76 44.92
C GLU F 509 36.47 -14.51 45.76
N GLY F 510 35.83 -14.65 46.91
CA GLY F 510 35.74 -13.55 47.86
C GLY F 510 36.94 -13.37 48.75
N PHE F 511 37.92 -14.28 48.70
CA PHE F 511 39.11 -14.22 49.56
C PHE F 511 38.72 -14.18 51.03
N ILE F 512 37.77 -15.05 51.38
CA ILE F 512 37.34 -15.25 52.76
C ILE F 512 37.46 -16.70 53.20
N SER F 513 37.91 -17.59 52.34
CA SER F 513 38.07 -18.99 52.70
C SER F 513 39.09 -19.62 51.77
N LEU F 514 39.63 -20.76 52.21
CA LEU F 514 40.61 -21.51 51.43
C LEU F 514 40.00 -22.62 50.58
N ASP F 515 38.69 -22.85 50.70
CA ASP F 515 38.04 -23.92 49.95
C ASP F 515 38.19 -23.74 48.45
N LYS F 516 37.93 -22.54 47.96
CA LYS F 516 37.99 -22.29 46.52
C LYS F 516 39.43 -22.38 45.99
N ALA F 517 40.41 -22.11 46.83
CA ALA F 517 41.79 -22.01 46.37
C ALA F 517 42.42 -23.39 46.20
N ASP F 518 43.29 -23.50 45.18
CA ASP F 518 44.11 -24.69 44.97
C ASP F 518 45.49 -24.46 45.58
N ILE F 519 45.51 -24.51 46.92
CA ILE F 519 46.72 -24.18 47.69
C ILE F 519 47.86 -25.15 47.40
N THR F 520 47.54 -26.37 46.99
CA THR F 520 48.57 -27.38 46.74
C THR F 520 49.19 -27.25 45.36
N HIS F 521 48.83 -26.25 44.59
CA HIS F 521 49.44 -26.03 43.29
C HIS F 521 50.89 -25.57 43.50
N PRO F 522 51.81 -25.89 42.58
CA PRO F 522 53.21 -25.46 42.80
C PRO F 522 53.43 -23.96 42.79
N ASP F 523 52.60 -23.22 42.05
CA ASP F 523 52.76 -21.79 41.87
C ASP F 523 51.97 -20.97 42.89
N PHE F 524 51.30 -21.63 43.84
CA PHE F 524 50.49 -20.91 44.82
C PHE F 524 51.41 -20.34 45.90
N GLY F 525 51.40 -19.02 46.04
CA GLY F 525 52.21 -18.35 47.06
C GLY F 525 51.48 -17.18 47.68
N ILE F 526 50.16 -17.27 47.75
CA ILE F 526 49.31 -16.18 48.19
C ILE F 526 49.00 -16.35 49.68
N VAL F 527 49.00 -15.25 50.41
CA VAL F 527 48.47 -15.18 51.76
C VAL F 527 47.20 -14.33 51.71
N PHE F 528 46.32 -14.53 52.70
CA PHE F 528 45.01 -13.89 52.76
C PHE F 528 44.92 -12.98 53.97
N SER F 529 44.32 -11.81 53.78
CA SER F 529 43.90 -10.92 54.88
C SER F 529 42.38 -10.99 54.96
N PHE F 530 41.89 -11.97 55.72
CA PHE F 530 40.47 -12.29 55.75
C PHE F 530 39.62 -11.15 56.31
N GLU F 531 40.20 -10.27 57.15
CA GLU F 531 39.44 -9.13 57.66
C GLU F 531 39.14 -8.14 56.54
N ASP F 532 40.10 -7.93 55.64
CA ASP F 532 39.92 -7.04 54.50
C ASP F 532 39.36 -7.75 53.27
N ALA F 533 39.33 -9.09 53.26
CA ALA F 533 38.95 -9.86 52.07
C ALA F 533 39.84 -9.52 50.89
N GLU F 534 41.15 -9.49 51.15
CA GLU F 534 42.16 -9.15 50.17
C GLU F 534 43.24 -10.22 50.17
N ALA F 535 43.93 -10.33 49.04
CA ALA F 535 45.07 -11.22 48.90
C ALA F 535 46.32 -10.40 48.62
N THR F 536 47.46 -10.94 49.00
CA THR F 536 48.73 -10.24 48.83
C THR F 536 49.87 -11.25 48.90
N LEU F 537 51.08 -10.74 48.78
CA LEU F 537 52.30 -11.53 48.88
C LEU F 537 52.98 -11.31 50.23
N ALA F 538 53.60 -12.37 50.72
CA ALA F 538 54.37 -12.38 51.95
C ALA F 538 55.86 -12.47 51.63
N TYR F 539 56.67 -11.86 52.48
CA TYR F 539 58.09 -11.79 52.24
C TYR F 539 58.73 -13.17 52.34
N THR F 540 59.65 -13.44 51.43
CA THR F 540 60.45 -14.66 51.42
C THR F 540 61.90 -14.26 51.23
N GLU F 541 62.80 -14.98 51.91
CA GLU F 541 64.22 -14.66 51.91
C GLU F 541 64.98 -15.35 50.77
N ALA F 542 64.30 -15.71 49.68
CA ALA F 542 64.99 -16.33 48.56
C ALA F 542 65.82 -15.30 47.79
N HIS F 556 77.03 -7.11 51.75
CA HIS F 556 76.34 -7.22 53.04
C HIS F 556 76.12 -5.81 53.66
N ILE F 557 76.07 -4.79 52.80
CA ILE F 557 75.84 -3.42 53.26
C ILE F 557 74.48 -3.30 53.95
N TRP F 558 74.48 -2.67 55.13
CA TRP F 558 73.30 -2.49 55.97
C TRP F 558 72.57 -1.20 55.61
N GLY F 559 71.26 -1.16 55.89
CA GLY F 559 70.44 0.00 55.55
C GLY F 559 69.61 0.51 56.71
N ARG F 560 69.47 1.83 56.79
CA ARG F 560 68.74 2.53 57.86
C ARG F 560 67.50 3.22 57.29
N LEU F 561 66.39 3.09 58.02
CA LEU F 561 65.09 3.68 57.66
C LEU F 561 64.98 5.06 58.32
N ILE F 562 65.56 6.06 57.66
CA ILE F 562 65.62 7.41 58.25
C ILE F 562 64.22 7.98 58.42
N SER F 563 63.41 7.91 57.36
CA SER F 563 62.04 8.41 57.37
C SER F 563 61.09 7.22 57.40
N ALA F 564 60.31 7.11 58.48
CA ALA F 564 59.44 5.94 58.60
C ALA F 564 58.23 6.08 57.66
N PRO F 565 57.75 4.97 57.07
CA PRO F 565 56.52 5.06 56.28
C PRO F 565 55.26 5.27 57.10
N PHE F 566 55.32 5.12 58.42
CA PHE F 566 54.19 5.38 59.28
C PHE F 566 54.70 5.67 60.69
N THR F 567 53.86 6.34 61.47
CA THR F 567 54.15 6.68 62.85
C THR F 567 53.11 6.00 63.75
N GLU F 568 53.59 5.26 64.74
CA GLU F 568 52.71 4.50 65.62
C GLU F 568 52.27 5.33 66.82
N GLU F 569 51.11 4.98 67.35
CA GLU F 569 50.57 5.61 68.56
C GLU F 569 49.86 4.54 69.38
N ARG F 570 50.06 4.58 70.70
CA ARG F 570 49.47 3.61 71.61
C ARG F 570 48.08 4.08 72.01
N THR F 571 47.05 3.43 71.48
CA THR F 571 45.67 3.85 71.75
C THR F 571 45.04 3.12 72.92
N ILE F 572 45.35 1.84 73.07
CA ILE F 572 44.89 1.01 74.18
C ILE F 572 46.11 0.61 74.99
N TYR F 573 45.99 0.66 76.32
CA TYR F 573 47.08 0.25 77.20
C TYR F 573 46.48 -0.09 78.56
N GLN F 574 46.61 -1.36 78.96
CA GLN F 574 46.26 -1.82 80.30
C GLN F 574 47.55 -2.07 81.05
N GLY F 575 47.87 -1.18 82.00
CA GLY F 575 49.14 -1.23 82.68
C GLY F 575 49.14 -1.97 84.00
N GLN F 576 47.99 -2.05 84.66
CA GLN F 576 47.94 -2.65 85.98
C GLN F 576 48.16 -4.16 85.87
N ALA F 577 49.06 -4.68 86.71
CA ALA F 577 49.39 -6.09 86.77
C ALA F 577 49.58 -6.51 88.22
N SER F 578 49.08 -7.70 88.56
CA SER F 578 49.10 -8.16 89.95
C SER F 578 49.63 -9.58 90.09
N GLU F 579 49.48 -10.43 89.08
CA GLU F 579 49.79 -11.85 89.20
C GLU F 579 50.44 -12.34 87.91
N THR F 580 50.89 -13.59 87.95
CA THR F 580 51.40 -14.34 86.81
C THR F 580 50.50 -15.54 86.53
N LEU F 581 50.14 -15.70 85.26
CA LEU F 581 49.35 -16.81 84.76
C LEU F 581 50.12 -17.58 83.71
N ASN F 582 50.23 -18.89 83.88
CA ASN F 582 50.87 -19.72 82.87
C ASN F 582 50.08 -19.67 81.56
N VAL F 583 50.82 -19.60 80.45
CA VAL F 583 50.17 -19.53 79.14
C VAL F 583 49.38 -20.81 78.84
N ASN F 584 49.74 -21.93 79.48
CA ASN F 584 49.05 -23.20 79.29
C ASN F 584 48.78 -23.80 80.66
N PRO F 585 47.83 -23.24 81.41
CA PRO F 585 47.59 -23.70 82.79
C PRO F 585 47.11 -25.15 82.91
N TYR F 586 46.33 -25.62 81.96
CA TYR F 586 45.66 -26.92 82.03
C TYR F 586 46.49 -28.04 81.42
N ASN F 587 47.81 -27.85 81.28
CA ASN F 587 48.67 -28.94 80.83
C ASN F 587 50.07 -28.86 81.45
N ILE F 588 50.25 -28.13 82.54
CA ILE F 588 51.56 -28.10 83.21
C ILE F 588 51.76 -29.44 83.93
N PRO F 589 52.92 -30.10 83.83
CA PRO F 589 53.05 -31.40 84.52
C PRO F 589 53.13 -31.22 86.03
N ASN F 590 52.29 -31.97 86.74
CA ASN F 590 52.31 -31.98 88.21
C ASN F 590 52.10 -30.66 88.94
N PRO F 793 46.96 -22.30 76.09
CA PRO F 793 46.88 -20.96 75.50
C PRO F 793 45.94 -19.99 76.21
N LEU F 794 46.25 -18.70 76.03
CA LEU F 794 45.53 -17.59 76.61
C LEU F 794 45.15 -16.60 75.52
N ALA F 795 44.18 -15.75 75.84
CA ALA F 795 43.70 -14.74 74.91
C ALA F 795 43.08 -13.57 75.65
N GLN F 796 43.06 -12.43 74.98
CA GLN F 796 42.51 -11.19 75.53
C GLN F 796 41.73 -10.47 74.46
N SER F 797 40.49 -10.10 74.78
CA SER F 797 39.60 -9.46 73.83
C SER F 797 39.70 -7.94 73.90
N PHE F 798 39.50 -7.31 72.74
CA PHE F 798 39.56 -5.85 72.63
C PHE F 798 38.71 -5.41 71.44
N GLN F 799 38.41 -4.11 71.42
CA GLN F 799 37.66 -3.52 70.32
C GLN F 799 37.95 -2.03 70.22
N TYR F 800 37.64 -1.49 69.05
CA TYR F 800 37.75 -0.07 68.76
C TYR F 800 36.42 0.47 68.27
N ASP F 801 36.14 1.72 68.61
CA ASP F 801 34.95 2.43 68.17
C ASP F 801 35.07 3.02 66.76
N GLU F 802 36.25 2.92 66.14
CA GLU F 802 36.48 3.45 64.80
C GLU F 802 37.39 2.49 64.06
N ASN F 803 37.53 2.71 62.76
CA ASN F 803 38.40 1.88 61.93
C ASN F 803 39.83 2.33 62.10
N ARG F 804 40.66 1.46 62.67
CA ARG F 804 42.05 1.74 62.96
C ARG F 804 42.93 0.68 62.33
N THR F 805 44.14 1.09 61.96
CA THR F 805 45.13 0.19 61.38
C THR F 805 46.09 -0.21 62.49
N ILE F 806 45.96 -1.46 62.94
CA ILE F 806 46.83 -1.99 63.99
C ILE F 806 48.15 -2.40 63.34
N SER F 807 49.25 -1.88 63.90
CA SER F 807 50.59 -2.11 63.37
C SER F 807 51.39 -3.09 64.21
N SER F 808 51.27 -3.01 65.54
CA SER F 808 52.07 -3.84 66.42
C SER F 808 51.37 -3.98 67.76
N LEU F 809 51.78 -5.03 68.50
CA LEU F 809 51.26 -5.33 69.83
C LEU F 809 52.36 -5.20 70.87
N GLY F 810 51.92 -4.87 72.09
CA GLY F 810 52.77 -4.85 73.25
C GLY F 810 52.37 -5.89 74.27
N LEU F 811 53.33 -6.71 74.69
CA LEU F 811 53.10 -7.77 75.68
C LEU F 811 54.19 -7.75 76.74
N TYR F 812 53.86 -8.32 77.89
CA TYR F 812 54.75 -8.36 79.04
C TYR F 812 54.83 -9.81 79.52
N PHE F 813 56.04 -10.40 79.44
CA PHE F 813 56.28 -11.76 79.87
C PHE F 813 57.04 -11.75 81.21
N ALA F 814 56.63 -12.62 82.13
CA ALA F 814 57.35 -12.76 83.39
C ALA F 814 58.51 -13.73 83.28
N SER F 815 58.38 -14.78 82.48
CA SER F 815 59.47 -15.72 82.29
C SER F 815 59.34 -16.32 80.91
N LYS F 816 60.40 -17.01 80.48
CA LYS F 816 60.42 -17.66 79.18
C LYS F 816 61.17 -18.98 79.29
N GLY F 817 61.17 -19.72 78.19
CA GLY F 817 61.84 -20.99 78.09
C GLY F 817 63.29 -20.83 77.65
N ASP F 818 63.79 -21.91 77.08
CA ASP F 818 65.17 -22.00 76.62
C ASP F 818 65.33 -21.22 75.32
N LYS F 819 66.54 -21.27 74.76
CA LYS F 819 66.86 -20.55 73.53
C LYS F 819 65.99 -21.02 72.36
N GLN F 820 65.80 -22.33 72.24
CA GLN F 820 65.12 -22.89 71.08
C GLN F 820 63.61 -22.76 71.14
N SER F 821 63.05 -22.42 72.30
CA SER F 821 61.61 -22.30 72.41
C SER F 821 61.12 -21.05 71.68
N ASN F 822 59.84 -21.08 71.32
CA ASN F 822 59.22 -19.94 70.63
C ASN F 822 57.73 -19.90 70.96
N VAL F 823 57.15 -18.72 70.77
CA VAL F 823 55.74 -18.46 71.00
C VAL F 823 55.11 -18.05 69.68
N VAL F 824 53.88 -18.53 69.43
CA VAL F 824 53.06 -18.05 68.31
C VAL F 824 52.10 -17.02 68.87
N ILE F 825 52.10 -15.83 68.27
CA ILE F 825 51.15 -14.76 68.55
C ILE F 825 50.19 -14.67 67.36
N GLN F 826 48.89 -14.61 67.65
CA GLN F 826 47.83 -14.53 66.65
C GLN F 826 46.85 -13.44 67.04
N ILE F 827 46.15 -12.87 66.04
CA ILE F 827 44.91 -12.12 66.26
C ILE F 827 43.78 -12.92 65.63
N ARG F 828 42.68 -13.11 66.38
CA ARG F 828 41.53 -13.89 65.94
C ARG F 828 40.23 -13.10 66.08
N GLY F 829 39.24 -13.52 65.28
CA GLY F 829 37.92 -12.94 65.37
C GLY F 829 37.16 -13.39 66.61
N MET F 830 36.24 -12.53 67.05
CA MET F 830 35.29 -12.84 68.10
C MET F 830 33.91 -13.07 67.50
N GLY F 831 33.26 -14.16 67.91
CA GLY F 831 31.97 -14.54 67.40
C GLY F 831 30.83 -13.69 67.96
N ASP F 832 29.62 -14.03 67.50
CA ASP F 832 28.41 -13.31 67.92
C ASP F 832 28.11 -13.53 69.40
N GLN F 833 28.61 -14.60 69.99
CA GLN F 833 28.34 -14.96 71.38
C GLN F 833 29.48 -14.58 72.32
N GLY F 834 30.37 -13.69 71.89
CA GLY F 834 31.44 -13.19 72.73
C GLY F 834 32.47 -14.22 73.13
N TYR F 835 32.96 -14.99 72.16
CA TYR F 835 34.08 -15.90 72.38
C TYR F 835 34.96 -15.91 71.14
N PRO F 836 36.27 -16.14 71.29
CA PRO F 836 37.13 -16.28 70.09
C PRO F 836 36.68 -17.43 69.21
N ASN F 837 36.77 -17.24 67.89
CA ASN F 837 36.49 -18.27 66.90
C ASN F 837 37.78 -18.65 66.17
N LYS F 838 37.67 -19.56 65.21
CA LYS F 838 38.85 -20.19 64.59
C LYS F 838 39.48 -19.33 63.49
N THR F 839 38.89 -18.19 63.14
CA THR F 839 39.42 -17.33 62.09
C THR F 839 40.66 -16.58 62.58
N ILE F 840 41.77 -16.72 61.87
CA ILE F 840 43.05 -16.13 62.24
C ILE F 840 43.32 -15.00 61.25
N TYR F 841 43.38 -13.76 61.75
CA TYR F 841 43.60 -12.60 60.89
C TYR F 841 45.08 -12.24 60.77
N ALA F 842 45.87 -12.47 61.81
CA ALA F 842 47.31 -12.23 61.77
C ALA F 842 48.03 -13.32 62.58
N GLU F 843 49.29 -13.58 62.23
CA GLU F 843 50.05 -14.65 62.88
C GLU F 843 51.55 -14.36 62.75
N THR F 844 52.31 -14.61 63.83
CA THR F 844 53.76 -14.51 63.79
C THR F 844 54.38 -15.39 64.88
N VAL F 845 55.64 -15.80 64.64
CA VAL F 845 56.39 -16.65 65.57
C VAL F 845 57.46 -15.78 66.23
N MET F 846 57.47 -15.78 67.57
CA MET F 846 58.44 -15.04 68.37
C MET F 846 59.43 -16.03 68.98
N ASN F 847 60.72 -15.85 68.70
CA ASN F 847 61.73 -16.69 69.33
C ASN F 847 62.03 -16.19 70.74
N ALA F 848 62.77 -17.02 71.49
CA ALA F 848 63.03 -16.71 72.90
C ALA F 848 63.89 -15.46 73.04
N ASP F 849 64.83 -15.25 72.11
CA ASP F 849 65.67 -14.06 72.19
C ASP F 849 64.84 -12.79 72.03
N ASP F 850 63.82 -12.83 71.18
CA ASP F 850 62.98 -11.66 70.97
C ASP F 850 62.05 -11.39 72.13
N ILE F 851 61.83 -12.37 73.00
CA ILE F 851 60.90 -12.24 74.12
C ILE F 851 61.72 -11.70 75.29
N LYS F 852 61.48 -10.45 75.66
CA LYS F 852 62.08 -9.88 76.86
C LYS F 852 61.25 -10.22 78.08
N VAL F 853 61.93 -10.38 79.21
CA VAL F 853 61.29 -10.75 80.47
C VAL F 853 61.75 -9.80 81.56
N SER F 854 60.98 -9.75 82.65
CA SER F 854 61.37 -8.92 83.78
C SER F 854 60.56 -9.40 84.98
N ASN F 855 61.09 -9.15 86.17
CA ASN F 855 60.44 -9.54 87.42
C ASN F 855 59.54 -8.44 88.00
N ASN F 856 59.30 -7.36 87.26
CA ASN F 856 58.41 -6.29 87.71
C ASN F 856 57.53 -5.79 86.57
N ALA F 857 57.32 -6.60 85.53
CA ALA F 857 56.46 -6.25 84.40
C ALA F 857 56.93 -4.96 83.74
N SER F 858 58.24 -4.75 83.70
CA SER F 858 58.83 -3.57 83.07
C SER F 858 59.24 -3.79 81.63
N ALA F 859 59.69 -5.00 81.28
CA ALA F 859 60.12 -5.28 79.93
C ALA F 859 58.92 -5.48 79.02
N GLU F 860 58.93 -4.82 77.86
CA GLU F 860 57.84 -4.84 76.90
C GLU F 860 58.36 -5.38 75.57
N THR F 861 58.04 -6.64 75.29
CA THR F 861 58.38 -7.21 73.99
C THR F 861 57.36 -6.74 72.95
N ARG F 862 57.85 -6.32 71.79
CA ARG F 862 57.03 -5.81 70.71
C ARG F 862 56.87 -6.86 69.62
N VAL F 863 55.63 -7.08 69.20
CA VAL F 863 55.24 -8.09 68.22
C VAL F 863 54.92 -7.37 66.91
N TYR F 864 55.46 -7.88 65.80
CA TYR F 864 55.20 -7.36 64.46
C TYR F 864 54.72 -8.47 63.53
N PHE F 865 53.87 -8.08 62.58
CA PHE F 865 53.32 -8.95 61.55
C PHE F 865 53.70 -8.38 60.18
N ASP F 866 53.86 -9.27 59.18
CA ASP F 866 54.24 -8.87 57.83
C ASP F 866 53.08 -8.29 57.03
N ASP F 867 51.88 -8.17 57.63
CA ASP F 867 50.73 -7.53 57.00
C ASP F 867 49.94 -6.81 58.11
N PRO F 868 49.54 -5.55 57.93
CA PRO F 868 48.83 -4.85 59.01
C PRO F 868 47.43 -5.40 59.24
N MET F 869 46.96 -5.24 60.48
CA MET F 869 45.66 -5.72 60.90
C MET F 869 44.69 -4.54 60.86
N MET F 870 43.75 -4.58 59.91
CA MET F 870 42.71 -3.56 59.78
C MET F 870 41.56 -3.95 60.68
N ALA F 871 41.41 -3.22 61.78
CA ALA F 871 40.34 -3.45 62.75
C ALA F 871 39.14 -2.57 62.41
N GLU F 872 38.05 -3.21 62.02
CA GLU F 872 36.81 -2.49 61.74
C GLU F 872 36.19 -2.00 63.04
N GLY F 873 35.64 -0.78 62.98
CA GLY F 873 35.02 -0.19 64.14
C GLY F 873 33.80 -0.96 64.59
N GLY F 874 33.67 -1.12 65.91
CA GLY F 874 32.57 -1.83 66.54
C GLY F 874 32.62 -3.34 66.51
N LYS F 875 33.67 -3.94 65.96
CA LYS F 875 33.89 -5.37 66.07
C LYS F 875 34.87 -5.72 67.18
N GLU F 876 34.58 -6.81 67.88
CA GLU F 876 35.50 -7.35 68.86
C GLU F 876 36.53 -8.28 68.22
N TYR F 877 37.78 -8.14 68.67
CA TYR F 877 38.88 -8.97 68.23
C TYR F 877 39.53 -9.56 69.47
N ALA F 878 40.39 -10.56 69.26
CA ALA F 878 41.07 -11.19 70.37
C ALA F 878 42.50 -11.53 69.96
N ILE F 879 43.44 -11.05 70.77
CA ILE F 879 44.82 -11.54 70.73
C ILE F 879 44.83 -12.96 71.24
N VAL F 880 45.66 -13.81 70.62
CA VAL F 880 45.78 -15.20 71.01
C VAL F 880 47.26 -15.56 71.11
N ILE F 881 47.64 -16.24 72.18
CA ILE F 881 49.03 -16.57 72.46
C ILE F 881 49.09 -18.08 72.63
N ILE F 882 49.91 -18.73 71.81
CA ILE F 882 50.00 -20.19 71.76
C ILE F 882 51.48 -20.54 71.86
N THR F 883 51.77 -21.61 72.62
CA THR F 883 53.11 -22.18 72.65
C THR F 883 53.03 -23.57 73.27
N GLU F 884 53.80 -24.50 72.74
CA GLU F 884 53.79 -25.86 73.26
C GLU F 884 54.59 -25.97 74.56
N ASN F 885 55.57 -25.10 74.75
CA ASN F 885 56.41 -25.20 75.94
C ASN F 885 55.59 -24.92 77.19
N SER F 886 55.99 -25.53 78.30
CA SER F 886 55.32 -25.36 79.59
C SER F 886 56.04 -24.42 80.53
N ASP F 887 57.01 -23.66 80.04
CA ASP F 887 57.79 -22.74 80.87
C ASP F 887 57.69 -21.33 80.32
N TYR F 888 56.46 -20.90 80.05
CA TYR F 888 56.16 -19.55 79.61
C TYR F 888 55.05 -18.95 80.47
N THR F 889 55.29 -17.77 81.01
CA THR F 889 54.35 -17.09 81.89
C THR F 889 54.22 -15.64 81.48
N MET F 890 53.09 -15.03 81.85
CA MET F 890 52.80 -13.65 81.51
C MET F 890 52.13 -12.96 82.69
N TRP F 891 52.37 -11.66 82.79
CA TRP F 891 51.75 -10.85 83.84
C TRP F 891 50.28 -10.62 83.51
N VAL F 892 49.43 -10.72 84.54
CA VAL F 892 48.00 -10.49 84.41
C VAL F 892 47.56 -9.59 85.55
N GLY F 893 46.70 -8.62 85.23
CA GLY F 893 46.10 -7.77 86.26
C GLY F 893 44.74 -8.31 86.67
N THR F 894 44.55 -8.44 87.97
CA THR F 894 43.32 -8.97 88.55
C THR F 894 42.75 -7.95 89.53
N ARG F 895 41.42 -7.84 89.53
CA ARG F 895 40.76 -6.90 90.41
C ARG F 895 40.89 -7.32 91.87
N THR F 896 41.04 -6.33 92.74
CA THR F 896 41.15 -6.42 94.20
C THR F 896 42.57 -6.82 94.63
N LYS F 897 43.47 -7.27 93.68
CA LYS F 897 44.78 -7.75 94.09
C LYS F 897 45.76 -6.58 94.19
N PRO F 898 46.80 -6.65 95.04
CA PRO F 898 47.82 -5.60 95.01
C PRO F 898 48.61 -5.53 93.71
N LYS F 899 49.03 -4.32 93.38
CA LYS F 899 49.93 -4.12 92.26
C LYS F 899 51.32 -4.62 92.61
N ILE F 900 52.03 -5.09 91.58
CA ILE F 900 53.34 -5.68 91.78
C ILE F 900 54.32 -4.63 92.29
N ASP F 901 54.42 -3.50 91.57
CA ASP F 901 55.37 -2.46 91.94
C ASP F 901 54.86 -1.52 93.02
N LYS F 902 53.56 -1.54 93.31
CA LYS F 902 52.94 -0.69 94.34
C LYS F 902 52.01 -1.55 95.19
N PRO F 903 52.56 -2.35 96.11
CA PRO F 903 51.68 -3.17 96.95
C PRO F 903 50.72 -2.37 97.81
N ASN F 904 51.07 -1.12 98.13
CA ASN F 904 50.17 -0.27 98.91
C ASN F 904 48.85 -0.04 98.18
N GLU F 905 48.86 -0.02 96.85
CA GLU F 905 47.66 0.18 96.06
C GLU F 905 47.08 -1.15 95.61
N VAL F 906 45.77 -1.17 95.33
CA VAL F 906 45.13 -2.37 94.82
C VAL F 906 44.31 -2.00 93.60
N ILE F 907 44.16 -2.95 92.68
CA ILE F 907 43.37 -2.70 91.48
C ILE F 907 41.90 -2.67 91.90
N SER F 908 41.30 -1.48 91.94
CA SER F 908 39.95 -1.34 92.48
C SER F 908 38.89 -1.86 91.50
N GLY F 909 38.79 -1.23 90.33
CA GLY F 909 37.86 -1.64 89.30
C GLY F 909 38.44 -2.69 88.39
N ASN F 910 37.71 -2.96 87.30
CA ASN F 910 38.21 -3.91 86.32
C ASN F 910 39.44 -3.33 85.62
N PRO F 911 40.45 -4.15 85.28
CA PRO F 911 41.63 -3.56 84.60
C PRO F 911 41.30 -2.96 83.25
N TYR F 912 40.64 -3.73 82.37
CA TYR F 912 40.17 -3.26 81.07
C TYR F 912 38.71 -3.68 80.94
N LEU F 913 37.80 -2.71 80.99
CA LEU F 913 36.38 -3.02 81.13
C LEU F 913 35.85 -3.72 79.89
N GLN F 914 36.30 -3.31 78.71
CA GLN F 914 35.75 -3.83 77.46
C GLN F 914 36.38 -5.14 77.01
N GLY F 915 37.30 -5.70 77.80
CA GLY F 915 37.97 -6.91 77.45
C GLY F 915 37.89 -7.93 78.57
N VAL F 916 38.12 -9.19 78.20
CA VAL F 916 38.09 -10.31 79.11
C VAL F 916 39.27 -11.23 78.81
N LEU F 917 39.93 -11.68 79.87
CA LEU F 917 40.95 -12.71 79.75
C LEU F 917 40.31 -14.09 79.55
N PHE F 918 40.97 -14.90 78.72
CA PHE F 918 40.51 -16.25 78.40
C PHE F 918 41.66 -17.24 78.57
N SER F 919 41.28 -18.50 78.83
CA SER F 919 42.23 -19.59 78.90
C SER F 919 41.59 -20.82 78.29
N SER F 920 42.44 -21.68 77.72
CA SER F 920 41.98 -22.88 77.05
C SER F 920 43.06 -23.95 77.13
N SER F 921 42.62 -25.20 77.06
CA SER F 921 43.53 -26.33 77.00
C SER F 921 43.83 -26.79 75.58
N ASN F 922 43.02 -26.34 74.59
CA ASN F 922 43.18 -26.74 73.21
C ASN F 922 43.01 -25.60 72.21
N ALA F 923 43.01 -24.34 72.66
CA ALA F 923 42.81 -23.19 71.78
C ALA F 923 41.49 -23.27 71.01
N SER F 924 40.45 -23.84 71.62
CA SER F 924 39.13 -23.92 70.99
C SER F 924 38.06 -23.56 72.02
N THR F 925 38.01 -24.29 73.12
CA THR F 925 37.09 -24.02 74.22
C THR F 925 37.79 -23.06 75.19
N TRP F 926 37.21 -21.87 75.37
CA TRP F 926 37.83 -20.79 76.12
C TRP F 926 37.05 -20.55 77.41
N THR F 927 37.77 -20.57 78.54
CA THR F 927 37.19 -20.28 79.84
C THR F 927 37.44 -18.81 80.16
N PRO F 928 36.41 -17.97 80.29
CA PRO F 928 36.67 -16.56 80.62
C PRO F 928 37.05 -16.34 82.07
N HIS F 929 37.84 -15.30 82.27
CA HIS F 929 38.18 -14.72 83.58
C HIS F 929 37.72 -13.27 83.55
N GLN F 930 36.52 -13.04 84.10
CA GLN F 930 35.91 -11.71 84.04
C GLN F 930 36.71 -10.69 84.83
N ASN F 931 37.24 -11.08 85.98
CA ASN F 931 37.95 -10.15 86.86
C ASN F 931 39.40 -9.90 86.45
N SER F 932 39.90 -10.56 85.40
CA SER F 932 41.30 -10.49 85.03
C SER F 932 41.45 -10.09 83.58
N ASP F 933 42.50 -9.32 83.29
CA ASP F 933 42.90 -8.96 81.94
C ASP F 933 44.41 -8.94 81.88
N LEU F 934 44.94 -9.17 80.68
CA LEU F 934 46.38 -9.12 80.46
C LEU F 934 46.88 -7.70 80.60
N LYS F 935 48.19 -7.58 80.82
CA LYS F 935 48.90 -6.30 80.71
C LYS F 935 49.38 -6.23 79.27
N PHE F 936 48.83 -5.30 78.49
CA PHE F 936 49.10 -5.27 77.05
C PHE F 936 48.89 -3.87 76.52
N GLY F 937 49.45 -3.64 75.34
CA GLY F 937 49.31 -2.38 74.63
C GLY F 937 49.23 -2.61 73.14
N ILE F 938 48.26 -1.94 72.51
CA ILE F 938 48.03 -2.05 71.07
C ILE F 938 48.41 -0.72 70.44
N TYR F 939 49.22 -0.80 69.40
CA TYR F 939 49.69 0.37 68.66
C TYR F 939 49.03 0.45 67.30
N THR F 940 48.49 1.63 67.00
CA THR F 940 47.87 2.01 65.73
C THR F 940 48.71 3.03 64.97
N SER F 941 48.81 2.82 63.66
CA SER F 941 49.71 3.60 62.84
C SER F 941 48.95 4.57 61.94
N LYS F 942 49.69 5.51 61.37
CA LYS F 942 49.13 6.47 60.40
C LYS F 942 50.21 6.72 59.36
N PHE F 943 50.01 6.24 58.14
CA PHE F 943 51.05 6.34 57.12
C PHE F 943 51.16 7.77 56.61
N ASN F 944 52.35 8.11 56.12
CA ASN F 944 52.69 9.45 55.66
C ASN F 944 52.92 9.43 54.15
N GLU F 945 53.28 10.58 53.58
CA GLU F 945 53.38 10.67 52.12
C GLU F 945 54.49 9.77 51.59
N THR F 946 55.73 9.95 52.06
CA THR F 946 56.91 9.31 51.48
C THR F 946 57.85 8.79 52.55
N ALA F 947 58.59 7.73 52.21
CA ALA F 947 59.56 7.11 53.11
C ALA F 947 60.96 7.09 52.46
N THR F 948 62.00 6.93 53.30
CA THR F 948 63.39 7.04 52.85
C THR F 948 64.28 6.01 53.55
N ILE F 949 65.29 5.52 52.82
CA ILE F 949 66.32 4.62 53.33
C ILE F 949 67.68 5.18 52.89
N GLU F 950 68.68 5.08 53.77
CA GLU F 950 70.07 5.37 53.42
C GLU F 950 70.93 4.16 53.76
N PHE F 951 71.62 3.63 52.75
CA PHE F 951 72.49 2.49 52.94
C PHE F 951 73.85 2.96 53.43
N GLU F 952 74.41 2.23 54.40
CA GLU F 952 75.64 2.68 55.05
C GLU F 952 76.73 2.81 54.00
N PRO F 953 77.64 3.79 54.14
CA PRO F 953 78.54 4.12 53.03
C PRO F 953 79.45 2.94 52.68
N ILE F 954 79.42 2.59 51.39
CA ILE F 954 79.97 1.34 50.86
C ILE F 954 81.44 1.22 51.22
N LYS F 981 81.72 -2.80 38.35
CA LYS F 981 82.32 -3.23 39.60
C LYS F 981 83.57 -2.40 39.93
N LEU F 982 84.29 -1.96 38.89
CA LEU F 982 85.43 -1.06 39.08
C LEU F 982 84.95 0.32 39.51
N ILE F 983 85.52 0.82 40.62
CA ILE F 983 84.92 1.89 41.41
C ILE F 983 84.71 3.18 40.59
N LEU F 984 85.62 3.48 39.64
CA LEU F 984 85.42 4.68 38.82
C LEU F 984 84.33 4.46 37.78
N ASP F 985 84.23 3.26 37.24
CA ASP F 985 83.26 2.98 36.18
C ASP F 985 81.90 2.64 36.77
N ASP F 986 81.90 1.88 37.87
CA ASP F 986 80.70 1.30 38.44
C ASP F 986 79.61 2.32 38.74
N MET F 987 79.96 3.60 38.88
CA MET F 987 78.92 4.62 39.09
C MET F 987 77.98 4.71 37.90
N ALA F 988 78.47 4.40 36.69
CA ALA F 988 77.61 4.37 35.51
C ALA F 988 76.68 3.17 35.54
N SER F 989 77.18 2.01 35.95
CA SER F 989 76.33 0.83 36.07
C SER F 989 75.31 1.02 37.18
N SER F 990 75.76 1.54 38.33
CA SER F 990 74.88 1.85 39.44
C SER F 990 73.75 2.82 39.05
N THR F 991 74.09 3.97 38.48
CA THR F 991 73.06 4.93 38.10
C THR F 991 72.26 4.48 36.90
N THR F 992 72.67 3.43 36.18
CA THR F 992 71.82 2.84 35.15
C THR F 992 70.73 1.99 35.78
N PHE F 993 71.10 1.08 36.69
CA PHE F 993 70.13 0.14 37.24
C PHE F 993 69.19 0.81 38.24
N ASP F 994 69.69 1.71 39.09
CA ASP F 994 68.84 2.37 40.09
C ASP F 994 67.88 3.33 39.40
N GLN F 995 66.63 2.90 39.21
CA GLN F 995 65.69 3.69 38.43
C GLN F 995 64.25 3.38 38.85
N LEU F 996 63.39 4.38 38.66
CA LEU F 996 61.99 4.36 39.12
C LEU F 996 61.13 3.32 38.42
N LYS F 997 61.63 2.65 37.36
CA LYS F 997 60.92 1.60 36.65
C LYS F 997 61.84 0.43 36.31
N TRP F 998 62.92 0.26 37.05
CA TRP F 998 63.77 -0.93 37.06
C TRP F 998 63.71 -1.47 38.49
N GLU F 999 64.40 -2.59 38.75
CA GLU F 999 64.27 -3.31 40.02
C GLU F 999 64.50 -2.44 41.26
N PRO F 1000 65.49 -1.52 41.31
CA PRO F 1000 65.54 -0.57 42.44
C PRO F 1000 64.61 0.62 42.20
N ILE F 1001 63.32 0.36 42.42
CA ILE F 1001 62.26 1.35 42.21
C ILE F 1001 62.49 2.64 43.00
N GLY F 1002 63.16 2.57 44.14
CA GLY F 1002 63.13 3.68 45.09
C GLY F 1002 63.89 4.94 44.74
N ASN F 1003 63.53 5.60 43.63
CA ASN F 1003 63.83 7.00 43.27
C ASN F 1003 65.12 7.55 43.88
N TYR F 1004 66.26 7.05 43.38
CA TYR F 1004 67.52 7.07 44.11
C TYR F 1004 68.26 8.41 44.08
N GLN F 1005 69.11 8.59 45.10
CA GLN F 1005 70.03 9.72 45.21
C GLN F 1005 71.37 9.19 45.73
N ASP F 1006 72.42 10.01 45.64
CA ASP F 1006 73.79 9.53 45.81
C ASP F 1006 74.72 10.64 46.27
N LEU F 1007 75.53 10.37 47.31
CA LEU F 1007 76.60 11.25 47.76
C LEU F 1007 77.96 10.60 47.60
N ASP F 1008 78.91 11.36 47.04
CA ASP F 1008 80.21 10.87 46.56
C ASP F 1008 81.35 11.68 47.18
N VAL F 1009 82.54 11.07 47.27
CA VAL F 1009 83.70 11.66 47.93
C VAL F 1009 84.71 12.15 46.90
N LEU F 1010 85.35 11.22 46.16
CA LEU F 1010 86.41 11.58 45.23
C LEU F 1010 86.53 10.60 44.06
N GLY F 1011 85.45 9.90 43.72
CA GLY F 1011 85.50 9.02 42.55
C GLY F 1011 86.07 7.63 42.79
N LEU F 1012 87.35 7.57 43.16
CA LEU F 1012 88.01 6.30 43.44
C LEU F 1012 87.70 5.73 44.82
N ALA F 1013 86.98 6.46 45.67
CA ALA F 1013 86.77 6.02 47.03
C ALA F 1013 85.77 4.88 47.10
N ARG F 1014 86.09 3.85 47.90
CA ARG F 1014 85.10 2.84 48.26
C ARG F 1014 84.01 3.42 49.15
N GLN F 1015 84.25 4.60 49.74
CA GLN F 1015 83.28 5.27 50.63
C GLN F 1015 82.32 6.10 49.77
N VAL F 1016 81.16 5.52 49.46
CA VAL F 1016 80.10 6.12 48.66
C VAL F 1016 78.78 5.81 49.38
N LYS F 1017 77.84 6.76 49.39
CA LYS F 1017 76.61 6.65 50.18
C LYS F 1017 75.36 6.75 49.30
N LEU F 1018 74.72 5.60 49.07
CA LEU F 1018 73.47 5.51 48.33
C LEU F 1018 72.27 5.90 49.20
N ARG F 1019 71.19 6.36 48.54
CA ARG F 1019 69.97 6.77 49.23
C ARG F 1019 68.76 6.47 48.34
N ALA F 1020 67.71 5.90 48.95
CA ALA F 1020 66.49 5.49 48.25
C ALA F 1020 65.27 6.10 48.91
N THR F 1021 64.22 6.34 48.12
CA THR F 1021 62.97 6.95 48.59
C THR F 1021 61.80 6.41 47.78
N PHE F 1022 60.66 6.24 48.44
CA PHE F 1022 59.48 5.71 47.76
C PHE F 1022 58.21 6.31 48.37
N GLU F 1023 57.12 6.26 47.60
CA GLU F 1023 55.84 6.78 48.09
C GLU F 1023 55.21 5.75 49.02
N SER F 1024 54.85 6.18 50.23
CA SER F 1024 54.35 5.27 51.25
C SER F 1024 52.85 5.06 51.10
N ASN F 1025 52.35 4.01 51.73
CA ASN F 1025 50.92 3.68 51.67
C ASN F 1025 50.53 2.94 52.95
N ARG F 1026 49.23 2.69 53.09
CA ARG F 1026 48.68 2.12 54.32
C ARG F 1026 48.94 0.62 54.45
N TYR F 1027 49.38 -0.04 53.38
CA TYR F 1027 49.62 -1.48 53.38
C TYR F 1027 51.09 -1.84 53.57
N ILE F 1028 51.93 -0.87 53.95
CA ILE F 1028 53.34 -1.15 54.20
C ILE F 1028 53.44 -2.15 55.34
N SER F 1029 54.37 -3.10 55.20
CA SER F 1029 54.57 -4.13 56.21
C SER F 1029 55.18 -3.58 57.49
N PRO F 1030 54.54 -3.73 58.67
CA PRO F 1030 55.17 -3.25 59.90
C PRO F 1030 56.45 -3.99 60.25
N LEU F 1031 56.53 -5.27 59.90
CA LEU F 1031 57.74 -6.04 60.18
C LEU F 1031 58.94 -5.47 59.43
N MET F 1032 58.76 -5.12 58.16
CA MET F 1032 59.88 -4.58 57.39
C MET F 1032 60.30 -3.21 57.90
N SER F 1033 59.32 -2.40 58.30
CA SER F 1033 59.60 -1.06 58.80
C SER F 1033 60.37 -1.13 60.11
N SER F 1034 59.91 -1.98 61.03
CA SER F 1034 60.62 -2.17 62.29
C SER F 1034 62.00 -2.79 62.07
N SER F 1035 62.06 -3.87 61.29
CA SER F 1035 63.32 -4.58 61.11
C SER F 1035 64.34 -3.73 60.34
N ASP F 1036 65.61 -3.99 60.62
CA ASP F 1036 66.70 -3.32 59.94
C ASP F 1036 67.05 -4.06 58.65
N LEU F 1037 67.40 -3.29 57.62
CA LEU F 1037 67.48 -3.77 56.25
C LEU F 1037 68.92 -4.00 55.80
N THR F 1038 69.04 -4.65 54.65
CA THR F 1038 70.24 -4.74 53.84
C THR F 1038 69.87 -4.50 52.38
N PHE F 1039 70.89 -4.22 51.57
CA PHE F 1039 70.73 -4.06 50.13
C PHE F 1039 70.40 -5.37 49.42
N THR F 1040 70.44 -6.50 50.13
CA THR F 1040 69.98 -7.77 49.59
C THR F 1040 68.53 -8.07 49.98
N THR F 1041 68.20 -7.91 51.27
CA THR F 1041 66.81 -8.10 51.70
C THR F 1041 65.89 -7.07 51.05
N PHE F 1042 66.30 -5.80 51.05
CA PHE F 1042 65.66 -4.81 50.21
C PHE F 1042 65.96 -5.18 48.75
N LEU F 1043 65.19 -4.64 47.80
CA LEU F 1043 65.45 -4.88 46.39
C LEU F 1043 65.36 -6.38 46.09
N THR F 1044 64.28 -7.00 46.59
CA THR F 1044 63.93 -8.39 46.34
C THR F 1044 62.68 -8.47 45.46
N GLU F 1045 62.71 -9.32 44.45
CA GLU F 1045 61.52 -9.63 43.65
C GLU F 1045 60.67 -10.68 44.37
N LEU F 1046 59.64 -10.23 45.09
CA LEU F 1046 58.61 -11.13 45.59
C LEU F 1046 57.67 -11.54 44.47
N THR F 1047 57.39 -12.84 44.37
CA THR F 1047 56.51 -13.37 43.33
C THR F 1047 55.58 -14.41 43.93
N GLY F 1048 54.42 -14.55 43.31
CA GLY F 1048 53.43 -15.50 43.77
C GLY F 1048 52.15 -15.33 42.98
N SER F 1049 51.35 -16.40 42.97
CA SER F 1049 50.16 -16.46 42.13
C SER F 1049 49.01 -17.11 42.88
N TYR F 1050 47.80 -16.64 42.58
CA TYR F 1050 46.58 -17.30 43.00
C TYR F 1050 46.19 -18.31 41.93
N VAL F 1051 45.75 -19.49 42.37
CA VAL F 1051 45.29 -20.53 41.47
C VAL F 1051 43.99 -21.09 42.05
N GLY F 1052 42.92 -21.05 41.25
CA GLY F 1052 41.66 -21.61 41.67
C GLY F 1052 41.48 -23.05 41.25
N ARG F 1053 40.54 -23.71 41.92
CA ARG F 1053 40.27 -25.10 41.64
C ARG F 1053 39.65 -25.23 40.24
N ALA F 1054 39.97 -26.33 39.56
CA ALA F 1054 39.47 -26.54 38.21
C ALA F 1054 37.96 -26.76 38.24
N ILE F 1055 37.26 -26.11 37.31
CA ILE F 1055 35.80 -26.16 37.24
C ILE F 1055 35.40 -26.95 36.01
N ASP F 1056 34.54 -27.96 36.20
CA ASP F 1056 34.15 -28.81 35.09
C ASP F 1056 32.92 -28.19 34.43
N MET F 1057 33.11 -27.64 33.23
CA MET F 1057 32.07 -26.99 32.44
C MET F 1057 31.57 -27.88 31.31
N THR F 1058 31.55 -29.20 31.52
CA THR F 1058 31.12 -30.10 30.47
C THR F 1058 29.64 -29.84 30.12
N GLU F 1059 28.81 -29.65 31.15
CA GLU F 1059 27.39 -29.41 30.92
C GLU F 1059 27.07 -27.99 30.50
N ALA F 1060 28.05 -27.08 30.53
CA ALA F 1060 27.86 -25.70 30.11
C ALA F 1060 29.05 -25.22 29.29
N PRO F 1061 29.15 -25.66 28.02
CA PRO F 1061 30.29 -25.25 27.19
C PRO F 1061 30.24 -23.76 26.91
N TYR F 1062 31.42 -23.17 26.76
CA TYR F 1062 31.56 -21.74 26.58
C TYR F 1062 32.67 -21.44 25.59
N ASN F 1063 32.57 -20.26 24.97
CA ASN F 1063 33.63 -19.74 24.12
C ASN F 1063 33.97 -18.29 24.38
N THR F 1064 33.29 -17.61 25.31
CA THR F 1064 33.56 -16.23 25.67
C THR F 1064 33.69 -16.15 27.19
N VAL F 1065 34.62 -15.34 27.66
CA VAL F 1065 34.95 -15.22 29.08
C VAL F 1065 34.93 -13.73 29.44
N ARG F 1066 34.34 -13.42 30.59
CA ARG F 1066 34.36 -12.08 31.17
C ARG F 1066 35.16 -12.11 32.47
N PHE F 1067 36.40 -11.64 32.40
CA PHE F 1067 37.33 -11.66 33.52
C PHE F 1067 37.30 -10.29 34.19
N SER F 1068 36.99 -10.27 35.49
CA SER F 1068 36.89 -9.04 36.26
C SER F 1068 37.60 -9.20 37.59
N TYR F 1069 38.33 -8.17 38.00
CA TYR F 1069 39.03 -8.17 39.27
C TYR F 1069 39.42 -6.74 39.61
N GLU F 1070 39.58 -6.49 40.91
CA GLU F 1070 40.11 -5.23 41.43
C GLU F 1070 41.51 -5.47 41.96
N ALA F 1071 42.43 -4.60 41.58
CA ALA F 1071 43.84 -4.73 41.93
C ALA F 1071 44.43 -3.39 42.34
N PHE F 1072 45.25 -3.41 43.38
CA PHE F 1072 46.03 -2.25 43.80
C PHE F 1072 47.47 -2.45 43.36
N LEU F 1073 47.96 -1.54 42.51
CA LEU F 1073 49.25 -1.68 41.86
C LEU F 1073 50.18 -0.55 42.27
N PRO F 1074 51.02 -0.73 43.29
CA PRO F 1074 52.07 0.26 43.55
C PRO F 1074 53.10 0.32 42.44
N LYS F 1075 54.07 1.21 42.61
CA LYS F 1075 55.16 1.35 41.65
C LYS F 1075 55.96 0.06 41.59
N GLY F 1076 56.20 -0.42 40.37
CA GLY F 1076 56.94 -1.65 40.17
C GLY F 1076 56.19 -2.90 40.60
N THR F 1077 54.92 -3.01 40.20
CA THR F 1077 54.11 -4.18 40.48
C THR F 1077 53.25 -4.50 39.26
N LYS F 1078 52.86 -5.77 39.14
CA LYS F 1078 52.07 -6.24 38.02
C LYS F 1078 51.08 -7.30 38.49
N VAL F 1079 49.95 -7.37 37.80
CA VAL F 1079 48.95 -8.41 37.99
C VAL F 1079 48.53 -8.85 36.60
N VAL F 1080 48.83 -10.10 36.25
CA VAL F 1080 48.61 -10.64 34.91
C VAL F 1080 47.51 -11.70 35.00
N PRO F 1081 46.29 -11.46 34.54
CA PRO F 1081 45.29 -12.52 34.56
C PRO F 1081 45.57 -13.60 33.53
N LYS F 1082 45.18 -14.82 33.85
CA LYS F 1082 45.39 -15.98 32.99
C LYS F 1082 44.23 -16.95 33.15
N TYR F 1083 44.07 -17.85 32.18
CA TYR F 1083 43.06 -18.89 32.29
C TYR F 1083 43.56 -20.12 31.57
N SER F 1084 42.98 -21.27 31.93
CA SER F 1084 43.30 -22.55 31.32
C SER F 1084 42.04 -23.35 31.07
N ALA F 1085 41.93 -23.92 29.87
CA ALA F 1085 40.82 -24.79 29.49
C ALA F 1085 41.27 -26.22 29.33
N ASP F 1086 42.32 -26.63 30.04
CA ASP F 1086 42.82 -28.01 29.98
C ASP F 1086 43.44 -28.42 31.30
N ASP F 1087 42.86 -27.98 32.43
CA ASP F 1087 43.32 -28.36 33.76
C ASP F 1087 44.79 -27.98 33.98
N GLY F 1088 45.16 -26.79 33.54
CA GLY F 1088 46.48 -26.25 33.84
C GLY F 1088 47.61 -26.74 32.97
N LYS F 1089 47.32 -27.56 31.95
CA LYS F 1089 48.38 -28.03 31.08
C LYS F 1089 49.03 -26.89 30.32
N THR F 1090 48.19 -25.96 29.83
CA THR F 1090 48.62 -24.77 29.12
C THR F 1090 47.83 -23.58 29.64
N TRP F 1091 48.52 -22.47 29.84
CA TRP F 1091 47.92 -21.24 30.36
C TRP F 1091 47.91 -20.16 29.28
N LYS F 1092 46.75 -19.60 29.02
CA LYS F 1092 46.57 -18.60 27.97
C LYS F 1092 46.49 -17.20 28.58
N THR F 1093 46.67 -16.19 27.72
CA THR F 1093 46.65 -14.79 28.11
C THR F 1093 45.69 -14.02 27.23
N PHE F 1094 44.96 -13.07 27.83
CA PHE F 1094 44.01 -12.28 27.07
C PHE F 1094 44.73 -11.26 26.19
N THR F 1095 44.23 -11.11 24.96
CA THR F 1095 44.84 -10.18 24.01
C THR F 1095 44.33 -8.75 24.21
N LYS F 1096 43.08 -8.60 24.63
CA LYS F 1096 42.48 -7.29 24.86
C LYS F 1096 43.12 -6.61 26.06
N SER F 1097 43.06 -5.27 26.05
CA SER F 1097 43.49 -4.49 27.22
C SER F 1097 42.29 -4.24 28.14
N PRO F 1098 42.45 -4.28 29.46
CA PRO F 1098 41.28 -4.14 30.33
C PRO F 1098 40.79 -2.70 30.41
N THR F 1099 39.47 -2.55 30.49
CA THR F 1099 38.87 -1.25 30.75
C THR F 1099 38.90 -1.00 32.25
N THR F 1100 39.28 0.22 32.63
CA THR F 1100 39.59 0.56 34.01
C THR F 1100 38.51 1.47 34.59
N THR F 1101 38.01 1.12 35.77
CA THR F 1101 37.14 1.96 36.56
C THR F 1101 37.71 2.03 37.96
N ARG F 1102 37.76 3.24 38.52
CA ARG F 1102 38.34 3.43 39.84
C ARG F 1102 37.34 3.00 40.91
N ALA F 1103 37.82 2.19 41.86
CA ALA F 1103 36.99 1.74 42.98
C ALA F 1103 37.15 2.65 44.19
N ASN F 1104 38.39 2.91 44.59
CA ASN F 1104 38.67 3.80 45.71
C ASN F 1104 40.05 4.40 45.46
N ASN F 1105 40.65 5.00 46.50
CA ASN F 1105 41.94 5.66 46.34
C ASN F 1105 43.03 4.67 45.94
N GLU F 1106 42.97 3.45 46.47
CA GLU F 1106 43.97 2.42 46.20
C GLU F 1106 43.58 1.53 45.02
N PHE F 1107 42.47 0.82 45.15
CA PHE F 1107 42.11 -0.23 44.20
C PHE F 1107 41.49 0.34 42.94
N THR F 1108 41.74 -0.34 41.83
CA THR F 1108 41.10 -0.05 40.55
C THR F 1108 40.55 -1.34 39.97
N ARG F 1109 39.37 -1.24 39.36
CA ARG F 1109 38.69 -2.39 38.80
C ARG F 1109 39.17 -2.60 37.37
N TYR F 1110 39.62 -3.83 37.08
CA TYR F 1110 40.03 -4.23 35.75
C TYR F 1110 39.07 -5.29 35.23
N VAL F 1111 38.52 -5.05 34.05
CA VAL F 1111 37.54 -5.92 33.41
C VAL F 1111 38.02 -6.24 32.00
N ILE F 1112 37.92 -7.52 31.63
CA ILE F 1112 38.24 -7.99 30.29
C ILE F 1112 37.03 -8.78 29.81
N ASP F 1113 36.62 -8.56 28.56
CA ASP F 1113 35.53 -9.30 27.92
C ASP F 1113 36.01 -9.69 26.52
N GLU F 1114 36.49 -10.93 26.37
CA GLU F 1114 37.12 -11.40 25.16
C GLU F 1114 36.50 -12.72 24.74
N LYS F 1115 36.33 -12.90 23.43
CA LYS F 1115 35.92 -14.17 22.85
C LYS F 1115 37.15 -15.06 22.76
N VAL F 1116 37.35 -15.87 23.79
CA VAL F 1116 38.60 -16.62 23.92
C VAL F 1116 38.76 -17.64 22.79
N LYS F 1117 37.67 -18.19 22.26
CA LYS F 1117 37.72 -19.21 21.23
C LYS F 1117 36.88 -18.77 20.03
N SER F 1118 37.50 -18.74 18.84
CA SER F 1118 36.79 -18.23 17.68
C SER F 1118 35.71 -19.20 17.22
N SER F 1119 36.01 -20.49 17.21
CA SER F 1119 35.06 -21.52 16.81
C SER F 1119 35.14 -22.68 17.80
N GLY F 1120 33.99 -23.32 18.03
CA GLY F 1120 33.91 -24.36 19.03
C GLY F 1120 33.64 -23.77 20.40
N THR F 1121 33.72 -24.64 21.42
CA THR F 1121 33.47 -24.26 22.80
C THR F 1121 34.39 -25.03 23.72
N ASN F 1122 34.87 -24.37 24.78
CA ASN F 1122 35.65 -25.04 25.80
C ASN F 1122 34.71 -25.72 26.79
N THR F 1123 35.24 -26.69 27.53
CA THR F 1123 34.49 -27.43 28.54
C THR F 1123 35.18 -27.46 29.89
N LYS F 1124 36.20 -26.64 30.10
CA LYS F 1124 36.91 -26.59 31.38
C LYS F 1124 37.36 -25.16 31.64
N LEU F 1125 37.51 -24.83 32.92
CA LEU F 1125 37.88 -23.48 33.31
C LEU F 1125 38.73 -23.53 34.58
N GLN F 1126 39.81 -22.74 34.57
CA GLN F 1126 40.67 -22.60 35.75
C GLN F 1126 41.23 -21.19 35.76
N VAL F 1127 40.94 -20.45 36.82
CA VAL F 1127 41.32 -19.04 36.93
C VAL F 1127 42.66 -18.94 37.63
N ARG F 1128 43.45 -17.94 37.21
CA ARG F 1128 44.77 -17.69 37.79
C ARG F 1128 45.07 -16.21 37.76
N LEU F 1129 45.75 -15.72 38.79
CA LEU F 1129 46.30 -14.38 38.87
C LEU F 1129 47.75 -14.48 39.30
N ASP F 1130 48.65 -13.80 38.57
CA ASP F 1130 50.07 -13.80 38.86
C ASP F 1130 50.48 -12.46 39.44
N LEU F 1131 51.04 -12.48 40.65
CA LEU F 1131 51.46 -11.28 41.36
C LEU F 1131 52.98 -11.21 41.43
N SER F 1132 53.55 -10.03 41.18
CA SER F 1132 55.00 -9.90 41.22
C SER F 1132 55.36 -8.48 41.65
N THR F 1133 56.57 -8.34 42.21
CA THR F 1133 57.06 -7.06 42.70
C THR F 1133 58.47 -6.82 42.17
N GLU F 1134 58.96 -5.60 42.45
CA GLU F 1134 60.34 -5.21 42.19
C GLU F 1134 61.13 -4.99 43.48
N ASN F 1135 60.46 -4.79 44.62
CA ASN F 1135 61.14 -4.68 45.90
C ASN F 1135 60.17 -5.18 46.96
N SER F 1136 60.61 -5.18 48.22
CA SER F 1136 59.84 -5.84 49.27
C SER F 1136 58.76 -4.94 49.85
N PHE F 1137 59.05 -3.64 50.00
CA PHE F 1137 58.13 -2.76 50.70
C PHE F 1137 56.84 -2.53 49.91
N LEU F 1138 56.93 -2.48 48.57
CA LEU F 1138 55.78 -2.24 47.71
C LEU F 1138 55.32 -3.56 47.08
N ARG F 1139 54.07 -3.94 47.38
CA ARG F 1139 53.48 -5.21 46.95
C ARG F 1139 52.08 -4.96 46.40
N PRO F 1140 51.60 -5.78 45.46
CA PRO F 1140 50.23 -5.61 44.98
C PRO F 1140 49.23 -6.36 45.84
N ARG F 1141 47.97 -5.93 45.69
CA ARG F 1141 46.86 -6.52 46.41
C ARG F 1141 45.67 -6.62 45.46
N VAL F 1142 44.94 -7.73 45.59
CA VAL F 1142 43.80 -8.02 44.73
C VAL F 1142 42.62 -8.40 45.61
N ARG F 1143 41.42 -8.19 45.08
CA ARG F 1143 40.21 -8.54 45.81
C ARG F 1143 39.04 -8.60 44.84
N ARG F 1144 37.98 -9.30 45.27
CA ARG F 1144 36.70 -9.34 44.58
C ARG F 1144 36.87 -9.84 43.14
N LEU F 1145 37.49 -11.00 43.03
CA LEU F 1145 37.67 -11.66 41.74
C LEU F 1145 36.36 -12.33 41.32
N MET F 1146 35.89 -12.01 40.12
CA MET F 1146 34.67 -12.58 39.56
C MET F 1146 34.92 -12.92 38.11
N VAL F 1147 34.64 -14.17 37.73
CA VAL F 1147 34.85 -14.66 36.38
C VAL F 1147 33.55 -15.31 35.93
N THR F 1148 33.05 -14.90 34.76
CA THR F 1148 31.85 -15.49 34.18
C THR F 1148 32.11 -15.82 32.71
N THR F 1149 31.44 -16.86 32.23
CA THR F 1149 31.62 -17.35 30.87
C THR F 1149 30.28 -17.39 30.15
N ARG F 1150 30.33 -17.29 28.83
CA ARG F 1150 29.14 -17.28 28.00
C ARG F 1150 29.40 -18.05 26.72
N ASP F 1151 28.31 -18.42 26.04
CA ASP F 1151 28.37 -19.06 24.72
C ASP F 1151 27.75 -18.09 23.71
N GLU F 1152 28.60 -17.48 22.89
CA GLU F 1152 28.13 -16.51 21.90
C GLU F 1152 28.77 -16.74 20.54
N ASN G 4 11.34 -21.93 -36.38
CA ASN G 4 11.78 -20.76 -37.13
C ASN G 4 10.72 -20.35 -38.15
N PHE G 5 10.20 -19.13 -37.99
CA PHE G 5 9.21 -18.55 -38.91
C PHE G 5 9.79 -17.50 -39.83
N LYS G 6 11.12 -17.37 -39.89
CA LYS G 6 11.77 -16.41 -40.77
C LYS G 6 11.83 -16.88 -42.22
N GLY G 7 11.38 -18.11 -42.51
CA GLY G 7 11.54 -18.67 -43.82
C GLY G 7 10.55 -18.12 -44.83
N SER G 8 10.63 -18.70 -46.03
CA SER G 8 9.79 -18.27 -47.15
C SER G 8 8.29 -18.34 -46.86
N PRO G 9 7.72 -19.45 -46.36
CA PRO G 9 6.25 -19.53 -46.28
C PRO G 9 5.62 -18.55 -45.31
N TYR G 10 6.38 -18.01 -44.37
CA TYR G 10 5.87 -17.06 -43.38
C TYR G 10 6.61 -15.73 -43.35
N LEU G 11 7.94 -15.75 -43.43
CA LEU G 11 8.76 -14.55 -43.49
C LEU G 11 8.56 -13.69 -42.24
N ASP G 12 8.43 -14.34 -41.09
CA ASP G 12 8.29 -13.60 -39.83
C ASP G 12 9.55 -12.79 -39.56
N ARG G 13 9.43 -11.47 -39.62
CA ARG G 13 10.58 -10.56 -39.61
C ARG G 13 10.93 -10.06 -38.22
N PHE G 14 10.34 -10.64 -37.17
CA PHE G 14 10.64 -10.19 -35.81
C PHE G 14 12.06 -10.59 -35.43
N ASP G 15 12.74 -9.69 -34.71
CA ASP G 15 14.08 -9.95 -34.19
C ASP G 15 14.28 -9.14 -32.91
N PRO G 16 14.56 -9.76 -31.76
CA PRO G 16 14.70 -8.95 -30.53
C PRO G 16 15.84 -7.94 -30.58
N SER G 17 16.93 -8.27 -31.25
CA SER G 17 18.09 -7.38 -31.31
C SER G 17 17.80 -6.04 -31.95
N LYS G 18 16.76 -5.94 -32.79
CA LYS G 18 16.49 -4.70 -33.49
C LYS G 18 15.72 -3.68 -32.65
N ASP G 19 15.15 -4.09 -31.52
CA ASP G 19 14.48 -3.18 -30.59
C ASP G 19 13.33 -2.43 -31.26
N ARG G 20 12.61 -3.12 -32.15
CA ARG G 20 11.45 -2.57 -32.82
C ARG G 20 10.19 -3.13 -32.15
N THR G 21 9.32 -2.22 -31.70
CA THR G 21 8.23 -2.55 -30.78
C THR G 21 6.84 -2.25 -31.31
N LYS G 22 6.70 -1.79 -32.55
CA LYS G 22 5.38 -1.43 -33.06
C LYS G 22 5.42 -1.42 -34.57
N VAL G 23 4.46 -2.09 -35.21
CA VAL G 23 4.30 -2.09 -36.65
C VAL G 23 3.26 -1.02 -36.99
N LEU G 24 3.72 0.06 -37.61
CA LEU G 24 2.90 1.24 -37.88
C LEU G 24 2.45 1.19 -39.33
N PHE G 25 1.19 0.83 -39.55
CA PHE G 25 0.65 0.73 -40.90
C PHE G 25 0.34 2.11 -41.46
N ASN G 26 0.47 2.25 -42.77
CA ASN G 26 0.19 3.48 -43.49
C ASN G 26 -0.93 3.28 -44.52
N PRO G 27 -1.68 4.33 -44.85
CA PRO G 27 -2.72 4.20 -45.87
C PRO G 27 -2.15 4.11 -47.28
N ASP G 28 -2.97 3.55 -48.17
CA ASP G 28 -2.63 3.41 -49.59
C ASP G 28 -1.39 2.57 -49.78
N ARG G 29 -1.32 1.44 -49.07
CA ARG G 29 -0.21 0.50 -49.15
C ARG G 29 -0.76 -0.92 -49.13
N PRO G 30 -0.03 -1.89 -49.69
CA PRO G 30 -0.46 -3.27 -49.54
C PRO G 30 -0.14 -3.83 -48.17
N LEU G 31 -0.94 -4.82 -47.76
CA LEU G 31 -0.84 -5.42 -46.44
C LEU G 31 -0.02 -6.71 -46.52
N GLN G 32 1.02 -6.79 -45.71
CA GLN G 32 1.95 -7.92 -45.71
C GLN G 32 1.62 -8.87 -44.57
N GLN G 33 1.63 -10.17 -44.87
CA GLN G 33 1.43 -11.18 -43.82
C GLN G 33 2.56 -11.15 -42.81
N ALA G 34 3.78 -10.80 -43.23
CA ALA G 34 4.89 -10.74 -42.30
C ALA G 34 4.67 -9.66 -41.26
N GLU G 35 4.04 -8.55 -41.65
CA GLU G 35 3.72 -7.51 -40.67
C GLU G 35 2.75 -8.03 -39.61
N LEU G 36 1.73 -8.78 -40.03
CA LEU G 36 0.79 -9.35 -39.07
C LEU G 36 1.48 -10.32 -38.11
N ASN G 37 2.33 -11.19 -38.65
CA ASN G 37 3.06 -12.14 -37.82
C ASN G 37 3.93 -11.41 -36.82
N GLU G 38 4.67 -10.39 -37.27
CA GLU G 38 5.51 -9.63 -36.36
C GLU G 38 4.68 -8.89 -35.31
N MET G 39 3.46 -8.45 -35.70
CA MET G 39 2.59 -7.73 -34.78
C MET G 39 2.29 -8.55 -33.55
N GLN G 40 2.01 -9.84 -33.73
CA GLN G 40 1.79 -10.67 -32.53
C GLN G 40 3.09 -11.21 -31.94
N SER G 41 4.13 -11.39 -32.75
CA SER G 41 5.41 -11.87 -32.24
C SER G 41 6.01 -10.93 -31.20
N ILE G 42 5.92 -9.62 -31.46
CA ILE G 42 6.43 -8.63 -30.51
C ILE G 42 5.74 -8.78 -29.17
N ASP G 43 4.41 -8.80 -29.19
CA ASP G 43 3.64 -8.87 -27.96
C ASP G 43 3.95 -10.16 -27.19
N GLN G 44 4.05 -11.28 -27.90
CA GLN G 44 4.35 -12.55 -27.24
C GLN G 44 5.76 -12.54 -26.65
N TYR G 45 6.72 -11.93 -27.36
CA TYR G 45 8.09 -11.86 -26.85
C TYR G 45 8.14 -11.04 -25.56
N TYR G 46 7.44 -9.90 -25.53
CA TYR G 46 7.49 -9.06 -24.34
C TYR G 46 6.70 -9.68 -23.20
N LEU G 47 5.62 -10.41 -23.50
CA LEU G 47 4.95 -11.19 -22.47
C LEU G 47 5.86 -12.26 -21.91
N LYS G 48 6.65 -12.91 -22.77
CA LYS G 48 7.61 -13.90 -22.31
C LYS G 48 8.65 -13.26 -21.40
N ASN G 49 9.12 -12.07 -21.75
CA ASN G 49 10.07 -11.37 -20.89
C ASN G 49 9.47 -11.06 -19.53
N LEU G 50 8.22 -10.56 -19.53
CA LEU G 50 7.55 -10.24 -18.27
C LEU G 50 7.38 -11.48 -17.41
N GLY G 51 7.02 -12.61 -18.02
CA GLY G 51 6.88 -13.84 -17.25
C GLY G 51 8.21 -14.34 -16.73
N ASP G 52 9.26 -14.27 -17.54
CA ASP G 52 10.57 -14.73 -17.11
C ASP G 52 11.11 -13.89 -15.97
N ALA G 53 10.81 -12.59 -15.96
CA ALA G 53 11.28 -11.74 -14.88
C ALA G 53 10.71 -12.14 -13.51
N ILE G 54 9.61 -12.89 -13.48
CA ILE G 54 8.96 -13.30 -12.24
C ILE G 54 9.11 -14.80 -12.02
N PHE G 55 8.60 -15.60 -12.96
CA PHE G 55 8.55 -17.05 -12.85
C PHE G 55 9.73 -17.72 -13.56
N LYS G 56 9.83 -19.01 -13.28
CA LYS G 56 10.80 -19.92 -13.87
C LYS G 56 10.04 -21.06 -14.55
N ASP G 57 10.64 -21.61 -15.60
CA ASP G 57 10.04 -22.75 -16.29
C ASP G 57 9.85 -23.92 -15.33
N GLY G 58 8.66 -24.51 -15.36
CA GLY G 58 8.32 -25.59 -14.47
C GLY G 58 7.80 -25.19 -13.12
N ASP G 59 7.52 -23.90 -12.90
CA ASP G 59 7.04 -23.42 -11.60
C ASP G 59 5.55 -23.71 -11.51
N LYS G 60 5.18 -24.59 -10.58
CA LYS G 60 3.78 -24.93 -10.38
C LYS G 60 3.04 -23.80 -9.69
N GLN G 61 1.81 -23.55 -10.13
CA GLN G 61 0.96 -22.52 -9.59
C GLN G 61 -0.25 -23.06 -8.85
N SER G 62 -0.95 -24.04 -9.41
CA SER G 62 -2.10 -24.64 -8.77
C SER G 62 -2.33 -26.02 -9.38
N GLY G 63 -3.00 -26.87 -8.61
CA GLY G 63 -3.29 -28.21 -9.09
C GLY G 63 -2.02 -29.04 -9.25
N LEU G 64 -2.03 -29.89 -10.27
CA LEU G 64 -0.90 -30.77 -10.60
C LEU G 64 -0.57 -31.72 -9.45
N GLY G 65 -1.58 -32.12 -8.68
CA GLY G 65 -1.38 -33.12 -7.65
C GLY G 65 -1.23 -34.50 -8.25
N PHE G 66 -0.05 -35.09 -8.12
CA PHE G 66 0.23 -36.37 -8.74
C PHE G 66 -0.38 -37.52 -7.95
N THR G 67 -0.72 -38.60 -8.66
CA THR G 67 -1.23 -39.84 -8.08
C THR G 67 -0.40 -40.99 -8.63
N LEU G 68 0.36 -41.63 -7.75
CA LEU G 68 1.27 -42.72 -8.14
C LEU G 68 0.66 -44.06 -7.74
N SER G 69 0.52 -44.95 -8.72
CA SER G 69 0.01 -46.29 -8.49
C SER G 69 1.12 -47.22 -8.02
N GLU G 70 0.72 -48.41 -7.58
CA GLU G 70 1.69 -49.41 -7.13
C GLU G 70 2.53 -49.96 -8.26
N ASP G 71 2.11 -49.78 -9.51
CA ASP G 71 2.90 -50.17 -10.68
C ASP G 71 3.85 -49.07 -11.14
N ASN G 72 4.16 -48.10 -10.28
CA ASN G 72 5.04 -46.98 -10.61
C ASN G 72 4.53 -46.14 -11.78
N VAL G 73 3.23 -46.21 -12.06
CA VAL G 73 2.63 -45.39 -13.12
C VAL G 73 2.25 -44.06 -12.49
N LEU G 74 2.77 -42.98 -13.06
CA LEU G 74 2.57 -41.64 -12.54
C LEU G 74 1.56 -40.90 -13.41
N THR G 75 0.57 -40.29 -12.76
CA THR G 75 -0.43 -39.46 -13.42
C THR G 75 -0.45 -38.09 -12.74
N VAL G 76 -0.61 -37.03 -13.53
CA VAL G 76 -0.62 -35.66 -13.05
C VAL G 76 -2.02 -35.09 -13.24
N ASN G 77 -2.60 -34.54 -12.17
CA ASN G 77 -3.93 -33.97 -12.28
C ASN G 77 -3.86 -32.62 -12.98
N PRO G 78 -5.01 -32.09 -13.43
CA PRO G 78 -4.97 -30.80 -14.16
C PRO G 78 -4.51 -29.68 -13.25
N GLY G 79 -3.89 -28.68 -13.88
CA GLY G 79 -3.42 -27.52 -13.15
C GLY G 79 -2.75 -26.53 -14.08
N TYR G 80 -2.17 -25.50 -13.48
CA TYR G 80 -1.46 -24.45 -14.18
C TYR G 80 0.05 -24.55 -13.98
N VAL G 81 0.82 -24.19 -15.01
CA VAL G 81 2.27 -24.24 -14.93
C VAL G 81 2.83 -23.20 -15.89
N TYR G 82 4.00 -22.65 -15.54
CA TYR G 82 4.70 -21.69 -16.38
C TYR G 82 5.73 -22.45 -17.21
N ILE G 83 5.52 -22.49 -18.52
CA ILE G 83 6.43 -23.15 -19.45
C ILE G 83 6.59 -22.25 -20.67
N ASN G 84 7.82 -21.86 -20.97
CA ASN G 84 8.15 -21.18 -22.23
C ASN G 84 7.35 -19.89 -22.40
N GLY G 85 7.54 -18.97 -21.47
CA GLY G 85 7.02 -17.63 -21.63
C GLY G 85 5.51 -17.49 -21.44
N LYS G 86 4.82 -18.54 -21.03
CA LYS G 86 3.38 -18.49 -20.84
C LYS G 86 2.98 -19.40 -19.70
N ILE G 87 1.88 -19.05 -19.03
CA ILE G 87 1.30 -19.89 -17.99
C ILE G 87 0.26 -20.76 -18.69
N ARG G 88 0.67 -21.96 -19.08
CA ARG G 88 -0.20 -22.87 -19.82
C ARG G 88 -1.00 -23.75 -18.88
N TYR G 89 -2.20 -24.13 -19.32
CA TYR G 89 -3.08 -24.98 -18.54
C TYR G 89 -2.91 -26.42 -19.01
N TYR G 90 -2.55 -27.30 -18.09
CA TYR G 90 -2.26 -28.70 -18.40
C TYR G 90 -3.50 -29.53 -18.12
N ASP G 91 -4.03 -30.17 -19.16
CA ASP G 91 -5.15 -31.11 -19.04
C ASP G 91 -4.94 -32.28 -20.00
N ASN G 92 -3.69 -32.76 -20.08
CA ASN G 92 -3.35 -33.79 -21.05
C ASN G 92 -3.83 -35.17 -20.64
N ASP G 93 -3.92 -35.44 -19.33
CA ASP G 93 -4.31 -36.75 -18.83
C ASP G 93 -3.35 -37.84 -19.29
N ASP G 94 -2.06 -37.50 -19.34
CA ASP G 94 -1.01 -38.42 -19.75
C ASP G 94 -0.48 -39.17 -18.52
N SER G 95 0.06 -40.36 -18.78
CA SER G 95 0.66 -41.20 -17.76
C SER G 95 1.94 -41.83 -18.27
N VAL G 96 2.99 -41.78 -17.45
CA VAL G 96 4.29 -42.36 -17.76
C VAL G 96 4.77 -43.10 -16.52
N LYS G 97 5.39 -44.27 -16.74
CA LYS G 97 5.89 -45.09 -15.65
C LYS G 97 7.36 -44.76 -15.37
N ILE G 98 7.74 -44.85 -14.09
CA ILE G 98 9.09 -44.58 -13.63
C ILE G 98 9.77 -45.90 -13.29
N THR G 99 11.11 -45.89 -13.32
CA THR G 99 11.87 -47.09 -12.99
C THR G 99 11.79 -47.41 -11.51
N GLY G 100 11.66 -46.39 -10.67
CA GLY G 100 11.56 -46.59 -9.24
C GLY G 100 12.88 -46.78 -8.52
N VAL G 101 13.99 -46.42 -9.15
CA VAL G 101 15.33 -46.54 -8.55
C VAL G 101 16.13 -45.30 -8.91
N GLY G 102 16.84 -44.76 -7.94
CA GLY G 102 17.69 -43.61 -8.18
C GLY G 102 16.89 -42.33 -8.32
N LYS G 103 17.60 -41.25 -8.61
CA LYS G 103 16.96 -39.96 -8.83
C LYS G 103 16.19 -39.97 -10.14
N GLU G 104 14.95 -39.49 -10.10
CA GLU G 104 14.07 -39.47 -11.28
C GLU G 104 13.35 -38.14 -11.30
N THR G 105 13.57 -37.38 -12.36
CA THR G 105 12.99 -36.05 -12.54
C THR G 105 11.82 -36.11 -13.52
N ILE G 106 10.69 -35.51 -13.13
CA ILE G 106 9.48 -35.51 -13.95
C ILE G 106 9.36 -34.10 -14.52
N GLY G 107 9.20 -34.01 -15.84
CA GLY G 107 9.11 -32.73 -16.50
C GLY G 107 8.13 -32.77 -17.65
N ILE G 108 7.63 -31.59 -18.02
CA ILE G 108 6.68 -31.43 -19.11
C ILE G 108 7.46 -30.99 -20.35
N LYS G 109 7.17 -31.63 -21.48
CA LYS G 109 7.77 -31.29 -22.76
C LYS G 109 6.75 -30.60 -23.65
N LEU G 110 7.16 -29.52 -24.30
CA LEU G 110 6.30 -28.76 -25.20
C LEU G 110 6.77 -28.98 -26.63
N THR G 111 5.84 -29.37 -27.50
CA THR G 111 6.15 -29.66 -28.90
C THR G 111 5.34 -28.74 -29.80
N GLU G 112 6.04 -28.01 -30.68
CA GLU G 112 5.38 -27.14 -31.63
C GLU G 112 4.91 -27.95 -32.84
N ARG G 113 3.64 -27.76 -33.22
CA ARG G 113 3.07 -28.48 -34.36
C ARG G 113 2.23 -27.50 -35.17
N ILE G 114 2.43 -27.50 -36.48
CA ILE G 114 1.68 -26.62 -37.38
C ILE G 114 0.40 -27.33 -37.79
N VAL G 115 -0.73 -26.63 -37.60
CA VAL G 115 -2.05 -27.12 -37.97
C VAL G 115 -2.50 -26.32 -39.18
N THR G 116 -2.80 -27.01 -40.27
CA THR G 116 -3.20 -26.43 -41.54
C THR G 116 -4.68 -26.67 -41.81
N PRO G 117 -5.29 -25.89 -42.72
CA PRO G 117 -6.70 -26.14 -43.06
C PRO G 117 -6.96 -27.51 -43.63
N ASP G 118 -5.95 -28.15 -44.24
CA ASP G 118 -6.15 -29.46 -44.81
C ASP G 118 -6.46 -30.48 -43.72
N GLU G 119 -5.69 -30.47 -42.65
CA GLU G 119 -5.96 -31.37 -41.54
C GLU G 119 -7.20 -30.93 -40.77
N ASP G 120 -7.30 -29.63 -40.46
CA ASP G 120 -8.38 -29.08 -39.63
C ASP G 120 -9.31 -28.29 -40.56
N ALA G 121 -10.42 -28.91 -40.94
CA ALA G 121 -11.37 -28.29 -41.86
C ALA G 121 -12.07 -27.08 -41.26
N SER G 122 -12.12 -26.97 -39.93
CA SER G 122 -12.80 -25.85 -39.29
C SER G 122 -12.10 -24.53 -39.50
N LEU G 123 -10.83 -24.55 -39.92
CA LEU G 123 -10.10 -23.31 -40.17
C LEU G 123 -10.53 -22.61 -41.46
N LEU G 124 -11.26 -23.29 -42.33
CA LEU G 124 -11.79 -22.64 -43.52
C LEU G 124 -12.81 -21.58 -43.13
N ASP G 125 -12.92 -20.56 -43.96
CA ASP G 125 -13.87 -19.47 -43.71
C ASP G 125 -15.30 -20.01 -43.78
N GLN G 126 -16.03 -19.88 -42.68
CA GLN G 126 -17.42 -20.32 -42.58
C GLN G 126 -18.36 -19.15 -42.36
N THR G 127 -18.03 -17.98 -42.92
CA THR G 127 -18.94 -16.84 -42.92
C THR G 127 -19.85 -16.96 -44.14
N SER G 128 -21.15 -17.05 -43.89
CA SER G 128 -22.11 -17.27 -44.96
C SER G 128 -22.15 -16.07 -45.90
N GLY G 129 -22.27 -16.36 -47.20
CA GLY G 129 -22.47 -15.32 -48.19
C GLY G 129 -21.35 -14.31 -48.32
N VAL G 130 -20.12 -14.79 -48.45
CA VAL G 130 -18.97 -13.93 -48.70
C VAL G 130 -18.18 -14.54 -49.85
N PRO G 131 -17.34 -13.75 -50.55
CA PRO G 131 -16.58 -14.38 -51.65
C PRO G 131 -15.51 -15.35 -51.17
N SER G 132 -14.99 -15.18 -49.96
CA SER G 132 -13.93 -16.03 -49.42
C SER G 132 -14.48 -17.25 -48.67
N TYR G 133 -15.74 -17.60 -48.90
CA TYR G 133 -16.36 -18.72 -48.21
C TYR G 133 -15.65 -20.01 -48.56
N PHE G 134 -15.34 -20.81 -47.53
CA PHE G 134 -14.64 -22.09 -47.63
C PHE G 134 -13.23 -21.96 -48.18
N SER G 135 -12.67 -20.75 -48.27
CA SER G 135 -11.32 -20.56 -48.75
C SER G 135 -10.31 -20.80 -47.63
N LYS G 136 -9.14 -21.28 -48.01
CA LYS G 136 -8.07 -21.50 -47.05
C LYS G 136 -7.57 -20.17 -46.49
N GLY G 137 -7.00 -20.23 -45.30
CA GLY G 137 -6.51 -19.04 -44.61
C GLY G 137 -5.31 -19.34 -43.75
N ALA G 138 -5.19 -18.59 -42.65
CA ALA G 138 -4.00 -18.69 -41.80
C ALA G 138 -3.97 -20.04 -41.07
N ASP G 139 -2.76 -20.58 -40.93
CA ASP G 139 -2.56 -21.80 -40.15
C ASP G 139 -2.65 -21.48 -38.66
N ARG G 140 -2.42 -22.49 -37.82
CA ARG G 140 -2.39 -22.31 -36.37
C ARG G 140 -1.20 -23.06 -35.78
N LEU G 141 -0.53 -22.42 -34.83
CA LEU G 141 0.59 -23.02 -34.11
C LEU G 141 0.05 -23.73 -32.88
N GLU G 142 0.10 -25.06 -32.88
CA GLU G 142 -0.42 -25.87 -31.79
C GLU G 142 0.74 -26.35 -30.95
N GLU G 143 0.67 -26.10 -29.64
CA GLU G 143 1.74 -26.42 -28.69
C GLU G 143 1.15 -27.31 -27.59
N LYS G 144 1.27 -28.63 -27.77
CA LYS G 144 0.71 -29.61 -26.86
C LYS G 144 1.76 -30.02 -25.84
N MET G 145 1.38 -29.99 -24.56
CA MET G 145 2.26 -30.38 -23.46
C MET G 145 2.14 -31.87 -23.19
N SER G 146 3.28 -32.51 -22.96
CA SER G 146 3.32 -33.95 -22.71
C SER G 146 4.26 -34.22 -21.56
N LEU G 147 4.04 -35.35 -20.89
CA LEU G 147 4.83 -35.73 -19.73
C LEU G 147 6.09 -36.48 -20.15
N THR G 148 7.18 -36.25 -19.42
CA THR G 148 8.45 -36.91 -19.72
C THR G 148 9.14 -37.27 -18.41
N VAL G 149 10.09 -38.19 -18.50
CA VAL G 149 10.85 -38.67 -17.35
C VAL G 149 12.33 -38.60 -17.71
N ASN G 150 13.11 -37.93 -16.86
CA ASN G 150 14.56 -37.81 -17.04
C ASN G 150 14.91 -37.18 -18.39
N ASP G 151 14.10 -36.21 -18.81
CA ASP G 151 14.35 -35.47 -20.04
C ASP G 151 14.96 -34.12 -19.69
N PRO G 152 16.26 -33.88 -19.94
CA PRO G 152 16.85 -32.61 -19.51
C PRO G 152 16.28 -31.39 -20.21
N THR G 153 15.70 -31.55 -21.40
CA THR G 153 15.13 -30.43 -22.12
C THR G 153 13.78 -30.00 -21.55
N SER G 154 13.09 -30.89 -20.84
CA SER G 154 11.78 -30.59 -20.30
C SER G 154 11.88 -29.71 -19.05
N ALA G 155 10.79 -29.03 -18.73
CA ALA G 155 10.70 -28.21 -17.53
C ALA G 155 10.30 -29.11 -16.37
N THR G 156 11.19 -29.28 -15.41
CA THR G 156 10.94 -30.19 -14.30
C THR G 156 9.78 -29.68 -13.45
N ILE G 157 8.94 -30.61 -13.00
CA ILE G 157 7.82 -30.29 -12.11
C ILE G 157 7.90 -31.08 -10.82
N TYR G 158 8.49 -32.29 -10.87
CA TYR G 158 8.67 -33.11 -9.69
C TYR G 158 10.00 -33.84 -9.74
N THR G 159 10.50 -34.21 -8.56
CA THR G 159 11.71 -35.02 -8.43
C THR G 159 11.47 -36.12 -7.41
N PHE G 160 11.90 -37.33 -7.76
CA PHE G 160 11.71 -38.52 -6.93
C PHE G 160 13.05 -39.19 -6.62
N MET G 161 13.10 -39.85 -5.46
CA MET G 161 14.25 -40.64 -5.04
C MET G 161 13.74 -42.00 -4.56
N ASP G 162 14.04 -43.04 -5.32
CA ASP G 162 13.60 -44.41 -4.99
C ASP G 162 12.08 -44.48 -4.86
N GLY G 163 11.38 -43.80 -5.76
CA GLY G 163 9.93 -43.82 -5.74
C GLY G 163 9.30 -42.99 -4.65
N ASP G 164 10.07 -42.12 -3.98
CA ASP G 164 9.58 -41.25 -2.93
C ASP G 164 9.74 -39.79 -3.33
N LEU G 165 8.73 -38.98 -3.01
CA LEU G 165 8.77 -37.57 -3.35
C LEU G 165 9.91 -36.88 -2.60
N TYR G 166 10.62 -36.02 -3.31
CA TYR G 166 11.82 -35.36 -2.79
C TYR G 166 11.52 -34.03 -2.12
N ILE G 167 10.78 -33.14 -2.80
CA ILE G 167 10.46 -31.81 -2.29
C ILE G 167 8.99 -31.54 -2.54
N GLN G 168 8.33 -30.89 -1.58
CA GLN G 168 6.96 -30.44 -1.74
C GLN G 168 6.87 -28.94 -1.97
N SER G 169 5.69 -28.50 -2.42
CA SER G 169 5.43 -27.06 -2.54
C SER G 169 3.93 -26.85 -2.38
N THR G 170 3.54 -26.35 -1.20
CA THR G 170 2.11 -26.24 -0.89
C THR G 170 1.43 -25.18 -1.74
N ASN G 171 2.13 -24.13 -2.15
CA ASN G 171 1.52 -23.04 -2.89
C ASN G 171 2.39 -22.72 -4.10
N ALA G 172 2.07 -21.62 -4.78
CA ALA G 172 2.73 -21.25 -6.02
C ALA G 172 4.24 -21.04 -5.82
N GLU G 173 5.01 -21.46 -6.82
CA GLU G 173 6.46 -21.28 -6.82
C GLU G 173 6.82 -20.07 -7.67
N MET G 174 7.71 -19.22 -7.14
CA MET G 174 8.16 -18.01 -7.81
C MET G 174 9.64 -17.84 -7.48
N ASP G 175 10.49 -18.25 -8.43
CA ASP G 175 11.93 -18.34 -8.18
C ASP G 175 12.54 -16.97 -7.90
N LYS G 176 12.23 -15.97 -8.73
CA LYS G 176 12.81 -14.64 -8.52
C LYS G 176 12.33 -14.03 -7.21
N ILE G 177 11.06 -14.22 -6.87
CA ILE G 177 10.57 -13.79 -5.57
C ILE G 177 11.25 -14.59 -4.47
N ASN G 178 11.42 -15.90 -4.69
CA ASN G 178 11.98 -16.78 -3.67
C ASN G 178 13.40 -16.38 -3.31
N LYS G 179 14.18 -15.95 -4.30
CA LYS G 179 15.54 -15.47 -4.03
C LYS G 179 15.56 -14.27 -3.08
N VAL G 180 14.72 -13.27 -3.36
CA VAL G 180 14.65 -12.09 -2.52
C VAL G 180 14.20 -12.47 -1.12
N LEU G 181 13.16 -13.32 -1.03
CA LEU G 181 12.67 -13.72 0.29
C LEU G 181 13.73 -14.49 1.05
N ALA G 182 14.47 -15.37 0.37
CA ALA G 182 15.55 -16.11 1.01
C ALA G 182 16.62 -15.18 1.54
N GLU G 183 16.98 -14.15 0.75
CA GLU G 183 17.95 -13.16 1.21
C GLU G 183 17.47 -12.47 2.48
N ARG G 184 16.23 -11.99 2.46
CA ARG G 184 15.68 -11.30 3.63
C ARG G 184 15.64 -12.22 4.84
N THR G 185 15.20 -13.47 4.65
CA THR G 185 15.08 -14.40 5.77
C THR G 185 16.44 -14.77 6.34
N TYR G 186 17.43 -14.97 5.47
CA TYR G 186 18.75 -15.34 5.95
C TYR G 186 19.40 -14.19 6.69
N ASP G 187 19.19 -12.97 6.19
CA ASP G 187 19.71 -11.79 6.87
C ASP G 187 19.04 -11.61 8.23
N GLU G 188 17.73 -11.84 8.31
CA GLU G 188 17.01 -11.56 9.55
C GLU G 188 17.29 -12.64 10.60
N SER G 189 17.27 -13.91 10.20
CA SER G 189 17.27 -15.02 11.14
C SER G 189 18.33 -16.08 10.87
N GLY G 190 18.86 -16.19 9.64
CA GLY G 190 19.79 -17.25 9.34
C GLY G 190 19.07 -18.56 9.07
N SER G 191 19.85 -19.64 9.08
CA SER G 191 19.32 -20.97 8.83
C SER G 191 18.81 -21.58 10.12
N TYR G 192 17.66 -22.26 10.04
CA TYR G 192 17.06 -22.85 11.22
C TYR G 192 16.11 -23.96 10.79
N LYS G 193 15.79 -24.84 11.73
CA LYS G 193 14.83 -25.91 11.51
C LYS G 193 13.46 -25.51 12.05
N VAL G 194 12.42 -26.02 11.39
CA VAL G 194 11.04 -25.81 11.80
C VAL G 194 10.54 -27.01 12.60
N ASN G 195 10.61 -28.20 12.01
CA ASN G 195 10.18 -29.43 12.68
C ASN G 195 10.80 -30.64 12.00
N GLY G 196 10.81 -31.76 12.73
CA GLY G 196 11.16 -33.03 12.14
C GLY G 196 12.66 -33.25 12.11
N PHE G 197 13.10 -34.04 11.13
CA PHE G 197 14.51 -34.38 10.92
C PHE G 197 15.12 -35.03 12.17
N GLU G 198 14.40 -35.98 12.74
CA GLU G 198 14.96 -36.82 13.79
C GLU G 198 15.74 -37.98 13.19
N LEU G 199 16.79 -38.40 13.90
CA LEU G 199 17.66 -39.47 13.45
C LEU G 199 17.29 -40.77 14.17
N PHE G 200 17.18 -41.86 13.42
CA PHE G 200 16.90 -43.18 13.97
C PHE G 200 17.82 -44.19 13.32
N SER G 201 18.33 -45.13 14.12
CA SER G 201 19.19 -46.19 13.64
C SER G 201 18.39 -47.47 13.44
N GLU G 202 18.48 -48.05 12.24
CA GLU G 202 17.73 -49.25 11.88
C GLU G 202 18.60 -50.47 11.63
N GLY G 203 19.84 -50.28 11.19
CA GLY G 203 20.71 -51.40 10.90
C GLY G 203 20.25 -52.28 9.77
N ASN G 204 19.68 -51.71 8.72
CA ASN G 204 19.27 -52.50 7.57
C ASN G 204 20.50 -53.10 6.88
N ALA G 205 20.36 -54.36 6.45
CA ALA G 205 21.49 -55.12 5.92
C ALA G 205 21.61 -54.97 4.41
N GLU G 206 21.72 -53.71 3.97
CA GLU G 206 22.01 -53.44 2.56
C GLU G 206 23.46 -53.79 2.23
N ASP G 207 24.38 -53.55 3.16
CA ASP G 207 25.78 -53.91 2.98
C ASP G 207 26.41 -54.13 4.35
N ASP G 208 27.21 -55.20 4.44
CA ASP G 208 27.84 -55.53 5.72
C ASP G 208 28.75 -54.41 6.22
N ASP G 209 29.34 -53.63 5.31
CA ASP G 209 30.29 -52.59 5.66
C ASP G 209 29.64 -51.25 5.96
N HIS G 210 28.31 -51.19 6.08
CA HIS G 210 27.59 -49.94 6.27
C HIS G 210 26.54 -50.10 7.37
N VAL G 211 26.20 -49.00 8.03
CA VAL G 211 25.12 -48.98 9.00
C VAL G 211 24.08 -47.97 8.51
N SER G 212 22.84 -48.44 8.35
CA SER G 212 21.77 -47.61 7.84
C SER G 212 21.21 -46.71 8.93
N VAL G 213 20.91 -45.47 8.56
CA VAL G 213 20.32 -44.48 9.45
C VAL G 213 19.14 -43.86 8.70
N VAL G 214 18.05 -43.62 9.43
CA VAL G 214 16.84 -43.02 8.88
C VAL G 214 16.71 -41.61 9.44
N VAL G 215 16.49 -40.65 8.55
CA VAL G 215 16.21 -39.26 8.88
C VAL G 215 14.72 -39.02 8.66
N ASP G 216 14.02 -38.65 9.73
CA ASP G 216 12.58 -38.46 9.67
C ASP G 216 12.22 -37.23 8.83
N ALA G 217 11.01 -37.24 8.30
CA ALA G 217 10.51 -36.12 7.53
C ALA G 217 10.42 -34.87 8.40
N GLY G 218 10.70 -33.72 7.79
CA GLY G 218 10.70 -32.46 8.52
C GLY G 218 10.73 -31.30 7.56
N LYS G 219 10.79 -30.09 8.14
CA LYS G 219 10.73 -28.85 7.39
C LYS G 219 11.79 -27.91 7.94
N ALA G 220 12.49 -27.22 7.03
CA ALA G 220 13.56 -26.33 7.46
C ALA G 220 13.75 -25.24 6.41
N TYR G 221 14.42 -24.17 6.82
CA TYR G 221 14.75 -23.02 5.97
C TYR G 221 16.27 -22.86 5.96
N VAL G 222 16.92 -23.34 4.90
CA VAL G 222 18.37 -23.32 4.80
C VAL G 222 18.74 -22.25 3.79
N LYS G 223 19.56 -21.30 4.21
CA LYS G 223 19.96 -20.14 3.41
C LYS G 223 18.76 -19.30 2.96
N GLY G 224 17.65 -19.39 3.70
CA GLY G 224 16.44 -18.68 3.36
C GLY G 224 15.49 -19.43 2.45
N PHE G 225 15.90 -20.56 1.88
CA PHE G 225 15.06 -21.36 1.01
C PHE G 225 14.40 -22.48 1.81
N LYS G 226 13.08 -22.61 1.67
CA LYS G 226 12.36 -23.63 2.41
C LYS G 226 12.74 -25.01 1.89
N VAL G 227 12.84 -25.97 2.81
CA VAL G 227 13.18 -27.35 2.50
C VAL G 227 12.18 -28.23 3.25
N ASP G 228 11.11 -28.62 2.57
CA ASP G 228 10.06 -29.45 3.13
C ASP G 228 10.16 -30.84 2.50
N LYS G 229 10.42 -31.86 3.34
CA LYS G 229 10.46 -33.25 2.91
C LYS G 229 9.23 -33.99 3.39
N PRO G 230 8.48 -34.72 2.52
CA PRO G 230 7.26 -35.37 3.01
C PRO G 230 7.51 -36.66 3.76
N VAL G 231 8.54 -37.41 3.35
CA VAL G 231 8.81 -38.75 3.89
C VAL G 231 10.27 -38.82 4.32
N SER G 232 10.57 -39.84 5.12
CA SER G 232 11.92 -39.99 5.65
C SER G 232 12.92 -40.32 4.54
N THR G 233 14.19 -40.04 4.81
CA THR G 233 15.27 -40.37 3.89
C THR G 233 16.20 -41.38 4.56
N ARG G 234 16.62 -42.39 3.82
CA ARG G 234 17.56 -43.39 4.32
C ARG G 234 18.99 -43.07 3.88
N ILE G 235 19.91 -43.05 4.85
CA ILE G 235 21.31 -42.80 4.61
C ILE G 235 22.11 -43.91 5.29
N SER G 236 23.35 -44.08 4.83
CA SER G 236 24.21 -45.14 5.33
C SER G 236 25.61 -44.57 5.56
N VAL G 237 26.19 -44.94 6.70
CA VAL G 237 27.53 -44.49 7.09
C VAL G 237 28.49 -45.68 6.99
N PRO G 238 29.72 -45.51 6.49
CA PRO G 238 30.64 -46.65 6.45
C PRO G 238 31.12 -47.02 7.85
N LYS G 239 31.30 -48.31 8.05
CA LYS G 239 31.80 -48.82 9.32
C LYS G 239 33.25 -48.38 9.53
N SER G 240 33.62 -48.23 10.80
CA SER G 240 34.95 -47.78 11.18
C SER G 240 35.86 -49.01 11.30
N TYR G 241 36.93 -49.03 10.51
CA TYR G 241 37.93 -50.09 10.54
C TYR G 241 39.35 -49.59 10.77
N ASP G 242 39.55 -48.28 10.93
CA ASP G 242 40.89 -47.75 11.19
C ASP G 242 41.38 -48.19 12.56
N LEU G 243 42.67 -48.53 12.63
CA LEU G 243 43.25 -49.19 13.78
C LEU G 243 44.20 -48.27 14.52
N GLY G 244 44.11 -48.29 15.85
CA GLY G 244 45.07 -47.61 16.72
C GLY G 244 46.03 -48.61 17.31
N THR G 245 47.31 -48.25 17.29
CA THR G 245 48.40 -49.14 17.68
C THR G 245 48.87 -48.79 19.09
N ALA G 246 48.93 -49.79 19.96
CA ALA G 246 49.49 -49.64 21.29
C ALA G 246 50.77 -50.46 21.34
N GLU G 247 51.88 -49.84 21.75
CA GLU G 247 53.17 -50.49 21.83
C GLU G 247 53.78 -50.28 23.21
N ASN G 248 54.57 -51.27 23.64
CA ASN G 248 55.31 -51.21 24.90
C ASN G 248 54.37 -51.04 26.08
N GLU G 249 53.20 -51.66 26.02
CA GLU G 249 52.28 -51.63 27.16
C GLU G 249 52.86 -52.49 28.27
N SER G 250 53.17 -51.86 29.40
CA SER G 250 53.93 -52.50 30.47
C SER G 250 53.02 -52.97 31.59
N THR G 251 53.24 -54.21 32.02
CA THR G 251 52.56 -54.78 33.17
C THR G 251 53.53 -55.74 33.84
N ILE G 252 53.64 -55.65 35.16
CA ILE G 252 54.51 -56.55 35.91
C ILE G 252 53.82 -57.90 36.03
N PHE G 253 54.52 -58.96 35.65
CA PHE G 253 54.00 -60.31 35.77
C PHE G 253 54.15 -60.80 37.20
N ASN G 254 53.13 -61.50 37.69
CA ASN G 254 53.11 -62.06 39.03
C ASN G 254 52.96 -63.58 38.93
N LYS G 255 53.82 -64.31 39.65
CA LYS G 255 53.70 -65.76 39.66
C LYS G 255 52.37 -66.19 40.29
N SER G 256 51.84 -65.38 41.21
CA SER G 256 50.58 -65.76 41.87
C SER G 256 49.40 -65.61 40.94
N ASN G 257 49.45 -64.67 40.00
CA ASN G 257 48.37 -64.41 39.05
C ASN G 257 48.96 -64.29 37.66
N ASN G 258 48.70 -65.29 36.82
CA ASN G 258 49.30 -65.33 35.48
C ASN G 258 48.63 -64.37 34.51
N SER G 259 47.33 -64.11 34.68
CA SER G 259 46.59 -63.30 33.74
C SER G 259 47.02 -61.84 33.79
N ILE G 260 47.06 -61.19 32.62
CA ILE G 260 47.34 -59.76 32.54
C ILE G 260 46.39 -59.15 31.53
N SER G 261 45.85 -57.97 31.84
CA SER G 261 44.79 -57.37 31.03
C SER G 261 45.37 -56.37 30.03
N LEU G 262 44.62 -56.16 28.94
CA LEU G 262 44.96 -55.15 27.95
C LEU G 262 44.04 -53.94 28.12
N ALA G 263 44.62 -52.75 28.01
CA ALA G 263 43.89 -51.52 28.34
C ALA G 263 42.80 -51.24 27.31
N ASN G 264 43.13 -51.31 26.02
CA ASN G 264 42.17 -51.03 24.97
C ASN G 264 41.26 -52.23 24.75
N SER G 265 39.95 -51.97 24.70
CA SER G 265 38.99 -53.06 24.69
C SER G 265 38.94 -53.76 23.33
N PRO G 266 38.56 -53.11 22.24
CA PRO G 266 38.42 -53.84 20.97
C PRO G 266 39.75 -54.26 20.37
N VAL G 267 40.33 -55.32 20.91
CA VAL G 267 41.62 -55.81 20.43
C VAL G 267 41.37 -56.62 19.16
N LYS G 268 42.17 -56.35 18.13
CA LYS G 268 42.13 -57.10 16.88
C LYS G 268 43.13 -58.26 16.91
N GLU G 269 44.42 -57.94 17.08
CA GLU G 269 45.48 -58.94 17.07
C GLU G 269 46.62 -58.46 17.95
N ILE G 270 47.35 -59.41 18.53
CA ILE G 270 48.52 -59.10 19.35
C ILE G 270 49.75 -59.29 18.49
N ARG G 271 50.52 -58.22 18.31
CA ARG G 271 51.68 -58.27 17.41
C ARG G 271 52.84 -59.04 18.02
N ARG G 272 53.13 -58.81 19.30
CA ARG G 272 54.29 -59.41 19.93
C ARG G 272 54.11 -59.38 21.43
N VAL G 273 54.47 -60.49 22.08
CA VAL G 273 54.51 -60.59 23.53
C VAL G 273 55.92 -61.06 23.89
N THR G 274 56.59 -60.33 24.78
CA THR G 274 57.95 -60.62 25.19
C THR G 274 58.05 -60.54 26.70
N GLY G 275 58.86 -61.43 27.29
CA GLY G 275 59.02 -61.44 28.74
C GLY G 275 60.29 -62.16 29.15
N MET G 359 57.07 -64.53 22.87
CA MET G 359 56.14 -65.59 23.19
C MET G 359 55.29 -65.92 21.96
N GLU G 360 54.76 -67.14 21.90
CA GLU G 360 54.00 -67.64 20.76
C GLU G 360 52.57 -67.92 21.20
N ALA G 361 51.60 -67.40 20.45
CA ALA G 361 50.21 -67.57 20.82
C ALA G 361 49.81 -69.04 20.68
N GLY G 362 49.10 -69.57 21.67
CA GLY G 362 48.69 -70.96 21.67
C GLY G 362 49.75 -71.95 22.09
N LYS G 363 50.98 -71.52 22.29
CA LYS G 363 52.07 -72.36 22.75
C LYS G 363 52.61 -71.91 24.10
N ASP G 364 52.93 -70.62 24.22
CA ASP G 364 53.37 -70.00 25.47
C ASP G 364 52.23 -69.34 26.23
N TYR G 365 51.16 -68.94 25.55
CA TYR G 365 50.03 -68.27 26.19
C TYR G 365 48.79 -68.52 25.34
N GLU G 366 47.63 -68.30 25.95
CA GLU G 366 46.34 -68.35 25.28
C GLU G 366 45.55 -67.09 25.58
N VAL G 367 44.78 -66.63 24.60
CA VAL G 367 44.04 -65.38 24.70
C VAL G 367 42.57 -65.73 24.96
N THR G 368 41.96 -65.06 25.93
CA THR G 368 40.56 -65.29 26.25
C THR G 368 39.87 -63.95 26.47
N THR G 369 38.56 -64.00 26.69
CA THR G 369 37.78 -62.79 26.97
C THR G 369 36.69 -63.14 27.97
N GLN G 370 36.22 -62.11 28.68
CA GLN G 370 35.20 -62.26 29.71
C GLN G 370 33.91 -61.55 29.31
N GLY G 371 33.96 -60.25 29.10
CA GLY G 371 32.77 -59.45 28.93
C GLY G 371 32.24 -59.46 27.51
N GLU G 372 31.37 -58.49 27.23
CA GLU G 372 30.81 -58.27 25.91
C GLU G 372 30.66 -56.78 25.66
N GLY G 373 30.62 -56.41 24.38
CA GLY G 373 30.45 -55.00 24.02
C GLY G 373 31.66 -54.17 24.38
N LEU G 374 31.40 -52.91 24.75
CA LEU G 374 32.48 -51.99 25.10
C LEU G 374 33.22 -52.45 26.34
N SER G 375 32.53 -53.12 27.26
CA SER G 375 33.17 -53.60 28.48
C SER G 375 33.99 -54.87 28.27
N LYS G 376 33.98 -55.43 27.06
CA LYS G 376 34.76 -56.64 26.78
C LYS G 376 36.24 -56.37 26.97
N LYS G 377 36.94 -57.39 27.47
CA LYS G 377 38.37 -57.30 27.75
C LYS G 377 39.11 -58.49 27.18
N TRP G 378 40.37 -58.28 26.85
CA TRP G 378 41.28 -59.33 26.38
C TRP G 378 42.36 -59.56 27.42
N TYR G 379 42.69 -60.83 27.65
CA TYR G 379 43.66 -61.22 28.67
C TYR G 379 44.67 -62.21 28.09
N ILE G 380 45.91 -62.09 28.55
CA ILE G 380 46.98 -63.04 28.24
C ILE G 380 47.17 -63.88 29.49
N ASN G 381 46.90 -65.18 29.39
CA ASN G 381 46.80 -66.03 30.58
C ASN G 381 48.07 -66.80 30.91
N PHE G 382 48.92 -67.12 29.92
CA PHE G 382 50.08 -67.99 30.14
C PHE G 382 49.65 -69.31 30.77
N THR G 383 48.57 -69.88 30.22
CA THR G 383 47.99 -71.08 30.81
C THR G 383 48.82 -72.35 30.58
N PRO G 384 49.29 -72.65 29.35
CA PRO G 384 49.91 -73.96 29.10
C PRO G 384 51.09 -74.26 30.03
N SER G 385 51.14 -75.51 30.49
CA SER G 385 52.16 -75.92 31.45
C SER G 385 53.55 -75.88 30.81
N ASN G 386 53.69 -76.50 29.65
CA ASN G 386 54.97 -76.55 28.95
C ASN G 386 55.36 -75.21 28.32
N GLY G 387 54.45 -74.25 28.21
CA GLY G 387 54.81 -72.98 27.63
C GLY G 387 55.76 -72.19 28.50
N ALA G 388 56.59 -71.38 27.87
CA ALA G 388 57.54 -70.56 28.62
C ALA G 388 56.81 -69.38 29.27
N LYS G 389 57.01 -69.22 30.58
CA LYS G 389 56.40 -68.16 31.37
C LYS G 389 57.42 -67.11 31.79
N PRO G 390 57.00 -65.85 32.00
CA PRO G 390 58.01 -64.89 32.47
C PRO G 390 58.56 -65.20 33.86
N VAL G 395 58.62 -57.53 34.00
CA VAL G 395 57.80 -56.73 33.11
C VAL G 395 57.56 -57.48 31.80
N VAL G 396 56.30 -57.49 31.38
CA VAL G 396 55.87 -58.09 30.12
C VAL G 396 55.38 -56.95 29.24
N LEU G 397 55.91 -56.88 28.02
CA LEU G 397 55.52 -55.89 27.03
C LEU G 397 54.65 -56.55 25.96
N VAL G 398 53.50 -55.93 25.68
CA VAL G 398 52.54 -56.43 24.70
C VAL G 398 52.33 -55.33 23.66
N ASP G 399 52.47 -55.70 22.39
CA ASP G 399 52.17 -54.83 21.26
C ASP G 399 50.96 -55.39 20.53
N TYR G 400 49.94 -54.55 20.32
CA TYR G 400 48.69 -55.02 19.73
C TYR G 400 48.00 -53.83 19.10
N THR G 401 47.02 -54.15 18.25
CA THR G 401 46.22 -53.15 17.55
C THR G 401 44.75 -53.30 17.93
N TYR G 402 44.02 -52.19 17.83
CA TYR G 402 42.62 -52.13 18.23
C TYR G 402 41.87 -51.18 17.31
N TYR G 403 40.59 -51.47 17.12
CA TYR G 403 39.75 -50.64 16.26
C TYR G 403 39.48 -49.29 16.91
N LEU G 404 39.28 -48.29 16.05
CA LEU G 404 38.97 -46.93 16.47
C LEU G 404 37.54 -46.56 16.11
N ALA G 405 36.92 -45.76 16.97
CA ALA G 405 35.58 -45.25 16.72
C ALA G 405 35.63 -43.99 15.86
N ARG G 406 34.52 -43.72 15.19
CA ARG G 406 34.38 -42.52 14.36
C ARG G 406 33.03 -41.87 14.68
N LYS G 407 33.02 -40.54 14.67
CA LYS G 407 31.81 -39.75 14.88
C LYS G 407 31.61 -38.83 13.68
N ASP G 408 30.43 -38.91 13.07
CA ASP G 408 30.10 -38.17 11.86
C ASP G 408 28.97 -37.18 12.13
N SER G 409 28.87 -36.17 11.28
CA SER G 409 27.88 -35.11 11.37
C SER G 409 26.99 -35.16 10.14
N VAL G 410 25.69 -34.98 10.35
CA VAL G 410 24.69 -35.03 9.28
C VAL G 410 24.33 -33.59 8.94
N PHE G 411 24.25 -33.30 7.64
CA PHE G 411 23.98 -31.95 7.14
C PHE G 411 22.95 -32.00 6.03
N ILE G 412 22.23 -30.89 5.85
CA ILE G 412 21.27 -30.73 4.78
C ILE G 412 21.53 -29.37 4.14
N ASN G 413 21.49 -29.33 2.81
CA ASN G 413 21.68 -28.10 2.07
C ASN G 413 20.34 -27.53 1.61
N LYS G 414 20.40 -26.36 0.98
CA LYS G 414 19.18 -25.70 0.50
C LYS G 414 18.47 -26.51 -0.57
N TYR G 415 19.16 -27.45 -1.23
CA TYR G 415 18.54 -28.28 -2.26
C TYR G 415 17.79 -29.47 -1.67
N GLY G 416 17.90 -29.71 -0.36
CA GLY G 416 17.32 -30.87 0.26
C GLY G 416 18.16 -32.13 0.21
N ASP G 417 19.46 -32.01 -0.07
CA ASP G 417 20.35 -33.16 -0.20
C ASP G 417 20.97 -33.45 1.16
N ILE G 418 20.57 -34.55 1.80
CA ILE G 418 21.13 -34.88 3.10
C ILE G 418 22.49 -35.50 2.84
N ALA G 419 23.51 -35.08 3.59
CA ALA G 419 24.87 -35.53 3.37
C ALA G 419 25.55 -35.72 4.72
N ILE G 420 26.70 -36.42 4.69
CA ILE G 420 27.44 -36.79 5.89
C ILE G 420 28.90 -36.45 5.66
N LEU G 421 29.52 -35.76 6.64
CA LEU G 421 30.96 -35.48 6.62
C LEU G 421 31.66 -36.42 7.58
N PRO G 422 32.67 -37.20 7.17
CA PRO G 422 33.29 -38.12 8.11
C PRO G 422 34.25 -37.41 9.04
N GLY G 423 34.16 -37.74 10.33
CA GLY G 423 35.06 -37.20 11.32
C GLY G 423 36.36 -37.97 11.42
N GLU G 424 37.26 -37.45 12.24
CA GLU G 424 38.56 -38.09 12.43
C GLU G 424 38.38 -39.34 13.30
N PRO G 425 38.89 -40.51 12.88
CA PRO G 425 38.79 -41.68 13.77
C PRO G 425 39.62 -41.52 15.03
N ASN G 426 39.04 -41.94 16.15
CA ASN G 426 39.70 -41.85 17.44
C ASN G 426 38.98 -42.79 18.40
N ILE G 427 39.62 -43.03 19.55
CA ILE G 427 39.04 -43.87 20.58
C ILE G 427 37.72 -43.24 21.02
N MET G 428 36.83 -44.06 21.59
CA MET G 428 35.51 -43.57 21.98
C MET G 428 35.59 -42.46 23.02
N ARG G 429 36.62 -42.47 23.88
CA ARG G 429 36.70 -41.45 24.92
C ARG G 429 37.07 -40.09 24.33
N LEU G 430 37.75 -40.06 23.18
CA LEU G 430 38.26 -38.84 22.58
C LEU G 430 37.59 -38.48 21.26
N VAL G 431 36.73 -39.33 20.71
CA VAL G 431 36.14 -39.05 19.41
C VAL G 431 35.24 -37.82 19.50
N THR G 432 35.31 -36.97 18.49
CA THR G 432 34.51 -35.75 18.39
C THR G 432 34.03 -35.58 16.96
N PRO G 433 32.91 -34.90 16.73
CA PRO G 433 32.39 -34.77 15.37
C PRO G 433 33.22 -33.77 14.59
N PRO G 434 33.16 -33.80 13.25
CA PRO G 434 33.99 -32.88 12.47
C PRO G 434 33.48 -31.45 12.60
N LEU G 435 34.41 -30.50 12.53
CA LEU G 435 34.09 -29.10 12.74
C LEU G 435 33.85 -28.46 11.38
N ASN G 436 32.69 -27.80 11.24
CA ASN G 436 32.29 -27.21 9.98
C ASN G 436 31.72 -25.82 10.21
N THR G 437 31.97 -24.91 9.28
CA THR G 437 31.44 -23.55 9.35
C THR G 437 30.85 -23.10 8.02
N ASP G 438 30.40 -24.03 7.19
CA ASP G 438 29.81 -23.65 5.91
C ASP G 438 28.41 -23.08 6.14
N PRO G 439 28.12 -21.81 5.81
CA PRO G 439 26.76 -21.30 6.03
C PRO G 439 25.71 -21.98 5.18
N GLU G 440 26.08 -22.63 4.08
CA GLU G 440 25.09 -23.17 3.16
C GLU G 440 24.42 -24.43 3.68
N ASN G 441 24.93 -25.03 4.75
CA ASN G 441 24.46 -26.30 5.29
C ASN G 441 23.87 -26.10 6.67
N LEU G 442 22.83 -26.87 6.97
CA LEU G 442 22.25 -26.92 8.31
C LEU G 442 22.55 -28.27 8.93
N GLN G 443 23.17 -28.25 10.12
CA GLN G 443 23.54 -29.48 10.80
C GLN G 443 22.30 -30.06 11.47
N LEU G 444 21.96 -31.29 11.12
CA LEU G 444 20.81 -31.96 11.71
C LEU G 444 21.16 -32.73 12.96
N GLY G 445 22.40 -33.22 13.05
CA GLY G 445 22.81 -33.97 14.23
C GLY G 445 24.13 -34.65 13.97
N THR G 446 24.44 -35.63 14.82
CA THR G 446 25.65 -36.43 14.70
C THR G 446 25.30 -37.90 14.89
N VAL G 447 26.07 -38.75 14.21
CA VAL G 447 25.95 -40.21 14.30
C VAL G 447 27.30 -40.73 14.72
N THR G 448 27.35 -41.45 15.84
CA THR G 448 28.56 -42.09 16.33
C THR G 448 28.42 -43.60 16.11
N VAL G 449 29.44 -44.18 15.48
CA VAL G 449 29.50 -45.62 15.20
C VAL G 449 30.53 -46.25 16.13
N LEU G 450 30.12 -47.30 16.83
CA LEU G 450 31.03 -47.99 17.73
C LEU G 450 32.08 -48.75 16.94
N PRO G 451 33.28 -48.98 17.51
CA PRO G 451 34.36 -49.59 16.70
C PRO G 451 34.06 -51.02 16.31
N ASP G 452 33.86 -51.25 15.02
CA ASP G 452 33.60 -52.57 14.46
C ASP G 452 32.33 -53.18 15.08
N SER G 453 31.21 -52.51 14.81
CA SER G 453 29.93 -52.98 15.32
C SER G 453 28.82 -52.40 14.45
N ASP G 454 27.68 -53.09 14.43
CA ASP G 454 26.51 -52.59 13.73
C ASP G 454 25.78 -51.50 14.51
N GLU G 455 26.01 -51.41 15.82
CA GLU G 455 25.33 -50.42 16.63
C GLU G 455 25.86 -49.01 16.35
N ALA G 456 24.97 -48.04 16.44
CA ALA G 456 25.33 -46.65 16.25
C ALA G 456 24.45 -45.78 17.15
N VAL G 457 25.04 -44.70 17.67
CA VAL G 457 24.34 -43.74 18.52
C VAL G 457 24.05 -42.52 17.68
N CYS G 458 22.76 -42.18 17.54
CA CYS G 458 22.30 -41.01 16.82
C CYS G 458 21.70 -39.99 17.77
N ILE G 459 22.15 -38.74 17.65
CA ILE G 459 21.65 -37.62 18.43
C ILE G 459 21.35 -36.48 17.48
N SER G 460 20.30 -35.71 17.77
CA SER G 460 19.91 -34.56 16.95
C SER G 460 20.27 -33.27 17.69
N PHE G 461 21.05 -32.42 17.02
CA PHE G 461 21.46 -31.11 17.52
C PHE G 461 21.01 -30.01 16.56
N ALA G 462 19.90 -30.20 15.87
CA ALA G 462 19.49 -29.21 14.89
C ALA G 462 19.10 -27.90 15.57
N ILE G 463 19.49 -26.78 14.96
CA ILE G 463 19.01 -25.48 15.40
C ILE G 463 17.54 -25.36 15.02
N THR G 464 16.71 -25.03 16.01
CA THR G 464 15.27 -24.88 15.83
C THR G 464 14.82 -23.47 16.17
N ARG G 465 13.73 -23.05 15.56
CA ARG G 465 13.26 -21.68 15.73
C ARG G 465 12.75 -21.46 17.15
N LEU G 466 12.36 -20.23 17.43
CA LEU G 466 11.69 -19.85 18.67
C LEU G 466 10.57 -18.88 18.31
N SER G 467 9.34 -19.36 18.34
CA SER G 467 8.21 -18.50 18.03
C SER G 467 8.06 -17.39 19.08
N MET G 468 7.20 -16.43 18.77
CA MET G 468 6.99 -15.32 19.69
C MET G 468 6.39 -15.78 21.00
N GLU G 469 5.60 -16.85 20.97
CA GLU G 469 5.11 -17.43 22.22
C GLU G 469 6.27 -17.93 23.07
N ASP G 470 7.20 -18.64 22.45
CA ASP G 470 8.35 -19.18 23.18
C ASP G 470 9.20 -18.05 23.75
N LEU G 471 9.41 -17.00 22.98
CA LEU G 471 10.20 -15.87 23.46
C LEU G 471 9.52 -15.17 24.62
N GLN G 472 8.19 -15.07 24.57
CA GLN G 472 7.46 -14.48 25.69
C GLN G 472 7.57 -15.36 26.93
N LYS G 473 7.54 -16.68 26.74
CA LYS G 473 7.76 -17.60 27.86
C LYS G 473 9.15 -17.46 28.45
N VAL G 474 10.16 -17.29 27.60
CA VAL G 474 11.52 -17.05 28.10
C VAL G 474 11.55 -15.77 28.93
N LYS G 475 10.89 -14.72 28.42
CA LYS G 475 10.85 -13.44 29.11
C LYS G 475 10.17 -13.57 30.47
N THR G 476 9.11 -14.38 30.53
CA THR G 476 8.48 -14.66 31.81
C THR G 476 9.42 -15.41 32.75
N ARG G 477 10.19 -16.35 32.20
CA ARG G 477 11.14 -17.08 33.02
C ARG G 477 12.23 -16.16 33.56
N VAL G 478 12.64 -15.17 32.76
CA VAL G 478 13.57 -14.16 33.24
C VAL G 478 12.94 -13.36 34.37
N ASP G 479 11.66 -12.99 34.20
CA ASP G 479 10.94 -12.26 35.25
C ASP G 479 10.90 -13.06 36.54
N ASN G 480 10.62 -14.36 36.45
CA ASN G 480 10.64 -15.20 37.62
C ASN G 480 12.04 -15.29 38.22
N LEU G 481 13.08 -15.35 37.37
CA LEU G 481 14.45 -15.41 37.90
C LEU G 481 14.76 -14.18 38.74
N GLU G 482 14.51 -12.99 38.19
CA GLU G 482 14.81 -11.76 38.95
C GLU G 482 13.92 -11.62 40.17
N TYR G 483 12.70 -12.16 40.13
CA TYR G 483 11.88 -12.15 41.33
C TYR G 483 12.53 -13.01 42.40
N ASN G 484 12.99 -14.21 42.02
CA ASN G 484 13.64 -15.10 42.97
C ASN G 484 14.97 -14.53 43.46
N GLN G 485 15.66 -13.78 42.60
CA GLN G 485 16.89 -13.10 43.02
C GLN G 485 16.57 -12.04 44.07
N ALA G 486 15.48 -11.30 43.89
CA ALA G 486 15.08 -10.33 44.89
C ALA G 486 14.68 -11.01 46.19
N VAL G 487 14.01 -12.16 46.10
CA VAL G 487 13.63 -12.87 47.31
C VAL G 487 14.89 -13.31 48.07
N ASN G 488 15.87 -13.87 47.34
CA ASN G 488 17.11 -14.31 47.98
C ASN G 488 17.85 -13.15 48.60
N ALA G 489 17.88 -12.00 47.92
CA ALA G 489 18.51 -10.81 48.47
C ALA G 489 17.78 -10.29 49.71
N LEU G 490 16.49 -10.61 49.84
CA LEU G 490 15.73 -10.19 51.01
C LEU G 490 16.31 -10.78 52.30
N ASP G 491 16.90 -11.96 52.22
CA ASP G 491 17.45 -12.66 53.38
C ASP G 491 18.93 -12.37 53.63
N ASP G 492 19.57 -11.55 52.81
CA ASP G 492 21.00 -11.31 52.97
C ASP G 492 21.26 -10.45 54.21
N GLY G 493 20.72 -9.24 54.25
CA GLY G 493 20.85 -8.41 55.43
C GLY G 493 22.26 -7.94 55.73
N ALA G 494 23.14 -7.90 54.73
CA ALA G 494 24.49 -7.38 54.89
C ALA G 494 24.84 -6.46 53.73
N MET G 495 25.70 -5.47 54.01
CA MET G 495 26.12 -4.51 53.00
C MET G 495 27.39 -3.83 53.46
N GLU G 496 28.39 -3.78 52.58
CA GLU G 496 29.67 -3.19 52.93
C GLU G 496 29.54 -1.67 53.09
N GLY G 497 30.46 -1.10 53.86
CA GLY G 497 30.45 0.33 54.08
C GLY G 497 31.00 1.15 52.93
N GLN G 498 32.26 0.90 52.57
CA GLN G 498 32.95 1.69 51.55
C GLN G 498 32.89 0.95 50.22
N ASN G 499 32.26 1.59 49.23
CA ASN G 499 32.13 1.07 47.86
C ASN G 499 31.54 -0.33 47.87
N PRO G 500 30.26 -0.49 48.21
CA PRO G 500 29.70 -1.84 48.33
C PRO G 500 29.27 -2.37 46.97
N LEU G 501 29.56 -3.64 46.73
CA LEU G 501 29.02 -4.32 45.57
C LEU G 501 27.53 -4.55 45.77
N THR G 502 26.72 -4.07 44.83
CA THR G 502 25.28 -4.12 44.93
C THR G 502 24.70 -4.83 43.72
N LEU G 503 23.60 -5.55 43.93
CA LEU G 503 22.92 -6.21 42.82
C LEU G 503 22.32 -5.17 41.89
N ARG G 504 22.55 -5.34 40.59
CA ARG G 504 22.07 -4.39 39.60
C ARG G 504 20.58 -4.61 39.34
N SER G 505 19.81 -3.53 39.40
CA SER G 505 18.37 -3.54 39.20
C SER G 505 17.65 -4.37 40.25
N VAL G 506 18.20 -4.47 41.46
CA VAL G 506 17.56 -5.18 42.56
C VAL G 506 17.82 -4.40 43.85
N PHE G 507 16.80 -4.33 44.71
CA PHE G 507 16.95 -3.78 46.05
C PHE G 507 15.85 -4.39 46.90
N SER G 508 16.25 -4.98 48.05
CA SER G 508 15.28 -5.59 48.94
C SER G 508 15.72 -5.39 50.37
N GLU G 509 14.74 -5.23 51.28
CA GLU G 509 14.98 -5.02 52.70
C GLU G 509 14.26 -6.10 53.48
N GLY G 510 15.03 -6.98 54.14
CA GLY G 510 14.44 -7.98 55.01
C GLY G 510 14.07 -7.48 56.39
N PHE G 511 14.44 -6.25 56.74
CA PHE G 511 14.19 -5.69 58.06
C PHE G 511 14.81 -6.56 59.15
N ILE G 512 16.03 -7.05 58.89
CA ILE G 512 16.79 -7.83 59.87
C ILE G 512 18.12 -7.22 60.23
N SER G 513 18.52 -6.11 59.60
CA SER G 513 19.80 -5.46 59.90
C SER G 513 19.71 -4.00 59.49
N LEU G 514 20.61 -3.19 60.05
CA LEU G 514 20.64 -1.76 59.75
C LEU G 514 21.57 -1.41 58.61
N ASP G 515 22.21 -2.39 57.97
CA ASP G 515 23.19 -2.09 56.93
C ASP G 515 22.51 -1.48 55.71
N LYS G 516 21.34 -2.00 55.33
CA LYS G 516 20.62 -1.50 54.17
C LYS G 516 19.96 -0.14 54.41
N ALA G 517 19.75 0.24 55.67
CA ALA G 517 18.98 1.42 56.04
C ALA G 517 19.84 2.66 56.19
N ASP G 518 19.30 3.79 55.71
CA ASP G 518 19.98 5.08 55.83
C ASP G 518 19.47 5.75 57.11
N ILE G 519 19.98 5.25 58.25
CA ILE G 519 19.50 5.70 59.54
C ILE G 519 19.80 7.18 59.78
N THR G 520 20.82 7.72 59.12
CA THR G 520 21.19 9.13 59.29
C THR G 520 20.36 10.07 58.44
N HIS G 521 19.40 9.57 57.67
CA HIS G 521 18.56 10.45 56.87
C HIS G 521 17.66 11.28 57.81
N PRO G 522 17.34 12.53 57.43
CA PRO G 522 16.50 13.33 58.35
C PRO G 522 15.14 12.73 58.61
N ASP G 523 14.53 12.12 57.60
CA ASP G 523 13.19 11.57 57.70
C ASP G 523 13.15 10.14 58.25
N PHE G 524 14.28 9.56 58.59
CA PHE G 524 14.28 8.20 59.12
C PHE G 524 13.72 8.22 60.54
N GLY G 525 12.58 7.58 60.75
CA GLY G 525 11.92 7.60 62.04
C GLY G 525 11.16 6.33 62.35
N ILE G 526 11.60 5.20 61.78
CA ILE G 526 10.99 3.90 62.04
C ILE G 526 11.85 3.14 63.03
N VAL G 527 11.28 2.07 63.60
CA VAL G 527 12.00 1.18 64.50
C VAL G 527 11.80 -0.25 64.01
N PHE G 528 12.80 -1.08 64.28
CA PHE G 528 12.85 -2.46 63.78
C PHE G 528 12.37 -3.44 64.84
N SER G 529 11.73 -4.52 64.40
CA SER G 529 11.38 -5.65 65.26
C SER G 529 11.99 -6.88 64.58
N PHE G 530 13.23 -7.19 64.95
CA PHE G 530 14.00 -8.19 64.20
C PHE G 530 13.40 -9.58 64.32
N GLU G 531 12.74 -9.89 65.44
CA GLU G 531 12.15 -11.21 65.58
C GLU G 531 11.03 -11.44 64.56
N ASP G 532 10.19 -10.43 64.34
CA ASP G 532 9.13 -10.51 63.36
C ASP G 532 9.55 -10.10 61.96
N ALA G 533 10.75 -9.50 61.81
CA ALA G 533 11.20 -8.97 60.52
C ALA G 533 10.22 -7.92 60.00
N GLU G 534 9.78 -7.05 60.91
CA GLU G 534 8.82 -6.00 60.62
C GLU G 534 9.40 -4.67 61.06
N ALA G 535 8.80 -3.59 60.55
CA ALA G 535 9.13 -2.24 60.98
C ALA G 535 7.85 -1.48 61.29
N THR G 536 7.94 -0.55 62.24
CA THR G 536 6.78 0.25 62.65
C THR G 536 7.28 1.57 63.24
N LEU G 537 6.37 2.28 63.89
CA LEU G 537 6.64 3.57 64.51
C LEU G 537 6.55 3.44 66.03
N ALA G 538 7.52 4.05 66.70
CA ALA G 538 7.55 4.13 68.16
C ALA G 538 6.91 5.42 68.65
N TYR G 539 6.50 5.44 69.92
CA TYR G 539 5.81 6.61 70.43
C TYR G 539 6.80 7.74 70.71
N THR G 540 6.33 8.99 70.52
CA THR G 540 7.11 10.18 70.79
C THR G 540 6.17 11.28 71.31
N GLU G 541 6.69 12.16 72.17
CA GLU G 541 5.86 13.22 72.73
C GLU G 541 5.86 14.45 71.82
N ALA G 542 5.00 15.40 72.18
CA ALA G 542 4.68 16.58 71.36
C ALA G 542 4.29 16.17 69.94
N HIS G 556 -5.25 19.73 81.28
CA HIS G 556 -5.42 18.70 80.26
C HIS G 556 -6.09 17.47 80.86
N ILE G 557 -7.14 17.00 80.20
CA ILE G 557 -7.94 15.90 80.74
C ILE G 557 -7.24 14.57 80.56
N TRP G 558 -7.18 13.80 81.63
CA TRP G 558 -6.72 12.42 81.67
C TRP G 558 -7.87 11.47 81.30
N GLY G 559 -7.51 10.21 80.99
CA GLY G 559 -8.50 9.18 80.75
C GLY G 559 -7.97 7.82 81.14
N ARG G 560 -8.89 6.85 81.29
CA ARG G 560 -8.54 5.48 81.67
C ARG G 560 -9.06 4.50 80.61
N LEU G 561 -8.23 3.51 80.31
CA LEU G 561 -8.50 2.45 79.36
C LEU G 561 -9.47 1.44 79.99
N ILE G 562 -10.75 1.83 80.04
CA ILE G 562 -11.79 1.08 80.75
C ILE G 562 -11.82 -0.38 80.31
N SER G 563 -11.87 -0.64 79.00
CA SER G 563 -11.79 -1.99 78.45
C SER G 563 -10.40 -2.19 77.86
N ALA G 564 -9.65 -3.13 78.43
CA ALA G 564 -8.27 -3.33 78.02
C ALA G 564 -8.19 -4.04 76.66
N PRO G 565 -7.23 -3.67 75.80
CA PRO G 565 -7.17 -4.27 74.46
C PRO G 565 -6.64 -5.69 74.48
N PHE G 566 -6.06 -6.14 75.58
CA PHE G 566 -5.54 -7.49 75.69
C PHE G 566 -5.64 -7.88 77.17
N THR G 567 -5.59 -9.19 77.41
CA THR G 567 -5.57 -9.75 78.76
C THR G 567 -4.29 -10.54 78.93
N GLU G 568 -3.74 -10.49 80.14
CA GLU G 568 -2.46 -11.11 80.48
C GLU G 568 -2.63 -12.36 81.35
N GLU G 569 -1.74 -13.33 81.10
CA GLU G 569 -1.57 -14.50 81.95
C GLU G 569 -0.08 -14.64 82.26
N ARG G 570 0.26 -14.93 83.52
CA ARG G 570 1.64 -15.25 83.88
C ARG G 570 1.86 -16.74 83.61
N THR G 571 2.68 -17.05 82.61
CA THR G 571 2.90 -18.40 82.15
C THR G 571 4.18 -19.02 82.67
N ILE G 572 5.20 -18.21 82.96
CA ILE G 572 6.44 -18.67 83.55
C ILE G 572 6.62 -17.90 84.85
N TYR G 573 7.03 -18.57 85.91
CA TYR G 573 7.23 -17.90 87.19
C TYR G 573 8.19 -18.74 88.02
N GLN G 574 9.36 -18.17 88.30
CA GLN G 574 10.33 -18.74 89.23
C GLN G 574 10.26 -17.91 90.50
N GLY G 575 9.68 -18.48 91.55
CA GLY G 575 9.39 -17.77 92.77
C GLY G 575 10.47 -17.89 93.83
N GLN G 576 11.22 -18.99 93.81
CA GLN G 576 12.17 -19.27 94.88
C GLN G 576 13.37 -18.35 94.78
N ALA G 577 13.71 -17.70 95.88
CA ALA G 577 14.86 -16.82 95.97
C ALA G 577 15.63 -17.16 97.25
N SER G 578 16.96 -17.00 97.18
CA SER G 578 17.82 -17.32 98.32
C SER G 578 18.92 -16.32 98.58
N GLU G 579 19.38 -15.54 97.60
CA GLU G 579 20.51 -14.65 97.78
C GLU G 579 20.30 -13.40 96.95
N THR G 580 21.23 -12.46 97.11
CA THR G 580 21.29 -11.24 96.32
C THR G 580 22.56 -11.23 95.50
N LEU G 581 22.45 -10.93 94.21
CA LEU G 581 23.58 -10.83 93.31
C LEU G 581 23.60 -9.43 92.71
N ASN G 582 24.75 -8.77 92.79
CA ASN G 582 24.91 -7.47 92.17
C ASN G 582 24.76 -7.59 90.66
N VAL G 583 24.10 -6.60 90.06
CA VAL G 583 23.85 -6.61 88.64
C VAL G 583 25.15 -6.46 87.85
N ASN G 584 26.19 -5.88 88.46
CA ASN G 584 27.51 -5.72 87.84
C ASN G 584 28.55 -6.23 88.83
N PRO G 585 28.66 -7.55 89.02
CA PRO G 585 29.60 -8.05 90.04
C PRO G 585 31.05 -7.73 89.76
N TYR G 586 31.47 -7.71 88.50
CA TYR G 586 32.88 -7.62 88.16
C TYR G 586 33.38 -6.18 88.03
N ASN G 587 32.62 -5.18 88.54
CA ASN G 587 33.11 -3.81 88.48
C ASN G 587 32.74 -3.00 89.71
N ILE G 588 32.36 -3.62 90.81
CA ILE G 588 32.03 -2.89 92.03
C ILE G 588 33.33 -2.35 92.64
N PRO G 589 33.41 -1.07 93.04
CA PRO G 589 34.70 -0.58 93.56
C PRO G 589 34.99 -1.17 94.93
N ASN G 590 36.20 -1.72 95.07
CA ASN G 590 36.66 -2.28 96.34
C ASN G 590 35.74 -3.40 96.83
N PRO G 793 26.56 -6.76 84.18
CA PRO G 793 25.21 -7.10 83.71
C PRO G 793 24.86 -8.58 83.90
N LEU G 794 23.58 -8.85 84.14
CA LEU G 794 23.06 -10.19 84.37
C LEU G 794 22.02 -10.52 83.32
N ALA G 795 21.79 -11.82 83.11
CA ALA G 795 20.79 -12.26 82.15
C ALA G 795 20.23 -13.61 82.59
N GLN G 796 19.02 -13.90 82.09
CA GLN G 796 18.33 -15.15 82.38
C GLN G 796 17.66 -15.66 81.12
N SER G 797 17.93 -16.92 80.76
CA SER G 797 17.39 -17.50 79.55
C SER G 797 16.05 -18.18 79.81
N PHE G 798 15.20 -18.19 78.78
CA PHE G 798 13.89 -18.81 78.86
C PHE G 798 13.45 -19.24 77.46
N GLN G 799 12.39 -20.04 77.40
CA GLN G 799 11.85 -20.48 76.12
C GLN G 799 10.40 -20.91 76.30
N TYR G 800 9.68 -20.98 75.18
CA TYR G 800 8.31 -21.44 75.16
C TYR G 800 8.16 -22.55 74.14
N ASP G 801 7.20 -23.45 74.40
CA ASP G 801 6.90 -24.54 73.49
C ASP G 801 5.94 -24.15 72.37
N GLU G 802 5.41 -22.93 72.38
CA GLU G 802 4.47 -22.45 71.38
C GLU G 802 4.73 -20.97 71.12
N ASN G 803 4.08 -20.44 70.10
CA ASN G 803 4.22 -19.02 69.76
C ASN G 803 3.36 -18.19 70.69
N ARG G 804 4.00 -17.36 71.51
CA ARG G 804 3.32 -16.55 72.52
C ARG G 804 3.72 -15.10 72.33
N THR G 805 2.79 -14.20 72.70
CA THR G 805 2.99 -12.76 72.60
C THR G 805 3.36 -12.25 73.99
N ILE G 806 4.64 -11.95 74.19
CA ILE G 806 5.12 -11.46 75.48
C ILE G 806 4.76 -9.99 75.59
N SER G 807 3.97 -9.64 76.61
CA SER G 807 3.50 -8.29 76.84
C SER G 807 4.30 -7.56 77.93
N SER G 808 4.72 -8.25 78.99
CA SER G 808 5.45 -7.59 80.06
C SER G 808 6.25 -8.62 80.85
N LEU G 809 7.20 -8.12 81.63
CA LEU G 809 8.10 -8.92 82.45
C LEU G 809 7.91 -8.57 83.92
N GLY G 810 8.25 -9.53 84.78
CA GLY G 810 8.27 -9.32 86.22
C GLY G 810 9.63 -9.55 86.83
N LEU G 811 10.13 -8.57 87.58
CA LEU G 811 11.46 -8.62 88.18
C LEU G 811 11.36 -8.20 89.64
N TYR G 812 12.36 -8.62 90.42
CA TYR G 812 12.42 -8.38 91.86
C TYR G 812 13.80 -7.82 92.19
N PHE G 813 13.83 -6.57 92.68
CA PHE G 813 15.06 -5.91 93.07
C PHE G 813 15.12 -5.86 94.59
N ALA G 814 16.32 -6.11 95.11
CA ALA G 814 16.61 -6.02 96.54
C ALA G 814 17.05 -4.63 96.97
N SER G 815 17.66 -3.87 96.06
CA SER G 815 18.06 -2.50 96.38
C SER G 815 18.19 -1.74 95.08
N LYS G 816 18.28 -0.42 95.18
CA LYS G 816 18.42 0.43 94.02
C LYS G 816 19.29 1.64 94.38
N GLY G 817 19.73 2.36 93.34
CA GLY G 817 20.53 3.55 93.54
C GLY G 817 19.69 4.76 93.85
N ASP G 818 20.23 5.93 93.54
CA ASP G 818 19.59 7.20 93.88
C ASP G 818 18.47 7.50 92.88
N LYS G 819 17.85 8.68 93.04
CA LYS G 819 16.73 9.07 92.20
C LYS G 819 17.14 9.11 90.73
N GLN G 820 18.31 9.66 90.44
CA GLN G 820 18.71 9.91 89.05
C GLN G 820 19.15 8.65 88.32
N SER G 821 19.47 7.58 89.05
CA SER G 821 19.94 6.36 88.40
C SER G 821 18.80 5.69 87.64
N ASN G 822 19.18 4.81 86.70
CA ASN G 822 18.22 4.08 85.90
C ASN G 822 18.84 2.77 85.45
N VAL G 823 17.99 1.82 85.06
CA VAL G 823 18.40 0.49 84.64
C VAL G 823 17.79 0.22 83.27
N VAL G 824 18.60 -0.30 82.36
CA VAL G 824 18.16 -0.61 81.01
C VAL G 824 17.78 -2.09 80.99
N ILE G 825 16.55 -2.39 80.60
CA ILE G 825 16.06 -3.77 80.46
C ILE G 825 16.00 -4.10 78.98
N GLN G 826 16.57 -5.24 78.60
CA GLN G 826 16.61 -5.71 77.23
C GLN G 826 16.23 -7.18 77.15
N ILE G 827 15.72 -7.57 75.98
CA ILE G 827 15.46 -8.95 75.61
C ILE G 827 16.35 -9.23 74.41
N ARG G 828 17.25 -10.20 74.56
CA ARG G 828 18.19 -10.59 73.51
C ARG G 828 18.00 -12.05 73.14
N GLY G 829 18.36 -12.38 71.91
CA GLY G 829 18.23 -13.74 71.44
C GLY G 829 19.31 -14.64 72.00
N MET G 830 19.17 -15.94 71.74
CA MET G 830 20.12 -16.94 72.19
C MET G 830 20.69 -17.66 70.98
N GLY G 831 22.01 -17.78 70.94
CA GLY G 831 22.68 -18.39 69.82
C GLY G 831 22.52 -19.90 69.78
N ASP G 832 23.11 -20.48 68.74
CA ASP G 832 23.07 -21.92 68.54
C ASP G 832 23.77 -22.66 69.69
N GLN G 833 24.80 -22.05 70.28
CA GLN G 833 25.60 -22.67 71.32
C GLN G 833 25.16 -22.27 72.73
N GLY G 834 23.90 -21.90 72.90
CA GLY G 834 23.34 -21.65 74.22
C GLY G 834 23.96 -20.51 75.00
N TYR G 835 24.13 -19.36 74.35
CA TYR G 835 24.60 -18.14 74.99
C TYR G 835 23.90 -16.96 74.35
N PRO G 836 23.76 -15.84 75.08
CA PRO G 836 23.13 -14.66 74.48
C PRO G 836 23.96 -14.10 73.34
N ASN G 837 23.27 -13.48 72.39
CA ASN G 837 23.88 -12.85 71.24
C ASN G 837 23.69 -11.35 71.31
N LYS G 838 24.28 -10.67 70.33
CA LYS G 838 24.24 -9.22 70.28
C LYS G 838 22.92 -8.68 69.77
N THR G 839 22.09 -9.53 69.16
CA THR G 839 20.81 -9.07 68.67
C THR G 839 19.92 -8.69 69.85
N ILE G 840 19.20 -7.59 69.69
CA ILE G 840 18.32 -7.04 70.72
C ILE G 840 16.93 -6.94 70.10
N TYR G 841 15.97 -7.65 70.69
CA TYR G 841 14.59 -7.62 70.19
C TYR G 841 13.71 -6.62 70.93
N ALA G 842 14.08 -6.22 72.14
CA ALA G 842 13.31 -5.23 72.86
C ALA G 842 14.25 -4.47 73.78
N GLU G 843 13.86 -3.24 74.14
CA GLU G 843 14.68 -2.42 75.00
C GLU G 843 13.81 -1.35 75.66
N THR G 844 14.04 -1.09 76.95
CA THR G 844 13.34 -0.03 77.65
C THR G 844 14.20 0.44 78.82
N VAL G 845 13.97 1.68 79.24
CA VAL G 845 14.72 2.32 80.33
C VAL G 845 13.78 2.44 81.52
N MET G 846 14.22 1.96 82.68
CA MET G 846 13.45 2.01 83.91
C MET G 846 14.13 2.97 84.89
N ASN G 847 13.38 4.00 85.31
CA ASN G 847 13.93 4.95 86.26
C ASN G 847 13.92 4.36 87.68
N ALA G 848 14.60 5.07 88.59
CA ALA G 848 14.70 4.59 89.96
C ALA G 848 13.33 4.54 90.63
N ASP G 849 12.47 5.52 90.33
CA ASP G 849 11.15 5.54 90.94
C ASP G 849 10.32 4.34 90.51
N ASP G 850 10.46 3.92 89.25
CA ASP G 850 9.68 2.78 88.77
C ASP G 850 10.16 1.47 89.37
N ILE G 851 11.41 1.40 89.81
CA ILE G 851 11.96 0.17 90.37
C ILE G 851 11.52 0.10 91.83
N LYS G 852 10.60 -0.82 92.12
CA LYS G 852 10.24 -1.11 93.50
C LYS G 852 11.23 -2.10 94.11
N VAL G 853 11.44 -1.96 95.42
CA VAL G 853 12.42 -2.77 96.14
C VAL G 853 11.77 -3.30 97.42
N SER G 854 12.35 -4.37 97.95
CA SER G 854 11.86 -4.95 99.21
C SER G 854 12.97 -5.83 99.77
N ASN G 855 12.90 -6.06 101.08
CA ASN G 855 13.89 -6.86 101.79
C ASN G 855 13.48 -8.33 101.88
N ASN G 856 12.35 -8.73 101.28
CA ASN G 856 11.90 -10.11 101.30
C ASN G 856 11.42 -10.57 99.93
N ALA G 857 11.90 -9.93 98.86
CA ALA G 857 11.56 -10.30 97.48
C ALA G 857 10.04 -10.30 97.25
N SER G 858 9.34 -9.37 97.90
CA SER G 858 7.90 -9.26 97.79
C SER G 858 7.47 -8.24 96.74
N ALA G 859 8.25 -7.19 96.54
CA ALA G 859 7.91 -6.14 95.61
C ALA G 859 8.28 -6.56 94.19
N GLU G 860 7.32 -6.46 93.27
CA GLU G 860 7.47 -6.89 91.89
C GLU G 860 7.33 -5.68 90.99
N THR G 861 8.44 -5.23 90.40
CA THR G 861 8.39 -4.14 89.43
C THR G 861 8.05 -4.70 88.06
N ARG G 862 7.07 -4.09 87.39
CA ARG G 862 6.62 -4.53 86.08
C ARG G 862 7.32 -3.74 84.99
N VAL G 863 7.86 -4.46 84.02
CA VAL G 863 8.58 -3.87 82.88
C VAL G 863 7.67 -4.01 81.66
N TYR G 864 7.45 -2.89 80.98
CA TYR G 864 6.66 -2.83 79.76
C TYR G 864 7.52 -2.29 78.63
N PHE G 865 7.36 -2.88 77.45
CA PHE G 865 7.96 -2.42 76.21
C PHE G 865 6.88 -1.79 75.34
N ASP G 866 7.32 -1.05 74.31
CA ASP G 866 6.38 -0.35 73.44
C ASP G 866 5.87 -1.26 72.33
N ASP G 867 6.76 -2.11 71.76
CA ASP G 867 6.35 -3.12 70.79
C ASP G 867 6.33 -4.50 71.45
N PRO G 868 5.27 -5.30 71.31
CA PRO G 868 5.27 -6.61 71.97
C PRO G 868 6.31 -7.55 71.38
N MET G 869 6.90 -8.37 72.24
CA MET G 869 7.89 -9.36 71.86
C MET G 869 7.19 -10.65 71.44
N MET G 870 7.30 -10.99 70.17
CA MET G 870 6.72 -12.22 69.63
C MET G 870 7.73 -13.35 69.78
N ALA G 871 7.52 -14.22 70.76
CA ALA G 871 8.43 -15.32 71.03
C ALA G 871 8.03 -16.55 70.22
N GLU G 872 8.88 -16.94 69.28
CA GLU G 872 8.62 -18.12 68.47
C GLU G 872 8.77 -19.38 69.31
N GLY G 873 7.93 -20.38 69.06
CA GLY G 873 8.04 -21.61 69.83
C GLY G 873 9.32 -22.35 69.50
N GLY G 874 9.93 -22.91 70.56
CA GLY G 874 11.15 -23.68 70.43
C GLY G 874 12.43 -22.87 70.36
N LYS G 875 12.35 -21.54 70.45
CA LYS G 875 13.51 -20.66 70.35
C LYS G 875 13.79 -20.04 71.71
N GLU G 876 15.04 -20.10 72.15
CA GLU G 876 15.42 -19.54 73.43
C GLU G 876 15.68 -18.05 73.35
N TYR G 877 15.24 -17.32 74.38
CA TYR G 877 15.45 -15.89 74.46
C TYR G 877 15.97 -15.56 75.86
N ALA G 878 16.70 -14.46 75.98
CA ALA G 878 17.35 -14.08 77.23
C ALA G 878 16.97 -12.66 77.62
N ILE G 879 16.43 -12.50 78.83
CA ILE G 879 16.29 -11.18 79.42
C ILE G 879 17.67 -10.67 79.76
N VAL G 880 17.91 -9.37 79.57
CA VAL G 880 19.21 -8.78 79.88
C VAL G 880 18.97 -7.50 80.67
N ILE G 881 19.77 -7.31 81.71
CA ILE G 881 19.63 -6.19 82.63
C ILE G 881 20.99 -5.51 82.71
N ILE G 882 21.03 -4.22 82.34
CA ILE G 882 22.25 -3.45 82.24
C ILE G 882 22.05 -2.15 83.02
N THR G 883 23.10 -1.73 83.74
CA THR G 883 23.09 -0.41 84.36
C THR G 883 24.52 -0.06 84.73
N GLU G 884 24.86 1.22 84.55
CA GLU G 884 26.21 1.68 84.85
C GLU G 884 26.42 1.80 86.36
N ASN G 885 25.35 2.06 87.11
CA ASN G 885 25.48 2.25 88.56
C ASN G 885 25.87 0.95 89.24
N SER G 886 26.66 1.08 90.30
CA SER G 886 27.16 -0.06 91.07
C SER G 886 26.37 -0.31 92.35
N ASP G 887 25.18 0.27 92.47
CA ASP G 887 24.37 0.10 93.68
C ASP G 887 23.00 -0.44 93.30
N TYR G 888 22.99 -1.51 92.50
CA TYR G 888 21.78 -2.22 92.11
C TYR G 888 22.00 -3.70 92.38
N THR G 889 21.02 -4.32 93.05
CA THR G 889 21.08 -5.73 93.39
C THR G 889 19.73 -6.37 93.10
N MET G 890 19.75 -7.68 92.87
CA MET G 890 18.56 -8.43 92.53
C MET G 890 18.55 -9.76 93.28
N TRP G 891 17.34 -10.21 93.60
CA TRP G 891 17.16 -11.51 94.23
C TRP G 891 17.39 -12.64 93.24
N VAL G 892 18.11 -13.66 93.69
CA VAL G 892 18.44 -14.82 92.87
C VAL G 892 18.16 -16.06 93.71
N GLY G 893 17.58 -17.08 93.09
CA GLY G 893 17.38 -18.37 93.75
C GLY G 893 18.49 -19.33 93.35
N THR G 894 19.09 -19.95 94.35
CA THR G 894 20.19 -20.88 94.16
C THR G 894 19.83 -22.23 94.78
N ARG G 895 20.24 -23.31 94.11
CA ARG G 895 19.94 -24.62 94.65
C ARG G 895 20.73 -24.88 95.93
N THR G 896 20.12 -25.63 96.84
CA THR G 896 20.65 -26.08 98.14
C THR G 896 20.62 -24.96 99.18
N LYS G 897 20.31 -23.68 98.80
CA LYS G 897 20.38 -22.59 99.77
C LYS G 897 19.04 -22.40 100.47
N PRO G 898 18.99 -21.86 101.69
CA PRO G 898 17.69 -21.63 102.33
C PRO G 898 16.91 -20.51 101.65
N LYS G 899 15.59 -20.60 101.75
CA LYS G 899 14.74 -19.54 101.23
C LYS G 899 14.77 -18.35 102.18
N ILE G 900 14.55 -17.16 101.61
CA ILE G 900 14.69 -15.95 102.41
C ILE G 900 13.60 -15.90 103.47
N ASP G 901 12.36 -16.10 103.07
CA ASP G 901 11.22 -16.03 103.98
C ASP G 901 10.94 -17.34 104.68
N LYS G 902 11.60 -18.43 104.29
CA LYS G 902 11.44 -19.74 104.92
C LYS G 902 12.83 -20.38 105.05
N PRO G 903 13.63 -19.94 106.03
CA PRO G 903 14.95 -20.56 106.21
C PRO G 903 14.89 -22.04 106.54
N ASN G 904 13.79 -22.51 107.11
CA ASN G 904 13.67 -23.94 107.41
C ASN G 904 13.70 -24.77 106.13
N GLU G 905 13.13 -24.23 105.04
CA GLU G 905 13.12 -24.92 103.76
C GLU G 905 14.31 -24.48 102.91
N VAL G 906 14.76 -25.40 102.04
CA VAL G 906 15.86 -25.15 101.12
C VAL G 906 15.39 -25.49 99.71
N ILE G 907 15.96 -24.79 98.74
CA ILE G 907 15.65 -25.04 97.33
C ILE G 907 16.31 -26.38 96.96
N SER G 908 15.48 -27.42 96.81
CA SER G 908 16.03 -28.76 96.61
C SER G 908 16.55 -28.92 95.18
N GLY G 909 15.68 -28.80 94.19
CA GLY G 909 16.05 -28.95 92.81
C GLY G 909 16.49 -27.64 92.18
N ASN G 910 16.63 -27.66 90.86
CA ASN G 910 16.97 -26.44 90.16
C ASN G 910 15.78 -25.46 90.24
N PRO G 911 16.01 -24.15 90.36
CA PRO G 911 14.86 -23.24 90.45
C PRO G 911 14.02 -23.22 89.19
N TYR G 912 14.67 -23.02 88.04
CA TYR G 912 14.02 -23.06 86.73
C TYR G 912 14.90 -23.92 85.84
N LEU G 913 14.40 -25.11 85.48
CA LEU G 913 15.25 -26.09 84.82
C LEU G 913 15.68 -25.62 83.44
N GLN G 914 14.77 -24.99 82.69
CA GLN G 914 15.02 -24.65 81.30
C GLN G 914 15.76 -23.33 81.13
N GLY G 915 16.17 -22.67 82.21
CA GLY G 915 16.91 -21.43 82.11
C GLY G 915 18.19 -21.49 82.91
N VAL G 916 19.06 -20.52 82.65
CA VAL G 916 20.35 -20.41 83.31
C VAL G 916 20.59 -18.94 83.62
N LEU G 917 21.15 -18.68 84.81
CA LEU G 917 21.60 -17.33 85.15
C LEU G 917 22.97 -17.06 84.55
N PHE G 918 23.14 -15.83 84.04
CA PHE G 918 24.38 -15.41 83.40
C PHE G 918 24.90 -14.14 84.05
N SER G 919 26.21 -13.99 84.07
CA SER G 919 26.87 -12.77 84.52
C SER G 919 27.97 -12.40 83.54
N SER G 920 28.19 -11.10 83.38
CA SER G 920 29.19 -10.58 82.46
C SER G 920 29.75 -9.27 83.00
N SER G 921 30.98 -8.98 82.59
CA SER G 921 31.65 -7.72 82.89
C SER G 921 31.57 -6.70 81.77
N ASN G 922 31.10 -7.10 80.58
CA ASN G 922 30.99 -6.19 79.45
C ASN G 922 29.78 -6.46 78.57
N ALA G 923 28.84 -7.31 79.00
CA ALA G 923 27.64 -7.62 78.23
C ALA G 923 27.93 -8.28 76.89
N SER G 924 29.09 -8.92 76.75
CA SER G 924 29.44 -9.70 75.58
C SER G 924 29.80 -11.12 75.96
N THR G 925 30.73 -11.30 76.89
CA THR G 925 31.14 -12.61 77.37
C THR G 925 30.36 -12.90 78.65
N TRP G 926 29.60 -13.99 78.63
CA TRP G 926 28.71 -14.36 79.73
C TRP G 926 29.23 -15.60 80.43
N THR G 927 29.28 -15.55 81.76
CA THR G 927 29.65 -16.67 82.60
C THR G 927 28.37 -17.31 83.14
N PRO G 928 28.06 -18.57 82.80
CA PRO G 928 26.82 -19.17 83.29
C PRO G 928 26.89 -19.64 84.73
N HIS G 929 25.72 -19.62 85.39
CA HIS G 929 25.56 -20.11 86.75
C HIS G 929 24.49 -21.18 86.66
N GLN G 930 24.91 -22.43 86.57
CA GLN G 930 23.98 -23.53 86.31
C GLN G 930 22.99 -23.69 87.48
N ASN G 931 23.49 -23.58 88.71
CA ASN G 931 22.68 -23.83 89.89
C ASN G 931 21.80 -22.64 90.31
N SER G 932 21.85 -21.51 89.60
CA SER G 932 21.16 -20.30 90.02
C SER G 932 20.30 -19.77 88.88
N ASP G 933 19.14 -19.24 89.25
CA ASP G 933 18.23 -18.58 88.31
C ASP G 933 17.60 -17.38 89.00
N LEU G 934 17.26 -16.36 88.20
CA LEU G 934 16.62 -15.17 88.74
C LEU G 934 15.21 -15.49 89.21
N LYS G 935 14.72 -14.68 90.14
CA LYS G 935 13.31 -14.67 90.49
C LYS G 935 12.63 -13.73 89.49
N PHE G 936 11.82 -14.28 88.59
CA PHE G 936 11.22 -13.50 87.53
C PHE G 936 9.87 -14.11 87.15
N GLY G 937 9.10 -13.34 86.40
CA GLY G 937 7.83 -13.81 85.87
C GLY G 937 7.50 -13.14 84.55
N ILE G 938 7.16 -13.94 83.56
CA ILE G 938 6.89 -13.49 82.20
C ILE G 938 5.39 -13.58 81.96
N TYR G 939 4.83 -12.50 81.42
CA TYR G 939 3.40 -12.38 81.15
C TYR G 939 3.18 -12.35 79.64
N THR G 940 2.31 -13.24 79.15
CA THR G 940 1.94 -13.32 77.74
C THR G 940 0.48 -12.93 77.61
N SER G 941 0.14 -12.24 76.50
CA SER G 941 -1.18 -11.68 76.31
C SER G 941 -1.96 -12.32 75.15
N LYS G 942 -3.28 -12.12 75.21
CA LYS G 942 -4.22 -12.48 74.17
C LYS G 942 -5.13 -11.28 73.92
N PHE G 943 -5.30 -10.88 72.65
CA PHE G 943 -6.02 -9.65 72.32
C PHE G 943 -7.49 -9.96 72.08
N ASN G 944 -8.35 -9.03 72.49
CA ASN G 944 -9.80 -9.17 72.40
C ASN G 944 -10.34 -8.19 71.35
N GLU G 945 -11.68 -8.20 71.21
CA GLU G 945 -12.35 -7.59 70.06
C GLU G 945 -12.08 -6.08 69.97
N THR G 946 -12.47 -5.32 71.00
CA THR G 946 -12.40 -3.86 70.95
C THR G 946 -11.94 -3.30 72.29
N ALA G 947 -11.41 -2.06 72.25
CA ALA G 947 -10.95 -1.37 73.44
C ALA G 947 -11.67 -0.02 73.58
N THR G 948 -11.72 0.50 74.81
CA THR G 948 -12.37 1.78 75.11
C THR G 948 -11.55 2.60 76.10
N ILE G 949 -11.41 3.89 75.82
CA ILE G 949 -10.88 4.87 76.77
C ILE G 949 -12.03 5.81 77.16
N GLU G 950 -12.16 6.10 78.45
CA GLU G 950 -13.06 7.14 78.94
C GLU G 950 -12.25 8.26 79.60
N PHE G 951 -12.49 9.48 79.14
CA PHE G 951 -11.80 10.67 79.66
C PHE G 951 -12.60 11.31 80.80
N GLU G 952 -11.89 11.92 81.74
CA GLU G 952 -12.54 12.54 82.87
C GLU G 952 -13.38 13.74 82.42
N PRO G 953 -14.51 14.01 83.07
CA PRO G 953 -15.38 15.11 82.60
C PRO G 953 -14.65 16.44 82.62
N ILE G 954 -14.82 17.20 81.53
CA ILE G 954 -13.92 18.31 81.16
C ILE G 954 -13.82 19.36 82.26
N LYS G 981 -14.38 28.33 73.31
CA LYS G 981 -14.18 27.84 74.68
C LYS G 981 -15.46 28.04 75.52
N LEU G 982 -16.60 28.14 74.83
CA LEU G 982 -17.93 28.11 75.43
C LEU G 982 -18.67 26.88 74.90
N ILE G 983 -19.28 26.13 75.84
CA ILE G 983 -19.58 24.71 75.64
C ILE G 983 -20.45 24.46 74.40
N LEU G 984 -21.56 25.19 74.22
CA LEU G 984 -22.48 24.78 73.15
C LEU G 984 -21.85 24.97 71.78
N ASP G 985 -21.29 26.15 71.49
CA ASP G 985 -20.62 26.33 70.21
C ASP G 985 -19.32 25.54 70.14
N ASP G 986 -18.70 25.21 71.27
CA ASP G 986 -17.62 24.22 71.29
C ASP G 986 -18.10 22.87 70.77
N MET G 987 -19.13 22.30 71.41
CA MET G 987 -19.46 20.90 71.15
C MET G 987 -19.99 20.70 69.73
N ALA G 988 -20.49 21.77 69.10
CA ALA G 988 -20.79 21.73 67.68
C ALA G 988 -19.52 21.54 66.85
N SER G 989 -18.39 22.08 67.33
CA SER G 989 -17.12 21.89 66.63
C SER G 989 -16.42 20.61 67.08
N SER G 990 -16.64 20.21 68.32
CA SER G 990 -16.13 18.96 68.85
C SER G 990 -16.71 17.76 68.08
N THR G 991 -18.03 17.77 67.83
CA THR G 991 -18.59 16.73 66.97
C THR G 991 -18.12 16.82 65.52
N THR G 992 -17.57 17.94 65.09
CA THR G 992 -17.05 18.03 63.73
C THR G 992 -15.71 17.32 63.62
N PHE G 993 -14.85 17.50 64.62
CA PHE G 993 -13.50 16.96 64.55
C PHE G 993 -13.39 15.54 65.10
N ASP G 994 -14.24 15.16 66.08
CA ASP G 994 -14.17 13.81 66.66
C ASP G 994 -14.94 12.82 65.78
N GLN G 995 -14.31 12.48 64.66
CA GLN G 995 -14.87 11.49 63.74
C GLN G 995 -13.80 10.57 63.16
N LEU G 996 -14.27 9.38 62.78
CA LEU G 996 -13.44 8.25 62.34
C LEU G 996 -12.51 8.66 61.21
N LYS G 997 -13.02 9.44 60.26
CA LYS G 997 -12.28 9.81 59.05
C LYS G 997 -11.76 11.24 59.12
N TRP G 998 -11.90 11.91 60.27
CA TRP G 998 -11.00 12.99 60.66
C TRP G 998 -9.79 12.32 61.30
N GLU G 999 -9.04 13.06 62.10
CA GLU G 999 -7.88 12.52 62.80
C GLU G 999 -8.21 11.48 63.87
N PRO G 1000 -9.06 11.77 64.88
CA PRO G 1000 -9.29 10.77 65.94
C PRO G 1000 -10.07 9.57 65.44
N ILE G 1001 -9.39 8.43 65.45
CA ILE G 1001 -9.88 7.21 64.80
C ILE G 1001 -10.95 6.48 65.60
N GLY G 1002 -11.01 6.70 66.91
CA GLY G 1002 -11.99 6.01 67.72
C GLY G 1002 -13.41 6.44 67.40
N ASN G 1003 -14.35 5.48 67.52
CA ASN G 1003 -15.77 5.82 67.52
C ASN G 1003 -16.09 6.52 68.82
N TYR G 1004 -16.92 7.56 68.76
CA TYR G 1004 -17.15 8.43 69.90
C TYR G 1004 -18.58 8.42 70.42
N GLN G 1005 -18.69 8.42 71.74
CA GLN G 1005 -19.92 8.63 72.48
C GLN G 1005 -19.71 9.79 73.43
N ASP G 1006 -20.79 10.55 73.68
CA ASP G 1006 -20.69 11.91 74.19
C ASP G 1006 -21.82 12.16 75.18
N LEU G 1007 -21.48 12.33 76.47
CA LEU G 1007 -22.45 12.53 77.55
C LEU G 1007 -22.31 13.95 78.12
N ASP G 1008 -23.40 14.70 78.06
CA ASP G 1008 -23.56 15.95 78.78
C ASP G 1008 -24.19 15.69 80.15
N VAL G 1009 -23.82 16.48 81.15
CA VAL G 1009 -24.62 16.51 82.37
C VAL G 1009 -25.87 17.35 82.14
N LEU G 1010 -25.73 18.49 81.45
CA LEU G 1010 -26.82 19.36 81.07
C LEU G 1010 -26.26 20.40 80.10
N GLY G 1011 -27.15 20.96 79.27
CA GLY G 1011 -26.71 21.88 78.23
C GLY G 1011 -25.92 23.06 78.75
N LEU G 1012 -24.87 23.44 78.02
CA LEU G 1012 -23.95 24.53 78.32
C LEU G 1012 -23.13 24.33 79.60
N ALA G 1013 -23.23 23.16 80.24
CA ALA G 1013 -22.43 22.88 81.42
C ALA G 1013 -21.05 22.35 81.04
N ARG G 1014 -20.05 22.62 81.90
CA ARG G 1014 -18.68 22.21 81.61
C ARG G 1014 -18.50 20.69 81.68
N GLN G 1015 -19.37 19.97 82.39
CA GLN G 1015 -19.22 18.53 82.57
C GLN G 1015 -19.68 17.76 81.32
N VAL G 1016 -18.89 17.95 80.26
CA VAL G 1016 -18.86 17.04 79.11
C VAL G 1016 -17.98 15.84 79.48
N LYS G 1017 -18.43 14.63 79.14
CA LYS G 1017 -17.64 13.42 79.36
C LYS G 1017 -17.67 12.53 78.12
N LEU G 1018 -16.49 12.08 77.69
CA LEU G 1018 -16.27 11.49 76.37
C LEU G 1018 -15.73 10.06 76.43
N ARG G 1019 -16.24 9.20 75.55
CA ARG G 1019 -15.95 7.77 75.52
C ARG G 1019 -15.51 7.41 74.10
N ALA G 1020 -14.25 6.95 73.96
CA ALA G 1020 -13.66 6.63 72.66
C ALA G 1020 -13.40 5.13 72.57
N THR G 1021 -13.97 4.49 71.53
CA THR G 1021 -13.85 3.06 71.32
C THR G 1021 -13.12 2.78 70.00
N PHE G 1022 -12.16 1.84 70.03
CA PHE G 1022 -11.41 1.46 68.83
C PHE G 1022 -11.22 -0.05 68.75
N GLU G 1023 -11.11 -0.55 67.53
CA GLU G 1023 -10.95 -1.98 67.30
C GLU G 1023 -9.52 -2.41 67.57
N SER G 1024 -9.37 -3.49 68.35
CA SER G 1024 -8.07 -3.90 68.87
C SER G 1024 -7.43 -4.99 68.02
N ASN G 1025 -6.13 -5.21 68.26
CA ASN G 1025 -5.34 -6.15 67.47
C ASN G 1025 -4.12 -6.57 68.29
N ARG G 1026 -3.35 -7.51 67.73
CA ARG G 1026 -2.28 -8.17 68.46
C ARG G 1026 -1.01 -7.33 68.59
N TYR G 1027 -0.92 -6.18 67.90
CA TYR G 1027 0.25 -5.31 67.93
C TYR G 1027 0.05 -4.07 68.80
N ILE G 1028 -0.99 -4.05 69.64
CA ILE G 1028 -1.23 -2.90 70.49
C ILE G 1028 -0.09 -2.76 71.50
N SER G 1029 0.33 -1.52 71.74
CA SER G 1029 1.46 -1.24 72.63
C SER G 1029 1.15 -1.61 74.08
N PRO G 1030 1.96 -2.46 74.73
CA PRO G 1030 1.78 -2.66 76.18
C PRO G 1030 2.03 -1.39 77.00
N LEU G 1031 3.08 -0.64 76.66
CA LEU G 1031 3.44 0.54 77.43
C LEU G 1031 2.37 1.63 77.35
N MET G 1032 1.74 1.81 76.19
CA MET G 1032 0.62 2.76 76.14
C MET G 1032 -0.60 2.23 76.90
N SER G 1033 -0.78 0.91 76.94
CA SER G 1033 -1.94 0.33 77.62
C SER G 1033 -1.84 0.39 79.14
N SER G 1034 -0.64 0.27 79.70
CA SER G 1034 -0.46 0.24 81.15
C SER G 1034 -0.13 1.61 81.74
N SER G 1035 0.49 2.48 80.97
CA SER G 1035 0.83 3.83 81.43
C SER G 1035 -0.44 4.71 81.48
N ASP G 1036 -0.27 5.89 82.09
CA ASP G 1036 -1.37 6.84 82.24
C ASP G 1036 -1.56 7.68 80.97
N LEU G 1037 -2.82 8.09 80.70
CA LEU G 1037 -3.21 8.64 79.40
C LEU G 1037 -3.84 10.02 79.54
N THR G 1038 -3.67 10.84 78.50
CA THR G 1038 -4.38 12.10 78.35
C THR G 1038 -4.97 12.18 76.93
N PHE G 1039 -5.90 13.13 76.74
CA PHE G 1039 -6.50 13.42 75.42
C PHE G 1039 -5.50 14.00 74.43
N THR G 1040 -4.27 14.30 74.86
CA THR G 1040 -3.19 14.76 74.00
C THR G 1040 -2.12 13.70 73.73
N THR G 1041 -1.90 12.78 74.68
CA THR G 1041 -1.01 11.65 74.44
C THR G 1041 -1.72 10.58 73.63
N PHE G 1042 -2.98 10.31 73.98
CA PHE G 1042 -3.93 9.78 73.01
C PHE G 1042 -4.17 10.88 71.97
N LEU G 1043 -4.58 10.48 70.77
CA LEU G 1043 -4.80 11.42 69.68
C LEU G 1043 -3.52 12.20 69.36
N THR G 1044 -2.43 11.46 69.14
CA THR G 1044 -1.18 11.98 68.63
C THR G 1044 -1.01 11.51 67.19
N GLU G 1045 -0.50 12.38 66.32
CA GLU G 1045 -0.14 12.01 64.95
C GLU G 1045 1.32 11.55 64.95
N LEU G 1046 1.53 10.24 65.03
CA LEU G 1046 2.86 9.69 64.81
C LEU G 1046 3.22 9.68 63.33
N THR G 1047 4.48 10.00 63.03
CA THR G 1047 4.96 10.02 61.66
C THR G 1047 6.40 9.52 61.62
N GLY G 1048 6.76 8.95 60.48
CA GLY G 1048 8.11 8.43 60.27
C GLY G 1048 8.23 7.92 58.85
N SER G 1049 9.42 7.44 58.53
CA SER G 1049 9.66 6.88 57.20
C SER G 1049 10.87 5.97 57.24
N TYR G 1050 10.89 5.01 56.33
CA TYR G 1050 12.07 4.19 56.05
C TYR G 1050 12.72 4.74 54.79
N VAL G 1051 14.04 4.93 54.84
CA VAL G 1051 14.83 5.41 53.71
C VAL G 1051 16.00 4.45 53.52
N GLY G 1052 16.10 3.87 52.32
CA GLY G 1052 17.21 3.00 52.02
C GLY G 1052 18.40 3.72 51.43
N ARG G 1053 19.55 3.06 51.46
CA ARG G 1053 20.77 3.65 50.94
C ARG G 1053 20.67 3.78 49.42
N ALA G 1054 21.19 4.89 48.90
CA ALA G 1054 21.14 5.16 47.47
C ALA G 1054 21.92 4.10 46.71
N ILE G 1055 21.34 3.64 45.60
CA ILE G 1055 21.90 2.56 44.79
C ILE G 1055 22.34 3.16 43.46
N ASP G 1056 23.57 2.83 43.05
CA ASP G 1056 24.14 3.33 41.80
C ASP G 1056 23.81 2.33 40.69
N MET G 1057 22.87 2.70 39.83
CA MET G 1057 22.44 1.89 38.69
C MET G 1057 23.04 2.41 37.39
N THR G 1058 24.28 2.89 37.43
CA THR G 1058 24.91 3.38 36.20
C THR G 1058 25.10 2.25 35.20
N GLU G 1059 25.59 1.11 35.66
CA GLU G 1059 25.84 -0.02 34.77
C GLU G 1059 24.58 -0.75 34.34
N ALA G 1060 23.45 -0.48 35.01
CA ALA G 1060 22.16 -1.07 34.66
C ALA G 1060 21.13 0.06 34.61
N PRO G 1061 21.03 0.78 33.49
CA PRO G 1061 19.97 1.79 33.37
C PRO G 1061 18.60 1.14 33.30
N TYR G 1062 17.60 1.86 33.82
CA TYR G 1062 16.24 1.36 33.88
C TYR G 1062 15.27 2.49 33.56
N ASN G 1063 14.06 2.09 33.16
CA ASN G 1063 12.94 3.02 33.01
C ASN G 1063 11.63 2.49 33.58
N THR G 1064 11.59 1.25 34.05
CA THR G 1064 10.40 0.65 34.66
C THR G 1064 10.80 0.15 36.04
N VAL G 1065 9.89 0.27 36.99
CA VAL G 1065 10.14 -0.13 38.37
C VAL G 1065 8.98 -1.01 38.81
N ARG G 1066 9.29 -2.11 39.50
CA ARG G 1066 8.29 -2.97 40.13
C ARG G 1066 8.43 -2.85 41.64
N PHE G 1067 7.48 -2.16 42.28
CA PHE G 1067 7.52 -1.90 43.71
C PHE G 1067 6.56 -2.86 44.40
N SER G 1068 7.06 -3.65 45.34
CA SER G 1068 6.26 -4.64 46.05
C SER G 1068 6.58 -4.56 47.54
N TYR G 1069 5.53 -4.58 48.36
CA TYR G 1069 5.70 -4.58 49.81
C TYR G 1069 4.43 -5.13 50.44
N GLU G 1070 4.56 -5.61 51.67
CA GLU G 1070 3.44 -6.06 52.49
C GLU G 1070 3.25 -5.10 53.66
N ALA G 1071 2.01 -4.67 53.87
CA ALA G 1071 1.71 -3.66 54.88
C ALA G 1071 0.44 -4.02 55.64
N PHE G 1072 0.47 -3.81 56.96
CA PHE G 1072 -0.69 -3.94 57.82
C PHE G 1072 -1.18 -2.53 58.16
N LEU G 1073 -2.41 -2.20 57.76
CA LEU G 1073 -2.95 -0.84 57.81
C LEU G 1073 -4.18 -0.84 58.71
N PRO G 1074 -4.03 -0.52 59.98
CA PRO G 1074 -5.21 -0.25 60.80
C PRO G 1074 -5.90 1.02 60.34
N LYS G 1075 -7.08 1.25 60.88
CA LYS G 1075 -7.85 2.43 60.51
C LYS G 1075 -7.10 3.69 60.92
N GLY G 1076 -7.09 4.67 60.01
CA GLY G 1076 -6.38 5.91 60.20
C GLY G 1076 -4.92 5.90 59.82
N THR G 1077 -4.38 4.77 59.38
CA THR G 1077 -2.97 4.66 59.01
C THR G 1077 -2.83 4.72 57.49
N LYS G 1078 -1.59 4.99 57.06
CA LYS G 1078 -1.28 5.07 55.64
C LYS G 1078 0.18 4.66 55.43
N VAL G 1079 0.43 4.07 54.26
CA VAL G 1079 1.78 3.79 53.78
C VAL G 1079 1.85 4.27 52.34
N VAL G 1080 2.81 5.13 52.04
CA VAL G 1080 2.90 5.82 50.75
C VAL G 1080 4.27 5.45 50.17
N PRO G 1081 4.37 4.62 49.14
CA PRO G 1081 5.68 4.37 48.53
C PRO G 1081 6.18 5.54 47.70
N LYS G 1082 7.51 5.69 47.69
CA LYS G 1082 8.15 6.73 46.90
C LYS G 1082 9.48 6.22 46.38
N TYR G 1083 10.00 6.91 45.35
CA TYR G 1083 11.29 6.55 44.80
C TYR G 1083 11.96 7.83 44.32
N SER G 1084 13.29 7.79 44.18
CA SER G 1084 14.07 8.92 43.71
C SER G 1084 15.16 8.43 42.78
N ALA G 1085 15.40 9.19 41.71
CA ALA G 1085 16.44 8.89 40.74
C ALA G 1085 17.53 9.96 40.75
N ASP G 1086 17.63 10.75 41.83
CA ASP G 1086 18.61 11.84 41.92
C ASP G 1086 19.19 11.95 43.34
N ASP G 1087 19.32 10.83 44.04
CA ASP G 1087 19.92 10.79 45.38
C ASP G 1087 19.13 11.65 46.36
N GLY G 1088 17.81 11.54 46.30
CA GLY G 1088 16.95 12.19 47.26
C GLY G 1088 16.80 13.69 47.12
N LYS G 1089 17.17 14.27 45.97
CA LYS G 1089 16.88 15.68 45.75
C LYS G 1089 15.38 15.90 45.52
N THR G 1090 14.75 14.99 44.77
CA THR G 1090 13.31 15.02 44.53
C THR G 1090 12.75 13.61 44.69
N TRP G 1091 11.58 13.52 45.32
CA TRP G 1091 10.89 12.26 45.57
C TRP G 1091 9.61 12.18 44.76
N LYS G 1092 9.47 11.14 43.96
CA LYS G 1092 8.35 10.96 43.05
C LYS G 1092 7.32 10.01 43.63
N THR G 1093 6.10 10.04 43.08
CA THR G 1093 5.05 9.14 43.54
C THR G 1093 4.46 8.39 42.35
N PHE G 1094 4.14 7.12 42.57
CA PHE G 1094 3.55 6.32 41.51
C PHE G 1094 2.11 6.73 41.21
N THR G 1095 1.75 6.75 39.94
CA THR G 1095 0.41 7.10 39.50
C THR G 1095 -0.55 5.92 39.51
N LYS G 1096 -0.05 4.71 39.28
CA LYS G 1096 -0.91 3.54 39.28
C LYS G 1096 -1.37 3.19 40.69
N SER G 1097 -2.53 2.55 40.78
CA SER G 1097 -3.04 2.02 42.04
C SER G 1097 -2.53 0.60 42.25
N PRO G 1098 -2.10 0.20 43.46
CA PRO G 1098 -1.51 -1.13 43.61
C PRO G 1098 -2.55 -2.23 43.55
N THR G 1099 -2.15 -3.36 42.98
CA THR G 1099 -2.97 -4.56 43.03
C THR G 1099 -2.73 -5.25 44.36
N THR G 1100 -3.82 -5.70 44.99
CA THR G 1100 -3.78 -6.21 46.36
C THR G 1100 -3.97 -7.72 46.38
N THR G 1101 -3.12 -8.39 47.15
CA THR G 1101 -3.26 -9.81 47.45
C THR G 1101 -3.10 -9.98 48.95
N ARG G 1102 -4.03 -10.72 49.57
CA ARG G 1102 -3.99 -10.91 51.01
C ARG G 1102 -2.93 -11.93 51.41
N ALA G 1103 -2.10 -11.56 52.38
CA ALA G 1103 -1.05 -12.43 52.90
C ALA G 1103 -1.52 -13.24 54.09
N ASN G 1104 -2.08 -12.58 55.10
CA ASN G 1104 -2.65 -13.25 56.27
C ASN G 1104 -3.78 -12.37 56.80
N ASN G 1105 -4.19 -12.62 58.06
CA ASN G 1105 -5.31 -11.87 58.62
C ASN G 1105 -4.99 -10.39 58.81
N GLU G 1106 -3.72 -10.05 59.03
CA GLU G 1106 -3.28 -8.68 59.24
C GLU G 1106 -2.71 -8.07 57.97
N PHE G 1107 -1.65 -8.68 57.42
CA PHE G 1107 -0.90 -8.07 56.33
C PHE G 1107 -1.56 -8.33 54.98
N THR G 1108 -1.36 -7.37 54.08
CA THR G 1108 -1.81 -7.45 52.70
C THR G 1108 -0.64 -7.05 51.81
N ARG G 1109 -0.49 -7.75 50.70
CA ARG G 1109 0.61 -7.49 49.77
C ARG G 1109 0.18 -6.45 48.74
N TYR G 1110 0.97 -5.38 48.64
CA TYR G 1110 0.75 -4.31 47.66
C TYR G 1110 1.87 -4.37 46.63
N VAL G 1111 1.50 -4.38 45.36
CA VAL G 1111 2.42 -4.46 44.24
C VAL G 1111 2.08 -3.36 43.25
N ILE G 1112 3.10 -2.66 42.78
CA ILE G 1112 2.98 -1.65 41.73
C ILE G 1112 3.97 -2.01 40.63
N ASP G 1113 3.52 -1.97 39.38
CA ASP G 1113 4.37 -2.13 38.20
C ASP G 1113 4.05 -0.99 37.24
N GLU G 1114 4.93 0.00 37.19
CA GLU G 1114 4.71 1.21 36.41
C GLU G 1114 5.97 1.58 35.64
N LYS G 1115 5.79 2.01 34.40
CA LYS G 1115 6.88 2.55 33.59
C LYS G 1115 7.11 3.98 34.05
N VAL G 1116 8.06 4.15 34.96
CA VAL G 1116 8.26 5.43 35.62
C VAL G 1116 8.71 6.51 34.64
N LYS G 1117 9.51 6.15 33.64
CA LYS G 1117 10.05 7.10 32.67
C LYS G 1117 9.57 6.71 31.28
N SER G 1118 8.97 7.67 30.57
CA SER G 1118 8.40 7.39 29.27
C SER G 1118 9.47 7.22 28.20
N SER G 1119 10.52 8.04 28.26
CA SER G 1119 11.63 7.97 27.32
C SER G 1119 12.93 8.20 28.08
N GLY G 1120 13.99 7.53 27.63
CA GLY G 1120 15.25 7.57 28.33
C GLY G 1120 15.30 6.54 29.44
N THR G 1121 16.38 6.59 30.21
CA THR G 1121 16.62 5.66 31.30
C THR G 1121 17.26 6.36 32.48
N ASN G 1122 16.82 6.01 33.68
CA ASN G 1122 17.44 6.49 34.90
C ASN G 1122 18.69 5.66 35.23
N THR G 1123 19.52 6.20 36.14
CA THR G 1123 20.75 5.55 36.57
C THR G 1123 20.93 5.56 38.08
N LYS G 1124 19.90 5.92 38.85
CA LYS G 1124 19.98 5.95 40.30
C LYS G 1124 18.65 5.51 40.89
N LEU G 1125 18.70 4.94 42.09
CA LEU G 1125 17.51 4.41 42.74
C LEU G 1125 17.64 4.60 44.25
N GLN G 1126 16.56 5.09 44.86
CA GLN G 1126 16.51 5.20 46.32
C GLN G 1126 15.09 4.97 46.77
N VAL G 1127 14.87 3.93 47.58
CA VAL G 1127 13.53 3.50 47.95
C VAL G 1127 13.15 4.20 49.24
N ARG G 1128 11.85 4.51 49.37
CA ARG G 1128 11.34 5.18 50.56
C ARG G 1128 9.90 4.74 50.83
N LEU G 1129 9.59 4.53 52.11
CA LEU G 1129 8.24 4.27 52.60
C LEU G 1129 7.90 5.31 53.65
N ASP G 1130 6.74 5.95 53.52
CA ASP G 1130 6.30 6.97 54.47
C ASP G 1130 5.18 6.43 55.35
N LEU G 1131 5.43 6.34 56.66
CA LEU G 1131 4.46 5.80 57.59
C LEU G 1131 3.87 6.91 58.44
N SER G 1132 2.57 6.86 58.70
CA SER G 1132 1.93 7.91 59.48
C SER G 1132 0.70 7.33 60.19
N THR G 1133 0.33 7.95 61.30
CA THR G 1133 -0.86 7.56 62.06
C THR G 1133 -1.62 8.81 62.50
N GLU G 1134 -2.86 8.59 62.96
CA GLU G 1134 -3.68 9.64 63.53
C GLU G 1134 -4.19 9.35 64.94
N ASN G 1135 -3.71 8.28 65.59
CA ASN G 1135 -3.64 8.22 67.05
C ASN G 1135 -2.47 7.35 67.48
N SER G 1136 -2.26 7.31 68.81
CA SER G 1136 -1.08 6.70 69.40
C SER G 1136 -1.15 5.17 69.45
N PHE G 1137 -2.35 4.59 69.48
CA PHE G 1137 -2.50 3.14 69.64
C PHE G 1137 -2.38 2.39 68.31
N LEU G 1138 -3.07 2.88 67.28
CA LEU G 1138 -3.20 2.21 66.00
C LEU G 1138 -2.07 2.67 65.08
N ARG G 1139 -1.11 1.78 64.82
CA ARG G 1139 0.07 2.08 64.03
C ARG G 1139 0.23 1.07 62.89
N PRO G 1140 0.78 1.47 61.74
CA PRO G 1140 1.01 0.51 60.65
C PRO G 1140 2.30 -0.26 60.80
N ARG G 1141 2.40 -1.34 60.03
CA ARG G 1141 3.58 -2.19 60.02
C ARG G 1141 3.86 -2.58 58.58
N VAL G 1142 5.14 -2.79 58.27
CA VAL G 1142 5.56 -3.17 56.93
C VAL G 1142 6.60 -4.28 57.04
N ARG G 1143 6.67 -5.12 56.01
CA ARG G 1143 7.66 -6.19 55.99
C ARG G 1143 7.83 -6.69 54.56
N ARG G 1144 9.01 -7.25 54.30
CA ARG G 1144 9.28 -7.97 53.06
C ARG G 1144 9.20 -7.02 51.87
N LEU G 1145 9.95 -5.93 51.96
CA LEU G 1145 10.00 -4.93 50.89
C LEU G 1145 10.93 -5.43 49.79
N MET G 1146 10.44 -5.44 48.55
CA MET G 1146 11.22 -5.87 47.40
C MET G 1146 10.97 -4.93 46.25
N VAL G 1147 12.04 -4.35 45.71
CA VAL G 1147 11.96 -3.40 44.61
C VAL G 1147 12.90 -3.88 43.52
N THR G 1148 12.39 -3.98 42.29
CA THR G 1148 13.18 -4.39 41.14
C THR G 1148 12.88 -3.45 39.98
N THR G 1149 13.87 -3.30 39.09
CA THR G 1149 13.77 -2.40 37.96
C THR G 1149 14.06 -3.17 36.67
N ARG G 1150 13.56 -2.63 35.56
CA ARG G 1150 13.75 -3.24 34.25
C ARG G 1150 13.98 -2.15 33.22
N ASP G 1151 14.48 -2.55 32.06
CA ASP G 1151 14.59 -1.69 30.88
C ASP G 1151 13.67 -2.25 29.81
N GLU G 1152 12.54 -1.59 29.58
CA GLU G 1152 11.55 -2.01 28.60
C GLU G 1152 11.15 -0.88 27.65
#